data_9FDG
#
_entry.id   9FDG
#
_entity_poly.entity_id   1
_entity_poly.type   'polypeptide(L)'
_entity_poly.pdbx_seq_one_letter_code
;QDKPGSAKAGGWTTYNTDNTFKGGSYAKYVLSPNLALKGEYEWNNSSLNSFKAGAEYVATPYLKTEVMTEYNTDNTFRVT
VVTEGRYPVDPNLELFPGGWYTWNNSSLNKGAPYTRAEYKLTPDLKLLSQVVYNTDNTFKFDTGLEYKLSPNLKVKFEYG
WNNSSLNEFTVQFEYDLSS
;
_entity_poly.pdbx_strand_id   A
#
# COMPACT_ATOMS: atom_id res chain seq x y z
N GLN A 1 -15.63 18.53 6.70
CA GLN A 1 -15.72 18.19 8.11
C GLN A 1 -14.34 18.19 8.76
N ASP A 2 -13.41 17.47 8.16
CA ASP A 2 -12.05 17.38 8.68
C ASP A 2 -11.27 18.66 8.38
N LYS A 3 -10.22 18.90 9.14
CA LYS A 3 -9.38 20.08 8.96
C LYS A 3 -7.93 19.70 8.72
N PRO A 4 -7.16 20.63 8.14
CA PRO A 4 -5.73 20.42 7.85
C PRO A 4 -4.89 20.35 9.12
N GLY A 5 -3.67 19.83 8.99
CA GLY A 5 -2.78 19.73 10.12
C GLY A 5 -2.81 18.35 10.76
N SER A 6 -3.96 17.68 10.67
CA SER A 6 -4.13 16.35 11.24
C SER A 6 -3.39 15.31 10.41
N ALA A 7 -2.87 14.28 11.07
CA ALA A 7 -2.15 13.22 10.40
C ALA A 7 -2.77 11.85 10.71
N LYS A 8 -2.39 10.86 9.91
CA LYS A 8 -2.90 9.50 10.09
C LYS A 8 -1.76 8.50 10.24
N ALA A 9 -1.92 7.55 11.16
CA ALA A 9 -0.91 6.53 11.40
C ALA A 9 -1.41 5.15 10.98
N GLY A 10 -0.48 4.29 10.59
CA GLY A 10 -0.84 2.96 10.17
C GLY A 10 0.28 1.96 10.39
N GLY A 11 0.07 1.04 11.33
CA GLY A 11 1.08 0.04 11.63
C GLY A 11 1.04 -1.13 10.67
N TRP A 12 2.18 -1.76 10.44
CA TRP A 12 2.26 -2.90 9.54
C TRP A 12 3.07 -4.03 10.17
N THR A 13 2.41 -5.14 10.45
CA THR A 13 3.06 -6.29 11.05
C THR A 13 3.19 -7.44 10.05
N THR A 14 4.41 -7.67 9.58
CA THR A 14 4.67 -8.72 8.62
C THR A 14 5.18 -9.98 9.31
N TYR A 15 4.37 -11.03 9.31
CA TYR A 15 4.74 -12.29 9.94
C TYR A 15 4.77 -13.42 8.91
N ASN A 16 5.72 -14.35 9.08
CA ASN A 16 5.86 -15.48 8.18
C ASN A 16 6.21 -16.75 8.94
N THR A 17 5.92 -17.90 8.34
CA THR A 17 6.20 -19.18 8.96
C THR A 17 7.65 -19.26 9.43
N ASP A 18 8.55 -18.67 8.66
CA ASP A 18 9.96 -18.68 8.99
C ASP A 18 10.24 -17.81 10.22
N ASN A 19 11.40 -18.01 10.83
CA ASN A 19 11.78 -17.25 12.02
C ASN A 19 11.89 -15.76 11.69
N THR A 20 12.39 -15.45 10.50
CA THR A 20 12.54 -14.07 10.07
C THR A 20 11.23 -13.30 10.20
N PHE A 21 11.29 -12.16 10.89
CA PHE A 21 10.10 -11.33 11.08
C PHE A 21 10.35 -9.91 10.60
N LYS A 22 9.32 -9.30 10.02
CA LYS A 22 9.43 -7.93 9.52
C LYS A 22 8.40 -7.02 10.19
N GLY A 23 8.83 -5.81 10.52
CA GLY A 23 7.93 -4.86 11.17
C GLY A 23 8.14 -3.44 10.69
N GLY A 24 7.05 -2.68 10.59
CA GLY A 24 7.16 -1.30 10.13
C GLY A 24 5.85 -0.55 10.31
N SER A 25 5.87 0.74 9.97
CA SER A 25 4.68 1.58 10.09
C SER A 25 4.73 2.74 9.11
N TYR A 26 3.58 3.11 8.58
CA TYR A 26 3.49 4.22 7.62
C TYR A 26 2.47 5.27 8.09
N ALA A 27 2.78 6.53 7.85
CA ALA A 27 1.90 7.62 8.23
C ALA A 27 1.90 8.72 7.18
N LYS A 28 0.76 9.38 7.01
CA LYS A 28 0.62 10.45 6.04
C LYS A 28 0.24 11.76 6.72
N TYR A 29 1.07 12.78 6.55
CA TYR A 29 0.82 14.09 7.15
C TYR A 29 0.11 15.00 6.17
N VAL A 30 -1.17 15.27 6.43
CA VAL A 30 -1.97 16.15 5.58
C VAL A 30 -1.94 17.58 6.08
N LEU A 31 -1.21 18.44 5.36
CA LEU A 31 -1.10 19.84 5.73
C LEU A 31 -1.92 20.72 4.79
N SER A 32 -1.92 20.35 3.50
CA SER A 32 -2.66 21.10 2.50
C SER A 32 -3.34 20.17 1.51
N PRO A 33 -4.34 20.69 0.79
CA PRO A 33 -5.09 19.92 -0.21
C PRO A 33 -4.26 19.60 -1.44
N ASN A 34 -3.35 20.51 -1.78
CA ASN A 34 -2.48 20.31 -2.95
C ASN A 34 -1.80 18.96 -2.90
N LEU A 35 -0.89 18.78 -1.94
CA LEU A 35 -0.16 17.53 -1.79
C LEU A 35 0.03 17.19 -0.31
N ALA A 36 0.32 15.92 -0.04
CA ALA A 36 0.52 15.46 1.33
C ALA A 36 1.83 14.70 1.45
N LEU A 37 2.35 14.61 2.68
CA LEU A 37 3.60 13.90 2.94
C LEU A 37 3.34 12.48 3.41
N LYS A 38 4.23 11.57 3.06
CA LYS A 38 4.09 10.17 3.45
C LYS A 38 5.43 9.58 3.86
N GLY A 39 5.40 8.64 4.79
CA GLY A 39 6.63 8.01 5.25
C GLY A 39 6.38 6.67 5.92
N GLU A 40 7.08 5.64 5.44
CA GLU A 40 6.92 4.30 5.98
C GLU A 40 8.28 3.71 6.37
N TYR A 41 8.44 3.41 7.66
CA TYR A 41 9.69 2.85 8.15
C TYR A 41 9.62 1.33 8.20
N GLU A 42 10.65 0.67 7.66
CA GLU A 42 10.70 -0.78 7.64
C GLU A 42 11.91 -1.29 8.43
N TRP A 43 11.64 -1.91 9.57
CA TRP A 43 12.70 -2.45 10.41
C TRP A 43 12.73 -3.97 10.36
N ASN A 44 13.90 -4.54 10.63
CA ASN A 44 14.06 -5.99 10.60
C ASN A 44 15.12 -6.44 11.60
N ASN A 45 15.05 -7.71 12.01
CA ASN A 45 16.00 -8.25 12.95
C ASN A 45 17.44 -8.03 12.49
N SER A 46 17.67 -8.22 11.19
CA SER A 46 19.00 -8.04 10.62
C SER A 46 19.32 -6.56 10.43
N SER A 47 20.51 -6.27 9.95
CA SER A 47 20.94 -4.89 9.73
C SER A 47 20.70 -4.47 8.29
N LEU A 48 19.55 -4.88 7.75
CA LEU A 48 19.18 -4.55 6.37
C LEU A 48 17.89 -3.75 6.34
N ASN A 49 17.70 -2.88 7.33
CA ASN A 49 16.51 -2.05 7.41
C ASN A 49 16.59 -0.87 6.43
N SER A 50 15.47 -0.21 6.21
CA SER A 50 15.41 0.92 5.31
C SER A 50 14.24 1.84 5.64
N PHE A 51 14.15 2.97 4.94
CA PHE A 51 13.07 3.92 5.17
C PHE A 51 12.62 4.55 3.86
N LYS A 52 11.33 4.43 3.57
CA LYS A 52 10.76 4.98 2.34
C LYS A 52 9.87 6.19 2.64
N ALA A 53 10.06 7.26 1.88
CA ALA A 53 9.28 8.47 2.06
C ALA A 53 9.01 9.15 0.73
N GLY A 54 7.94 9.95 0.68
CA GLY A 54 7.59 10.64 -0.54
C GLY A 54 6.45 11.63 -0.34
N ALA A 55 5.70 11.89 -1.41
CA ALA A 55 4.58 12.81 -1.34
C ALA A 55 3.42 12.33 -2.21
N GLU A 56 2.23 12.87 -1.95
CA GLU A 56 1.04 12.50 -2.70
C GLU A 56 0.47 13.69 -3.46
N TYR A 57 0.51 13.62 -4.78
CA TYR A 57 0.00 14.70 -5.62
C TYR A 57 -1.32 14.30 -6.28
N VAL A 58 -2.32 15.17 -6.17
CA VAL A 58 -3.63 14.91 -6.76
C VAL A 58 -3.77 15.60 -8.10
N ALA A 59 -3.70 14.81 -9.18
CA ALA A 59 -3.82 15.35 -10.52
C ALA A 59 -5.28 15.40 -10.97
N THR A 60 -6.04 14.39 -10.56
CA THR A 60 -7.46 14.31 -10.91
C THR A 60 -8.28 13.76 -9.75
N PRO A 61 -9.60 14.03 -9.79
CA PRO A 61 -10.53 13.57 -8.75
C PRO A 61 -10.73 12.06 -8.78
N TYR A 62 -10.66 11.48 -9.98
CA TYR A 62 -10.85 10.05 -10.14
C TYR A 62 -9.51 9.32 -10.05
N LEU A 63 -8.46 9.95 -10.58
CA LEU A 63 -7.13 9.35 -10.56
C LEU A 63 -6.19 10.17 -9.68
N LYS A 64 -5.49 9.48 -8.77
CA LYS A 64 -4.56 10.14 -7.87
C LYS A 64 -3.15 9.58 -8.04
N THR A 65 -2.15 10.42 -7.84
CA THR A 65 -0.76 10.01 -7.97
C THR A 65 -0.01 10.15 -6.65
N GLU A 66 0.77 9.14 -6.31
CA GLU A 66 1.53 9.15 -5.06
C GLU A 66 2.97 8.67 -5.29
N VAL A 67 3.92 9.59 -5.23
CA VAL A 67 5.32 9.25 -5.43
C VAL A 67 5.95 8.72 -4.15
N MET A 68 6.39 7.47 -4.18
CA MET A 68 7.02 6.85 -3.03
C MET A 68 8.48 6.50 -3.31
N THR A 69 9.38 7.23 -2.67
CA THR A 69 10.81 7.00 -2.85
C THR A 69 11.40 6.19 -1.70
N GLU A 70 12.19 5.18 -2.04
CA GLU A 70 12.81 4.32 -1.04
C GLU A 70 14.24 4.77 -0.74
N TYR A 71 14.49 5.13 0.50
CA TYR A 71 15.82 5.57 0.91
C TYR A 71 16.53 4.51 1.74
N ASN A 72 17.86 4.49 1.67
CA ASN A 72 18.65 3.52 2.41
C ASN A 72 19.89 4.18 3.00
N THR A 73 20.77 3.35 3.57
CA THR A 73 22.01 3.86 4.17
C THR A 73 22.81 4.69 3.17
N ASP A 74 22.79 4.27 1.92
CA ASP A 74 23.51 4.97 0.87
C ASP A 74 22.79 6.26 0.47
N ASN A 75 23.32 6.96 -0.53
CA ASN A 75 22.73 8.20 -1.00
C ASN A 75 21.26 7.99 -1.37
N THR A 76 21.02 6.99 -2.23
CA THR A 76 19.67 6.70 -2.68
C THR A 76 19.52 5.22 -3.02
N PHE A 77 18.33 4.67 -2.77
CA PHE A 77 18.05 3.27 -3.04
C PHE A 77 17.32 3.11 -4.37
N ARG A 78 16.09 3.63 -4.42
CA ARG A 78 15.28 3.55 -5.63
C ARG A 78 14.01 4.38 -5.49
N VAL A 79 13.49 4.87 -6.61
CA VAL A 79 12.28 5.66 -6.61
C VAL A 79 11.16 4.97 -7.39
N THR A 80 10.05 4.72 -6.71
CA THR A 80 8.91 4.06 -7.34
C THR A 80 7.67 4.95 -7.31
N VAL A 81 6.85 4.86 -8.36
CA VAL A 81 5.64 5.66 -8.44
C VAL A 81 4.40 4.77 -8.43
N VAL A 82 3.41 5.17 -7.64
CA VAL A 82 2.16 4.41 -7.53
C VAL A 82 0.97 5.26 -7.95
N THR A 83 0.09 4.67 -8.76
CA THR A 83 -1.10 5.37 -9.24
C THR A 83 -2.36 4.60 -8.87
N GLU A 84 -3.28 5.30 -8.20
CA GLU A 84 -4.54 4.68 -7.78
C GLU A 84 -5.71 5.61 -8.07
N GLY A 85 -6.88 5.02 -8.33
CA GLY A 85 -8.06 5.82 -8.61
C GLY A 85 -9.35 5.05 -8.37
N ARG A 86 -10.44 5.54 -8.92
CA ARG A 86 -11.74 4.91 -8.76
C ARG A 86 -12.36 4.56 -10.11
N TYR A 87 -12.59 3.27 -10.33
CA TYR A 87 -13.17 2.80 -11.59
C TYR A 87 -14.51 2.11 -11.35
N PRO A 88 -15.51 2.45 -12.18
CA PRO A 88 -16.86 1.88 -12.08
C PRO A 88 -16.89 0.40 -12.47
N VAL A 89 -17.94 -0.29 -12.05
CA VAL A 89 -18.09 -1.71 -12.36
C VAL A 89 -19.55 -2.07 -12.59
N ASP A 90 -19.80 -2.92 -13.58
CA ASP A 90 -21.16 -3.35 -13.89
C ASP A 90 -21.91 -3.74 -12.63
N PRO A 91 -21.41 -4.78 -11.93
CA PRO A 91 -22.02 -5.27 -10.70
C PRO A 91 -21.86 -4.30 -9.54
N ASN A 92 -22.04 -4.80 -8.32
CA ASN A 92 -21.92 -3.97 -7.13
C ASN A 92 -20.45 -3.77 -6.75
N LEU A 93 -19.63 -4.76 -7.05
CA LEU A 93 -18.20 -4.70 -6.75
C LEU A 93 -17.58 -3.43 -7.33
N GLU A 94 -16.39 -3.10 -6.87
CA GLU A 94 -15.68 -1.91 -7.35
C GLU A 94 -14.32 -2.28 -7.93
N LEU A 95 -13.85 -1.48 -8.88
CA LEU A 95 -12.57 -1.72 -9.52
C LEU A 95 -11.61 -0.56 -9.29
N PHE A 96 -10.45 -0.84 -8.74
CA PHE A 96 -9.45 0.19 -8.47
C PHE A 96 -8.22 0.01 -9.36
N PRO A 97 -7.99 0.99 -10.25
CA PRO A 97 -6.87 0.96 -11.18
C PRO A 97 -5.52 1.15 -10.47
N GLY A 98 -4.73 0.08 -10.42
CA GLY A 98 -3.44 0.15 -9.76
C GLY A 98 -2.30 0.23 -10.76
N GLY A 99 -1.31 1.06 -10.45
CA GLY A 99 -0.17 1.22 -11.34
C GLY A 99 1.15 1.26 -10.58
N TRP A 100 2.01 0.30 -10.87
CA TRP A 100 3.31 0.23 -10.21
C TRP A 100 4.44 0.62 -11.17
N TYR A 101 5.31 1.50 -10.72
CA TYR A 101 6.44 1.97 -11.54
C TYR A 101 7.75 1.90 -10.77
N THR A 102 8.73 1.22 -11.35
CA THR A 102 10.04 1.07 -10.71
C THR A 102 11.11 1.82 -11.49
N TRP A 103 11.67 2.86 -10.88
CA TRP A 103 12.70 3.65 -11.52
C TRP A 103 13.99 3.63 -10.69
N ASN A 104 15.12 3.43 -11.37
CA ASN A 104 16.41 3.39 -10.71
C ASN A 104 17.50 3.95 -11.60
N ASN A 105 18.70 4.12 -11.03
CA ASN A 105 19.83 4.66 -11.78
C ASN A 105 20.51 3.56 -12.61
N SER A 106 20.55 2.35 -12.06
CA SER A 106 21.17 1.23 -12.74
C SER A 106 20.29 0.72 -13.86
N SER A 107 19.14 0.15 -13.51
CA SER A 107 18.20 -0.38 -14.49
C SER A 107 17.35 0.73 -15.09
N LEU A 108 16.48 0.37 -16.01
CA LEU A 108 15.61 1.34 -16.66
C LEU A 108 14.25 1.40 -15.98
N ASN A 109 13.51 2.47 -16.26
CA ASN A 109 12.18 2.65 -15.66
C ASN A 109 11.16 1.75 -16.33
N LYS A 110 10.31 1.12 -15.52
CA LYS A 110 9.28 0.23 -16.03
C LYS A 110 8.01 0.33 -15.20
N GLY A 111 6.87 0.44 -15.87
CA GLY A 111 5.60 0.53 -15.18
C GLY A 111 4.69 -0.65 -15.44
N ALA A 112 4.66 -1.58 -14.49
CA ALA A 112 3.83 -2.77 -14.63
C ALA A 112 2.39 -2.49 -14.21
N PRO A 113 1.43 -3.14 -14.89
CA PRO A 113 0.00 -2.97 -14.61
C PRO A 113 -0.40 -3.59 -13.28
N TYR A 114 -1.42 -3.02 -12.64
CA TYR A 114 -1.90 -3.52 -11.37
C TYR A 114 -3.42 -3.42 -11.28
N THR A 115 -4.04 -4.51 -10.84
CA THR A 115 -5.50 -4.56 -10.71
C THR A 115 -5.91 -4.85 -9.28
N ARG A 116 -6.64 -3.90 -8.68
CA ARG A 116 -7.10 -4.06 -7.30
C ARG A 116 -8.63 -4.03 -7.24
N ALA A 117 -9.22 -5.12 -6.76
CA ALA A 117 -10.67 -5.22 -6.64
C ALA A 117 -11.10 -5.12 -5.18
N GLU A 118 -12.27 -4.51 -4.96
CA GLU A 118 -12.80 -4.36 -3.61
C GLU A 118 -14.32 -4.46 -3.61
N TYR A 119 -14.85 -5.34 -2.77
CA TYR A 119 -16.29 -5.54 -2.68
C TYR A 119 -16.63 -6.43 -1.49
N LYS A 120 -17.93 -6.70 -1.31
CA LYS A 120 -18.41 -7.53 -0.22
C LYS A 120 -18.86 -8.90 -0.73
N LEU A 121 -18.08 -9.93 -0.44
CA LEU A 121 -18.41 -11.29 -0.87
C LEU A 121 -19.81 -11.68 -0.40
N THR A 122 -20.22 -11.15 0.74
CA THR A 122 -21.53 -11.44 1.29
C THR A 122 -21.81 -10.61 2.53
N PRO A 123 -20.98 -10.80 3.57
CA PRO A 123 -21.10 -10.08 4.84
C PRO A 123 -20.76 -8.60 4.70
N ASP A 124 -20.93 -7.85 5.78
CA ASP A 124 -20.63 -6.43 5.79
C ASP A 124 -19.13 -6.19 5.96
N LEU A 125 -18.35 -6.59 4.97
CA LEU A 125 -16.91 -6.42 5.02
C LEU A 125 -16.38 -5.82 3.71
N LYS A 126 -15.08 -5.56 3.67
CA LYS A 126 -14.45 -4.99 2.49
C LYS A 126 -13.31 -5.86 2.01
N LEU A 127 -13.63 -6.90 1.25
CA LEU A 127 -12.62 -7.82 0.73
C LEU A 127 -11.84 -7.17 -0.41
N LEU A 128 -10.55 -6.93 -0.19
CA LEU A 128 -9.69 -6.32 -1.20
C LEU A 128 -8.78 -7.36 -1.83
N SER A 129 -8.99 -7.62 -3.12
CA SER A 129 -8.19 -8.60 -3.84
C SER A 129 -7.22 -7.90 -4.79
N GLN A 130 -5.94 -8.16 -4.61
CA GLN A 130 -4.91 -7.55 -5.46
C GLN A 130 -4.29 -8.59 -6.39
N VAL A 131 -4.43 -8.36 -7.69
CA VAL A 131 -3.90 -9.27 -8.69
C VAL A 131 -2.97 -8.54 -9.67
N VAL A 132 -1.81 -9.12 -9.93
CA VAL A 132 -0.84 -8.53 -10.83
C VAL A 132 -0.57 -9.44 -12.02
N TYR A 133 -1.05 -9.06 -13.19
CA TYR A 133 -0.87 -9.84 -14.40
C TYR A 133 0.08 -9.13 -15.38
N ASN A 134 0.82 -9.91 -16.14
CA ASN A 134 1.75 -9.36 -17.12
C ASN A 134 1.46 -9.88 -18.51
N THR A 135 2.20 -9.37 -19.50
CA THR A 135 2.02 -9.79 -20.89
C THR A 135 2.40 -11.25 -21.08
N ASP A 136 3.43 -11.69 -20.36
CA ASP A 136 3.90 -13.06 -20.44
C ASP A 136 2.99 -13.99 -19.65
N ASN A 137 3.05 -13.90 -18.33
CA ASN A 137 2.24 -14.74 -17.46
C ASN A 137 1.92 -14.02 -16.16
N THR A 138 1.15 -14.68 -15.29
CA THR A 138 0.77 -14.10 -14.01
C THR A 138 2.00 -13.62 -13.24
N PHE A 139 1.90 -12.43 -12.65
CA PHE A 139 3.00 -11.86 -11.89
C PHE A 139 2.94 -12.31 -10.42
N LYS A 140 1.82 -12.02 -9.78
CA LYS A 140 1.63 -12.39 -8.38
C LYS A 140 0.16 -12.35 -8.00
N PHE A 141 -0.17 -12.93 -6.84
CA PHE A 141 -1.54 -12.95 -6.37
C PHE A 141 -1.60 -12.84 -4.84
N ASP A 142 -2.39 -11.90 -4.35
CA ASP A 142 -2.54 -11.69 -2.92
C ASP A 142 -3.96 -11.28 -2.56
N THR A 143 -4.39 -11.63 -1.36
CA THR A 143 -5.74 -11.30 -0.90
C THR A 143 -5.69 -10.42 0.35
N GLY A 144 -6.78 -9.70 0.59
CA GLY A 144 -6.85 -8.83 1.76
C GLY A 144 -8.26 -8.63 2.25
N LEU A 145 -8.41 -8.38 3.54
CA LEU A 145 -9.72 -8.16 4.14
C LEU A 145 -9.72 -6.93 5.03
N GLU A 146 -10.76 -6.11 4.92
CA GLU A 146 -10.88 -4.91 5.72
C GLU A 146 -12.13 -4.94 6.59
N TYR A 147 -11.93 -4.93 7.90
CA TYR A 147 -13.03 -4.97 8.85
C TYR A 147 -12.71 -4.19 10.11
N LYS A 148 -13.73 -3.86 10.89
CA LYS A 148 -13.56 -3.10 12.12
C LYS A 148 -14.85 -3.07 12.93
N LEU A 149 -14.75 -2.66 14.18
CA LEU A 149 -15.92 -2.57 15.06
C LEU A 149 -16.46 -1.14 15.10
N SER A 150 -15.56 -0.17 15.05
CA SER A 150 -15.95 1.24 15.09
C SER A 150 -15.27 2.01 13.96
N PRO A 151 -15.84 3.18 13.62
CA PRO A 151 -15.31 4.05 12.57
C PRO A 151 -13.98 4.69 12.95
N ASN A 152 -13.80 4.94 14.25
CA ASN A 152 -12.57 5.55 14.75
C ASN A 152 -11.34 4.80 14.23
N LEU A 153 -11.18 3.56 14.67
CA LEU A 153 -10.05 2.74 14.25
C LEU A 153 -10.51 1.54 13.43
N LYS A 154 -9.60 0.98 12.63
CA LYS A 154 -9.92 -0.17 11.81
C LYS A 154 -8.72 -1.09 11.67
N VAL A 155 -8.96 -2.31 11.19
CA VAL A 155 -7.89 -3.28 11.01
C VAL A 155 -8.09 -4.09 9.73
N LYS A 156 -6.99 -4.45 9.09
CA LYS A 156 -7.03 -5.23 7.86
C LYS A 156 -5.93 -6.27 7.82
N PHE A 157 -6.24 -7.45 7.28
CA PHE A 157 -5.27 -8.54 7.19
C PHE A 157 -5.20 -9.08 5.77
N GLU A 158 -4.02 -8.97 5.15
CA GLU A 158 -3.82 -9.45 3.80
C GLU A 158 -2.59 -10.35 3.71
N TYR A 159 -2.69 -11.41 2.93
CA TYR A 159 -1.59 -12.36 2.76
C TYR A 159 -1.12 -12.39 1.31
N GLY A 160 0.19 -12.38 1.12
CA GLY A 160 0.75 -12.42 -0.22
C GLY A 160 1.11 -13.82 -0.66
N TRP A 161 0.90 -14.11 -1.95
CA TRP A 161 1.21 -15.42 -2.49
C TRP A 161 1.89 -15.31 -3.85
N ASN A 162 3.02 -15.97 -3.99
CA ASN A 162 3.77 -15.93 -5.26
C ASN A 162 4.88 -16.99 -5.26
N ASN A 163 5.56 -17.11 -6.38
CA ASN A 163 6.65 -18.08 -6.52
C ASN A 163 7.81 -17.72 -5.61
N SER A 164 8.07 -16.42 -5.48
CA SER A 164 9.16 -15.95 -4.64
C SER A 164 8.98 -16.39 -3.19
N SER A 165 7.96 -15.83 -2.53
CA SER A 165 7.67 -16.18 -1.14
C SER A 165 6.54 -17.18 -1.05
N LEU A 166 6.75 -18.24 -0.28
CA LEU A 166 5.74 -19.29 -0.11
C LEU A 166 4.40 -18.68 0.29
N ASN A 167 4.36 -18.10 1.48
CA ASN A 167 3.13 -17.47 2.00
C ASN A 167 3.45 -16.47 3.10
N GLU A 168 3.05 -15.22 2.90
CA GLU A 168 3.29 -14.18 3.88
C GLU A 168 1.97 -13.61 4.40
N PHE A 169 1.94 -13.33 5.70
CA PHE A 169 0.73 -12.78 6.32
C PHE A 169 1.01 -11.41 6.93
N THR A 170 0.42 -10.38 6.33
CA THR A 170 0.61 -9.01 6.80
C THR A 170 -0.69 -8.43 7.32
N VAL A 171 -0.64 -7.80 8.49
CA VAL A 171 -1.82 -7.19 9.09
C VAL A 171 -1.58 -5.71 9.39
N GLN A 172 -2.36 -4.86 8.72
CA GLN A 172 -2.23 -3.41 8.91
C GLN A 172 -3.13 -2.94 10.04
N PHE A 173 -2.70 -1.88 10.73
CA PHE A 173 -3.47 -1.33 11.84
C PHE A 173 -3.80 0.14 11.59
N GLU A 174 -5.03 0.40 11.17
CA GLU A 174 -5.47 1.76 10.89
C GLU A 174 -5.78 2.50 12.19
N TYR A 175 -5.05 3.59 12.43
CA TYR A 175 -5.26 4.39 13.64
C TYR A 175 -4.83 5.84 13.41
N ASP A 176 -5.78 6.75 13.60
CA ASP A 176 -5.51 8.17 13.40
C ASP A 176 -4.67 8.72 14.56
N LEU A 177 -3.79 9.67 14.24
CA LEU A 177 -2.93 10.28 15.25
C LEU A 177 -3.77 10.92 16.36
N SER A 178 -3.11 11.22 17.48
CA SER A 178 -3.79 11.83 18.62
C SER A 178 -3.92 13.35 18.42
N SER A 179 -2.84 13.97 17.96
CA SER A 179 -2.82 15.41 17.74
C SER A 179 -2.86 15.72 16.24
N GLN A 1 -17.54 20.80 16.18
CA GLN A 1 -16.60 21.53 15.34
C GLN A 1 -15.33 20.72 15.12
N ASP A 2 -14.86 20.68 13.88
CA ASP A 2 -13.65 19.94 13.54
C ASP A 2 -12.80 20.72 12.54
N LYS A 3 -11.53 20.90 12.88
CA LYS A 3 -10.60 21.64 12.01
C LYS A 3 -9.61 20.69 11.36
N PRO A 4 -8.99 21.15 10.26
CA PRO A 4 -8.00 20.36 9.52
C PRO A 4 -6.70 20.17 10.30
N GLY A 5 -5.69 19.62 9.63
CA GLY A 5 -4.41 19.40 10.28
C GLY A 5 -4.31 18.03 10.92
N SER A 6 -5.28 17.17 10.63
CA SER A 6 -5.31 15.83 11.19
C SER A 6 -4.31 14.92 10.47
N ALA A 7 -3.70 14.02 11.21
CA ALA A 7 -2.73 13.08 10.64
C ALA A 7 -3.13 11.64 10.89
N LYS A 8 -2.52 10.72 10.16
CA LYS A 8 -2.82 9.30 10.29
C LYS A 8 -1.66 8.56 10.97
N ALA A 9 -2.00 7.69 11.91
CA ALA A 9 -0.99 6.92 12.63
C ALA A 9 -1.41 5.46 12.77
N GLY A 10 -0.50 4.55 12.40
CA GLY A 10 -0.81 3.14 12.50
C GLY A 10 0.44 2.27 12.44
N GLY A 11 0.33 1.10 11.83
CA GLY A 11 1.46 0.20 11.72
C GLY A 11 1.36 -0.71 10.51
N TRP A 12 2.43 -1.46 10.25
CA TRP A 12 2.46 -2.37 9.11
C TRP A 12 3.36 -3.57 9.41
N THR A 13 2.74 -4.73 9.66
CA THR A 13 3.49 -5.94 9.95
C THR A 13 3.38 -6.94 8.80
N THR A 14 4.52 -7.23 8.18
CA THR A 14 4.55 -8.18 7.06
C THR A 14 5.24 -9.48 7.47
N TYR A 15 4.50 -10.58 7.40
CA TYR A 15 5.04 -11.89 7.76
C TYR A 15 5.29 -12.73 6.52
N ASN A 16 6.54 -13.18 6.36
CA ASN A 16 6.92 -14.00 5.22
C ASN A 16 7.22 -15.43 5.65
N THR A 17 7.85 -15.57 6.82
CA THR A 17 8.20 -16.89 7.35
C THR A 17 8.55 -16.81 8.83
N ASP A 18 8.67 -17.96 9.47
CA ASP A 18 9.00 -18.03 10.88
C ASP A 18 10.46 -17.65 11.11
N ASN A 19 11.32 -18.02 10.17
CA ASN A 19 12.75 -17.72 10.27
C ASN A 19 12.97 -16.24 10.56
N THR A 20 12.28 -15.38 9.80
CA THR A 20 12.41 -13.94 9.97
C THR A 20 11.22 -13.21 9.36
N PHE A 21 11.03 -11.96 9.76
CA PHE A 21 9.92 -11.15 9.26
C PHE A 21 10.26 -9.67 9.32
N LYS A 22 9.34 -8.84 8.84
CA LYS A 22 9.54 -7.40 8.83
C LYS A 22 8.27 -6.66 9.25
N GLY A 23 8.42 -5.42 9.69
CA GLY A 23 7.27 -4.63 10.10
C GLY A 23 7.66 -3.44 10.95
N GLY A 24 6.77 -2.46 11.03
CA GLY A 24 7.05 -1.27 11.82
C GLY A 24 5.84 -0.36 11.95
N SER A 25 6.08 0.94 11.99
CA SER A 25 5.01 1.92 12.12
C SER A 25 4.78 2.65 10.80
N TYR A 26 3.60 3.24 10.66
CA TYR A 26 3.24 3.97 9.44
C TYR A 26 2.39 5.19 9.77
N ALA A 27 2.75 6.33 9.18
CA ALA A 27 2.02 7.57 9.42
C ALA A 27 1.95 8.39 8.13
N LYS A 28 0.77 8.99 7.90
CA LYS A 28 0.57 9.81 6.71
C LYS A 28 -0.11 11.12 7.07
N TYR A 29 0.53 12.24 6.73
CA TYR A 29 0.00 13.56 7.02
C TYR A 29 -0.77 14.11 5.82
N VAL A 30 -2.05 14.43 6.03
CA VAL A 30 -2.88 14.96 4.97
C VAL A 30 -2.22 16.15 4.28
N LEU A 31 -2.78 16.57 3.16
CA LEU A 31 -2.25 17.71 2.41
C LEU A 31 -2.72 19.02 3.00
N SER A 32 -1.84 19.69 3.73
CA SER A 32 -2.17 20.97 4.36
C SER A 32 -2.11 22.10 3.34
N PRO A 33 -0.91 22.33 2.78
CA PRO A 33 -0.69 23.38 1.79
C PRO A 33 -1.36 23.06 0.45
N ASN A 34 -1.11 21.87 -0.06
CA ASN A 34 -1.68 21.45 -1.33
C ASN A 34 -1.50 19.94 -1.54
N LEU A 35 -0.35 19.43 -1.14
CA LEU A 35 -0.05 18.01 -1.28
C LEU A 35 0.17 17.36 0.08
N ALA A 36 -0.04 16.05 0.15
CA ALA A 36 0.14 15.32 1.40
C ALA A 36 1.42 14.47 1.35
N LEU A 37 1.93 14.13 2.53
CA LEU A 37 3.14 13.33 2.62
C LEU A 37 2.86 11.99 3.31
N LYS A 38 3.62 10.96 2.92
CA LYS A 38 3.46 9.64 3.50
C LYS A 38 4.78 9.11 4.05
N GLY A 39 4.73 8.54 5.24
CA GLY A 39 5.94 8.00 5.85
C GLY A 39 5.73 6.61 6.42
N GLU A 40 6.51 5.65 5.93
CA GLU A 40 6.41 4.27 6.40
C GLU A 40 7.76 3.75 6.87
N TYR A 41 7.87 3.48 8.16
CA TYR A 41 9.11 2.98 8.73
C TYR A 41 8.96 1.53 9.17
N GLU A 42 9.47 0.61 8.35
CA GLU A 42 9.40 -0.82 8.66
C GLU A 42 10.78 -1.39 8.95
N TRP A 43 10.84 -2.31 9.91
CA TRP A 43 12.11 -2.92 10.29
C TRP A 43 12.26 -4.30 9.64
N ASN A 44 13.24 -4.43 8.76
CA ASN A 44 13.48 -5.69 8.07
C ASN A 44 14.45 -6.56 8.86
N ASN A 45 15.56 -5.96 9.29
CA ASN A 45 16.57 -6.68 10.06
C ASN A 45 17.44 -5.72 10.86
N SER A 46 17.98 -6.19 11.98
CA SER A 46 18.82 -5.37 12.83
C SER A 46 19.97 -4.76 12.03
N SER A 47 20.50 -5.52 11.08
CA SER A 47 21.59 -5.05 10.24
C SER A 47 21.20 -3.78 9.48
N LEU A 48 20.17 -3.90 8.64
CA LEU A 48 19.70 -2.77 7.85
C LEU A 48 18.19 -2.59 8.01
N ASN A 49 17.77 -1.33 8.10
CA ASN A 49 16.35 -1.02 8.26
C ASN A 49 15.72 -0.64 6.92
N SER A 50 14.39 -0.60 6.89
CA SER A 50 13.66 -0.27 5.67
C SER A 50 12.88 1.03 5.86
N PHE A 51 13.29 2.08 5.15
CA PHE A 51 12.63 3.37 5.23
C PHE A 51 11.89 3.68 3.93
N LYS A 52 10.70 4.26 4.06
CA LYS A 52 9.87 4.61 2.91
C LYS A 52 9.21 5.97 3.11
N ALA A 53 9.41 6.85 2.14
CA ALA A 53 8.83 8.19 2.20
C ALA A 53 8.35 8.65 0.83
N GLY A 54 7.11 9.13 0.77
CA GLY A 54 6.56 9.59 -0.49
C GLY A 54 5.56 10.72 -0.31
N ALA A 55 4.92 11.12 -1.40
CA ALA A 55 3.93 12.20 -1.35
C ALA A 55 2.69 11.86 -2.16
N GLU A 56 1.53 12.24 -1.65
CA GLU A 56 0.27 11.96 -2.34
C GLU A 56 -0.26 13.22 -3.03
N TYR A 57 -0.33 13.15 -4.36
CA TYR A 57 -0.82 14.27 -5.15
C TYR A 57 -2.20 13.98 -5.73
N VAL A 58 -3.19 14.78 -5.34
CA VAL A 58 -4.55 14.61 -5.81
C VAL A 58 -4.85 15.56 -6.97
N ALA A 59 -4.54 15.12 -8.18
CA ALA A 59 -4.77 15.94 -9.37
C ALA A 59 -6.26 16.06 -9.66
N THR A 60 -6.98 14.94 -9.55
CA THR A 60 -8.41 14.92 -9.81
C THR A 60 -9.12 13.99 -8.84
N PRO A 61 -10.45 14.18 -8.71
CA PRO A 61 -11.28 13.36 -7.81
C PRO A 61 -11.44 11.93 -8.31
N TYR A 62 -11.31 11.75 -9.62
CA TYR A 62 -11.44 10.44 -10.23
C TYR A 62 -10.27 9.54 -9.84
N LEU A 63 -9.08 9.89 -10.32
CA LEU A 63 -7.88 9.12 -10.02
C LEU A 63 -6.91 9.93 -9.17
N LYS A 64 -6.12 9.24 -8.35
CA LYS A 64 -5.15 9.89 -7.48
C LYS A 64 -3.74 9.43 -7.80
N THR A 65 -2.82 10.37 -7.90
CA THR A 65 -1.43 10.05 -8.19
C THR A 65 -0.54 10.22 -6.96
N GLU A 66 0.13 9.14 -6.56
CA GLU A 66 1.01 9.17 -5.40
C GLU A 66 2.40 8.65 -5.75
N VAL A 67 3.42 9.33 -5.23
CA VAL A 67 4.80 8.94 -5.48
C VAL A 67 5.48 8.44 -4.21
N MET A 68 6.00 7.22 -4.26
CA MET A 68 6.67 6.63 -3.11
C MET A 68 8.17 6.47 -3.39
N THR A 69 8.98 6.79 -2.38
CA THR A 69 10.43 6.68 -2.51
C THR A 69 10.99 5.62 -1.58
N GLU A 70 11.88 4.78 -2.11
CA GLU A 70 12.49 3.71 -1.32
C GLU A 70 13.86 4.14 -0.80
N TYR A 71 14.02 4.14 0.52
CA TYR A 71 15.28 4.54 1.14
C TYR A 71 15.82 3.42 2.02
N ASN A 72 17.07 3.04 1.77
CA ASN A 72 17.72 1.98 2.54
C ASN A 72 18.93 2.51 3.30
N THR A 73 19.57 1.64 4.07
CA THR A 73 20.74 2.01 4.85
C THR A 73 21.79 2.70 3.97
N ASP A 74 21.94 2.19 2.75
CA ASP A 74 22.91 2.75 1.82
C ASP A 74 22.41 4.07 1.24
N ASN A 75 23.29 4.77 0.53
CA ASN A 75 22.95 6.06 -0.06
C ASN A 75 22.00 5.86 -1.24
N THR A 76 22.24 4.82 -2.04
CA THR A 76 21.42 4.53 -3.20
C THR A 76 19.94 4.49 -2.83
N PHE A 77 19.10 5.06 -3.68
CA PHE A 77 17.67 5.09 -3.44
C PHE A 77 16.89 4.84 -4.73
N ARG A 78 15.61 4.52 -4.60
CA ARG A 78 14.77 4.27 -5.76
C ARG A 78 13.49 5.11 -5.70
N VAL A 79 13.02 5.54 -6.86
CA VAL A 79 11.81 6.35 -6.95
C VAL A 79 10.71 5.63 -7.72
N THR A 80 9.64 5.27 -7.02
CA THR A 80 8.52 4.57 -7.63
C THR A 80 7.24 5.40 -7.54
N VAL A 81 6.42 5.32 -8.59
CA VAL A 81 5.16 6.05 -8.62
C VAL A 81 3.97 5.11 -8.76
N VAL A 82 2.92 5.39 -7.99
CA VAL A 82 1.71 4.56 -8.03
C VAL A 82 0.50 5.38 -8.45
N THR A 83 -0.29 4.83 -9.37
CA THR A 83 -1.49 5.51 -9.86
C THR A 83 -2.73 4.66 -9.66
N GLU A 84 -3.77 5.25 -9.09
CA GLU A 84 -5.02 4.54 -8.84
C GLU A 84 -6.21 5.39 -9.26
N GLY A 85 -7.30 4.72 -9.66
CA GLY A 85 -8.49 5.42 -10.08
C GLY A 85 -9.74 4.56 -9.98
N ARG A 86 -10.71 4.81 -10.85
CA ARG A 86 -11.95 4.06 -10.86
C ARG A 86 -12.18 3.40 -12.21
N TYR A 87 -12.27 2.07 -12.20
CA TYR A 87 -12.49 1.32 -13.43
C TYR A 87 -13.72 0.44 -13.32
N PRO A 88 -14.48 0.34 -14.42
CA PRO A 88 -15.70 -0.48 -14.47
C PRO A 88 -15.40 -1.98 -14.42
N VAL A 89 -16.41 -2.76 -14.08
CA VAL A 89 -16.26 -4.21 -13.99
C VAL A 89 -17.57 -4.89 -13.62
N ASP A 90 -18.02 -5.80 -14.46
CA ASP A 90 -19.27 -6.52 -14.23
C ASP A 90 -19.13 -7.48 -13.04
N PRO A 91 -18.24 -8.46 -13.17
CA PRO A 91 -17.99 -9.44 -12.11
C PRO A 91 -17.28 -8.85 -10.90
N ASN A 92 -17.88 -7.78 -10.35
CA ASN A 92 -17.32 -7.12 -9.19
C ASN A 92 -18.13 -5.88 -8.81
N LEU A 93 -17.57 -5.03 -7.96
CA LEU A 93 -18.25 -3.82 -7.53
C LEU A 93 -17.44 -2.59 -7.91
N GLU A 94 -16.13 -2.69 -7.79
CA GLU A 94 -15.24 -1.58 -8.12
C GLU A 94 -13.84 -2.08 -8.46
N LEU A 95 -13.37 -1.75 -9.66
CA LEU A 95 -12.04 -2.17 -10.10
C LEU A 95 -11.07 -1.00 -10.10
N PHE A 96 -10.02 -1.11 -9.28
CA PHE A 96 -9.03 -0.05 -9.18
C PHE A 96 -7.82 -0.37 -10.07
N PRO A 97 -7.54 0.54 -11.02
CA PRO A 97 -6.42 0.38 -11.95
C PRO A 97 -5.07 0.55 -11.26
N GLY A 98 -4.45 -0.57 -10.94
CA GLY A 98 -3.15 -0.53 -10.28
C GLY A 98 -2.02 -0.25 -11.25
N GLY A 99 -1.39 0.91 -11.11
CA GLY A 99 -0.29 1.27 -12.00
C GLY A 99 0.98 1.60 -11.23
N TRP A 100 1.95 0.70 -11.30
CA TRP A 100 3.22 0.91 -10.61
C TRP A 100 4.34 1.22 -11.60
N TYR A 101 5.24 2.11 -11.21
CA TYR A 101 6.35 2.50 -12.06
C TYR A 101 7.67 2.50 -11.29
N THR A 102 8.70 1.92 -11.89
CA THR A 102 10.01 1.85 -11.25
C THR A 102 11.01 2.75 -11.96
N TRP A 103 11.54 3.72 -11.22
CA TRP A 103 12.51 4.66 -11.78
C TRP A 103 13.84 4.60 -11.02
N ASN A 104 14.91 4.25 -11.72
CA ASN A 104 16.22 4.15 -11.10
C ASN A 104 17.32 4.10 -12.17
N ASN A 105 18.55 4.41 -11.76
CA ASN A 105 19.67 4.40 -12.68
C ASN A 105 19.77 3.07 -13.43
N SER A 106 19.98 1.99 -12.68
CA SER A 106 20.08 0.66 -13.26
C SER A 106 18.88 0.35 -14.15
N SER A 107 17.68 0.59 -13.61
CA SER A 107 16.45 0.34 -14.35
C SER A 107 15.46 1.49 -14.15
N LEU A 108 15.16 2.19 -15.25
CA LEU A 108 14.23 3.31 -15.20
C LEU A 108 13.17 3.17 -16.27
N ASN A 109 12.19 4.07 -16.26
CA ASN A 109 11.11 4.06 -17.23
C ASN A 109 10.40 2.70 -17.22
N LYS A 110 10.25 2.12 -16.03
CA LYS A 110 9.59 0.83 -15.88
C LYS A 110 8.16 1.02 -15.39
N GLY A 111 7.28 0.11 -15.80
CA GLY A 111 5.89 0.19 -15.39
C GLY A 111 5.27 -1.17 -15.18
N ALA A 112 5.24 -1.63 -13.92
CA ALA A 112 4.66 -2.93 -13.60
C ALA A 112 3.15 -2.84 -13.47
N PRO A 113 2.44 -3.77 -14.12
CA PRO A 113 0.97 -3.82 -14.09
C PRO A 113 0.44 -4.24 -12.73
N TYR A 114 -0.71 -3.70 -12.35
CA TYR A 114 -1.33 -4.02 -11.07
C TYR A 114 -2.85 -3.94 -11.16
N THR A 115 -3.52 -4.94 -10.60
CA THR A 115 -4.97 -5.00 -10.63
C THR A 115 -5.54 -5.15 -9.22
N ARG A 116 -6.40 -4.21 -8.84
CA ARG A 116 -7.01 -4.23 -7.52
C ARG A 116 -8.53 -4.35 -7.62
N ALA A 117 -9.08 -5.43 -7.07
CA ALA A 117 -10.52 -5.66 -7.10
C ALA A 117 -11.18 -5.20 -5.80
N GLU A 118 -12.43 -4.75 -5.91
CA GLU A 118 -13.17 -4.29 -4.73
C GLU A 118 -14.56 -4.91 -4.69
N TYR A 119 -14.86 -5.60 -3.60
CA TYR A 119 -16.16 -6.24 -3.43
C TYR A 119 -16.74 -5.94 -2.05
N LYS A 120 -17.66 -5.00 -1.98
CA LYS A 120 -18.29 -4.62 -0.72
C LYS A 120 -19.40 -5.61 -0.36
N LEU A 121 -19.05 -6.57 0.50
CA LEU A 121 -20.01 -7.57 0.93
C LEU A 121 -20.87 -7.05 2.09
N THR A 122 -20.20 -6.46 3.09
CA THR A 122 -20.90 -5.92 4.24
C THR A 122 -20.63 -4.43 4.39
N PRO A 123 -21.50 -3.75 5.16
CA PRO A 123 -21.39 -2.30 5.39
C PRO A 123 -20.19 -1.96 6.28
N ASP A 124 -19.83 -2.88 7.16
CA ASP A 124 -18.71 -2.67 8.07
C ASP A 124 -17.46 -3.39 7.56
N LEU A 125 -17.66 -4.55 6.96
CA LEU A 125 -16.56 -5.34 6.42
C LEU A 125 -16.59 -5.38 4.89
N LYS A 126 -15.42 -5.32 4.27
CA LYS A 126 -15.33 -5.34 2.82
C LYS A 126 -14.27 -6.35 2.36
N LEU A 127 -14.21 -6.58 1.06
CA LEU A 127 -13.24 -7.53 0.49
C LEU A 127 -12.30 -6.83 -0.48
N LEU A 128 -11.00 -6.93 -0.23
CA LEU A 128 -10.00 -6.31 -1.09
C LEU A 128 -9.13 -7.37 -1.77
N SER A 129 -9.25 -7.46 -3.09
CA SER A 129 -8.48 -8.44 -3.85
C SER A 129 -7.32 -7.76 -4.58
N GLN A 130 -6.14 -8.35 -4.48
CA GLN A 130 -4.95 -7.81 -5.12
C GLN A 130 -4.27 -8.86 -6.00
N VAL A 131 -4.33 -8.66 -7.31
CA VAL A 131 -3.71 -9.59 -8.26
C VAL A 131 -2.73 -8.88 -9.17
N VAL A 132 -1.55 -9.46 -9.34
CA VAL A 132 -0.52 -8.88 -10.20
C VAL A 132 -0.18 -9.82 -11.35
N TYR A 133 -0.61 -9.46 -12.55
CA TYR A 133 -0.35 -10.26 -13.74
C TYR A 133 0.75 -9.64 -14.59
N ASN A 134 1.83 -10.39 -14.81
CA ASN A 134 2.95 -9.92 -15.60
C ASN A 134 3.02 -10.65 -16.94
N THR A 135 3.86 -10.15 -17.84
CA THR A 135 4.02 -10.76 -19.15
C THR A 135 4.45 -12.22 -19.04
N ASP A 136 5.32 -12.49 -18.07
CA ASP A 136 5.81 -13.85 -17.85
C ASP A 136 4.67 -14.78 -17.44
N ASN A 137 4.92 -16.08 -17.50
CA ASN A 137 3.92 -17.08 -17.13
C ASN A 137 3.57 -16.98 -15.64
N THR A 138 4.61 -16.80 -14.82
CA THR A 138 4.41 -16.70 -13.37
C THR A 138 3.58 -15.46 -13.02
N PHE A 139 2.82 -15.56 -11.94
CA PHE A 139 1.99 -14.45 -11.49
C PHE A 139 1.83 -14.45 -9.97
N LYS A 140 1.22 -13.40 -9.44
CA LYS A 140 1.02 -13.28 -8.00
C LYS A 140 -0.46 -13.20 -7.67
N PHE A 141 -0.90 -14.01 -6.70
CA PHE A 141 -2.29 -14.02 -6.30
C PHE A 141 -2.43 -13.69 -4.81
N ASP A 142 -3.00 -12.54 -4.52
CA ASP A 142 -3.20 -12.10 -3.14
C ASP A 142 -4.65 -11.70 -2.89
N THR A 143 -5.19 -12.15 -1.77
CA THR A 143 -6.57 -11.84 -1.41
C THR A 143 -6.70 -11.52 0.08
N GLY A 144 -7.52 -10.52 0.39
CA GLY A 144 -7.71 -10.14 1.78
C GLY A 144 -9.02 -9.39 1.99
N LEU A 145 -9.24 -8.94 3.21
CA LEU A 145 -10.46 -8.21 3.55
C LEU A 145 -10.14 -6.95 4.36
N GLU A 146 -11.11 -6.06 4.46
CA GLU A 146 -10.93 -4.81 5.21
C GLU A 146 -11.95 -4.71 6.34
N TYR A 147 -11.45 -4.64 7.57
CA TYR A 147 -12.33 -4.55 8.73
C TYR A 147 -12.07 -3.24 9.48
N LYS A 148 -13.05 -2.34 9.42
CA LYS A 148 -12.95 -1.04 10.10
C LYS A 148 -13.94 -0.96 11.25
N LEU A 149 -13.48 -0.46 12.39
CA LEU A 149 -14.32 -0.31 13.57
C LEU A 149 -14.54 1.16 13.91
N SER A 150 -15.74 1.49 14.38
CA SER A 150 -16.07 2.86 14.74
C SER A 150 -15.27 3.31 15.97
N PRO A 151 -15.47 2.60 17.08
CA PRO A 151 -14.77 2.90 18.35
C PRO A 151 -13.29 2.59 18.28
N ASN A 152 -12.97 1.39 17.79
CA ASN A 152 -11.57 0.96 17.67
C ASN A 152 -10.96 1.43 16.35
N LEU A 153 -9.65 1.31 16.25
CA LEU A 153 -8.94 1.72 15.04
C LEU A 153 -9.33 0.83 13.85
N LYS A 154 -8.76 1.13 12.69
CA LYS A 154 -9.03 0.35 11.48
C LYS A 154 -7.91 -0.65 11.21
N VAL A 155 -8.28 -1.84 10.75
CA VAL A 155 -7.31 -2.88 10.45
C VAL A 155 -7.67 -3.61 9.16
N LYS A 156 -6.67 -4.02 8.40
CA LYS A 156 -6.87 -4.73 7.16
C LYS A 156 -5.97 -5.95 7.06
N PHE A 157 -6.51 -7.06 6.59
CA PHE A 157 -5.75 -8.29 6.45
C PHE A 157 -5.58 -8.67 4.98
N GLU A 158 -4.35 -8.97 4.59
CA GLU A 158 -4.05 -9.35 3.22
C GLU A 158 -3.26 -10.65 3.16
N TYR A 159 -3.70 -11.58 2.32
CA TYR A 159 -3.03 -12.86 2.17
C TYR A 159 -2.24 -12.92 0.87
N GLY A 160 -0.94 -13.14 0.99
CA GLY A 160 -0.09 -13.21 -0.18
C GLY A 160 0.22 -14.65 -0.58
N TRP A 161 -0.30 -15.06 -1.72
CA TRP A 161 -0.06 -16.42 -2.21
C TRP A 161 0.72 -16.40 -3.52
N ASN A 162 1.91 -16.99 -3.51
CA ASN A 162 2.75 -17.05 -4.69
C ASN A 162 2.81 -18.46 -5.26
N ASN A 163 3.36 -18.59 -6.47
CA ASN A 163 3.46 -19.88 -7.13
C ASN A 163 4.16 -20.90 -6.21
N SER A 164 5.14 -20.42 -5.45
CA SER A 164 5.88 -21.28 -4.53
C SER A 164 4.97 -21.79 -3.41
N SER A 165 5.51 -22.69 -2.58
CA SER A 165 4.75 -23.25 -1.48
C SER A 165 4.69 -22.27 -0.30
N LEU A 166 5.80 -21.56 -0.08
CA LEU A 166 5.87 -20.58 1.01
C LEU A 166 4.79 -19.52 0.85
N ASN A 167 4.16 -19.17 1.97
CA ASN A 167 3.11 -18.16 1.96
C ASN A 167 3.49 -16.98 2.85
N GLU A 168 3.01 -15.79 2.50
CA GLU A 168 3.30 -14.59 3.26
C GLU A 168 2.02 -13.79 3.52
N PHE A 169 1.75 -13.52 4.80
CA PHE A 169 0.56 -12.77 5.20
C PHE A 169 0.95 -11.46 5.86
N THR A 170 0.38 -10.36 5.36
CA THR A 170 0.66 -9.04 5.90
C THR A 170 -0.58 -8.42 6.53
N VAL A 171 -0.39 -7.68 7.61
CA VAL A 171 -1.49 -7.03 8.31
C VAL A 171 -1.29 -5.53 8.39
N GLN A 172 -2.22 -4.78 7.81
CA GLN A 172 -2.14 -3.32 7.81
C GLN A 172 -2.82 -2.75 9.05
N PHE A 173 -2.28 -1.63 9.54
CA PHE A 173 -2.84 -0.98 10.72
C PHE A 173 -2.90 0.53 10.54
N GLU A 174 -4.09 1.10 10.75
CA GLU A 174 -4.28 2.53 10.60
C GLU A 174 -5.20 3.08 11.69
N TYR A 175 -4.92 4.29 12.15
CA TYR A 175 -5.72 4.92 13.19
C TYR A 175 -5.60 6.45 13.12
N ASP A 176 -6.75 7.11 13.06
CA ASP A 176 -6.78 8.56 12.99
C ASP A 176 -6.08 9.19 14.18
N LEU A 177 -5.07 10.01 13.92
CA LEU A 177 -4.30 10.66 14.97
C LEU A 177 -4.91 12.02 15.31
N SER A 178 -4.60 12.51 16.51
CA SER A 178 -5.12 13.80 16.97
C SER A 178 -4.54 14.94 16.13
N SER A 179 -5.28 16.04 16.07
CA SER A 179 -4.85 17.21 15.30
C SER A 179 -3.49 17.70 15.79
N GLN A 1 -14.52 20.52 18.39
CA GLN A 1 -14.38 20.66 16.95
C GLN A 1 -12.99 20.23 16.49
N ASP A 2 -12.93 19.54 15.36
CA ASP A 2 -11.66 19.08 14.81
C ASP A 2 -10.78 20.25 14.41
N LYS A 3 -9.48 20.00 14.34
CA LYS A 3 -8.51 21.04 13.96
C LYS A 3 -7.56 20.54 12.89
N PRO A 4 -6.92 21.48 12.19
CA PRO A 4 -5.96 21.15 11.12
C PRO A 4 -4.67 20.54 11.67
N GLY A 5 -3.94 19.84 10.80
CA GLY A 5 -2.70 19.21 11.21
C GLY A 5 -2.89 17.77 11.65
N SER A 6 -4.09 17.24 11.41
CA SER A 6 -4.41 15.87 11.79
C SER A 6 -3.64 14.87 10.93
N ALA A 7 -2.99 13.92 11.57
CA ALA A 7 -2.22 12.90 10.86
C ALA A 7 -2.72 11.50 11.20
N LYS A 8 -2.28 10.52 10.41
CA LYS A 8 -2.69 9.14 10.63
C LYS A 8 -1.46 8.22 10.72
N ALA A 9 -1.37 7.48 11.82
CA ALA A 9 -0.25 6.57 12.03
C ALA A 9 -0.71 5.12 12.02
N GLY A 10 0.16 4.22 11.56
CA GLY A 10 -0.19 2.82 11.51
C GLY A 10 1.02 1.92 11.38
N GLY A 11 0.87 0.64 11.71
CA GLY A 11 1.97 -0.30 11.63
C GLY A 11 1.59 -1.57 10.91
N TRP A 12 2.44 -2.00 9.97
CA TRP A 12 2.18 -3.21 9.21
C TRP A 12 3.02 -4.38 9.74
N THR A 13 2.37 -5.49 10.02
CA THR A 13 3.04 -6.68 10.52
C THR A 13 2.99 -7.82 9.53
N THR A 14 4.13 -8.14 8.93
CA THR A 14 4.21 -9.22 7.95
C THR A 14 4.71 -10.50 8.58
N TYR A 15 3.88 -11.55 8.52
CA TYR A 15 4.24 -12.84 9.10
C TYR A 15 4.35 -13.91 8.02
N ASN A 16 5.50 -14.56 7.95
CA ASN A 16 5.73 -15.61 6.97
C ASN A 16 6.02 -16.94 7.65
N THR A 17 6.73 -16.89 8.77
CA THR A 17 7.08 -18.09 9.52
C THR A 17 7.15 -17.81 11.01
N ASP A 18 7.42 -18.85 11.80
CA ASP A 18 7.51 -18.72 13.24
C ASP A 18 8.82 -18.04 13.64
N ASN A 19 9.90 -18.41 12.96
CA ASN A 19 11.21 -17.85 13.24
C ASN A 19 11.38 -16.50 12.55
N THR A 20 11.21 -16.50 11.24
CA THR A 20 11.36 -15.27 10.45
C THR A 20 10.13 -14.38 10.60
N PHE A 21 10.35 -13.07 10.55
CA PHE A 21 9.26 -12.11 10.69
C PHE A 21 9.72 -10.70 10.33
N LYS A 22 8.80 -9.86 9.90
CA LYS A 22 9.11 -8.49 9.53
C LYS A 22 8.04 -7.53 10.03
N GLY A 23 8.45 -6.31 10.35
CA GLY A 23 7.52 -5.31 10.84
C GLY A 23 7.95 -3.89 10.52
N GLY A 24 6.99 -2.98 10.48
CA GLY A 24 7.30 -1.59 10.17
C GLY A 24 6.18 -0.65 10.57
N SER A 25 6.46 0.65 10.52
CA SER A 25 5.47 1.66 10.87
C SER A 25 5.41 2.76 9.81
N TYR A 26 4.20 3.02 9.32
CA TYR A 26 4.01 4.05 8.29
C TYR A 26 2.89 5.00 8.70
N ALA A 27 3.01 6.25 8.27
CA ALA A 27 2.01 7.27 8.58
C ALA A 27 1.80 8.22 7.40
N LYS A 28 0.64 8.86 7.38
CA LYS A 28 0.31 9.79 6.31
C LYS A 28 -0.07 11.17 6.87
N TYR A 29 0.67 12.19 6.46
CA TYR A 29 0.42 13.54 6.93
C TYR A 29 -0.46 14.30 5.93
N VAL A 30 -1.70 14.55 6.31
CA VAL A 30 -2.64 15.27 5.46
C VAL A 30 -2.90 16.68 5.98
N LEU A 31 -2.25 17.65 5.36
CA LEU A 31 -2.42 19.06 5.76
C LEU A 31 -3.35 19.79 4.81
N SER A 32 -3.28 19.45 3.54
CA SER A 32 -4.13 20.08 2.53
C SER A 32 -4.45 19.10 1.40
N PRO A 33 -5.52 19.40 0.64
CA PRO A 33 -5.96 18.56 -0.48
C PRO A 33 -4.99 18.61 -1.65
N ASN A 34 -4.29 19.73 -1.78
CA ASN A 34 -3.32 19.90 -2.87
C ASN A 34 -2.38 18.71 -2.95
N LEU A 35 -1.47 18.62 -1.97
CA LEU A 35 -0.50 17.54 -1.94
C LEU A 35 -0.37 16.98 -0.52
N ALA A 36 -0.22 15.66 -0.42
CA ALA A 36 -0.08 15.00 0.87
C ALA A 36 1.26 14.29 0.98
N LEU A 37 1.70 14.04 2.21
CA LEU A 37 2.96 13.35 2.45
C LEU A 37 2.73 12.02 3.17
N LYS A 38 3.52 11.01 2.79
CA LYS A 38 3.40 9.69 3.40
C LYS A 38 4.78 9.07 3.60
N GLY A 39 4.89 8.20 4.59
CA GLY A 39 6.16 7.55 4.87
C GLY A 39 5.98 6.22 5.57
N GLU A 40 6.86 5.26 5.27
CA GLU A 40 6.79 3.93 5.88
C GLU A 40 8.18 3.44 6.25
N TYR A 41 8.35 3.05 7.51
CA TYR A 41 9.63 2.56 8.00
C TYR A 41 9.67 1.04 8.01
N GLU A 42 10.59 0.47 7.24
CA GLU A 42 10.72 -0.98 7.15
C GLU A 42 11.87 -1.47 8.03
N TRP A 43 11.55 -2.41 8.93
CA TRP A 43 12.54 -2.96 9.84
C TRP A 43 12.41 -4.48 9.93
N ASN A 44 13.53 -5.17 9.69
CA ASN A 44 13.53 -6.63 9.75
C ASN A 44 14.14 -7.12 11.05
N ASN A 45 13.90 -6.38 12.13
CA ASN A 45 14.42 -6.74 13.44
C ASN A 45 15.93 -6.99 13.38
N SER A 46 16.64 -6.12 12.69
CA SER A 46 18.09 -6.24 12.55
C SER A 46 18.71 -4.94 12.05
N SER A 47 20.03 -4.93 11.91
CA SER A 47 20.74 -3.75 11.45
C SER A 47 20.18 -3.26 10.12
N LEU A 48 19.85 -4.20 9.24
CA LEU A 48 19.29 -3.86 7.93
C LEU A 48 17.95 -3.15 8.07
N ASN A 49 17.93 -1.87 7.71
CA ASN A 49 16.71 -1.08 7.80
C ASN A 49 16.62 -0.09 6.64
N SER A 50 15.40 0.25 6.24
CA SER A 50 15.18 1.18 5.14
C SER A 50 14.03 2.13 5.46
N PHE A 51 14.02 3.28 4.78
CA PHE A 51 12.98 4.27 4.99
C PHE A 51 12.44 4.78 3.66
N LYS A 52 11.14 4.64 3.45
CA LYS A 52 10.49 5.09 2.23
C LYS A 52 9.62 6.30 2.47
N ALA A 53 9.58 7.21 1.50
CA ALA A 53 8.77 8.42 1.63
C ALA A 53 8.09 8.76 0.30
N GLY A 54 6.78 9.00 0.36
CA GLY A 54 6.04 9.33 -0.84
C GLY A 54 5.10 10.50 -0.63
N ALA A 55 4.43 10.92 -1.70
CA ALA A 55 3.50 12.04 -1.63
C ALA A 55 2.29 11.80 -2.53
N GLU A 56 1.17 12.44 -2.20
CA GLU A 56 -0.05 12.30 -2.97
C GLU A 56 -0.27 13.51 -3.88
N TYR A 57 -0.30 13.26 -5.19
CA TYR A 57 -0.49 14.31 -6.17
C TYR A 57 -1.77 14.09 -6.97
N VAL A 58 -2.51 15.17 -7.20
CA VAL A 58 -3.76 15.08 -7.96
C VAL A 58 -3.52 15.38 -9.44
N ALA A 59 -3.20 14.33 -10.20
CA ALA A 59 -2.95 14.49 -11.63
C ALA A 59 -4.24 14.79 -12.38
N THR A 60 -5.12 13.80 -12.48
CA THR A 60 -6.39 13.96 -13.17
C THR A 60 -7.56 13.92 -12.20
N PRO A 61 -8.75 14.33 -12.68
CA PRO A 61 -9.97 14.35 -11.86
C PRO A 61 -10.47 12.94 -11.55
N TYR A 62 -10.78 12.70 -10.27
CA TYR A 62 -11.27 11.40 -9.84
C TYR A 62 -10.14 10.37 -9.83
N LEU A 63 -8.93 10.83 -10.11
CA LEU A 63 -7.76 9.95 -10.13
C LEU A 63 -6.79 10.30 -9.01
N LYS A 64 -6.14 9.29 -8.45
CA LYS A 64 -5.17 9.50 -7.38
C LYS A 64 -3.80 8.97 -7.77
N THR A 65 -2.82 9.87 -7.84
CA THR A 65 -1.46 9.50 -8.20
C THR A 65 -0.47 9.84 -7.09
N GLU A 66 0.22 8.82 -6.59
CA GLU A 66 1.18 9.01 -5.52
C GLU A 66 2.54 8.42 -5.90
N VAL A 67 3.61 9.14 -5.58
CA VAL A 67 4.96 8.69 -5.88
C VAL A 67 5.68 8.23 -4.63
N MET A 68 6.08 6.95 -4.60
CA MET A 68 6.78 6.39 -3.45
C MET A 68 8.29 6.36 -3.70
N THR A 69 9.04 6.98 -2.80
CA THR A 69 10.50 7.03 -2.92
C THR A 69 11.16 6.12 -1.90
N GLU A 70 11.98 5.20 -2.38
CA GLU A 70 12.69 4.26 -1.51
C GLU A 70 14.10 4.75 -1.22
N TYR A 71 14.32 5.20 0.02
CA TYR A 71 15.63 5.69 0.43
C TYR A 71 16.34 4.67 1.32
N ASN A 72 17.59 4.38 0.97
CA ASN A 72 18.38 3.42 1.73
C ASN A 72 19.40 4.14 2.62
N THR A 73 20.22 3.37 3.32
CA THR A 73 21.23 3.93 4.21
C THR A 73 22.03 5.02 3.50
N ASP A 74 22.23 4.85 2.20
CA ASP A 74 22.98 5.83 1.42
C ASP A 74 22.07 6.97 0.95
N ASN A 75 21.18 6.65 0.01
CA ASN A 75 20.26 7.65 -0.52
C ASN A 75 19.23 7.00 -1.45
N THR A 76 18.35 7.82 -2.03
CA THR A 76 17.33 7.33 -2.94
C THR A 76 17.93 6.41 -4.00
N PHE A 77 17.54 5.14 -3.96
CA PHE A 77 18.05 4.16 -4.91
C PHE A 77 16.90 3.55 -5.71
N ARG A 78 15.74 3.42 -5.08
CA ARG A 78 14.57 2.85 -5.73
C ARG A 78 13.42 3.85 -5.74
N VAL A 79 13.03 4.28 -6.94
CA VAL A 79 11.93 5.23 -7.10
C VAL A 79 10.78 4.62 -7.89
N THR A 80 9.69 4.31 -7.19
CA THR A 80 8.52 3.73 -7.84
C THR A 80 7.29 4.61 -7.66
N VAL A 81 6.42 4.63 -8.67
CA VAL A 81 5.21 5.44 -8.62
C VAL A 81 3.97 4.55 -8.60
N VAL A 82 2.95 4.98 -7.86
CA VAL A 82 1.71 4.24 -7.75
C VAL A 82 0.53 5.07 -8.24
N THR A 83 -0.28 4.49 -9.11
CA THR A 83 -1.45 5.17 -9.65
C THR A 83 -2.73 4.38 -9.39
N GLU A 84 -3.79 5.09 -9.02
CA GLU A 84 -5.08 4.45 -8.74
C GLU A 84 -6.22 5.21 -9.41
N GLY A 85 -7.26 4.47 -9.78
CA GLY A 85 -8.40 5.09 -10.43
C GLY A 85 -9.70 4.37 -10.13
N ARG A 86 -10.80 4.86 -10.70
CA ARG A 86 -12.11 4.25 -10.48
C ARG A 86 -12.73 3.84 -11.81
N TYR A 87 -13.00 2.55 -11.96
CA TYR A 87 -13.60 2.02 -13.18
C TYR A 87 -14.89 1.27 -12.87
N PRO A 88 -15.93 1.51 -13.69
CA PRO A 88 -17.23 0.86 -13.53
C PRO A 88 -17.18 -0.62 -13.87
N VAL A 89 -18.35 -1.26 -13.85
CA VAL A 89 -18.44 -2.69 -14.15
C VAL A 89 -19.89 -3.16 -14.15
N ASP A 90 -20.18 -4.19 -14.94
CA ASP A 90 -21.53 -4.73 -15.02
C ASP A 90 -22.10 -4.97 -13.63
N PRO A 91 -21.42 -5.83 -12.85
CA PRO A 91 -21.85 -6.17 -11.49
C PRO A 91 -21.67 -5.01 -10.52
N ASN A 92 -22.10 -5.20 -9.28
CA ASN A 92 -22.01 -4.16 -8.26
C ASN A 92 -20.55 -3.93 -7.87
N LEU A 93 -19.72 -4.95 -8.05
CA LEU A 93 -18.30 -4.86 -7.73
C LEU A 93 -17.68 -3.62 -8.35
N GLU A 94 -16.45 -3.32 -7.95
CA GLU A 94 -15.74 -2.16 -8.48
C GLU A 94 -14.36 -2.55 -9.02
N LEU A 95 -13.99 -1.96 -10.15
CA LEU A 95 -12.70 -2.25 -10.77
C LEU A 95 -11.79 -1.03 -10.73
N PHE A 96 -10.65 -1.17 -10.05
CA PHE A 96 -9.68 -0.09 -9.93
C PHE A 96 -8.42 -0.40 -10.73
N PRO A 97 -8.15 0.42 -11.76
CA PRO A 97 -6.98 0.26 -12.61
C PRO A 97 -5.68 0.60 -11.89
N GLY A 98 -5.03 -0.43 -11.34
CA GLY A 98 -3.79 -0.22 -10.62
C GLY A 98 -2.59 -0.16 -11.56
N GLY A 99 -1.70 0.80 -11.31
CA GLY A 99 -0.52 0.95 -12.15
C GLY A 99 0.73 1.17 -11.33
N TRP A 100 1.68 0.24 -11.44
CA TRP A 100 2.93 0.34 -10.70
C TRP A 100 4.09 0.67 -11.64
N TYR A 101 4.88 1.66 -11.26
CA TYR A 101 6.03 2.08 -12.07
C TYR A 101 7.34 1.85 -11.33
N THR A 102 8.30 1.26 -12.02
CA THR A 102 9.60 0.97 -11.44
C THR A 102 10.70 1.77 -12.12
N TRP A 103 11.24 2.77 -11.43
CA TRP A 103 12.30 3.60 -11.97
C TRP A 103 13.55 3.53 -11.10
N ASN A 104 14.72 3.64 -11.74
CA ASN A 104 15.98 3.58 -11.03
C ASN A 104 17.07 4.32 -11.79
N ASN A 105 18.24 4.44 -11.19
CA ASN A 105 19.37 5.12 -11.80
C ASN A 105 20.04 4.23 -12.85
N SER A 106 20.30 4.80 -14.02
CA SER A 106 20.93 4.06 -15.11
C SER A 106 20.17 2.77 -15.40
N SER A 107 18.85 2.86 -15.42
CA SER A 107 18.00 1.70 -15.68
C SER A 107 16.73 2.11 -16.42
N LEU A 108 16.35 1.32 -17.41
CA LEU A 108 15.15 1.60 -18.20
C LEU A 108 13.89 1.41 -17.36
N ASN A 109 13.05 2.44 -17.33
CA ASN A 109 11.81 2.39 -16.57
C ASN A 109 10.95 1.21 -16.99
N LYS A 110 10.10 0.74 -16.08
CA LYS A 110 9.22 -0.39 -16.37
C LYS A 110 7.97 -0.33 -15.51
N GLY A 111 6.81 -0.14 -16.15
CA GLY A 111 5.56 -0.07 -15.43
C GLY A 111 4.76 -1.36 -15.53
N ALA A 112 4.70 -2.10 -14.42
CA ALA A 112 3.97 -3.35 -14.39
C ALA A 112 2.47 -3.11 -14.13
N PRO A 113 1.63 -3.93 -14.78
CA PRO A 113 0.17 -3.82 -14.65
C PRO A 113 -0.31 -4.25 -13.27
N TYR A 114 -1.38 -3.61 -12.80
CA TYR A 114 -1.94 -3.93 -11.49
C TYR A 114 -3.47 -3.89 -11.53
N THR A 115 -4.10 -4.92 -10.97
CA THR A 115 -5.55 -5.00 -10.94
C THR A 115 -6.06 -5.07 -9.51
N ARG A 116 -6.79 -4.04 -9.10
CA ARG A 116 -7.35 -3.97 -7.76
C ARG A 116 -8.87 -3.93 -7.80
N ALA A 117 -9.50 -5.00 -7.32
CA ALA A 117 -10.95 -5.09 -7.30
C ALA A 117 -11.49 -5.05 -5.88
N GLU A 118 -12.54 -4.27 -5.67
CA GLU A 118 -13.14 -4.14 -4.35
C GLU A 118 -14.61 -4.58 -4.37
N TYR A 119 -14.96 -5.52 -3.49
CA TYR A 119 -16.32 -6.02 -3.42
C TYR A 119 -16.63 -6.55 -2.02
N LYS A 120 -17.92 -6.71 -1.73
CA LYS A 120 -18.35 -7.21 -0.42
C LYS A 120 -18.69 -8.69 -0.50
N LEU A 121 -17.85 -9.51 0.12
CA LEU A 121 -18.06 -10.96 0.12
C LEU A 121 -19.37 -11.31 0.83
N THR A 122 -19.83 -10.42 1.69
CA THR A 122 -21.06 -10.64 2.43
C THR A 122 -21.38 -9.45 3.33
N PRO A 123 -20.48 -9.17 4.29
CA PRO A 123 -20.64 -8.07 5.23
C PRO A 123 -20.49 -6.71 4.56
N ASP A 124 -20.39 -5.65 5.37
CA ASP A 124 -20.24 -4.30 4.85
C ASP A 124 -18.77 -3.91 4.76
N LEU A 125 -17.93 -4.87 4.39
CA LEU A 125 -16.50 -4.62 4.27
C LEU A 125 -16.10 -4.45 2.80
N LYS A 126 -14.86 -4.02 2.58
CA LYS A 126 -14.35 -3.81 1.23
C LYS A 126 -13.23 -4.80 0.91
N LEU A 127 -13.60 -5.92 0.28
CA LEU A 127 -12.63 -6.94 -0.08
C LEU A 127 -11.76 -6.48 -1.24
N LEU A 128 -10.58 -5.97 -0.92
CA LEU A 128 -9.65 -5.49 -1.94
C LEU A 128 -8.63 -6.56 -2.29
N SER A 129 -8.58 -6.94 -3.56
CA SER A 129 -7.64 -7.95 -4.03
C SER A 129 -6.76 -7.42 -5.16
N GLN A 130 -5.45 -7.56 -5.00
CA GLN A 130 -4.51 -7.09 -6.00
C GLN A 130 -3.94 -8.25 -6.81
N VAL A 131 -4.00 -8.14 -8.13
CA VAL A 131 -3.49 -9.18 -9.01
C VAL A 131 -2.45 -8.62 -9.99
N VAL A 132 -1.26 -9.21 -9.97
CA VAL A 132 -0.19 -8.78 -10.86
C VAL A 132 0.24 -9.90 -11.80
N TYR A 133 -0.14 -9.77 -13.07
CA TYR A 133 0.19 -10.78 -14.06
C TYR A 133 1.20 -10.22 -15.08
N ASN A 134 2.11 -11.08 -15.54
CA ASN A 134 3.12 -10.67 -16.51
C ASN A 134 3.72 -11.89 -17.21
N THR A 135 3.92 -11.76 -18.52
CA THR A 135 4.49 -12.86 -19.31
C THR A 135 5.78 -13.37 -18.68
N ASP A 136 6.55 -12.46 -18.09
CA ASP A 136 7.82 -12.84 -17.46
C ASP A 136 7.56 -13.55 -16.13
N ASN A 137 8.63 -14.07 -15.54
CA ASN A 137 8.53 -14.79 -14.27
C ASN A 137 7.79 -13.94 -13.23
N THR A 138 7.99 -12.62 -13.30
CA THR A 138 7.35 -11.71 -12.37
C THR A 138 5.84 -11.96 -12.29
N PHE A 139 5.38 -12.43 -11.14
CA PHE A 139 3.96 -12.71 -10.94
C PHE A 139 3.64 -12.83 -9.46
N LYS A 140 2.56 -12.17 -9.04
CA LYS A 140 2.14 -12.21 -7.64
C LYS A 140 0.64 -11.99 -7.53
N PHE A 141 0.06 -12.46 -6.41
CA PHE A 141 -1.37 -12.31 -6.18
C PHE A 141 -1.68 -12.41 -4.69
N ASP A 142 -2.56 -11.53 -4.23
CA ASP A 142 -2.96 -11.51 -2.82
C ASP A 142 -4.29 -10.78 -2.64
N THR A 143 -5.05 -11.21 -1.64
CA THR A 143 -6.36 -10.62 -1.37
C THR A 143 -6.44 -10.15 0.09
N GLY A 144 -7.07 -9.00 0.29
CA GLY A 144 -7.22 -8.47 1.64
C GLY A 144 -8.58 -7.83 1.87
N LEU A 145 -8.89 -7.54 3.13
CA LEU A 145 -10.16 -6.92 3.48
C LEU A 145 -9.96 -5.73 4.41
N GLU A 146 -10.62 -4.63 4.10
CA GLU A 146 -10.51 -3.42 4.90
C GLU A 146 -11.83 -3.11 5.60
N TYR A 147 -11.75 -2.73 6.88
CA TYR A 147 -12.94 -2.41 7.65
C TYR A 147 -12.56 -1.67 8.93
N LYS A 148 -13.56 -1.05 9.56
CA LYS A 148 -13.35 -0.31 10.80
C LYS A 148 -13.88 -1.07 12.01
N LEU A 149 -13.22 -0.92 13.15
CA LEU A 149 -13.64 -1.60 14.37
C LEU A 149 -13.89 -0.60 15.49
N SER A 150 -14.51 -1.06 16.57
CA SER A 150 -14.82 -0.20 17.71
C SER A 150 -13.53 0.29 18.37
N PRO A 151 -12.71 -0.65 18.85
CA PRO A 151 -11.44 -0.32 19.51
C PRO A 151 -10.40 0.22 18.53
N ASN A 152 -10.27 -0.43 17.38
CA ASN A 152 -9.32 -0.02 16.36
C ASN A 152 -9.99 0.86 15.32
N LEU A 153 -9.41 2.04 15.08
CA LEU A 153 -9.96 2.98 14.11
C LEU A 153 -10.15 2.29 12.75
N LYS A 154 -9.07 1.81 12.18
CA LYS A 154 -9.12 1.13 10.89
C LYS A 154 -8.06 0.03 10.80
N VAL A 155 -8.42 -1.08 10.18
CA VAL A 155 -7.49 -2.21 10.02
C VAL A 155 -7.75 -2.95 8.72
N LYS A 156 -6.72 -3.62 8.23
CA LYS A 156 -6.84 -4.39 6.99
C LYS A 156 -5.98 -5.66 7.04
N PHE A 157 -6.57 -6.78 6.63
CA PHE A 157 -5.86 -8.05 6.64
C PHE A 157 -5.67 -8.58 5.22
N GLU A 158 -4.43 -8.51 4.73
CA GLU A 158 -4.11 -8.97 3.39
C GLU A 158 -3.28 -10.24 3.44
N TYR A 159 -3.81 -11.31 2.86
CA TYR A 159 -3.11 -12.60 2.84
C TYR A 159 -2.90 -13.07 1.41
N GLY A 160 -1.68 -13.50 1.11
CA GLY A 160 -1.36 -13.98 -0.23
C GLY A 160 0.09 -14.41 -0.36
N TRP A 161 0.65 -14.19 -1.54
CA TRP A 161 2.05 -14.56 -1.80
C TRP A 161 2.49 -14.09 -3.18
N ASN A 162 3.79 -13.91 -3.35
CA ASN A 162 4.34 -13.47 -4.62
C ASN A 162 5.16 -14.57 -5.29
N ASN A 163 5.82 -15.37 -4.48
CA ASN A 163 6.63 -16.48 -4.98
C ASN A 163 5.90 -17.81 -4.84
N SER A 164 6.58 -18.89 -5.19
CA SER A 164 5.99 -20.22 -5.11
C SER A 164 6.49 -20.96 -3.88
N SER A 165 7.68 -20.58 -3.41
CA SER A 165 8.27 -21.21 -2.24
C SER A 165 7.27 -21.30 -1.09
N LEU A 166 6.86 -20.15 -0.59
CA LEU A 166 5.90 -20.10 0.51
C LEU A 166 5.03 -18.84 0.41
N ASN A 167 4.08 -18.71 1.33
CA ASN A 167 3.19 -17.55 1.35
C ASN A 167 3.42 -16.70 2.60
N GLU A 168 2.53 -15.74 2.83
CA GLU A 168 2.64 -14.86 3.99
C GLU A 168 1.44 -13.93 4.08
N PHE A 169 1.05 -13.59 5.30
CA PHE A 169 -0.09 -12.71 5.53
C PHE A 169 0.35 -11.44 6.27
N THR A 170 -0.09 -10.30 5.76
CA THR A 170 0.25 -9.02 6.36
C THR A 170 -0.99 -8.32 6.92
N VAL A 171 -0.86 -7.79 8.13
CA VAL A 171 -1.98 -7.11 8.78
C VAL A 171 -1.58 -5.69 9.18
N GLN A 172 -2.13 -4.70 8.47
CA GLN A 172 -1.84 -3.30 8.75
C GLN A 172 -2.81 -2.74 9.79
N PHE A 173 -2.26 -2.03 10.77
CA PHE A 173 -3.08 -1.43 11.82
C PHE A 173 -3.12 0.08 11.69
N GLU A 174 -4.23 0.60 11.16
CA GLU A 174 -4.39 2.04 10.97
C GLU A 174 -4.99 2.67 12.22
N TYR A 175 -4.35 3.74 12.70
CA TYR A 175 -4.83 4.44 13.89
C TYR A 175 -4.57 5.93 13.77
N ASP A 176 -5.66 6.70 13.69
CA ASP A 176 -5.55 8.15 13.58
C ASP A 176 -4.94 8.76 14.84
N LEU A 177 -4.12 9.79 14.65
CA LEU A 177 -3.46 10.45 15.77
C LEU A 177 -4.25 11.68 16.21
N SER A 178 -4.74 11.65 17.44
CA SER A 178 -5.53 12.76 17.98
C SER A 178 -4.69 14.05 18.00
N SER A 179 -3.66 14.06 18.83
CA SER A 179 -2.79 15.23 18.94
C SER A 179 -1.57 15.09 18.03
N GLN A 1 -7.56 24.75 9.34
CA GLN A 1 -8.66 25.59 9.80
C GLN A 1 -8.76 25.56 11.33
N ASP A 2 -8.80 24.35 11.88
CA ASP A 2 -8.91 24.17 13.32
C ASP A 2 -7.97 23.08 13.80
N LYS A 3 -7.55 23.17 15.06
CA LYS A 3 -6.65 22.18 15.65
C LYS A 3 -5.72 21.60 14.59
N PRO A 4 -4.75 22.42 14.14
CA PRO A 4 -3.77 22.01 13.14
C PRO A 4 -2.79 20.97 13.66
N GLY A 5 -2.04 20.35 12.75
CA GLY A 5 -1.08 19.34 13.15
C GLY A 5 -1.62 17.93 13.02
N SER A 6 -2.78 17.80 12.39
CA SER A 6 -3.41 16.50 12.20
C SER A 6 -2.55 15.61 11.31
N ALA A 7 -2.31 14.38 11.76
CA ALA A 7 -1.52 13.43 10.99
C ALA A 7 -2.15 12.04 11.02
N LYS A 8 -1.67 11.17 10.13
CA LYS A 8 -2.19 9.81 10.05
C LYS A 8 -1.08 8.79 10.26
N ALA A 9 -1.37 7.75 11.04
CA ALA A 9 -0.40 6.70 11.31
C ALA A 9 -0.99 5.33 11.06
N GLY A 10 -0.12 4.36 10.77
CA GLY A 10 -0.57 3.01 10.50
C GLY A 10 0.54 1.99 10.60
N GLY A 11 0.22 0.81 11.13
CA GLY A 11 1.22 -0.23 11.27
C GLY A 11 1.14 -1.27 10.18
N TRP A 12 2.24 -1.94 9.90
CA TRP A 12 2.30 -2.96 8.87
C TRP A 12 3.10 -4.17 9.33
N THR A 13 2.41 -5.26 9.65
CA THR A 13 3.07 -6.47 10.11
C THR A 13 2.89 -7.61 9.10
N THR A 14 3.98 -7.99 8.45
CA THR A 14 3.95 -9.05 7.45
C THR A 14 4.87 -10.20 7.85
N TYR A 15 4.46 -11.42 7.52
CA TYR A 15 5.25 -12.60 7.85
C TYR A 15 5.55 -13.42 6.58
N ASN A 16 6.82 -13.76 6.40
CA ASN A 16 7.23 -14.53 5.24
C ASN A 16 8.15 -15.68 5.66
N THR A 17 8.60 -16.46 4.68
CA THR A 17 9.47 -17.59 4.94
C THR A 17 10.94 -17.17 4.90
N ASP A 18 11.25 -16.20 4.06
CA ASP A 18 12.61 -15.71 3.93
C ASP A 18 13.19 -15.31 5.29
N ASN A 19 12.59 -14.29 5.90
CA ASN A 19 13.04 -13.81 7.20
C ASN A 19 12.06 -14.22 8.30
N THR A 20 12.46 -14.01 9.55
CA THR A 20 11.61 -14.36 10.69
C THR A 20 10.29 -13.62 10.63
N PHE A 21 10.34 -12.30 10.80
CA PHE A 21 9.14 -11.48 10.78
C PHE A 21 9.47 -10.05 10.36
N LYS A 22 8.49 -9.38 9.76
CA LYS A 22 8.68 -8.01 9.30
C LYS A 22 7.64 -7.08 9.93
N GLY A 23 8.07 -5.87 10.28
CA GLY A 23 7.17 -4.91 10.89
C GLY A 23 7.62 -3.48 10.65
N GLY A 24 6.86 -2.75 9.83
CA GLY A 24 7.19 -1.37 9.54
C GLY A 24 6.02 -0.44 9.76
N SER A 25 6.32 0.79 10.18
CA SER A 25 5.29 1.78 10.45
C SER A 25 5.28 2.86 9.36
N TYR A 26 4.08 3.21 8.92
CA TYR A 26 3.92 4.23 7.87
C TYR A 26 3.03 5.37 8.35
N ALA A 27 3.47 6.59 8.09
CA ALA A 27 2.71 7.78 8.49
C ALA A 27 2.56 8.75 7.33
N LYS A 28 1.47 9.51 7.34
CA LYS A 28 1.21 10.49 6.29
C LYS A 28 0.87 11.85 6.88
N TYR A 29 1.66 12.86 6.53
CA TYR A 29 1.44 14.22 7.04
C TYR A 29 0.62 15.04 6.05
N VAL A 30 -0.63 15.33 6.42
CA VAL A 30 -1.51 16.11 5.56
C VAL A 30 -1.38 17.60 5.84
N LEU A 31 -1.46 18.40 4.79
CA LEU A 31 -1.35 19.85 4.93
C LEU A 31 -2.62 20.55 4.44
N SER A 32 -2.58 21.88 4.38
CA SER A 32 -3.73 22.65 3.94
C SER A 32 -4.14 22.26 2.52
N PRO A 33 -3.20 22.42 1.57
CA PRO A 33 -3.44 22.10 0.17
C PRO A 33 -3.55 20.59 -0.06
N ASN A 34 -4.12 20.21 -1.20
CA ASN A 34 -4.28 18.80 -1.54
C ASN A 34 -2.95 18.05 -1.45
N LEU A 35 -1.90 18.65 -2.00
CA LEU A 35 -0.57 18.04 -1.97
C LEU A 35 -0.13 17.77 -0.54
N ALA A 36 -0.05 16.50 -0.18
CA ALA A 36 0.37 16.11 1.16
C ALA A 36 1.70 15.36 1.12
N LEU A 37 2.41 15.38 2.24
CA LEU A 37 3.71 14.71 2.34
C LEU A 37 3.66 13.59 3.38
N LYS A 38 4.05 12.39 2.96
CA LYS A 38 4.05 11.23 3.85
C LYS A 38 5.48 10.77 4.13
N GLY A 39 5.67 10.09 5.25
CA GLY A 39 6.99 9.60 5.61
C GLY A 39 6.95 8.65 6.80
N GLU A 40 8.01 7.88 6.96
CA GLU A 40 8.09 6.92 8.05
C GLU A 40 9.30 6.00 7.89
N TYR A 41 9.27 4.86 8.57
CA TYR A 41 10.36 3.90 8.51
C TYR A 41 9.88 2.49 8.84
N GLU A 42 10.61 1.49 8.39
CA GLU A 42 10.25 0.10 8.64
C GLU A 42 11.27 -0.57 9.56
N TRP A 43 10.83 -1.60 10.26
CA TRP A 43 11.70 -2.33 11.18
C TRP A 43 11.56 -3.84 11.00
N ASN A 44 12.33 -4.59 11.77
CA ASN A 44 12.28 -6.06 11.70
C ASN A 44 12.64 -6.53 10.29
N ASN A 45 13.77 -6.04 9.77
CA ASN A 45 14.23 -6.42 8.44
C ASN A 45 15.66 -6.92 8.48
N SER A 46 16.19 -7.30 7.32
CA SER A 46 17.55 -7.80 7.22
C SER A 46 18.54 -6.80 7.84
N SER A 47 18.24 -5.52 7.68
CA SER A 47 19.10 -4.47 8.22
C SER A 47 18.47 -3.83 9.45
N LEU A 48 17.15 -3.90 9.54
CA LEU A 48 16.42 -3.33 10.67
C LEU A 48 16.51 -1.80 10.66
N ASN A 49 16.31 -1.21 9.48
CA ASN A 49 16.38 0.24 9.35
C ASN A 49 16.01 0.66 7.92
N SER A 50 14.72 0.79 7.66
CA SER A 50 14.24 1.18 6.34
C SER A 50 13.60 2.56 6.39
N PHE A 51 13.71 3.30 5.28
CA PHE A 51 13.14 4.64 5.20
C PHE A 51 12.18 4.75 4.02
N LYS A 52 11.01 5.33 4.26
CA LYS A 52 10.01 5.49 3.22
C LYS A 52 9.37 6.87 3.30
N ALA A 53 9.38 7.59 2.18
CA ALA A 53 8.80 8.93 2.13
C ALA A 53 8.25 9.24 0.74
N GLY A 54 7.19 10.03 0.69
CA GLY A 54 6.59 10.38 -0.59
C GLY A 54 5.55 11.48 -0.46
N ALA A 55 4.79 11.71 -1.53
CA ALA A 55 3.76 12.74 -1.52
C ALA A 55 2.50 12.25 -2.22
N GLU A 56 1.36 12.83 -1.86
CA GLU A 56 0.09 12.46 -2.45
C GLU A 56 -0.52 13.63 -3.21
N TYR A 57 -0.64 13.48 -4.53
CA TYR A 57 -1.20 14.53 -5.37
C TYR A 57 -2.46 14.04 -6.08
N VAL A 58 -3.53 14.82 -5.95
CA VAL A 58 -4.81 14.46 -6.57
C VAL A 58 -4.98 15.19 -7.90
N ALA A 59 -4.81 14.47 -9.00
CA ALA A 59 -4.96 15.06 -10.33
C ALA A 59 -6.42 15.02 -10.78
N THR A 60 -7.12 13.94 -10.43
CA THR A 60 -8.52 13.79 -10.82
C THR A 60 -9.31 13.12 -9.70
N PRO A 61 -10.64 13.29 -9.73
CA PRO A 61 -11.54 12.71 -8.74
C PRO A 61 -11.63 11.19 -8.85
N TYR A 62 -11.50 10.69 -10.08
CA TYR A 62 -11.57 9.25 -10.32
C TYR A 62 -10.18 8.62 -10.22
N LEU A 63 -9.17 9.34 -10.68
CA LEU A 63 -7.80 8.85 -10.65
C LEU A 63 -6.95 9.69 -9.70
N LYS A 64 -6.27 9.01 -8.78
CA LYS A 64 -5.41 9.68 -7.80
C LYS A 64 -3.96 9.31 -8.01
N THR A 65 -3.07 10.28 -7.83
CA THR A 65 -1.63 10.06 -8.00
C THR A 65 -0.93 10.01 -6.65
N GLU A 66 -0.01 9.05 -6.49
CA GLU A 66 0.74 8.90 -5.26
C GLU A 66 2.17 8.46 -5.54
N VAL A 67 3.13 9.34 -5.28
CA VAL A 67 4.53 9.03 -5.51
C VAL A 67 5.24 8.69 -4.21
N MET A 68 5.69 7.44 -4.10
CA MET A 68 6.37 6.98 -2.90
C MET A 68 7.82 6.59 -3.21
N THR A 69 8.76 7.27 -2.58
CA THR A 69 10.18 6.99 -2.79
C THR A 69 10.75 6.14 -1.66
N GLU A 70 11.49 5.10 -2.03
CA GLU A 70 12.10 4.22 -1.04
C GLU A 70 13.56 4.57 -0.82
N TYR A 71 13.91 4.84 0.45
CA TYR A 71 15.28 5.20 0.79
C TYR A 71 15.84 4.26 1.85
N ASN A 72 17.16 4.06 1.82
CA ASN A 72 17.81 3.18 2.77
C ASN A 72 19.17 3.73 3.19
N THR A 73 19.83 3.06 4.12
CA THR A 73 21.13 3.49 4.60
C THR A 73 22.12 3.65 3.45
N ASP A 74 22.05 2.74 2.48
CA ASP A 74 22.93 2.79 1.33
C ASP A 74 22.50 3.88 0.36
N ASN A 75 23.35 4.16 -0.62
CA ASN A 75 23.06 5.20 -1.62
C ASN A 75 22.47 4.58 -2.87
N THR A 76 21.49 3.70 -2.70
CA THR A 76 20.84 3.03 -3.83
C THR A 76 19.32 3.15 -3.73
N PHE A 77 18.85 4.36 -3.43
CA PHE A 77 17.42 4.60 -3.31
C PHE A 77 16.76 4.67 -4.69
N ARG A 78 15.44 4.57 -4.71
CA ARG A 78 14.69 4.61 -5.96
C ARG A 78 13.34 5.33 -5.76
N VAL A 79 12.76 5.79 -6.87
CA VAL A 79 11.48 6.49 -6.82
C VAL A 79 10.38 5.66 -7.48
N THR A 80 9.35 5.34 -6.71
CA THR A 80 8.24 4.56 -7.22
C THR A 80 6.95 5.37 -7.23
N VAL A 81 6.18 5.24 -8.31
CA VAL A 81 4.92 5.97 -8.44
C VAL A 81 3.74 5.01 -8.56
N VAL A 82 2.73 5.20 -7.72
CA VAL A 82 1.55 4.35 -7.74
C VAL A 82 0.31 5.16 -8.12
N THR A 83 -0.56 4.55 -8.93
CA THR A 83 -1.78 5.20 -9.36
C THR A 83 -3.01 4.39 -8.98
N GLU A 84 -3.96 5.03 -8.31
CA GLU A 84 -5.19 4.36 -7.88
C GLU A 84 -6.41 5.03 -8.48
N GLY A 85 -7.46 4.26 -8.71
CA GLY A 85 -8.69 4.79 -9.28
C GLY A 85 -9.86 3.84 -9.13
N ARG A 86 -11.03 4.27 -9.59
CA ARG A 86 -12.23 3.46 -9.51
C ARG A 86 -12.83 3.22 -10.88
N TYR A 87 -12.92 1.96 -11.27
CA TYR A 87 -13.47 1.59 -12.57
C TYR A 87 -14.64 0.62 -12.43
N PRO A 88 -15.81 1.02 -12.93
CA PRO A 88 -17.03 0.21 -12.86
C PRO A 88 -16.94 -1.02 -13.77
N VAL A 89 -17.92 -1.91 -13.63
CA VAL A 89 -17.96 -3.12 -14.44
C VAL A 89 -19.40 -3.60 -14.64
N ASP A 90 -19.55 -4.73 -15.31
CA ASP A 90 -20.87 -5.30 -15.57
C ASP A 90 -21.54 -5.75 -14.28
N PRO A 91 -20.89 -6.70 -13.58
CA PRO A 91 -21.40 -7.24 -12.32
C PRO A 91 -21.33 -6.23 -11.19
N ASN A 92 -21.96 -6.57 -10.06
CA ASN A 92 -21.97 -5.69 -8.90
C ASN A 92 -20.55 -5.38 -8.43
N LEU A 93 -19.65 -6.35 -8.60
CA LEU A 93 -18.27 -6.18 -8.19
C LEU A 93 -17.68 -4.90 -8.77
N GLU A 94 -16.48 -4.54 -8.33
CA GLU A 94 -15.81 -3.34 -8.81
C GLU A 94 -14.34 -3.61 -9.10
N LEU A 95 -13.80 -2.92 -10.09
CA LEU A 95 -12.40 -3.10 -10.47
C LEU A 95 -11.65 -1.77 -10.39
N PHE A 96 -10.50 -1.78 -9.71
CA PHE A 96 -9.70 -0.58 -9.57
C PHE A 96 -8.40 -0.70 -10.36
N PRO A 97 -8.20 0.24 -11.30
CA PRO A 97 -7.00 0.26 -12.15
C PRO A 97 -5.75 0.64 -11.38
N GLY A 98 -4.87 -0.34 -11.18
CA GLY A 98 -3.64 -0.10 -10.45
C GLY A 98 -2.44 0.07 -11.37
N GLY A 99 -1.67 1.12 -11.13
CA GLY A 99 -0.49 1.37 -11.95
C GLY A 99 0.76 1.55 -11.14
N TRP A 100 1.72 0.64 -11.32
CA TRP A 100 2.98 0.69 -10.59
C TRP A 100 4.12 1.11 -11.51
N TYR A 101 4.91 2.08 -11.06
CA TYR A 101 6.04 2.57 -11.85
C TYR A 101 7.32 2.55 -11.02
N THR A 102 8.29 1.75 -11.47
CA THR A 102 9.57 1.63 -10.78
C THR A 102 10.67 2.34 -11.54
N TRP A 103 11.12 3.47 -11.00
CA TRP A 103 12.17 4.26 -11.64
C TRP A 103 13.46 4.20 -10.81
N ASN A 104 14.52 3.68 -11.42
CA ASN A 104 15.81 3.57 -10.74
C ASN A 104 16.96 3.91 -11.69
N ASN A 105 17.91 4.70 -11.21
CA ASN A 105 19.06 5.09 -12.02
C ASN A 105 20.22 4.12 -11.82
N SER A 106 19.92 2.82 -11.83
CA SER A 106 20.94 1.80 -11.65
C SER A 106 20.84 0.74 -12.74
N SER A 107 19.67 0.15 -12.88
CA SER A 107 19.45 -0.89 -13.90
C SER A 107 18.54 -0.36 -15.01
N LEU A 108 17.25 -0.28 -14.72
CA LEU A 108 16.28 0.19 -15.71
C LEU A 108 15.02 0.71 -15.01
N ASN A 109 14.10 1.25 -15.81
CA ASN A 109 12.84 1.77 -15.28
C ASN A 109 11.66 1.37 -16.16
N LYS A 110 10.57 0.97 -15.53
CA LYS A 110 9.38 0.55 -16.25
C LYS A 110 8.14 0.63 -15.35
N GLY A 111 6.99 0.26 -15.90
CA GLY A 111 5.75 0.29 -15.14
C GLY A 111 5.03 -1.04 -15.15
N ALA A 112 4.99 -1.69 -13.99
CA ALA A 112 4.31 -2.98 -13.87
C ALA A 112 2.81 -2.80 -13.66
N PRO A 113 2.02 -3.64 -14.35
CA PRO A 113 0.56 -3.59 -14.27
C PRO A 113 0.05 -4.07 -12.91
N TYR A 114 -1.01 -3.44 -12.42
CA TYR A 114 -1.60 -3.80 -11.14
C TYR A 114 -3.12 -3.74 -11.19
N THR A 115 -3.77 -4.77 -10.68
CA THR A 115 -5.22 -4.84 -10.67
C THR A 115 -5.76 -5.11 -9.26
N ARG A 116 -6.75 -4.32 -8.84
CA ARG A 116 -7.34 -4.48 -7.53
C ARG A 116 -8.83 -4.79 -7.64
N ALA A 117 -9.22 -5.96 -7.15
CA ALA A 117 -10.62 -6.37 -7.20
C ALA A 117 -11.32 -6.10 -5.87
N GLU A 118 -12.61 -5.80 -5.92
CA GLU A 118 -13.38 -5.52 -4.72
C GLU A 118 -14.74 -6.20 -4.78
N TYR A 119 -15.15 -6.82 -3.68
CA TYR A 119 -16.43 -7.51 -3.60
C TYR A 119 -16.79 -7.83 -2.16
N LYS A 120 -18.01 -8.32 -1.95
CA LYS A 120 -18.48 -8.67 -0.63
C LYS A 120 -18.52 -7.44 0.28
N LEU A 121 -18.74 -6.28 -0.31
CA LEU A 121 -18.79 -5.02 0.44
C LEU A 121 -20.18 -4.82 1.04
N THR A 122 -21.09 -5.75 0.76
CA THR A 122 -22.45 -5.66 1.27
C THR A 122 -22.46 -5.41 2.78
N PRO A 123 -21.83 -6.32 3.53
CA PRO A 123 -21.75 -6.22 4.99
C PRO A 123 -20.85 -5.07 5.44
N ASP A 124 -20.50 -5.08 6.73
CA ASP A 124 -19.63 -4.04 7.28
C ASP A 124 -18.18 -4.26 6.87
N LEU A 125 -17.86 -5.48 6.48
CA LEU A 125 -16.50 -5.82 6.06
C LEU A 125 -16.29 -5.47 4.60
N LYS A 126 -15.12 -5.84 4.07
CA LYS A 126 -14.78 -5.57 2.68
C LYS A 126 -13.80 -6.60 2.14
N LEU A 127 -14.18 -7.25 1.05
CA LEU A 127 -13.33 -8.27 0.43
C LEU A 127 -12.59 -7.71 -0.78
N LEU A 128 -11.29 -7.54 -0.65
CA LEU A 128 -10.47 -7.01 -1.74
C LEU A 128 -9.47 -8.06 -2.23
N SER A 129 -9.09 -7.96 -3.49
CA SER A 129 -8.14 -8.90 -4.08
C SER A 129 -6.98 -8.16 -4.74
N GLN A 130 -5.77 -8.44 -4.26
CA GLN A 130 -4.57 -7.80 -4.80
C GLN A 130 -3.83 -8.74 -5.75
N VAL A 131 -3.85 -8.41 -7.04
CA VAL A 131 -3.17 -9.22 -8.04
C VAL A 131 -2.19 -8.38 -8.85
N VAL A 132 -0.92 -8.77 -8.81
CA VAL A 132 0.12 -8.05 -9.54
C VAL A 132 0.80 -8.96 -10.57
N TYR A 133 0.88 -8.49 -11.80
CA TYR A 133 1.49 -9.27 -12.88
C TYR A 133 2.90 -8.74 -13.17
N ASN A 134 3.78 -9.65 -13.59
CA ASN A 134 5.15 -9.29 -13.91
C ASN A 134 5.39 -9.32 -15.42
N THR A 135 6.63 -9.09 -15.83
CA THR A 135 6.99 -9.10 -17.24
C THR A 135 6.57 -10.40 -17.91
N ASP A 136 7.13 -11.50 -17.44
CA ASP A 136 6.82 -12.81 -18.01
C ASP A 136 7.27 -13.92 -17.06
N ASN A 137 6.57 -15.06 -17.10
CA ASN A 137 6.90 -16.19 -16.25
C ASN A 137 7.00 -15.77 -14.79
N THR A 138 6.13 -14.84 -14.39
CA THR A 138 6.12 -14.36 -13.01
C THR A 138 4.78 -13.71 -12.68
N PHE A 139 4.29 -13.98 -11.46
CA PHE A 139 3.03 -13.42 -11.02
C PHE A 139 2.82 -13.66 -9.52
N LYS A 140 2.08 -12.77 -8.89
CA LYS A 140 1.81 -12.88 -7.45
C LYS A 140 0.34 -12.61 -7.16
N PHE A 141 -0.33 -13.57 -6.53
CA PHE A 141 -1.73 -13.44 -6.19
C PHE A 141 -1.92 -13.25 -4.69
N ASP A 142 -2.74 -12.28 -4.32
CA ASP A 142 -3.00 -11.99 -2.91
C ASP A 142 -4.47 -11.69 -2.68
N THR A 143 -5.02 -12.26 -1.60
CA THR A 143 -6.43 -12.07 -1.27
C THR A 143 -6.60 -11.77 0.21
N GLY A 144 -7.42 -10.75 0.51
CA GLY A 144 -7.66 -10.38 1.89
C GLY A 144 -8.95 -9.60 2.07
N LEU A 145 -9.15 -9.06 3.26
CA LEU A 145 -10.35 -8.29 3.56
C LEU A 145 -10.07 -7.23 4.61
N GLU A 146 -11.01 -6.29 4.76
CA GLU A 146 -10.86 -5.22 5.74
C GLU A 146 -12.07 -5.16 6.68
N TYR A 147 -11.83 -4.76 7.92
CA TYR A 147 -12.89 -4.66 8.91
C TYR A 147 -12.77 -3.36 9.69
N LYS A 148 -13.91 -2.68 9.86
CA LYS A 148 -13.95 -1.42 10.60
C LYS A 148 -14.69 -1.58 11.92
N LEU A 149 -14.04 -1.16 13.00
CA LEU A 149 -14.64 -1.25 14.33
C LEU A 149 -15.40 0.02 14.69
N SER A 150 -15.89 0.09 15.92
CA SER A 150 -16.64 1.25 16.37
C SER A 150 -15.84 2.53 16.18
N PRO A 151 -14.67 2.61 16.82
CA PRO A 151 -13.78 3.76 16.72
C PRO A 151 -13.14 3.89 15.34
N ASN A 152 -12.55 5.06 15.08
CA ASN A 152 -11.90 5.31 13.80
C ASN A 152 -10.90 4.21 13.47
N LEU A 153 -10.29 3.64 14.50
CA LEU A 153 -9.31 2.57 14.32
C LEU A 153 -9.84 1.50 13.37
N LYS A 154 -9.05 1.16 12.36
CA LYS A 154 -9.44 0.15 11.38
C LYS A 154 -8.33 -0.87 11.18
N VAL A 155 -8.69 -2.06 10.72
CA VAL A 155 -7.72 -3.11 10.48
C VAL A 155 -8.16 -4.01 9.32
N LYS A 156 -7.18 -4.60 8.64
CA LYS A 156 -7.47 -5.48 7.52
C LYS A 156 -6.43 -6.59 7.42
N PHE A 157 -6.87 -7.78 7.03
CA PHE A 157 -5.98 -8.93 6.90
C PHE A 157 -5.76 -9.28 5.43
N GLU A 158 -4.50 -9.56 5.07
CA GLU A 158 -4.15 -9.91 3.69
C GLU A 158 -3.34 -11.20 3.66
N TYR A 159 -3.53 -11.97 2.59
CA TYR A 159 -2.81 -13.23 2.43
C TYR A 159 -2.01 -13.23 1.13
N GLY A 160 -0.70 -13.49 1.27
CA GLY A 160 0.16 -13.52 0.10
C GLY A 160 0.38 -14.92 -0.43
N TRP A 161 0.11 -15.12 -1.71
CA TRP A 161 0.26 -16.43 -2.34
C TRP A 161 0.88 -16.29 -3.73
N ASN A 162 2.18 -16.59 -3.84
CA ASN A 162 2.88 -16.50 -5.10
C ASN A 162 3.90 -17.63 -5.25
N ASN A 163 4.68 -17.58 -6.31
CA ASN A 163 5.69 -18.60 -6.57
C ASN A 163 6.57 -18.82 -5.33
N SER A 164 7.37 -17.82 -4.99
CA SER A 164 8.25 -17.90 -3.83
C SER A 164 7.46 -17.81 -2.53
N SER A 165 7.34 -18.93 -1.83
CA SER A 165 6.61 -18.97 -0.57
C SER A 165 5.12 -18.75 -0.81
N LEU A 166 4.31 -19.64 -0.25
CA LEU A 166 2.86 -19.55 -0.39
C LEU A 166 2.18 -19.54 0.97
N ASN A 167 2.68 -18.73 1.89
CA ASN A 167 2.12 -18.63 3.23
C ASN A 167 2.48 -17.29 3.86
N GLU A 168 2.25 -16.20 3.14
CA GLU A 168 2.55 -14.87 3.64
C GLU A 168 1.33 -14.26 4.34
N PHE A 169 1.55 -13.76 5.55
CA PHE A 169 0.47 -13.16 6.34
C PHE A 169 0.75 -11.68 6.60
N THR A 170 -0.05 -10.82 5.99
CA THR A 170 0.13 -9.38 6.16
C THR A 170 -1.08 -8.76 6.87
N VAL A 171 -0.81 -8.02 7.94
CA VAL A 171 -1.87 -7.37 8.71
C VAL A 171 -1.66 -5.87 8.78
N GLN A 172 -2.50 -5.12 8.06
CA GLN A 172 -2.40 -3.68 8.05
C GLN A 172 -3.22 -3.06 9.18
N PHE A 173 -2.66 -2.02 9.81
CA PHE A 173 -3.35 -1.36 10.91
C PHE A 173 -3.47 0.14 10.63
N GLU A 174 -4.69 0.66 10.72
CA GLU A 174 -4.95 2.07 10.48
C GLU A 174 -5.31 2.79 11.78
N TYR A 175 -4.67 3.93 12.00
CA TYR A 175 -4.92 4.71 13.21
C TYR A 175 -4.58 6.18 12.98
N ASP A 176 -5.61 7.01 12.84
CA ASP A 176 -5.43 8.43 12.63
C ASP A 176 -5.06 9.14 13.93
N LEU A 177 -4.02 9.98 13.88
CA LEU A 177 -3.57 10.71 15.05
C LEU A 177 -4.30 12.04 15.17
N SER A 178 -4.55 12.47 16.40
CA SER A 178 -5.24 13.73 16.66
C SER A 178 -4.25 14.88 16.79
N SER A 179 -3.42 14.82 17.82
CA SER A 179 -2.42 15.87 18.06
C SER A 179 -1.34 15.84 16.98
N GLN A 1 -15.90 14.87 10.75
CA GLN A 1 -15.31 16.15 10.37
C GLN A 1 -13.79 16.09 10.44
N ASP A 2 -13.13 16.58 9.39
CA ASP A 2 -11.67 16.58 9.33
C ASP A 2 -11.12 17.97 9.60
N LYS A 3 -10.15 18.05 10.50
CA LYS A 3 -9.54 19.33 10.85
C LYS A 3 -8.11 19.41 10.32
N PRO A 4 -7.58 20.64 10.23
CA PRO A 4 -6.22 20.88 9.74
C PRO A 4 -5.15 20.40 10.73
N GLY A 5 -4.17 19.68 10.22
CA GLY A 5 -3.11 19.17 11.07
C GLY A 5 -3.37 17.75 11.53
N SER A 6 -4.38 17.11 10.95
CA SER A 6 -4.74 15.74 11.32
C SER A 6 -3.79 14.74 10.66
N ALA A 7 -3.58 13.62 11.33
CA ALA A 7 -2.70 12.57 10.81
C ALA A 7 -3.25 11.19 11.12
N LYS A 8 -2.69 10.18 10.46
CA LYS A 8 -3.13 8.80 10.66
C LYS A 8 -1.93 7.86 10.75
N ALA A 9 -2.02 6.87 11.63
CA ALA A 9 -0.94 5.89 11.80
C ALA A 9 -1.39 4.50 11.37
N GLY A 10 -0.42 3.66 11.01
CA GLY A 10 -0.73 2.31 10.59
C GLY A 10 0.46 1.38 10.67
N GLY A 11 0.48 0.54 11.72
CA GLY A 11 1.58 -0.38 11.89
C GLY A 11 1.22 -1.80 11.49
N TRP A 12 1.86 -2.30 10.45
CA TRP A 12 1.59 -3.65 9.97
C TRP A 12 2.79 -4.56 10.22
N THR A 13 2.53 -5.73 10.77
CA THR A 13 3.59 -6.70 11.06
C THR A 13 3.44 -7.96 10.22
N THR A 14 4.50 -8.31 9.50
CA THR A 14 4.48 -9.50 8.65
C THR A 14 5.11 -10.69 9.37
N TYR A 15 4.40 -11.82 9.33
CA TYR A 15 4.88 -13.04 9.97
C TYR A 15 4.93 -14.20 8.98
N ASN A 16 5.94 -15.05 9.13
CA ASN A 16 6.09 -16.20 8.24
C ASN A 16 6.70 -17.38 8.99
N THR A 17 6.91 -18.49 8.28
CA THR A 17 7.49 -19.68 8.89
C THR A 17 8.91 -19.92 8.39
N ASP A 18 9.16 -19.59 7.14
CA ASP A 18 10.49 -19.75 6.55
C ASP A 18 11.44 -18.70 7.06
N ASN A 19 11.23 -17.45 6.66
CA ASN A 19 12.08 -16.34 7.09
C ASN A 19 11.53 -15.70 8.36
N THR A 20 12.27 -14.73 8.88
CA THR A 20 11.87 -14.02 10.09
C THR A 20 10.80 -12.98 9.80
N PHE A 21 10.20 -12.44 10.86
CA PHE A 21 9.16 -11.44 10.72
C PHE A 21 9.76 -10.05 10.48
N LYS A 22 8.94 -9.12 10.03
CA LYS A 22 9.39 -7.76 9.76
C LYS A 22 8.39 -6.74 10.29
N GLY A 23 8.86 -5.52 10.52
CA GLY A 23 8.00 -4.47 11.02
C GLY A 23 7.80 -3.35 10.02
N GLY A 24 6.57 -2.87 9.89
CA GLY A 24 6.27 -1.80 8.96
C GLY A 24 5.30 -0.78 9.53
N SER A 25 5.82 0.34 10.02
CA SER A 25 5.00 1.38 10.60
C SER A 25 4.97 2.62 9.71
N TYR A 26 3.82 2.88 9.10
CA TYR A 26 3.66 4.02 8.21
C TYR A 26 2.52 4.92 8.67
N ALA A 27 2.59 6.20 8.33
CA ALA A 27 1.57 7.16 8.70
C ALA A 27 1.32 8.16 7.58
N LYS A 28 0.10 8.69 7.53
CA LYS A 28 -0.27 9.67 6.51
C LYS A 28 -0.35 11.08 7.10
N TYR A 29 0.46 11.98 6.56
CA TYR A 29 0.49 13.36 7.04
C TYR A 29 -0.40 14.25 6.17
N VAL A 30 -1.53 14.67 6.72
CA VAL A 30 -2.46 15.53 6.00
C VAL A 30 -2.16 17.00 6.25
N LEU A 31 -1.61 17.67 5.24
CA LEU A 31 -1.28 19.08 5.35
C LEU A 31 -2.49 19.96 5.04
N SER A 32 -2.32 21.26 5.17
CA SER A 32 -3.40 22.21 4.91
C SER A 32 -3.94 22.04 3.49
N PRO A 33 -3.07 22.23 2.50
CA PRO A 33 -3.43 22.10 1.09
C PRO A 33 -3.72 20.66 0.69
N ASN A 34 -4.10 20.46 -0.56
CA ASN A 34 -4.40 19.13 -1.07
C ASN A 34 -3.17 18.22 -0.98
N LEU A 35 -2.04 18.73 -1.46
CA LEU A 35 -0.80 17.97 -1.44
C LEU A 35 -0.42 17.59 -0.01
N ALA A 36 -0.57 16.32 0.33
CA ALA A 36 -0.24 15.83 1.66
C ALA A 36 1.02 14.97 1.63
N LEU A 37 1.70 14.89 2.77
CA LEU A 37 2.92 14.10 2.88
C LEU A 37 2.61 12.69 3.39
N LYS A 38 3.43 11.73 2.99
CA LYS A 38 3.26 10.35 3.42
C LYS A 38 4.55 9.79 4.02
N GLY A 39 4.41 9.10 5.15
CA GLY A 39 5.58 8.53 5.80
C GLY A 39 5.46 7.03 5.99
N GLU A 40 6.59 6.34 5.84
CA GLU A 40 6.60 4.88 6.00
C GLU A 40 7.92 4.42 6.58
N TYR A 41 7.85 3.53 7.57
CA TYR A 41 9.04 3.01 8.22
C TYR A 41 9.13 1.49 8.07
N GLU A 42 9.80 1.04 7.01
CA GLU A 42 9.95 -0.38 6.74
C GLU A 42 11.23 -0.92 7.38
N TRP A 43 11.09 -1.47 8.58
CA TRP A 43 12.23 -2.02 9.30
C TRP A 43 12.40 -3.51 9.00
N ASN A 44 13.59 -3.89 8.52
CA ASN A 44 13.86 -5.27 8.19
C ASN A 44 12.90 -5.79 7.12
N ASN A 45 12.84 -5.08 6.00
CA ASN A 45 11.97 -5.48 4.90
C ASN A 45 12.77 -6.05 3.74
N SER A 46 12.07 -6.52 2.72
CA SER A 46 12.71 -7.10 1.55
C SER A 46 12.95 -6.04 0.47
N SER A 47 11.88 -5.64 -0.21
CA SER A 47 11.97 -4.64 -1.26
C SER A 47 12.13 -3.25 -0.67
N LEU A 48 11.04 -2.71 -0.14
CA LEU A 48 11.06 -1.37 0.46
C LEU A 48 12.14 -1.28 1.54
N ASN A 49 12.31 -0.08 2.07
CA ASN A 49 13.31 0.15 3.11
C ASN A 49 12.79 1.10 4.18
N SER A 50 13.40 1.06 5.36
CA SER A 50 12.98 1.92 6.47
C SER A 50 12.54 3.29 5.95
N PHE A 51 13.47 4.04 5.39
CA PHE A 51 13.18 5.37 4.87
C PHE A 51 12.29 5.27 3.62
N LYS A 52 11.00 5.55 3.80
CA LYS A 52 10.05 5.49 2.70
C LYS A 52 8.96 6.55 2.86
N ALA A 53 9.17 7.70 2.21
CA ALA A 53 8.20 8.79 2.28
C ALA A 53 8.23 9.63 1.00
N GLY A 54 7.19 10.44 0.82
CA GLY A 54 7.11 11.27 -0.37
C GLY A 54 5.98 12.27 -0.29
N ALA A 55 5.48 12.69 -1.46
CA ALA A 55 4.39 13.66 -1.53
C ALA A 55 3.23 13.10 -2.34
N GLU A 56 2.01 13.28 -1.83
CA GLU A 56 0.82 12.80 -2.51
C GLU A 56 0.03 13.96 -3.10
N TYR A 57 -0.02 14.02 -4.43
CA TYR A 57 -0.74 15.08 -5.12
C TYR A 57 -1.86 14.51 -5.97
N VAL A 58 -3.02 15.16 -5.94
CA VAL A 58 -4.18 14.71 -6.71
C VAL A 58 -4.29 15.49 -8.01
N ALA A 59 -3.64 14.97 -9.06
CA ALA A 59 -3.68 15.62 -10.36
C ALA A 59 -5.11 15.77 -10.87
N THR A 60 -5.94 14.78 -10.56
CA THR A 60 -7.34 14.81 -10.98
C THR A 60 -8.25 14.22 -9.91
N PRO A 61 -9.55 14.54 -10.00
CA PRO A 61 -10.55 14.05 -9.03
C PRO A 61 -10.80 12.55 -9.17
N TYR A 62 -10.46 12.00 -10.34
CA TYR A 62 -10.65 10.58 -10.59
C TYR A 62 -9.51 9.76 -10.01
N LEU A 63 -8.32 9.91 -10.59
CA LEU A 63 -7.14 9.20 -10.13
C LEU A 63 -6.11 10.16 -9.56
N LYS A 64 -5.32 9.67 -8.60
CA LYS A 64 -4.28 10.49 -7.96
C LYS A 64 -2.90 9.85 -8.16
N THR A 65 -1.87 10.68 -8.05
CA THR A 65 -0.50 10.21 -8.21
C THR A 65 0.37 10.64 -7.04
N GLU A 66 1.37 9.82 -6.72
CA GLU A 66 2.27 10.13 -5.62
C GLU A 66 3.69 9.67 -5.94
N VAL A 67 4.68 10.43 -5.46
CA VAL A 67 6.09 10.10 -5.70
C VAL A 67 6.88 10.14 -4.40
N MET A 68 7.24 8.96 -3.89
CA MET A 68 8.00 8.86 -2.66
C MET A 68 9.34 8.16 -2.91
N THR A 69 10.36 8.56 -2.17
CA THR A 69 11.68 7.97 -2.30
C THR A 69 11.94 6.92 -1.22
N GLU A 70 12.72 5.90 -1.57
CA GLU A 70 13.03 4.82 -0.63
C GLU A 70 14.54 4.76 -0.37
N TYR A 71 14.92 4.89 0.90
CA TYR A 71 16.32 4.84 1.28
C TYR A 71 16.56 3.79 2.36
N ASN A 72 17.71 3.14 2.30
CA ASN A 72 18.07 2.12 3.29
C ASN A 72 19.34 2.49 4.03
N THR A 73 19.23 3.42 4.97
CA THR A 73 20.38 3.87 5.75
C THR A 73 21.57 4.14 4.87
N ASP A 74 21.40 5.04 3.90
CA ASP A 74 22.47 5.40 2.98
C ASP A 74 22.02 6.49 2.01
N ASN A 75 22.84 6.75 0.99
CA ASN A 75 22.52 7.76 0.00
C ASN A 75 21.19 7.47 -0.67
N THR A 76 20.85 8.27 -1.68
CA THR A 76 19.60 8.10 -2.42
C THR A 76 19.56 6.75 -3.12
N PHE A 77 18.98 5.76 -2.45
CA PHE A 77 18.87 4.41 -3.00
C PHE A 77 18.08 4.43 -4.30
N ARG A 78 16.79 4.71 -4.21
CA ARG A 78 15.93 4.75 -5.39
C ARG A 78 14.58 5.39 -5.05
N VAL A 79 13.86 5.80 -6.08
CA VAL A 79 12.55 6.43 -5.89
C VAL A 79 11.45 5.59 -6.53
N THR A 80 10.33 5.45 -5.83
CA THR A 80 9.20 4.69 -6.32
C THR A 80 7.96 5.56 -6.46
N VAL A 81 7.18 5.31 -7.51
CA VAL A 81 5.96 6.07 -7.74
C VAL A 81 4.73 5.17 -7.74
N VAL A 82 3.67 5.61 -7.08
CA VAL A 82 2.44 4.84 -7.00
C VAL A 82 1.27 5.62 -7.60
N THR A 83 0.48 4.94 -8.42
CA THR A 83 -0.68 5.57 -9.07
C THR A 83 -1.96 4.80 -8.74
N GLU A 84 -2.95 5.53 -8.23
CA GLU A 84 -4.24 4.92 -7.88
C GLU A 84 -5.39 5.71 -8.49
N GLY A 85 -6.48 5.01 -8.78
CA GLY A 85 -7.65 5.66 -9.36
C GLY A 85 -8.90 4.83 -9.20
N ARG A 86 -9.90 5.10 -10.05
CA ARG A 86 -11.16 4.39 -10.00
C ARG A 86 -11.45 3.71 -11.34
N TYR A 87 -11.65 2.40 -11.32
CA TYR A 87 -11.94 1.64 -12.52
C TYR A 87 -13.25 0.88 -12.39
N PRO A 88 -14.05 0.88 -13.46
CA PRO A 88 -15.34 0.19 -13.49
C PRO A 88 -15.18 -1.33 -13.50
N VAL A 89 -16.28 -2.03 -13.25
CA VAL A 89 -16.27 -3.49 -13.23
C VAL A 89 -17.66 -4.05 -12.96
N ASP A 90 -17.76 -5.38 -12.92
CA ASP A 90 -19.05 -6.04 -12.67
C ASP A 90 -19.75 -5.41 -11.47
N PRO A 91 -21.04 -5.76 -11.30
CA PRO A 91 -21.85 -5.24 -10.20
C PRO A 91 -21.43 -5.82 -8.85
N ASN A 92 -21.39 -4.95 -7.84
CA ASN A 92 -20.99 -5.37 -6.49
C ASN A 92 -19.48 -5.58 -6.41
N LEU A 93 -18.75 -4.99 -7.35
CA LEU A 93 -17.30 -5.12 -7.39
C LEU A 93 -16.64 -3.79 -7.74
N GLU A 94 -15.33 -3.72 -7.58
CA GLU A 94 -14.58 -2.51 -7.88
C GLU A 94 -13.17 -2.83 -8.34
N LEU A 95 -12.68 -2.08 -9.32
CA LEU A 95 -11.33 -2.30 -9.84
C LEU A 95 -10.46 -1.07 -9.62
N PHE A 96 -9.31 -1.27 -8.99
CA PHE A 96 -8.37 -0.18 -8.73
C PHE A 96 -7.12 -0.31 -9.57
N PRO A 97 -6.83 0.72 -10.39
CA PRO A 97 -5.66 0.74 -11.26
C PRO A 97 -4.35 0.87 -10.48
N GLY A 98 -3.61 -0.22 -10.40
CA GLY A 98 -2.35 -0.21 -9.68
C GLY A 98 -1.16 0.02 -10.60
N GLY A 99 -0.62 1.24 -10.57
CA GLY A 99 0.51 1.56 -11.41
C GLY A 99 1.76 1.87 -10.61
N TRP A 100 2.73 0.97 -10.65
CA TRP A 100 3.98 1.15 -9.91
C TRP A 100 5.13 1.46 -10.87
N TYR A 101 5.99 2.40 -10.47
CA TYR A 101 7.13 2.79 -11.29
C TYR A 101 8.39 2.94 -10.44
N THR A 102 9.48 2.35 -10.90
CA THR A 102 10.75 2.41 -10.18
C THR A 102 11.77 3.24 -10.94
N TRP A 103 12.07 4.42 -10.41
CA TRP A 103 13.04 5.32 -11.05
C TRP A 103 14.37 5.29 -10.31
N ASN A 104 15.46 5.50 -11.05
CA ASN A 104 16.80 5.49 -10.46
C ASN A 104 17.76 6.32 -11.30
N ASN A 105 18.89 6.71 -10.70
CA ASN A 105 19.89 7.50 -11.40
C ASN A 105 20.73 6.63 -12.32
N SER A 106 21.09 5.44 -11.84
CA SER A 106 21.89 4.51 -12.63
C SER A 106 21.00 3.49 -13.34
N SER A 107 20.07 2.91 -12.60
CA SER A 107 19.16 1.91 -13.15
C SER A 107 18.18 2.55 -14.13
N LEU A 108 17.65 1.74 -15.03
CA LEU A 108 16.69 2.23 -16.02
C LEU A 108 15.27 2.21 -15.47
N ASN A 109 14.52 3.26 -15.75
CA ASN A 109 13.14 3.38 -15.27
C ASN A 109 12.34 2.13 -15.66
N LYS A 110 11.48 1.68 -14.75
CA LYS A 110 10.65 0.51 -14.99
C LYS A 110 9.23 0.74 -14.49
N GLY A 111 8.27 0.04 -15.09
CA GLY A 111 6.89 0.18 -14.69
C GLY A 111 6.24 -1.16 -14.35
N ALA A 112 6.16 -1.47 -13.06
CA ALA A 112 5.57 -2.71 -12.61
C ALA A 112 4.05 -2.60 -12.54
N PRO A 113 3.36 -3.42 -13.35
CA PRO A 113 1.89 -3.43 -13.40
C PRO A 113 1.28 -4.01 -12.13
N TYR A 114 0.12 -3.49 -11.73
CA TYR A 114 -0.57 -3.94 -10.54
C TYR A 114 -2.08 -3.82 -10.69
N THR A 115 -2.80 -4.88 -10.35
CA THR A 115 -4.25 -4.89 -10.45
C THR A 115 -4.90 -5.13 -9.09
N ARG A 116 -5.80 -4.25 -8.70
CA ARG A 116 -6.49 -4.37 -7.42
C ARG A 116 -7.99 -4.56 -7.64
N ALA A 117 -8.58 -5.48 -6.87
CA ALA A 117 -10.00 -5.76 -6.97
C ALA A 117 -10.67 -5.73 -5.61
N GLU A 118 -11.58 -4.78 -5.41
CA GLU A 118 -12.29 -4.64 -4.15
C GLU A 118 -13.64 -5.35 -4.20
N TYR A 119 -13.97 -6.07 -3.13
CA TYR A 119 -15.24 -6.79 -3.06
C TYR A 119 -16.04 -6.35 -1.84
N LYS A 120 -17.17 -5.69 -2.09
CA LYS A 120 -18.03 -5.21 -1.03
C LYS A 120 -19.17 -6.19 -0.77
N LEU A 121 -18.85 -7.28 -0.06
CA LEU A 121 -19.84 -8.30 0.26
C LEU A 121 -20.72 -7.86 1.42
N THR A 122 -20.14 -7.09 2.33
CA THR A 122 -20.87 -6.59 3.50
C THR A 122 -20.44 -5.18 3.86
N PRO A 123 -21.28 -4.47 4.63
CA PRO A 123 -21.01 -3.10 5.05
C PRO A 123 -19.88 -3.03 6.08
N ASP A 124 -19.74 -4.08 6.87
CA ASP A 124 -18.70 -4.15 7.88
C ASP A 124 -17.46 -4.87 7.36
N LEU A 125 -17.64 -6.15 7.01
CA LEU A 125 -16.54 -6.95 6.49
C LEU A 125 -16.29 -6.66 5.02
N LYS A 126 -15.02 -6.56 4.64
CA LYS A 126 -14.65 -6.29 3.26
C LYS A 126 -13.55 -7.24 2.79
N LEU A 127 -13.49 -7.45 1.48
CA LEU A 127 -12.47 -8.34 0.91
C LEU A 127 -11.71 -7.64 -0.21
N LEU A 128 -10.40 -7.56 -0.05
CA LEU A 128 -9.55 -6.91 -1.06
C LEU A 128 -8.59 -7.93 -1.70
N SER A 129 -8.82 -8.20 -2.98
CA SER A 129 -7.98 -9.15 -3.70
C SER A 129 -7.27 -8.47 -4.87
N GLN A 130 -5.94 -8.55 -4.88
CA GLN A 130 -5.15 -7.94 -5.92
C GLN A 130 -4.19 -8.95 -6.55
N VAL A 131 -3.87 -8.76 -7.82
CA VAL A 131 -2.98 -9.67 -8.54
C VAL A 131 -1.82 -8.90 -9.17
N VAL A 132 -0.61 -9.40 -8.97
CA VAL A 132 0.59 -8.76 -9.52
C VAL A 132 1.31 -9.70 -10.48
N TYR A 133 1.26 -9.37 -11.77
CA TYR A 133 1.92 -10.19 -12.78
C TYR A 133 3.16 -9.49 -13.32
N ASN A 134 4.23 -10.27 -13.52
CA ASN A 134 5.48 -9.73 -14.03
C ASN A 134 5.79 -10.28 -15.41
N THR A 135 5.47 -11.56 -15.62
CA THR A 135 5.73 -12.21 -16.90
C THR A 135 4.48 -12.95 -17.39
N ASP A 136 4.52 -13.39 -18.65
CA ASP A 136 3.40 -14.12 -19.23
C ASP A 136 2.98 -15.28 -18.33
N ASN A 137 3.96 -15.92 -17.70
CA ASN A 137 3.69 -17.04 -16.82
C ASN A 137 2.76 -16.64 -15.69
N THR A 138 2.43 -17.60 -14.83
CA THR A 138 1.54 -17.34 -13.69
C THR A 138 2.02 -16.15 -12.87
N PHE A 139 1.10 -15.51 -12.17
CA PHE A 139 1.44 -14.35 -11.34
C PHE A 139 1.14 -14.64 -9.87
N LYS A 140 1.43 -13.65 -9.02
CA LYS A 140 1.20 -13.79 -7.59
C LYS A 140 -0.23 -13.37 -7.22
N PHE A 141 -0.87 -14.15 -6.36
CA PHE A 141 -2.23 -13.85 -5.93
C PHE A 141 -2.26 -13.52 -4.43
N ASP A 142 -2.78 -12.35 -4.11
CA ASP A 142 -2.87 -11.91 -2.72
C ASP A 142 -4.33 -11.64 -2.33
N THR A 143 -4.79 -12.32 -1.28
CA THR A 143 -6.16 -12.15 -0.81
C THR A 143 -6.20 -11.36 0.49
N GLY A 144 -7.21 -10.51 0.63
CA GLY A 144 -7.34 -9.71 1.84
C GLY A 144 -8.73 -9.77 2.42
N LEU A 145 -8.82 -9.98 3.73
CA LEU A 145 -10.10 -10.07 4.42
C LEU A 145 -10.03 -9.42 5.80
N GLU A 146 -11.04 -8.63 6.13
CA GLU A 146 -11.09 -7.95 7.41
C GLU A 146 -12.21 -6.91 7.44
N TYR A 147 -12.11 -5.96 8.37
CA TYR A 147 -13.11 -4.91 8.50
C TYR A 147 -12.45 -3.56 8.76
N LYS A 148 -12.92 -2.54 8.06
CA LYS A 148 -12.38 -1.19 8.23
C LYS A 148 -13.38 -0.28 8.94
N LEU A 149 -12.95 0.94 9.23
CA LEU A 149 -13.81 1.91 9.91
C LEU A 149 -13.60 3.31 9.36
N SER A 150 -14.68 4.08 9.29
CA SER A 150 -14.61 5.44 8.78
C SER A 150 -13.59 6.27 9.57
N PRO A 151 -13.82 6.39 10.89
CA PRO A 151 -12.92 7.14 11.77
C PRO A 151 -11.57 6.45 11.97
N ASN A 152 -11.51 5.53 12.93
CA ASN A 152 -10.28 4.81 13.21
C ASN A 152 -10.59 3.40 13.72
N LEU A 153 -9.57 2.73 14.24
CA LEU A 153 -9.73 1.37 14.77
C LEU A 153 -10.05 0.39 13.65
N LYS A 154 -9.30 0.47 12.56
CA LYS A 154 -9.50 -0.41 11.41
C LYS A 154 -8.36 -1.42 11.29
N VAL A 155 -8.71 -2.64 10.90
CA VAL A 155 -7.71 -3.69 10.74
C VAL A 155 -7.94 -4.47 9.44
N LYS A 156 -6.85 -4.72 8.72
CA LYS A 156 -6.92 -5.46 7.45
C LYS A 156 -5.89 -6.58 7.42
N PHE A 157 -6.35 -7.79 7.11
CA PHE A 157 -5.47 -8.94 7.03
C PHE A 157 -5.05 -9.22 5.59
N GLU A 158 -3.76 -9.15 5.33
CA GLU A 158 -3.22 -9.40 3.99
C GLU A 158 -2.54 -10.76 3.91
N TYR A 159 -2.91 -11.54 2.90
CA TYR A 159 -2.33 -12.87 2.71
C TYR A 159 -1.66 -12.99 1.36
N GLY A 160 -0.36 -13.30 1.37
CA GLY A 160 0.38 -13.44 0.13
C GLY A 160 0.63 -14.89 -0.24
N TRP A 161 0.13 -15.29 -1.40
CA TRP A 161 0.31 -16.67 -1.87
C TRP A 161 0.66 -16.70 -3.36
N ASN A 162 1.72 -17.43 -3.69
CA ASN A 162 2.16 -17.54 -5.07
C ASN A 162 2.77 -18.92 -5.34
N ASN A 163 1.98 -19.79 -5.99
CA ASN A 163 2.45 -21.13 -6.30
C ASN A 163 2.98 -21.83 -5.06
N SER A 164 2.35 -21.56 -3.91
CA SER A 164 2.77 -22.17 -2.66
C SER A 164 4.26 -21.97 -2.43
N SER A 165 4.77 -20.81 -2.84
CA SER A 165 6.19 -20.50 -2.69
C SER A 165 6.51 -20.11 -1.25
N LEU A 166 5.95 -18.99 -0.81
CA LEU A 166 6.18 -18.50 0.54
C LEU A 166 4.94 -17.78 1.08
N ASN A 167 4.20 -18.46 1.96
CA ASN A 167 3.00 -17.88 2.55
C ASN A 167 3.35 -16.78 3.54
N GLU A 168 2.93 -15.55 3.22
CA GLU A 168 3.20 -14.42 4.08
C GLU A 168 1.90 -13.82 4.63
N PHE A 169 1.79 -13.77 5.95
CA PHE A 169 0.59 -13.24 6.60
C PHE A 169 0.94 -12.02 7.45
N THR A 170 0.49 -10.86 7.02
CA THR A 170 0.75 -9.62 7.75
C THR A 170 -0.54 -9.02 8.28
N VAL A 171 -0.44 -8.39 9.46
CA VAL A 171 -1.61 -7.76 10.08
C VAL A 171 -1.42 -6.25 10.21
N GLN A 172 -2.16 -5.50 9.40
CA GLN A 172 -2.06 -4.05 9.42
C GLN A 172 -3.07 -3.46 10.40
N PHE A 173 -2.60 -2.56 11.26
CA PHE A 173 -3.46 -1.93 12.25
C PHE A 173 -3.39 -0.41 12.14
N GLU A 174 -4.44 0.18 11.57
CA GLU A 174 -4.50 1.63 11.40
C GLU A 174 -5.36 2.27 12.49
N TYR A 175 -4.79 3.27 13.16
CA TYR A 175 -5.49 3.97 14.23
C TYR A 175 -5.18 5.46 14.20
N ASP A 176 -5.95 6.23 14.96
CA ASP A 176 -5.75 7.67 15.03
C ASP A 176 -4.37 8.00 15.56
N LEU A 177 -3.59 8.73 14.77
CA LEU A 177 -2.23 9.11 15.15
C LEU A 177 -2.25 10.32 16.08
N SER A 178 -1.52 10.23 17.19
CA SER A 178 -1.46 11.31 18.16
C SER A 178 -0.12 12.05 18.07
N SER A 179 -0.18 13.38 18.05
CA SER A 179 1.03 14.19 17.97
C SER A 179 1.16 15.10 19.18
N GLN A 1 -14.01 18.46 4.17
CA GLN A 1 -14.86 17.71 5.09
C GLN A 1 -14.08 17.30 6.34
N ASP A 2 -12.82 16.94 6.15
CA ASP A 2 -11.97 16.53 7.25
C ASP A 2 -11.38 17.74 7.97
N LYS A 3 -10.68 17.48 9.07
CA LYS A 3 -10.07 18.56 9.84
C LYS A 3 -8.56 18.56 9.67
N PRO A 4 -7.98 19.76 9.53
CA PRO A 4 -6.54 19.93 9.34
C PRO A 4 -5.75 19.61 10.62
N GLY A 5 -4.52 19.12 10.44
CA GLY A 5 -3.69 18.78 11.58
C GLY A 5 -3.77 17.32 11.93
N SER A 6 -4.91 16.70 11.66
CA SER A 6 -5.11 15.28 11.96
C SER A 6 -4.18 14.42 11.11
N ALA A 7 -3.61 13.40 11.74
CA ALA A 7 -2.70 12.49 11.05
C ALA A 7 -2.96 11.05 11.45
N LYS A 8 -2.38 10.12 10.69
CA LYS A 8 -2.54 8.69 10.97
C LYS A 8 -1.19 8.01 11.10
N ALA A 9 -0.98 7.32 12.22
CA ALA A 9 0.27 6.62 12.47
C ALA A 9 0.04 5.11 12.56
N GLY A 10 0.88 4.35 11.87
CA GLY A 10 0.74 2.90 11.90
C GLY A 10 1.99 2.20 11.40
N GLY A 11 1.81 1.14 10.62
CA GLY A 11 2.95 0.40 10.10
C GLY A 11 2.55 -0.95 9.54
N TRP A 12 3.40 -1.51 8.68
CA TRP A 12 3.12 -2.81 8.07
C TRP A 12 4.01 -3.89 8.65
N THR A 13 3.40 -5.00 9.06
CA THR A 13 4.14 -6.11 9.66
C THR A 13 3.92 -7.39 8.86
N THR A 14 4.99 -7.88 8.24
CA THR A 14 4.93 -9.10 7.44
C THR A 14 5.37 -10.31 8.25
N TYR A 15 4.62 -11.40 8.16
CA TYR A 15 4.94 -12.62 8.88
C TYR A 15 5.04 -13.81 7.93
N ASN A 16 5.98 -14.71 8.21
CA ASN A 16 6.18 -15.89 7.39
C ASN A 16 5.73 -17.15 8.11
N THR A 17 5.83 -18.29 7.42
CA THR A 17 5.43 -19.56 8.01
C THR A 17 6.11 -19.79 9.35
N ASP A 18 7.37 -19.36 9.45
CA ASP A 18 8.14 -19.51 10.68
C ASP A 18 7.96 -18.30 11.58
N ASN A 19 8.41 -18.43 12.82
CA ASN A 19 8.30 -17.35 13.79
C ASN A 19 9.24 -16.19 13.43
N THR A 20 8.66 -15.11 12.92
CA THR A 20 9.44 -13.93 12.54
C THR A 20 8.53 -12.74 12.25
N PHE A 21 9.11 -11.54 12.28
CA PHE A 21 8.36 -10.33 12.02
C PHE A 21 9.26 -9.25 11.42
N LYS A 22 8.91 -8.81 10.21
CA LYS A 22 9.69 -7.77 9.54
C LYS A 22 8.77 -6.84 8.75
N GLY A 23 9.19 -5.58 8.65
CA GLY A 23 8.39 -4.60 7.92
C GLY A 23 8.85 -3.18 8.17
N GLY A 24 8.03 -2.40 8.87
CA GLY A 24 8.38 -1.02 9.16
C GLY A 24 7.18 -0.19 9.57
N SER A 25 7.42 1.08 9.87
CA SER A 25 6.34 1.98 10.28
C SER A 25 5.94 2.90 9.13
N TYR A 26 4.66 3.27 9.11
CA TYR A 26 4.14 4.15 8.06
C TYR A 26 3.07 5.08 8.62
N ALA A 27 3.19 6.36 8.28
CA ALA A 27 2.24 7.37 8.75
C ALA A 27 1.97 8.41 7.67
N LYS A 28 0.74 8.92 7.64
CA LYS A 28 0.35 9.92 6.66
C LYS A 28 -0.19 11.17 7.35
N TYR A 29 0.45 12.30 7.09
CA TYR A 29 0.04 13.57 7.69
C TYR A 29 -0.87 14.35 6.74
N VAL A 30 -2.09 14.61 7.18
CA VAL A 30 -3.06 15.35 6.37
C VAL A 30 -3.28 16.75 6.92
N LEU A 31 -2.70 17.75 6.26
CA LEU A 31 -2.84 19.14 6.69
C LEU A 31 -3.87 19.87 5.83
N SER A 32 -3.86 19.57 4.53
CA SER A 32 -4.79 20.21 3.60
C SER A 32 -5.10 19.28 2.43
N PRO A 33 -6.22 19.56 1.74
CA PRO A 33 -6.65 18.76 0.59
C PRO A 33 -5.74 18.95 -0.62
N ASN A 34 -5.14 20.13 -0.73
CA ASN A 34 -4.24 20.44 -1.84
C ASN A 34 -3.20 19.34 -2.02
N LEU A 35 -2.60 18.91 -0.91
CA LEU A 35 -1.58 17.87 -0.95
C LEU A 35 -1.33 17.31 0.45
N ALA A 36 -0.93 16.05 0.52
CA ALA A 36 -0.64 15.41 1.80
C ALA A 36 0.75 14.79 1.80
N LEU A 37 1.31 14.61 2.98
CA LEU A 37 2.65 14.04 3.13
C LEU A 37 2.59 12.71 3.88
N LYS A 38 3.53 11.83 3.59
CA LYS A 38 3.59 10.53 4.23
C LYS A 38 5.03 10.15 4.57
N GLY A 39 5.20 9.26 5.55
CA GLY A 39 6.52 8.83 5.96
C GLY A 39 6.62 7.34 6.14
N GLU A 40 7.71 6.75 5.65
CA GLU A 40 7.91 5.31 5.76
C GLU A 40 9.28 5.00 6.37
N TYR A 41 9.38 3.86 7.03
CA TYR A 41 10.64 3.45 7.65
C TYR A 41 10.72 1.93 7.77
N GLU A 42 11.27 1.30 6.74
CA GLU A 42 11.41 -0.15 6.72
C GLU A 42 12.42 -0.62 7.75
N TRP A 43 11.93 -1.24 8.83
CA TRP A 43 12.79 -1.74 9.89
C TRP A 43 12.46 -3.17 10.24
N ASN A 44 13.12 -3.70 11.26
CA ASN A 44 12.90 -5.08 11.68
C ASN A 44 13.19 -6.06 10.56
N ASN A 45 14.19 -5.74 9.74
CA ASN A 45 14.57 -6.60 8.62
C ASN A 45 16.02 -7.05 8.75
N SER A 46 16.40 -8.04 7.94
CA SER A 46 17.75 -8.57 7.97
C SER A 46 18.78 -7.47 7.78
N SER A 47 18.65 -6.73 6.68
CA SER A 47 19.56 -5.63 6.38
C SER A 47 19.03 -4.76 5.25
N LEU A 48 19.79 -3.75 4.87
CA LEU A 48 19.39 -2.84 3.80
C LEU A 48 18.02 -2.25 4.08
N ASN A 49 17.85 -1.67 5.27
CA ASN A 49 16.59 -1.06 5.66
C ASN A 49 16.24 0.11 4.76
N SER A 50 15.10 0.75 5.01
CA SER A 50 14.66 1.88 4.21
C SER A 50 14.04 2.95 5.10
N PHE A 51 14.00 4.18 4.58
CA PHE A 51 13.44 5.30 5.33
C PHE A 51 13.37 6.56 4.45
N LYS A 52 12.25 7.26 4.54
CA LYS A 52 12.05 8.48 3.76
C LYS A 52 10.63 9.00 3.91
N ALA A 53 10.13 9.65 2.85
CA ALA A 53 8.78 10.19 2.87
C ALA A 53 8.18 10.21 1.46
N GLY A 54 6.89 10.50 1.38
CA GLY A 54 6.22 10.55 0.09
C GLY A 54 5.30 11.75 -0.04
N ALA A 55 4.77 11.95 -1.24
CA ALA A 55 3.86 13.07 -1.49
C ALA A 55 2.59 12.60 -2.18
N GLU A 56 1.45 13.16 -1.78
CA GLU A 56 0.17 12.80 -2.36
C GLU A 56 -0.46 13.98 -3.08
N TYR A 57 -0.67 13.84 -4.39
CA TYR A 57 -1.27 14.90 -5.19
C TYR A 57 -2.58 14.44 -5.81
N VAL A 58 -3.59 15.30 -5.75
CA VAL A 58 -4.90 14.99 -6.30
C VAL A 58 -5.06 15.58 -7.70
N ALA A 59 -4.64 14.83 -8.71
CA ALA A 59 -4.73 15.28 -10.10
C ALA A 59 -6.19 15.36 -10.55
N THR A 60 -6.94 14.30 -10.27
CA THR A 60 -8.35 14.25 -10.64
C THR A 60 -9.20 13.73 -9.50
N PRO A 61 -10.52 14.01 -9.57
CA PRO A 61 -11.48 13.57 -8.54
C PRO A 61 -11.70 12.06 -8.56
N TYR A 62 -11.54 11.46 -9.73
CA TYR A 62 -11.73 10.02 -9.88
C TYR A 62 -10.52 9.26 -9.35
N LEU A 63 -9.37 9.48 -9.98
CA LEU A 63 -8.13 8.81 -9.58
C LEU A 63 -7.12 9.82 -9.04
N LYS A 64 -6.30 9.38 -8.10
CA LYS A 64 -5.29 10.24 -7.49
C LYS A 64 -3.89 9.68 -7.73
N THR A 65 -2.89 10.55 -7.70
CA THR A 65 -1.51 10.14 -7.91
C THR A 65 -0.61 10.63 -6.77
N GLU A 66 0.10 9.71 -6.15
CA GLU A 66 0.99 10.06 -5.04
C GLU A 66 2.40 9.52 -5.30
N VAL A 67 3.37 10.42 -5.33
CA VAL A 67 4.76 10.04 -5.56
C VAL A 67 5.49 9.78 -4.25
N MET A 68 5.82 8.52 -3.99
CA MET A 68 6.52 8.14 -2.77
C MET A 68 8.01 7.94 -3.04
N THR A 69 8.84 8.69 -2.32
CA THR A 69 10.29 8.59 -2.48
C THR A 69 10.93 7.95 -1.26
N GLU A 70 11.50 6.76 -1.46
CA GLU A 70 12.16 6.03 -0.38
C GLU A 70 13.66 5.98 -0.58
N TYR A 71 14.42 5.95 0.51
CA TYR A 71 15.87 5.89 0.44
C TYR A 71 16.40 4.67 1.18
N ASN A 72 17.55 4.17 0.73
CA ASN A 72 18.17 3.01 1.35
C ASN A 72 19.55 3.35 1.90
N THR A 73 20.24 2.34 2.43
CA THR A 73 21.57 2.54 3.00
C THR A 73 22.54 3.07 1.94
N ASP A 74 22.56 2.43 0.78
CA ASP A 74 23.43 2.86 -0.30
C ASP A 74 23.18 4.31 -0.68
N ASN A 75 23.98 4.83 -1.61
CA ASN A 75 23.84 6.21 -2.06
C ASN A 75 22.96 6.29 -3.30
N THR A 76 21.83 5.60 -3.26
CA THR A 76 20.90 5.60 -4.39
C THR A 76 19.52 6.08 -3.97
N PHE A 77 18.67 6.40 -4.95
CA PHE A 77 17.33 6.88 -4.68
C PHE A 77 16.30 6.00 -5.38
N ARG A 78 15.25 5.62 -4.64
CA ARG A 78 14.20 4.77 -5.19
C ARG A 78 12.90 5.57 -5.35
N VAL A 79 12.46 5.72 -6.60
CA VAL A 79 11.24 6.45 -6.89
C VAL A 79 10.06 5.51 -7.07
N THR A 80 9.16 5.49 -6.10
CA THR A 80 7.98 4.63 -6.15
C THR A 80 6.70 5.45 -6.13
N VAL A 81 5.96 5.41 -7.22
CA VAL A 81 4.71 6.15 -7.33
C VAL A 81 3.52 5.21 -7.47
N VAL A 82 2.47 5.46 -6.68
CA VAL A 82 1.28 4.63 -6.72
C VAL A 82 0.06 5.45 -7.15
N THR A 83 -0.75 4.87 -8.03
CA THR A 83 -1.96 5.54 -8.51
C THR A 83 -3.20 4.70 -8.23
N GLU A 84 -4.24 5.36 -7.70
CA GLU A 84 -5.49 4.67 -7.39
C GLU A 84 -6.68 5.42 -7.99
N GLY A 85 -7.73 4.67 -8.31
CA GLY A 85 -8.92 5.28 -8.88
C GLY A 85 -10.08 4.32 -8.96
N ARG A 86 -11.29 4.86 -9.06
CA ARG A 86 -12.50 4.04 -9.14
C ARG A 86 -12.85 3.72 -10.59
N TYR A 87 -12.84 2.43 -10.92
CA TYR A 87 -13.15 2.00 -12.28
C TYR A 87 -14.29 0.98 -12.27
N PRO A 88 -15.29 1.21 -13.14
CA PRO A 88 -16.46 0.34 -13.26
C PRO A 88 -16.11 -1.02 -13.86
N VAL A 89 -17.00 -1.99 -13.71
CA VAL A 89 -16.79 -3.33 -14.25
C VAL A 89 -18.09 -3.93 -14.73
N ASP A 90 -17.99 -5.06 -15.45
CA ASP A 90 -19.17 -5.75 -15.97
C ASP A 90 -20.19 -5.99 -14.87
N PRO A 91 -19.77 -6.74 -13.83
CA PRO A 91 -20.63 -7.06 -12.70
C PRO A 91 -20.93 -5.85 -11.83
N ASN A 92 -20.32 -4.72 -12.16
CA ASN A 92 -20.53 -3.49 -11.41
C ASN A 92 -19.94 -3.59 -10.01
N LEU A 93 -18.63 -3.43 -9.91
CA LEU A 93 -17.94 -3.51 -8.62
C LEU A 93 -16.92 -2.38 -8.49
N GLU A 94 -16.12 -2.45 -7.41
CA GLU A 94 -15.11 -1.43 -7.16
C GLU A 94 -13.74 -1.91 -7.65
N LEU A 95 -13.48 -1.70 -8.94
CA LEU A 95 -12.21 -2.11 -9.53
C LEU A 95 -11.28 -0.91 -9.69
N PHE A 96 -10.13 -0.97 -9.01
CA PHE A 96 -9.15 0.12 -9.07
C PHE A 96 -7.90 -0.33 -9.82
N PRO A 97 -7.56 0.40 -10.90
CA PRO A 97 -6.38 0.09 -11.72
C PRO A 97 -5.08 0.39 -10.99
N GLY A 98 -4.60 -0.60 -10.23
CA GLY A 98 -3.35 -0.43 -9.50
C GLY A 98 -2.20 -0.01 -10.38
N GLY A 99 -1.81 1.26 -10.27
CA GLY A 99 -0.72 1.77 -11.08
C GLY A 99 0.54 2.05 -10.27
N TRP A 100 1.51 1.15 -10.34
CA TRP A 100 2.75 1.31 -9.61
C TRP A 100 3.90 1.66 -10.54
N TYR A 101 4.68 2.67 -10.17
CA TYR A 101 5.81 3.12 -10.97
C TYR A 101 7.09 3.12 -10.15
N THR A 102 8.02 2.26 -10.53
CA THR A 102 9.30 2.15 -9.83
C THR A 102 10.47 2.54 -10.74
N TRP A 103 11.24 3.52 -10.31
CA TRP A 103 12.39 3.99 -11.09
C TRP A 103 13.69 3.83 -10.30
N ASN A 104 14.71 3.32 -10.97
CA ASN A 104 16.01 3.11 -10.33
C ASN A 104 17.15 3.26 -11.34
N ASN A 105 18.38 3.09 -10.87
CA ASN A 105 19.55 3.20 -11.73
C ASN A 105 20.13 1.83 -12.04
N SER A 106 20.22 0.99 -11.03
CA SER A 106 20.77 -0.36 -11.20
C SER A 106 19.65 -1.40 -11.18
N SER A 107 18.60 -1.12 -10.41
CA SER A 107 17.47 -2.03 -10.30
C SER A 107 16.70 -2.11 -11.62
N LEU A 108 17.01 -1.19 -12.54
CA LEU A 108 16.35 -1.14 -13.83
C LEU A 108 14.86 -1.38 -13.69
N ASN A 109 14.27 -0.84 -12.62
CA ASN A 109 12.84 -0.99 -12.37
C ASN A 109 12.03 -0.37 -13.51
N LYS A 110 10.72 -0.26 -13.29
CA LYS A 110 9.83 0.32 -14.28
C LYS A 110 8.39 0.36 -13.77
N GLY A 111 7.45 0.64 -14.67
CA GLY A 111 6.05 0.70 -14.28
C GLY A 111 5.46 -0.67 -14.04
N ALA A 112 5.34 -1.04 -12.77
CA ALA A 112 4.77 -2.33 -12.40
C ALA A 112 3.25 -2.28 -12.36
N PRO A 113 2.60 -3.10 -13.21
CA PRO A 113 1.15 -3.17 -13.28
C PRO A 113 0.52 -3.79 -12.05
N TYR A 114 -0.66 -3.32 -11.68
CA TYR A 114 -1.36 -3.83 -10.51
C TYR A 114 -2.87 -3.74 -10.69
N THR A 115 -3.58 -4.79 -10.28
CA THR A 115 -5.03 -4.84 -10.40
C THR A 115 -5.69 -5.23 -9.08
N ARG A 116 -6.38 -4.28 -8.47
CA ARG A 116 -7.05 -4.53 -7.20
C ARG A 116 -8.56 -4.31 -7.32
N ALA A 117 -9.34 -5.19 -6.70
CA ALA A 117 -10.79 -5.08 -6.74
C ALA A 117 -11.38 -5.10 -5.33
N GLU A 118 -12.57 -4.53 -5.19
CA GLU A 118 -13.25 -4.48 -3.90
C GLU A 118 -14.74 -4.73 -4.06
N TYR A 119 -15.36 -5.30 -3.03
CA TYR A 119 -16.79 -5.60 -3.05
C TYR A 119 -17.36 -5.60 -1.63
N LYS A 120 -18.69 -5.56 -1.54
CA LYS A 120 -19.37 -5.55 -0.25
C LYS A 120 -20.35 -6.71 -0.16
N LEU A 121 -19.83 -7.93 0.02
CA LEU A 121 -20.67 -9.11 0.12
C LEU A 121 -21.32 -9.20 1.51
N THR A 122 -21.03 -8.20 2.35
CA THR A 122 -21.59 -8.17 3.69
C THR A 122 -21.31 -6.83 4.37
N PRO A 123 -22.34 -6.26 5.00
CA PRO A 123 -22.23 -4.97 5.70
C PRO A 123 -21.39 -5.07 6.96
N ASP A 124 -20.13 -5.49 6.80
CA ASP A 124 -19.22 -5.62 7.92
C ASP A 124 -17.77 -5.68 7.45
N LEU A 125 -17.50 -6.56 6.48
CA LEU A 125 -16.16 -6.71 5.93
C LEU A 125 -16.15 -6.45 4.43
N LYS A 126 -15.11 -5.78 3.96
CA LYS A 126 -14.97 -5.47 2.53
C LYS A 126 -14.08 -6.49 1.84
N LEU A 127 -14.65 -7.19 0.87
CA LEU A 127 -13.89 -8.20 0.13
C LEU A 127 -12.93 -7.54 -0.86
N LEU A 128 -11.65 -7.49 -0.47
CA LEU A 128 -10.62 -6.89 -1.31
C LEU A 128 -9.75 -7.96 -1.95
N SER A 129 -9.44 -7.78 -3.23
CA SER A 129 -8.60 -8.73 -3.96
C SER A 129 -7.45 -8.02 -4.66
N GLN A 130 -6.24 -8.54 -4.47
CA GLN A 130 -5.06 -7.95 -5.09
C GLN A 130 -4.35 -8.96 -5.98
N VAL A 131 -4.39 -8.72 -7.29
CA VAL A 131 -3.75 -9.61 -8.25
C VAL A 131 -2.76 -8.85 -9.13
N VAL A 132 -1.59 -9.45 -9.33
CA VAL A 132 -0.56 -8.83 -10.15
C VAL A 132 -0.25 -9.68 -11.38
N TYR A 133 -0.69 -9.21 -12.54
CA TYR A 133 -0.48 -9.93 -13.80
C TYR A 133 0.48 -9.17 -14.70
N ASN A 134 1.27 -9.90 -15.48
CA ASN A 134 2.24 -9.28 -16.39
C ASN A 134 3.28 -8.48 -15.62
N THR A 135 3.73 -9.03 -14.50
CA THR A 135 4.73 -8.37 -13.67
C THR A 135 6.07 -9.11 -13.72
N ASP A 136 6.00 -10.43 -13.79
CA ASP A 136 7.21 -11.26 -13.85
C ASP A 136 6.93 -12.56 -14.60
N ASN A 137 7.93 -13.44 -14.64
CA ASN A 137 7.81 -14.71 -15.34
C ASN A 137 6.56 -15.45 -14.87
N THR A 138 6.25 -15.33 -13.59
CA THR A 138 5.07 -15.99 -13.02
C THR A 138 4.24 -15.02 -12.20
N PHE A 139 3.07 -14.67 -12.71
CA PHE A 139 2.17 -13.74 -12.02
C PHE A 139 1.91 -14.22 -10.60
N LYS A 140 1.39 -13.31 -9.77
CA LYS A 140 1.10 -13.63 -8.37
C LYS A 140 -0.34 -13.25 -8.03
N PHE A 141 -0.86 -13.83 -6.95
CA PHE A 141 -2.22 -13.54 -6.51
C PHE A 141 -2.30 -13.50 -4.99
N ASP A 142 -3.16 -12.62 -4.48
CA ASP A 142 -3.34 -12.47 -3.04
C ASP A 142 -4.68 -11.82 -2.72
N THR A 143 -5.28 -12.24 -1.60
CA THR A 143 -6.57 -11.70 -1.18
C THR A 143 -6.43 -10.88 0.09
N GLY A 144 -7.34 -9.92 0.27
CA GLY A 144 -7.31 -9.09 1.46
C GLY A 144 -8.69 -8.80 2.02
N LEU A 145 -8.76 -8.44 3.29
CA LEU A 145 -10.02 -8.14 3.93
C LEU A 145 -9.93 -6.87 4.76
N GLU A 146 -10.85 -5.94 4.52
CA GLU A 146 -10.87 -4.67 5.24
C GLU A 146 -11.83 -4.74 6.43
N TYR A 147 -11.31 -4.46 7.62
CA TYR A 147 -12.12 -4.49 8.83
C TYR A 147 -11.87 -3.24 9.68
N LYS A 148 -12.89 -2.82 10.42
CA LYS A 148 -12.79 -1.65 11.28
C LYS A 148 -12.53 -0.39 10.45
N LEU A 149 -13.41 -0.14 9.48
CA LEU A 149 -13.28 1.04 8.63
C LEU A 149 -13.32 2.32 9.44
N SER A 150 -13.99 2.25 10.60
CA SER A 150 -14.11 3.42 11.48
C SER A 150 -12.75 4.08 11.68
N PRO A 151 -12.78 5.35 12.11
CA PRO A 151 -11.56 6.13 12.35
C PRO A 151 -10.79 5.64 13.57
N ASN A 152 -11.49 4.94 14.47
CA ASN A 152 -10.87 4.41 15.67
C ASN A 152 -9.56 3.70 15.34
N LEU A 153 -9.63 2.72 14.45
CA LEU A 153 -8.45 1.97 14.05
C LEU A 153 -8.73 1.14 12.80
N LYS A 154 -7.78 1.15 11.86
CA LYS A 154 -7.91 0.41 10.62
C LYS A 154 -7.11 -0.89 10.66
N VAL A 155 -7.78 -2.01 10.42
CA VAL A 155 -7.13 -3.31 10.42
C VAL A 155 -7.40 -4.07 9.13
N LYS A 156 -6.36 -4.24 8.32
CA LYS A 156 -6.48 -4.95 7.05
C LYS A 156 -5.56 -6.16 7.02
N PHE A 157 -6.10 -7.30 6.60
CA PHE A 157 -5.32 -8.53 6.52
C PHE A 157 -5.26 -9.03 5.07
N GLU A 158 -4.05 -9.14 4.54
CA GLU A 158 -3.85 -9.61 3.18
C GLU A 158 -2.92 -10.82 3.15
N TYR A 159 -3.45 -11.96 2.72
CA TYR A 159 -2.66 -13.19 2.64
C TYR A 159 -2.64 -13.74 1.22
N GLY A 160 -1.47 -14.15 0.77
CA GLY A 160 -1.33 -14.69 -0.58
C GLY A 160 0.08 -15.13 -0.89
N TRP A 161 0.36 -15.36 -2.17
CA TRP A 161 1.69 -15.79 -2.59
C TRP A 161 1.84 -15.64 -4.10
N ASN A 162 3.06 -15.85 -4.59
CA ASN A 162 3.35 -15.74 -6.01
C ASN A 162 3.60 -17.11 -6.63
N ASN A 163 4.32 -17.96 -5.90
CA ASN A 163 4.63 -19.31 -6.37
C ASN A 163 3.99 -20.36 -5.48
N SER A 164 4.14 -21.62 -5.85
CA SER A 164 3.58 -22.73 -5.08
C SER A 164 4.63 -23.34 -4.16
N SER A 165 5.27 -22.49 -3.37
CA SER A 165 6.31 -22.96 -2.45
C SER A 165 5.93 -22.63 -1.01
N LEU A 166 5.75 -21.34 -0.73
CA LEU A 166 5.38 -20.89 0.61
C LEU A 166 4.33 -19.79 0.55
N ASN A 167 3.77 -19.43 1.71
CA ASN A 167 2.76 -18.39 1.78
C ASN A 167 3.25 -17.20 2.59
N GLU A 168 2.62 -16.06 2.40
CA GLU A 168 3.00 -14.84 3.12
C GLU A 168 1.77 -14.13 3.69
N PHE A 169 1.87 -13.72 4.94
CA PHE A 169 0.77 -13.04 5.60
C PHE A 169 1.17 -11.63 6.03
N THR A 170 0.46 -10.63 5.51
CA THR A 170 0.76 -9.24 5.83
C THR A 170 -0.36 -8.62 6.67
N VAL A 171 0.02 -7.87 7.70
CA VAL A 171 -0.94 -7.23 8.58
C VAL A 171 -0.79 -5.71 8.54
N GLN A 172 -1.77 -5.02 7.97
CA GLN A 172 -1.74 -3.57 7.87
C GLN A 172 -2.37 -2.93 9.11
N PHE A 173 -1.55 -2.25 9.89
CA PHE A 173 -2.02 -1.59 11.11
C PHE A 173 -1.94 -0.08 10.97
N GLU A 174 -3.09 0.58 11.02
CA GLU A 174 -3.15 2.03 10.90
C GLU A 174 -3.98 2.63 12.03
N TYR A 175 -3.49 3.74 12.59
CA TYR A 175 -4.20 4.41 13.68
C TYR A 175 -4.29 5.91 13.42
N ASP A 176 -5.18 6.57 14.14
CA ASP A 176 -5.38 8.02 13.99
C ASP A 176 -4.97 8.75 15.26
N LEU A 177 -4.06 9.71 15.11
CA LEU A 177 -3.59 10.49 16.25
C LEU A 177 -3.04 11.84 15.79
N SER A 178 -2.68 12.68 16.75
CA SER A 178 -2.15 14.01 16.46
C SER A 178 -0.65 13.93 16.13
N SER A 179 0.15 13.59 17.13
CA SER A 179 1.59 13.49 16.95
C SER A 179 2.23 12.72 18.10
N GLN A 1 -15.54 11.79 11.08
CA GLN A 1 -14.57 11.22 12.02
C GLN A 1 -13.21 11.89 11.86
N ASP A 2 -12.62 11.74 10.68
CA ASP A 2 -11.31 12.33 10.41
C ASP A 2 -11.42 13.85 10.29
N LYS A 3 -10.58 14.56 11.04
CA LYS A 3 -10.58 16.02 11.02
C LYS A 3 -9.28 16.55 10.41
N PRO A 4 -9.31 17.82 9.98
CA PRO A 4 -8.15 18.47 9.38
C PRO A 4 -7.04 18.75 10.39
N GLY A 5 -5.80 18.54 9.97
CA GLY A 5 -4.68 18.77 10.86
C GLY A 5 -4.21 17.50 11.55
N SER A 6 -5.14 16.58 11.79
CA SER A 6 -4.82 15.32 12.45
C SER A 6 -4.07 14.40 11.50
N ALA A 7 -3.42 13.38 12.06
CA ALA A 7 -2.67 12.42 11.28
C ALA A 7 -2.91 10.99 11.76
N LYS A 8 -2.48 10.02 10.97
CA LYS A 8 -2.67 8.61 11.31
C LYS A 8 -1.35 7.85 11.18
N ALA A 9 -1.05 7.01 12.15
CA ALA A 9 0.17 6.21 12.13
C ALA A 9 -0.04 4.85 12.77
N GLY A 10 0.85 3.91 12.48
CA GLY A 10 0.73 2.57 13.02
C GLY A 10 1.87 1.67 12.59
N GLY A 11 1.67 0.36 12.75
CA GLY A 11 2.69 -0.60 12.36
C GLY A 11 2.12 -1.76 11.56
N TRP A 12 2.98 -2.44 10.82
CA TRP A 12 2.56 -3.58 10.01
C TRP A 12 3.55 -4.73 10.14
N THR A 13 3.03 -5.92 10.42
CA THR A 13 3.86 -7.11 10.57
C THR A 13 3.63 -8.09 9.42
N THR A 14 4.73 -8.58 8.83
CA THR A 14 4.64 -9.52 7.72
C THR A 14 5.23 -10.87 8.12
N TYR A 15 4.44 -11.92 7.91
CA TYR A 15 4.88 -13.28 8.25
C TYR A 15 5.15 -14.09 6.99
N ASN A 16 6.11 -15.01 7.08
CA ASN A 16 6.46 -15.86 5.94
C ASN A 16 6.12 -17.32 6.23
N THR A 17 6.40 -17.75 7.45
CA THR A 17 6.13 -19.12 7.85
C THR A 17 5.26 -19.17 9.10
N ASP A 18 5.75 -18.57 10.17
CA ASP A 18 5.01 -18.54 11.44
C ASP A 18 5.32 -17.26 12.21
N ASN A 19 6.59 -17.06 12.54
CA ASN A 19 7.01 -15.88 13.28
C ASN A 19 7.23 -14.69 12.35
N THR A 20 7.06 -13.49 12.88
CA THR A 20 7.24 -12.27 12.10
C THR A 20 8.68 -12.13 11.63
N PHE A 21 8.84 -11.83 10.34
CA PHE A 21 10.17 -11.67 9.75
C PHE A 21 10.34 -10.26 9.18
N LYS A 22 9.27 -9.75 8.58
CA LYS A 22 9.30 -8.42 7.98
C LYS A 22 8.23 -7.52 8.61
N GLY A 23 8.30 -6.23 8.28
CA GLY A 23 7.33 -5.29 8.82
C GLY A 23 7.82 -3.85 8.77
N GLY A 24 7.27 -3.01 9.63
CA GLY A 24 7.68 -1.61 9.66
C GLY A 24 6.61 -0.71 10.24
N SER A 25 6.53 0.51 9.74
CA SER A 25 5.55 1.48 10.22
C SER A 25 4.98 2.30 9.06
N TYR A 26 3.71 2.64 9.15
CA TYR A 26 3.05 3.42 8.11
C TYR A 26 2.28 4.59 8.72
N ALA A 27 2.47 5.77 8.14
CA ALA A 27 1.79 6.98 8.62
C ALA A 27 1.38 7.88 7.46
N LYS A 28 0.26 8.57 7.62
CA LYS A 28 -0.25 9.47 6.58
C LYS A 28 -0.65 10.81 7.17
N TYR A 29 -0.02 11.88 6.69
CA TYR A 29 -0.31 13.22 7.17
C TYR A 29 -1.34 13.91 6.28
N VAL A 30 -2.41 14.40 6.89
CA VAL A 30 -3.46 15.10 6.15
C VAL A 30 -3.47 16.59 6.47
N LEU A 31 -3.32 17.40 5.43
CA LEU A 31 -3.32 18.85 5.59
C LEU A 31 -4.63 19.46 5.12
N SER A 32 -4.71 20.79 5.15
CA SER A 32 -5.91 21.50 4.73
C SER A 32 -6.36 21.03 3.34
N PRO A 33 -5.48 21.19 2.34
CA PRO A 33 -5.76 20.79 0.96
C PRO A 33 -5.80 19.28 0.80
N ASN A 34 -6.34 18.82 -0.33
CA ASN A 34 -6.44 17.39 -0.60
C ASN A 34 -5.06 16.73 -0.53
N LEU A 35 -4.06 17.39 -1.11
CA LEU A 35 -2.70 16.87 -1.12
C LEU A 35 -2.26 16.49 0.29
N ALA A 36 -1.81 15.25 0.45
CA ALA A 36 -1.35 14.75 1.74
C ALA A 36 -0.01 14.06 1.62
N LEU A 37 0.71 13.97 2.74
CA LEU A 37 2.02 13.32 2.76
C LEU A 37 1.91 11.87 3.17
N LYS A 38 2.77 11.03 2.61
CA LYS A 38 2.76 9.60 2.91
C LYS A 38 4.08 9.18 3.57
N GLY A 39 3.99 8.25 4.51
CA GLY A 39 5.17 7.77 5.20
C GLY A 39 5.33 6.26 5.12
N GLU A 40 6.16 5.81 4.19
CA GLU A 40 6.39 4.38 4.01
C GLU A 40 7.70 3.95 4.67
N TYR A 41 7.60 3.38 5.86
CA TYR A 41 8.77 2.93 6.60
C TYR A 41 8.93 1.41 6.52
N GLU A 42 9.75 0.96 5.58
CA GLU A 42 9.98 -0.48 5.40
C GLU A 42 11.05 -0.97 6.35
N TRP A 43 10.86 -2.17 6.90
CA TRP A 43 11.81 -2.76 7.82
C TRP A 43 11.92 -4.27 7.60
N ASN A 44 13.08 -4.70 7.09
CA ASN A 44 13.31 -6.11 6.83
C ASN A 44 14.15 -6.74 7.94
N ASN A 45 15.38 -6.27 8.08
CA ASN A 45 16.28 -6.79 9.11
C ASN A 45 16.62 -5.71 10.13
N SER A 46 17.28 -6.11 11.21
CA SER A 46 17.65 -5.17 12.27
C SER A 46 18.41 -3.98 11.69
N SER A 47 19.36 -4.27 10.79
CA SER A 47 20.15 -3.21 10.16
C SER A 47 19.55 -2.79 8.83
N LEU A 48 19.37 -3.74 7.93
CA LEU A 48 18.80 -3.48 6.63
C LEU A 48 17.41 -2.84 6.75
N ASN A 49 17.34 -1.55 6.45
CA ASN A 49 16.07 -0.82 6.54
C ASN A 49 15.92 0.14 5.35
N SER A 50 14.68 0.42 4.99
CA SER A 50 14.39 1.32 3.87
C SER A 50 13.43 2.42 4.30
N PHE A 51 13.88 3.66 4.17
CA PHE A 51 13.06 4.82 4.53
C PHE A 51 12.45 5.48 3.30
N LYS A 52 11.18 5.20 3.05
CA LYS A 52 10.49 5.77 1.90
C LYS A 52 9.47 6.82 2.35
N ALA A 53 9.44 7.95 1.64
CA ALA A 53 8.52 9.03 1.96
C ALA A 53 8.13 9.81 0.71
N GLY A 54 6.87 10.20 0.62
CA GLY A 54 6.40 10.95 -0.53
C GLY A 54 5.11 11.69 -0.25
N ALA A 55 4.37 12.01 -1.30
CA ALA A 55 3.10 12.73 -1.16
C ALA A 55 2.09 12.23 -2.18
N GLU A 56 0.81 12.22 -1.77
CA GLU A 56 -0.26 11.76 -2.65
C GLU A 56 -1.10 12.94 -3.14
N TYR A 57 -1.16 13.10 -4.46
CA TYR A 57 -1.92 14.19 -5.06
C TYR A 57 -3.03 13.65 -5.95
N VAL A 58 -4.24 14.14 -5.73
CA VAL A 58 -5.40 13.71 -6.52
C VAL A 58 -5.69 14.68 -7.65
N ALA A 59 -5.05 14.48 -8.79
CA ALA A 59 -5.24 15.34 -9.94
C ALA A 59 -6.66 15.25 -10.47
N THR A 60 -7.23 14.05 -10.40
CA THR A 60 -8.59 13.81 -10.87
C THR A 60 -9.33 12.83 -9.97
N PRO A 61 -10.67 12.85 -10.04
CA PRO A 61 -11.51 11.97 -9.23
C PRO A 61 -11.41 10.51 -9.68
N TYR A 62 -11.15 10.30 -10.96
CA TYR A 62 -11.03 8.96 -11.50
C TYR A 62 -9.56 8.52 -11.56
N LEU A 63 -8.68 9.48 -11.85
CA LEU A 63 -7.25 9.18 -11.94
C LEU A 63 -6.49 9.86 -10.80
N LYS A 64 -5.68 9.09 -10.09
CA LYS A 64 -4.89 9.62 -8.98
C LYS A 64 -3.41 9.41 -9.22
N THR A 65 -2.59 10.34 -8.74
CA THR A 65 -1.15 10.27 -8.91
C THR A 65 -0.44 10.24 -7.56
N GLU A 66 0.60 9.42 -7.45
CA GLU A 66 1.35 9.30 -6.21
C GLU A 66 2.86 9.33 -6.50
N VAL A 67 3.60 10.08 -5.68
CA VAL A 67 5.04 10.18 -5.84
C VAL A 67 5.76 9.82 -4.55
N MET A 68 6.52 8.73 -4.60
CA MET A 68 7.26 8.27 -3.42
C MET A 68 8.77 8.32 -3.69
N THR A 69 9.53 8.64 -2.64
CA THR A 69 10.98 8.71 -2.76
C THR A 69 11.66 7.62 -1.96
N GLU A 70 12.66 6.97 -2.56
CA GLU A 70 13.39 5.90 -1.89
C GLU A 70 14.69 6.44 -1.28
N TYR A 71 14.75 6.40 0.05
CA TYR A 71 15.93 6.88 0.77
C TYR A 71 16.47 5.80 1.70
N ASN A 72 17.78 5.86 1.96
CA ASN A 72 18.42 4.88 2.84
C ASN A 72 18.21 3.46 2.33
N THR A 73 18.23 3.31 1.01
CA THR A 73 18.05 2.00 0.39
C THR A 73 19.29 1.57 -0.37
N ASP A 74 19.99 0.57 0.16
CA ASP A 74 21.20 0.06 -0.47
C ASP A 74 22.19 1.19 -0.74
N ASN A 75 22.24 2.16 0.18
CA ASN A 75 23.14 3.30 0.04
C ASN A 75 22.97 3.95 -1.33
N THR A 76 21.72 4.15 -1.74
CA THR A 76 21.43 4.78 -3.02
C THR A 76 20.03 5.39 -3.02
N PHE A 77 19.88 6.51 -3.71
CA PHE A 77 18.60 7.20 -3.79
C PHE A 77 17.88 6.85 -5.09
N ARG A 78 16.59 6.53 -4.97
CA ARG A 78 15.79 6.17 -6.14
C ARG A 78 14.42 6.83 -6.08
N VAL A 79 13.77 6.95 -7.23
CA VAL A 79 12.45 7.56 -7.30
C VAL A 79 11.41 6.56 -7.80
N THR A 80 10.29 6.49 -7.08
CA THR A 80 9.21 5.56 -7.45
C THR A 80 7.92 6.32 -7.75
N VAL A 81 7.33 6.04 -8.91
CA VAL A 81 6.10 6.69 -9.31
C VAL A 81 4.98 5.68 -9.52
N VAL A 82 3.85 5.90 -8.86
CA VAL A 82 2.70 5.01 -8.96
C VAL A 82 1.49 5.75 -9.49
N THR A 83 0.83 5.15 -10.50
CA THR A 83 -0.35 5.76 -11.09
C THR A 83 -1.55 4.80 -11.03
N GLU A 84 -2.69 5.32 -10.59
CA GLU A 84 -3.91 4.52 -10.48
C GLU A 84 -5.10 5.27 -11.05
N GLY A 85 -6.07 4.52 -11.58
CA GLY A 85 -7.26 5.12 -12.14
C GLY A 85 -8.53 4.41 -11.72
N ARG A 86 -9.64 4.80 -12.33
CA ARG A 86 -10.94 4.19 -12.01
C ARG A 86 -11.57 3.57 -13.25
N TYR A 87 -11.78 2.25 -13.20
CA TYR A 87 -12.38 1.54 -14.32
C TYR A 87 -13.61 0.76 -13.88
N PRO A 88 -14.68 0.85 -14.68
CA PRO A 88 -15.95 0.16 -14.39
C PRO A 88 -15.84 -1.35 -14.55
N VAL A 89 -16.97 -2.04 -14.49
CA VAL A 89 -17.00 -3.49 -14.63
C VAL A 89 -18.42 -4.02 -14.59
N ASP A 90 -18.66 -5.11 -15.31
CA ASP A 90 -19.99 -5.71 -15.36
C ASP A 90 -20.52 -5.96 -13.95
N PRO A 91 -19.79 -6.76 -13.17
CA PRO A 91 -20.17 -7.09 -11.79
C PRO A 91 -20.04 -5.90 -10.85
N ASN A 92 -20.07 -6.17 -9.55
CA ASN A 92 -19.96 -5.12 -8.55
C ASN A 92 -18.51 -4.72 -8.33
N LEU A 93 -17.75 -5.58 -7.66
CA LEU A 93 -16.35 -5.33 -7.39
C LEU A 93 -15.72 -4.53 -8.52
N GLU A 94 -15.56 -3.22 -8.31
CA GLU A 94 -14.98 -2.35 -9.31
C GLU A 94 -13.51 -2.71 -9.56
N LEU A 95 -12.95 -2.17 -10.63
CA LEU A 95 -11.56 -2.44 -10.99
C LEU A 95 -10.79 -1.14 -11.22
N PHE A 96 -9.72 -0.95 -10.46
CA PHE A 96 -8.90 0.25 -10.60
C PHE A 96 -7.53 -0.08 -11.18
N PRO A 97 -7.27 0.42 -12.40
CA PRO A 97 -6.01 0.19 -13.10
C PRO A 97 -4.83 0.90 -12.43
N GLY A 98 -3.94 0.14 -11.82
CA GLY A 98 -2.79 0.72 -11.17
C GLY A 98 -1.48 0.11 -11.62
N GLY A 99 -0.38 0.83 -11.40
CA GLY A 99 0.92 0.33 -11.81
C GLY A 99 2.06 1.04 -11.08
N TRP A 100 3.04 0.25 -10.65
CA TRP A 100 4.19 0.81 -9.94
C TRP A 100 5.44 0.77 -10.81
N TYR A 101 6.14 1.90 -10.88
CA TYR A 101 7.35 2.00 -11.68
C TYR A 101 8.54 2.43 -10.83
N THR A 102 9.68 1.79 -11.06
CA THR A 102 10.89 2.12 -10.31
C THR A 102 11.97 2.67 -11.22
N TRP A 103 12.49 3.84 -10.86
CA TRP A 103 13.54 4.49 -11.65
C TRP A 103 14.80 4.69 -10.82
N ASN A 104 15.92 4.14 -11.30
CA ASN A 104 17.18 4.26 -10.60
C ASN A 104 18.36 4.06 -11.56
N ASN A 105 19.49 4.66 -11.25
CA ASN A 105 20.68 4.56 -12.07
C ASN A 105 21.41 3.24 -11.82
N SER A 106 21.52 2.88 -10.54
CA SER A 106 22.20 1.65 -10.15
C SER A 106 21.62 0.45 -10.91
N SER A 107 20.34 0.20 -10.71
CA SER A 107 19.66 -0.91 -11.37
C SER A 107 18.86 -0.44 -12.56
N LEU A 108 18.13 -1.36 -13.18
CA LEU A 108 17.30 -1.03 -14.35
C LEU A 108 15.91 -0.57 -13.91
N ASN A 109 15.28 0.26 -14.74
CA ASN A 109 13.95 0.77 -14.44
C ASN A 109 12.88 -0.09 -15.10
N LYS A 110 11.65 0.03 -14.62
CA LYS A 110 10.53 -0.74 -15.16
C LYS A 110 9.24 -0.40 -14.42
N GLY A 111 8.12 -0.89 -14.95
CA GLY A 111 6.83 -0.64 -14.34
C GLY A 111 5.91 -1.85 -14.37
N ALA A 112 5.78 -2.52 -13.24
CA ALA A 112 4.93 -3.70 -13.16
C ALA A 112 3.48 -3.31 -12.89
N PRO A 113 2.60 -3.60 -13.87
CA PRO A 113 1.18 -3.30 -13.78
C PRO A 113 0.47 -4.17 -12.75
N TYR A 114 -0.57 -3.61 -12.12
CA TYR A 114 -1.33 -4.33 -11.12
C TYR A 114 -2.79 -3.87 -11.11
N THR A 115 -3.70 -4.85 -11.07
CA THR A 115 -5.13 -4.55 -11.06
C THR A 115 -5.70 -4.63 -9.66
N ARG A 116 -6.08 -3.48 -9.11
CA ARG A 116 -6.65 -3.43 -7.76
C ARG A 116 -8.17 -3.28 -7.81
N ALA A 117 -8.87 -4.28 -7.31
CA ALA A 117 -10.34 -4.27 -7.29
C ALA A 117 -10.87 -3.96 -5.90
N GLU A 118 -12.05 -3.37 -5.84
CA GLU A 118 -12.68 -3.03 -4.56
C GLU A 118 -14.12 -3.49 -4.52
N TYR A 119 -14.51 -4.12 -3.42
CA TYR A 119 -15.86 -4.62 -3.25
C TYR A 119 -16.45 -4.18 -1.92
N LYS A 120 -17.42 -3.28 -1.98
CA LYS A 120 -18.07 -2.76 -0.77
C LYS A 120 -19.26 -3.64 -0.38
N LEU A 121 -18.98 -4.89 -0.04
CA LEU A 121 -20.03 -5.82 0.36
C LEU A 121 -20.49 -5.54 1.79
N THR A 122 -19.60 -4.96 2.59
CA THR A 122 -19.93 -4.64 3.98
C THR A 122 -19.54 -3.21 4.32
N PRO A 123 -20.38 -2.54 5.13
CA PRO A 123 -20.15 -1.15 5.54
C PRO A 123 -18.98 -1.03 6.50
N ASP A 124 -18.87 -1.98 7.43
CA ASP A 124 -17.79 -1.97 8.41
C ASP A 124 -16.56 -2.71 7.87
N LEU A 125 -16.81 -3.79 7.14
CA LEU A 125 -15.73 -4.59 6.57
C LEU A 125 -15.62 -4.37 5.07
N LYS A 126 -14.41 -4.05 4.60
CA LYS A 126 -14.18 -3.81 3.19
C LYS A 126 -13.44 -4.99 2.56
N LEU A 127 -13.76 -5.29 1.31
CA LEU A 127 -13.13 -6.38 0.59
C LEU A 127 -12.35 -5.87 -0.62
N LEU A 128 -11.03 -5.93 -0.53
CA LEU A 128 -10.16 -5.47 -1.62
C LEU A 128 -9.37 -6.63 -2.21
N SER A 129 -9.55 -6.88 -3.50
CA SER A 129 -8.85 -7.96 -4.19
C SER A 129 -8.02 -7.41 -5.35
N GLN A 130 -6.73 -7.70 -5.33
CA GLN A 130 -5.83 -7.25 -6.37
C GLN A 130 -5.05 -8.42 -6.97
N VAL A 131 -4.79 -8.35 -8.28
CA VAL A 131 -4.05 -9.40 -8.97
C VAL A 131 -2.80 -8.85 -9.64
N VAL A 132 -1.68 -9.51 -9.40
CA VAL A 132 -0.40 -9.09 -9.98
C VAL A 132 0.18 -10.18 -10.87
N TYR A 133 0.31 -9.87 -12.15
CA TYR A 133 0.85 -10.82 -13.12
C TYR A 133 2.20 -10.35 -13.66
N ASN A 134 3.06 -11.29 -14.00
CA ASN A 134 4.38 -10.97 -14.53
C ASN A 134 4.59 -11.60 -15.90
N THR A 135 4.30 -10.85 -16.95
CA THR A 135 4.46 -11.33 -18.32
C THR A 135 3.80 -12.69 -18.49
N ASP A 136 2.61 -12.84 -17.91
CA ASP A 136 1.87 -14.09 -18.01
C ASP A 136 2.75 -15.28 -17.61
N ASN A 137 3.66 -15.05 -16.68
CA ASN A 137 4.57 -16.09 -16.22
C ASN A 137 4.28 -16.46 -14.77
N THR A 138 4.36 -15.46 -13.88
CA THR A 138 4.11 -15.68 -12.46
C THR A 138 2.62 -15.59 -12.15
N PHE A 139 2.30 -15.55 -10.86
CA PHE A 139 0.91 -15.46 -10.42
C PHE A 139 0.82 -15.16 -8.93
N LYS A 140 0.42 -13.93 -8.59
CA LYS A 140 0.30 -13.53 -7.21
C LYS A 140 -1.05 -12.87 -6.95
N PHE A 141 -1.66 -13.19 -5.81
CA PHE A 141 -2.96 -12.64 -5.45
C PHE A 141 -2.86 -11.81 -4.17
N ASP A 142 -3.22 -10.54 -4.28
CA ASP A 142 -3.18 -9.63 -3.13
C ASP A 142 -4.57 -9.21 -2.71
N THR A 143 -5.15 -9.95 -1.77
CA THR A 143 -6.50 -9.67 -1.29
C THR A 143 -6.53 -9.63 0.24
N GLY A 144 -7.38 -8.77 0.79
CA GLY A 144 -7.49 -8.66 2.23
C GLY A 144 -8.77 -7.97 2.67
N LEU A 145 -8.96 -7.85 3.97
CA LEU A 145 -10.16 -7.22 4.52
C LEU A 145 -9.79 -6.13 5.53
N GLU A 146 -10.50 -5.02 5.48
CA GLU A 146 -10.25 -3.91 6.39
C GLU A 146 -11.34 -3.82 7.46
N TYR A 147 -10.93 -3.91 8.73
CA TYR A 147 -11.87 -3.84 9.83
C TYR A 147 -11.62 -2.61 10.69
N LYS A 148 -12.53 -1.65 10.62
CA LYS A 148 -12.40 -0.41 11.39
C LYS A 148 -13.62 -0.20 12.29
N LEU A 149 -13.98 -1.24 13.03
CA LEU A 149 -15.13 -1.17 13.93
C LEU A 149 -14.84 -0.26 15.11
N SER A 150 -13.64 -0.37 15.66
CA SER A 150 -13.24 0.45 16.80
C SER A 150 -12.63 1.77 16.34
N PRO A 151 -13.09 2.88 16.93
CA PRO A 151 -12.60 4.22 16.59
C PRO A 151 -11.17 4.45 17.06
N ASN A 152 -10.82 3.87 18.19
CA ASN A 152 -9.48 4.01 18.74
C ASN A 152 -8.43 3.69 17.69
N LEU A 153 -8.48 2.47 17.16
CA LEU A 153 -7.52 2.03 16.15
C LEU A 153 -8.22 1.22 15.06
N LYS A 154 -7.52 0.98 13.97
CA LYS A 154 -8.06 0.22 12.85
C LYS A 154 -7.16 -0.96 12.51
N VAL A 155 -7.74 -2.16 12.42
CA VAL A 155 -6.99 -3.36 12.09
C VAL A 155 -7.47 -3.96 10.77
N LYS A 156 -6.54 -4.56 10.03
CA LYS A 156 -6.86 -5.18 8.76
C LYS A 156 -5.88 -6.31 8.43
N PHE A 157 -6.39 -7.36 7.81
CA PHE A 157 -5.56 -8.50 7.45
C PHE A 157 -5.64 -8.78 5.95
N GLU A 158 -4.50 -8.69 5.27
CA GLU A 158 -4.43 -8.93 3.84
C GLU A 158 -3.33 -9.94 3.50
N TYR A 159 -3.58 -10.74 2.47
CA TYR A 159 -2.62 -11.75 2.04
C TYR A 159 -1.90 -11.31 0.77
N GLY A 160 -0.57 -11.20 0.86
CA GLY A 160 0.22 -10.78 -0.28
C GLY A 160 0.62 -11.95 -1.16
N TRP A 161 0.12 -11.95 -2.40
CA TRP A 161 0.43 -13.02 -3.34
C TRP A 161 -0.28 -14.31 -2.96
N ASN A 162 -1.10 -14.23 -1.92
CA ASN A 162 -1.84 -15.39 -1.45
C ASN A 162 -1.63 -16.58 -2.37
N ASN A 163 -2.44 -16.64 -3.44
CA ASN A 163 -2.35 -17.72 -4.41
C ASN A 163 -0.90 -18.17 -4.59
N SER A 164 -0.05 -17.23 -5.00
CA SER A 164 1.37 -17.53 -5.22
C SER A 164 1.90 -18.47 -4.13
N SER A 165 2.87 -19.29 -4.49
CA SER A 165 3.47 -20.24 -3.56
C SER A 165 3.88 -19.54 -2.27
N LEU A 166 4.44 -18.34 -2.41
CA LEU A 166 4.87 -17.55 -1.25
C LEU A 166 3.71 -16.78 -0.64
N ASN A 167 2.94 -17.46 0.20
CA ASN A 167 1.79 -16.84 0.86
C ASN A 167 2.25 -15.91 1.98
N GLU A 168 2.32 -14.62 1.68
CA GLU A 168 2.74 -13.63 2.66
C GLU A 168 1.54 -13.09 3.44
N PHE A 169 1.69 -13.01 4.76
CA PHE A 169 0.62 -12.51 5.61
C PHE A 169 1.00 -11.18 6.25
N THR A 170 0.33 -10.11 5.83
CA THR A 170 0.61 -8.78 6.37
C THR A 170 -0.55 -8.28 7.22
N VAL A 171 -0.23 -7.81 8.43
CA VAL A 171 -1.25 -7.29 9.33
C VAL A 171 -1.04 -5.81 9.61
N GLN A 172 -1.93 -4.99 9.06
CA GLN A 172 -1.84 -3.54 9.26
C GLN A 172 -2.59 -3.11 10.52
N PHE A 173 -2.01 -2.16 11.24
CA PHE A 173 -2.62 -1.65 12.47
C PHE A 173 -2.37 -0.16 12.62
N GLU A 174 -3.29 0.64 12.09
CA GLU A 174 -3.17 2.09 12.18
C GLU A 174 -3.99 2.65 13.33
N TYR A 175 -3.64 3.84 13.80
CA TYR A 175 -4.35 4.47 14.90
C TYR A 175 -4.28 5.99 14.79
N ASP A 176 -5.40 6.64 15.08
CA ASP A 176 -5.48 8.10 15.01
C ASP A 176 -4.52 8.74 16.01
N LEU A 177 -3.66 9.63 15.51
CA LEU A 177 -2.69 10.31 16.36
C LEU A 177 -3.34 11.46 17.12
N SER A 178 -3.23 11.42 18.44
CA SER A 178 -3.81 12.45 19.29
C SER A 178 -3.03 13.76 19.17
N SER A 179 -3.73 14.88 19.30
CA SER A 179 -3.10 16.19 19.20
C SER A 179 -3.13 16.91 20.54
N GLN A 1 -10.40 17.10 18.87
CA GLN A 1 -10.02 18.10 17.89
C GLN A 1 -10.59 17.78 16.51
N ASP A 2 -11.55 18.57 16.08
CA ASP A 2 -12.19 18.37 14.78
C ASP A 2 -11.70 19.40 13.76
N LYS A 3 -10.38 19.55 13.67
CA LYS A 3 -9.78 20.50 12.74
C LYS A 3 -8.90 19.79 11.72
N PRO A 4 -8.63 20.46 10.59
CA PRO A 4 -7.80 19.91 9.52
C PRO A 4 -6.34 19.80 9.92
N GLY A 5 -5.58 19.01 9.17
CA GLY A 5 -4.17 18.83 9.46
C GLY A 5 -3.90 17.62 10.33
N SER A 6 -4.93 16.79 10.52
CA SER A 6 -4.81 15.60 11.35
C SER A 6 -4.04 14.51 10.61
N ALA A 7 -3.34 13.68 11.37
CA ALA A 7 -2.56 12.59 10.79
C ALA A 7 -3.04 11.23 11.30
N LYS A 8 -2.62 10.17 10.63
CA LYS A 8 -3.00 8.81 11.01
C LYS A 8 -1.80 7.88 10.98
N ALA A 9 -1.66 7.08 12.03
CA ALA A 9 -0.56 6.13 12.12
C ALA A 9 -1.04 4.70 11.89
N GLY A 10 -0.29 3.95 11.08
CA GLY A 10 -0.66 2.57 10.79
C GLY A 10 0.52 1.63 10.88
N GLY A 11 0.33 0.52 11.58
CA GLY A 11 1.40 -0.46 11.72
C GLY A 11 1.36 -1.53 10.65
N TRP A 12 2.46 -2.23 10.48
CA TRP A 12 2.55 -3.29 9.48
C TRP A 12 3.33 -4.49 10.02
N THR A 13 2.62 -5.41 10.67
CA THR A 13 3.25 -6.60 11.23
C THR A 13 3.08 -7.80 10.31
N THR A 14 4.15 -8.18 9.62
CA THR A 14 4.12 -9.32 8.71
C THR A 14 5.02 -10.44 9.20
N TYR A 15 4.52 -11.67 9.10
CA TYR A 15 5.28 -12.84 9.54
C TYR A 15 5.43 -13.84 8.40
N ASN A 16 6.57 -14.53 8.39
CA ASN A 16 6.83 -15.53 7.35
C ASN A 16 6.69 -16.94 7.90
N THR A 17 6.61 -17.92 7.00
CA THR A 17 6.47 -19.31 7.40
C THR A 17 7.57 -19.72 8.37
N ASP A 18 8.78 -19.25 8.11
CA ASP A 18 9.93 -19.57 8.96
C ASP A 18 10.11 -18.51 10.04
N ASN A 19 11.07 -18.73 10.93
CA ASN A 19 11.35 -17.80 12.02
C ASN A 19 11.74 -16.42 11.46
N THR A 20 10.77 -15.53 11.40
CA THR A 20 11.01 -14.18 10.89
C THR A 20 9.91 -13.22 11.35
N PHE A 21 10.25 -11.94 11.42
CA PHE A 21 9.30 -10.91 11.84
C PHE A 21 9.73 -9.54 11.35
N LYS A 22 8.84 -8.87 10.63
CA LYS A 22 9.12 -7.54 10.10
C LYS A 22 8.07 -6.53 10.56
N GLY A 23 8.52 -5.33 10.91
CA GLY A 23 7.61 -4.30 11.37
C GLY A 23 7.63 -3.07 10.48
N GLY A 24 6.47 -2.47 10.27
CA GLY A 24 6.37 -1.29 9.43
C GLY A 24 5.59 -0.17 10.09
N SER A 25 6.21 0.99 10.22
CA SER A 25 5.57 2.14 10.84
C SER A 25 5.40 3.28 9.84
N TYR A 26 4.18 3.44 9.33
CA TYR A 26 3.89 4.49 8.36
C TYR A 26 2.78 5.40 8.87
N ALA A 27 2.86 6.68 8.50
CA ALA A 27 1.86 7.65 8.91
C ALA A 27 1.57 8.65 7.79
N LYS A 28 0.28 8.87 7.52
CA LYS A 28 -0.13 9.79 6.47
C LYS A 28 -0.67 11.10 7.08
N TYR A 29 -0.04 12.20 6.72
CA TYR A 29 -0.46 13.51 7.23
C TYR A 29 -1.39 14.21 6.24
N VAL A 30 -2.66 14.29 6.61
CA VAL A 30 -3.66 14.92 5.75
C VAL A 30 -3.83 16.39 6.11
N LEU A 31 -3.88 17.24 5.09
CA LEU A 31 -4.03 18.68 5.29
C LEU A 31 -5.38 19.16 4.76
N SER A 32 -5.53 20.48 4.68
CA SER A 32 -6.78 21.07 4.19
C SER A 32 -7.06 20.62 2.76
N PRO A 33 -6.14 20.92 1.85
CA PRO A 33 -6.26 20.56 0.43
C PRO A 33 -6.13 19.05 0.22
N ASN A 34 -6.58 18.58 -0.95
CA ASN A 34 -6.53 17.16 -1.28
C ASN A 34 -5.10 16.64 -1.12
N LEU A 35 -4.12 17.49 -1.40
CA LEU A 35 -2.72 17.11 -1.28
C LEU A 35 -2.45 16.45 0.07
N ALA A 36 -1.90 15.23 0.02
CA ALA A 36 -1.59 14.49 1.24
C ALA A 36 -0.15 14.01 1.23
N LEU A 37 0.43 13.85 2.43
CA LEU A 37 1.81 13.39 2.55
C LEU A 37 1.87 12.03 3.24
N LYS A 38 2.86 11.23 2.86
CA LYS A 38 3.04 9.90 3.44
C LYS A 38 4.47 9.69 3.91
N GLY A 39 4.63 9.12 5.09
CA GLY A 39 5.95 8.88 5.63
C GLY A 39 6.09 7.50 6.25
N GLU A 40 6.57 6.55 5.46
CA GLU A 40 6.75 5.18 5.93
C GLU A 40 8.21 4.90 6.27
N TYR A 41 8.44 4.35 7.45
CA TYR A 41 9.79 4.04 7.90
C TYR A 41 9.79 2.89 8.91
N GLU A 42 10.73 1.97 8.75
CA GLU A 42 10.84 0.83 9.64
C GLU A 42 11.90 -0.15 9.16
N TRP A 43 11.79 -1.41 9.58
CA TRP A 43 12.75 -2.43 9.18
C TRP A 43 12.05 -3.77 8.96
N ASN A 44 12.47 -4.49 7.93
CA ASN A 44 11.89 -5.78 7.61
C ASN A 44 12.98 -6.84 7.39
N ASN A 45 14.05 -6.44 6.73
CA ASN A 45 15.16 -7.34 6.46
C ASN A 45 16.21 -7.28 7.56
N SER A 46 16.89 -6.15 7.67
CA SER A 46 17.91 -5.95 8.69
C SER A 46 17.52 -4.84 9.65
N SER A 47 18.23 -4.77 10.78
CA SER A 47 17.95 -3.76 11.79
C SER A 47 18.02 -2.36 11.19
N LEU A 48 18.92 -2.18 10.24
CA LEU A 48 19.08 -0.88 9.59
C LEU A 48 17.75 -0.34 9.10
N ASN A 49 17.34 0.79 9.64
CA ASN A 49 16.07 1.41 9.26
C ASN A 49 16.01 1.66 7.76
N SER A 50 14.81 1.58 7.19
CA SER A 50 14.63 1.78 5.76
C SER A 50 13.16 1.59 5.37
N PHE A 51 12.76 2.25 4.28
CA PHE A 51 11.38 2.16 3.81
C PHE A 51 11.16 3.11 2.63
N LYS A 52 10.02 3.79 2.64
CA LYS A 52 9.67 4.73 1.58
C LYS A 52 8.78 5.85 2.11
N ALA A 53 8.96 7.05 1.57
CA ALA A 53 8.16 8.20 1.99
C ALA A 53 8.01 9.21 0.85
N GLY A 54 6.97 10.01 0.91
CA GLY A 54 6.73 11.01 -0.12
C GLY A 54 5.38 11.69 0.04
N ALA A 55 4.76 12.03 -1.08
CA ALA A 55 3.46 12.70 -1.07
C ALA A 55 2.58 12.22 -2.21
N GLU A 56 1.27 12.31 -2.02
CA GLU A 56 0.32 11.88 -3.03
C GLU A 56 -0.59 13.04 -3.47
N TYR A 57 -0.52 13.38 -4.75
CA TYR A 57 -1.32 14.47 -5.29
C TYR A 57 -2.27 13.96 -6.37
N VAL A 58 -3.52 14.42 -6.33
CA VAL A 58 -4.52 14.01 -7.29
C VAL A 58 -4.66 15.04 -8.41
N ALA A 59 -3.83 14.91 -9.44
CA ALA A 59 -3.86 15.83 -10.58
C ALA A 59 -5.28 16.01 -11.10
N THR A 60 -5.88 14.93 -11.57
CA THR A 60 -7.24 14.97 -12.10
C THR A 60 -8.19 14.15 -11.24
N PRO A 61 -9.50 14.43 -11.37
CA PRO A 61 -10.54 13.74 -10.62
C PRO A 61 -10.70 12.28 -11.04
N TYR A 62 -10.14 11.95 -12.20
CA TYR A 62 -10.22 10.59 -12.73
C TYR A 62 -9.24 9.66 -12.01
N LEU A 63 -7.95 9.86 -12.29
CA LEU A 63 -6.90 9.06 -11.67
C LEU A 63 -6.01 9.90 -10.78
N LYS A 64 -5.43 9.28 -9.76
CA LYS A 64 -4.55 9.98 -8.83
C LYS A 64 -3.12 9.46 -8.95
N THR A 65 -2.16 10.34 -8.65
CA THR A 65 -0.75 9.98 -8.72
C THR A 65 -0.04 10.23 -7.40
N GLU A 66 1.00 9.46 -7.13
CA GLU A 66 1.77 9.60 -5.89
C GLU A 66 3.26 9.47 -6.16
N VAL A 67 4.03 10.43 -5.66
CA VAL A 67 5.48 10.42 -5.85
C VAL A 67 6.19 10.13 -4.53
N MET A 68 6.61 8.88 -4.35
CA MET A 68 7.32 8.48 -3.15
C MET A 68 8.74 8.03 -3.46
N THR A 69 9.67 8.31 -2.55
CA THR A 69 11.06 7.93 -2.74
C THR A 69 11.43 6.73 -1.88
N GLU A 70 12.09 5.75 -2.49
CA GLU A 70 12.49 4.54 -1.79
C GLU A 70 13.94 4.65 -1.31
N TYR A 71 14.12 4.62 0.01
CA TYR A 71 15.45 4.71 0.59
C TYR A 71 15.78 3.47 1.40
N ASN A 72 16.89 2.82 1.07
CA ASN A 72 17.31 1.61 1.77
C ASN A 72 18.61 1.86 2.53
N THR A 73 19.49 2.68 1.96
CA THR A 73 20.77 2.99 2.57
C THR A 73 21.35 4.28 2.02
N ASP A 74 22.30 4.86 2.74
CA ASP A 74 22.94 6.10 2.31
C ASP A 74 23.59 5.94 0.94
N ASN A 75 23.91 4.69 0.59
CA ASN A 75 24.54 4.38 -0.69
C ASN A 75 23.80 5.07 -1.83
N THR A 76 22.58 4.62 -2.09
CA THR A 76 21.77 5.20 -3.16
C THR A 76 20.29 4.91 -2.93
N PHE A 77 19.44 5.50 -3.78
CA PHE A 77 18.01 5.31 -3.66
C PHE A 77 17.37 5.18 -5.05
N ARG A 78 16.05 5.02 -5.08
CA ARG A 78 15.32 4.88 -6.34
C ARG A 78 14.01 5.66 -6.30
N VAL A 79 13.42 5.89 -7.47
CA VAL A 79 12.17 6.62 -7.56
C VAL A 79 11.00 5.67 -7.76
N THR A 80 10.02 5.76 -6.85
CA THR A 80 8.84 4.91 -6.92
C THR A 80 7.57 5.74 -7.07
N VAL A 81 6.84 5.50 -8.16
CA VAL A 81 5.61 6.23 -8.43
C VAL A 81 4.41 5.29 -8.48
N VAL A 82 3.36 5.62 -7.74
CA VAL A 82 2.16 4.80 -7.72
C VAL A 82 1.01 5.48 -8.46
N THR A 83 0.33 4.73 -9.32
CA THR A 83 -0.79 5.26 -10.08
C THR A 83 -2.05 4.44 -9.85
N GLU A 84 -3.15 5.14 -9.55
CA GLU A 84 -4.42 4.47 -9.30
C GLU A 84 -5.55 5.17 -10.04
N GLY A 85 -6.58 4.40 -10.42
CA GLY A 85 -7.70 4.97 -11.13
C GLY A 85 -9.01 4.25 -10.81
N ARG A 86 -10.10 4.75 -11.38
CA ARG A 86 -11.42 4.15 -11.15
C ARG A 86 -12.07 3.74 -12.47
N TYR A 87 -12.33 2.44 -12.61
CA TYR A 87 -12.95 1.92 -13.83
C TYR A 87 -14.22 1.15 -13.50
N PRO A 88 -15.36 1.62 -14.05
CA PRO A 88 -16.66 0.99 -13.83
C PRO A 88 -16.77 -0.37 -14.52
N VAL A 89 -17.81 -1.12 -14.18
CA VAL A 89 -18.03 -2.44 -14.76
C VAL A 89 -19.52 -2.78 -14.81
N ASP A 90 -19.82 -3.99 -15.25
CA ASP A 90 -21.21 -4.44 -15.34
C ASP A 90 -21.83 -4.59 -13.96
N PRO A 91 -21.24 -5.46 -13.13
CA PRO A 91 -21.71 -5.71 -11.76
C PRO A 91 -21.48 -4.52 -10.84
N ASN A 92 -21.79 -4.70 -9.56
CA ASN A 92 -21.61 -3.64 -8.57
C ASN A 92 -20.13 -3.42 -8.28
N LEU A 93 -19.35 -4.49 -8.31
CA LEU A 93 -17.92 -4.41 -8.05
C LEU A 93 -17.27 -3.34 -8.91
N GLU A 94 -16.00 -3.05 -8.63
CA GLU A 94 -15.26 -2.04 -9.39
C GLU A 94 -13.80 -2.47 -9.58
N LEU A 95 -13.24 -2.08 -10.71
CA LEU A 95 -11.85 -2.43 -11.03
C LEU A 95 -10.97 -1.17 -11.07
N PHE A 96 -9.90 -1.19 -10.29
CA PHE A 96 -8.98 -0.05 -10.24
C PHE A 96 -7.64 -0.42 -10.87
N PRO A 97 -7.30 0.27 -11.97
CA PRO A 97 -6.05 0.05 -12.70
C PRO A 97 -4.83 0.52 -11.91
N GLY A 98 -4.04 -0.44 -11.42
CA GLY A 98 -2.85 -0.10 -10.66
C GLY A 98 -1.59 -0.12 -11.51
N GLY A 99 -0.66 0.78 -11.19
CA GLY A 99 0.58 0.83 -11.94
C GLY A 99 1.72 1.43 -11.12
N TRP A 100 2.74 0.63 -10.85
CA TRP A 100 3.89 1.09 -10.07
C TRP A 100 5.10 1.27 -10.97
N TYR A 101 5.74 2.43 -10.86
CA TYR A 101 6.92 2.74 -11.66
C TYR A 101 8.18 2.73 -10.80
N THR A 102 9.18 1.96 -11.23
CA THR A 102 10.44 1.86 -10.50
C THR A 102 11.60 2.40 -11.34
N TRP A 103 12.38 3.30 -10.75
CA TRP A 103 13.52 3.88 -11.44
C TRP A 103 14.82 3.60 -10.67
N ASN A 104 15.75 2.92 -11.33
CA ASN A 104 17.03 2.60 -10.71
C ASN A 104 18.15 3.44 -11.31
N ASN A 105 18.14 3.60 -12.62
CA ASN A 105 19.15 4.38 -13.32
C ASN A 105 18.74 4.66 -14.76
N SER A 106 19.69 5.13 -15.56
CA SER A 106 19.42 5.43 -16.96
C SER A 106 18.94 4.19 -17.71
N SER A 107 17.62 4.03 -17.79
CA SER A 107 17.03 2.89 -18.47
C SER A 107 15.64 3.24 -19.01
N LEU A 108 15.03 2.29 -19.70
CA LEU A 108 13.69 2.48 -20.27
C LEU A 108 12.68 2.78 -19.18
N ASN A 109 12.36 1.76 -18.38
CA ASN A 109 11.40 1.92 -17.30
C ASN A 109 11.12 0.57 -16.62
N LYS A 110 11.17 0.55 -15.30
CA LYS A 110 10.92 -0.66 -14.54
C LYS A 110 9.62 -0.55 -13.75
N GLY A 111 8.51 -0.34 -14.45
CA GLY A 111 7.22 -0.22 -13.80
C GLY A 111 6.45 -1.52 -13.80
N ALA A 112 6.25 -2.09 -12.61
CA ALA A 112 5.52 -3.34 -12.48
C ALA A 112 4.02 -3.10 -12.40
N PRO A 113 3.28 -3.58 -13.42
CA PRO A 113 1.82 -3.42 -13.48
C PRO A 113 1.10 -4.26 -12.44
N TYR A 114 0.05 -3.71 -11.86
CA TYR A 114 -0.73 -4.40 -10.84
C TYR A 114 -2.19 -3.97 -10.87
N THR A 115 -3.09 -4.92 -10.64
CA THR A 115 -4.51 -4.65 -10.63
C THR A 115 -5.12 -4.87 -9.25
N ARG A 116 -5.93 -3.91 -8.80
CA ARG A 116 -6.57 -4.01 -7.50
C ARG A 116 -8.09 -3.98 -7.64
N ALA A 117 -8.72 -5.11 -7.33
CA ALA A 117 -10.18 -5.22 -7.42
C ALA A 117 -10.83 -4.99 -6.06
N GLU A 118 -11.97 -4.29 -6.06
CA GLU A 118 -12.68 -4.01 -4.82
C GLU A 118 -14.15 -4.44 -4.94
N TYR A 119 -14.68 -5.01 -3.85
CA TYR A 119 -16.05 -5.47 -3.83
C TYR A 119 -16.77 -4.98 -2.57
N LYS A 120 -17.67 -4.01 -2.74
CA LYS A 120 -18.42 -3.47 -1.63
C LYS A 120 -19.77 -4.17 -1.48
N LEU A 121 -19.78 -5.24 -0.69
CA LEU A 121 -21.01 -6.01 -0.47
C LEU A 121 -21.64 -5.61 0.87
N THR A 122 -21.02 -4.69 1.58
CA THR A 122 -21.52 -4.22 2.86
C THR A 122 -20.78 -2.98 3.33
N PRO A 123 -21.53 -2.04 3.92
CA PRO A 123 -20.96 -0.77 4.43
C PRO A 123 -20.08 -1.00 5.66
N ASP A 124 -20.07 -2.22 6.17
CA ASP A 124 -19.27 -2.56 7.34
C ASP A 124 -18.12 -3.48 6.96
N LEU A 125 -17.60 -3.30 5.74
CA LEU A 125 -16.50 -4.11 5.26
C LEU A 125 -16.24 -3.85 3.78
N LYS A 126 -14.96 -3.86 3.39
CA LYS A 126 -14.58 -3.63 2.00
C LYS A 126 -13.64 -4.71 1.51
N LEU A 127 -14.11 -5.51 0.57
CA LEU A 127 -13.30 -6.59 0.01
C LEU A 127 -12.24 -6.05 -0.93
N LEU A 128 -10.98 -6.29 -0.58
CA LEU A 128 -9.85 -5.83 -1.39
C LEU A 128 -9.06 -7.01 -1.96
N SER A 129 -8.78 -6.94 -3.26
CA SER A 129 -8.04 -8.00 -3.92
C SER A 129 -6.80 -7.44 -4.62
N GLN A 130 -5.65 -8.05 -4.36
CA GLN A 130 -4.40 -7.61 -4.97
C GLN A 130 -3.80 -8.71 -5.84
N VAL A 131 -3.75 -8.46 -7.15
CA VAL A 131 -3.19 -9.43 -8.08
C VAL A 131 -2.06 -8.82 -8.91
N VAL A 132 -0.89 -9.45 -8.86
CA VAL A 132 0.26 -8.97 -9.60
C VAL A 132 0.73 -10.00 -10.63
N TYR A 133 0.94 -9.56 -11.85
CA TYR A 133 1.39 -10.44 -12.93
C TYR A 133 2.88 -10.30 -13.16
N ASN A 134 3.60 -11.41 -13.05
CA ASN A 134 5.05 -11.42 -13.25
C ASN A 134 5.39 -11.74 -14.69
N THR A 135 6.68 -11.62 -15.03
CA THR A 135 7.14 -11.90 -16.39
C THR A 135 6.71 -13.28 -16.84
N ASP A 136 6.65 -14.22 -15.90
CA ASP A 136 6.24 -15.59 -16.20
C ASP A 136 4.72 -15.72 -16.19
N ASN A 137 4.23 -16.89 -16.60
CA ASN A 137 2.80 -17.14 -16.64
C ASN A 137 2.19 -17.03 -15.24
N THR A 138 2.89 -17.56 -14.25
CA THR A 138 2.42 -17.52 -12.87
C THR A 138 2.30 -16.08 -12.38
N PHE A 139 1.28 -15.84 -11.55
CA PHE A 139 1.05 -14.51 -11.01
C PHE A 139 0.84 -14.57 -9.50
N LYS A 140 1.20 -13.48 -8.81
CA LYS A 140 1.04 -13.42 -7.37
C LYS A 140 -0.42 -13.22 -6.98
N PHE A 141 -0.94 -14.15 -6.19
CA PHE A 141 -2.33 -14.08 -5.74
C PHE A 141 -2.42 -13.70 -4.27
N ASP A 142 -2.76 -12.46 -4.00
CA ASP A 142 -2.87 -11.97 -2.62
C ASP A 142 -4.23 -11.33 -2.38
N THR A 143 -4.82 -11.61 -1.22
CA THR A 143 -6.12 -11.06 -0.87
C THR A 143 -6.04 -10.23 0.41
N GLY A 144 -7.03 -9.37 0.61
CA GLY A 144 -7.06 -8.53 1.80
C GLY A 144 -8.47 -8.11 2.18
N LEU A 145 -8.70 -7.93 3.47
CA LEU A 145 -10.01 -7.54 3.97
C LEU A 145 -9.92 -6.26 4.79
N GLU A 146 -10.82 -5.31 4.53
CA GLU A 146 -10.84 -4.05 5.25
C GLU A 146 -12.04 -3.97 6.18
N TYR A 147 -11.77 -3.84 7.47
CA TYR A 147 -12.84 -3.76 8.47
C TYR A 147 -12.26 -3.48 9.85
N LYS A 148 -13.14 -3.40 10.85
CA LYS A 148 -12.73 -3.14 12.22
C LYS A 148 -13.68 -3.79 13.21
N LEU A 149 -13.12 -4.48 14.20
CA LEU A 149 -13.93 -5.15 15.22
C LEU A 149 -13.60 -4.61 16.61
N SER A 150 -12.34 -4.26 16.83
CA SER A 150 -11.91 -3.73 18.12
C SER A 150 -12.05 -2.21 18.16
N PRO A 151 -12.03 -1.65 19.37
CA PRO A 151 -12.16 -0.21 19.58
C PRO A 151 -10.94 0.56 19.11
N ASN A 152 -10.84 0.75 17.80
CA ASN A 152 -9.71 1.47 17.22
C ASN A 152 -10.10 2.13 15.89
N LEU A 153 -9.14 2.78 15.26
CA LEU A 153 -9.38 3.45 13.98
C LEU A 153 -9.90 2.46 12.94
N LYS A 154 -9.03 1.54 12.52
CA LYS A 154 -9.39 0.53 11.54
C LYS A 154 -8.37 -0.60 11.51
N VAL A 155 -8.71 -1.68 10.82
CA VAL A 155 -7.82 -2.83 10.72
C VAL A 155 -7.89 -3.46 9.34
N LYS A 156 -6.84 -4.18 8.96
CA LYS A 156 -6.78 -4.84 7.66
C LYS A 156 -5.95 -6.11 7.73
N PHE A 157 -6.45 -7.18 7.11
CA PHE A 157 -5.75 -8.45 7.10
C PHE A 157 -5.63 -9.01 5.68
N GLU A 158 -4.40 -9.06 5.17
CA GLU A 158 -4.15 -9.56 3.82
C GLU A 158 -3.05 -10.61 3.83
N TYR A 159 -3.28 -11.69 3.09
CA TYR A 159 -2.31 -12.78 3.01
C TYR A 159 -1.88 -13.03 1.57
N GLY A 160 -0.59 -13.25 1.37
CA GLY A 160 -0.07 -13.51 0.03
C GLY A 160 0.21 -14.97 -0.22
N TRP A 161 -0.09 -15.43 -1.43
CA TRP A 161 0.14 -16.83 -1.79
C TRP A 161 0.22 -16.99 -3.30
N ASN A 162 0.68 -18.16 -3.74
CA ASN A 162 0.80 -18.44 -5.16
C ASN A 162 1.71 -17.42 -5.84
N ASN A 163 2.83 -17.11 -5.19
CA ASN A 163 3.78 -16.14 -5.74
C ASN A 163 5.21 -16.68 -5.65
N SER A 164 6.16 -15.90 -6.14
CA SER A 164 7.56 -16.30 -6.13
C SER A 164 8.00 -16.70 -4.72
N SER A 165 7.46 -16.00 -3.73
CA SER A 165 7.80 -16.28 -2.33
C SER A 165 6.77 -17.21 -1.70
N LEU A 166 7.06 -17.67 -0.50
CA LEU A 166 6.16 -18.57 0.22
C LEU A 166 5.01 -17.81 0.85
N ASN A 167 4.03 -18.54 1.38
CA ASN A 167 2.87 -17.91 2.01
C ASN A 167 3.31 -16.94 3.10
N GLU A 168 2.66 -15.78 3.14
CA GLU A 168 2.98 -14.75 4.12
C GLU A 168 1.72 -14.14 4.71
N PHE A 169 1.78 -13.74 5.97
CA PHE A 169 0.63 -13.13 6.64
C PHE A 169 0.93 -11.68 7.02
N THR A 170 0.09 -10.78 6.52
CA THR A 170 0.26 -9.35 6.81
C THR A 170 -0.89 -8.82 7.65
N VAL A 171 -0.56 -8.24 8.80
CA VAL A 171 -1.58 -7.69 9.69
C VAL A 171 -1.43 -6.18 9.81
N GLN A 172 -2.37 -5.45 9.20
CA GLN A 172 -2.35 -3.99 9.24
C GLN A 172 -3.11 -3.47 10.45
N PHE A 173 -2.48 -2.56 11.19
CA PHE A 173 -3.10 -1.98 12.37
C PHE A 173 -3.22 -0.47 12.24
N GLU A 174 -4.40 -0.01 11.85
CA GLU A 174 -4.65 1.42 11.68
C GLU A 174 -5.11 2.05 13.00
N TYR A 175 -4.50 3.16 13.37
CA TYR A 175 -4.84 3.86 14.60
C TYR A 175 -4.57 5.35 14.48
N ASP A 176 -5.53 6.16 14.90
CA ASP A 176 -5.39 7.62 14.85
C ASP A 176 -4.20 8.08 15.67
N LEU A 177 -3.39 8.96 15.10
CA LEU A 177 -2.21 9.49 15.78
C LEU A 177 -2.51 10.84 16.41
N SER A 178 -3.08 11.75 15.62
CA SER A 178 -3.40 13.09 16.10
C SER A 178 -4.57 13.02 17.09
N SER A 179 -5.65 12.38 16.67
CA SER A 179 -6.84 12.25 17.51
C SER A 179 -6.60 11.26 18.65
N GLN A 1 -16.87 21.08 15.22
CA GLN A 1 -15.69 21.82 14.75
C GLN A 1 -14.52 20.89 14.52
N ASP A 2 -13.67 21.25 13.56
CA ASP A 2 -12.51 20.44 13.23
C ASP A 2 -11.33 21.31 12.81
N LYS A 3 -10.21 21.17 13.50
CA LYS A 3 -9.02 21.95 13.20
C LYS A 3 -8.06 21.16 12.30
N PRO A 4 -7.14 21.87 11.64
CA PRO A 4 -6.16 21.27 10.75
C PRO A 4 -5.11 20.45 11.51
N GLY A 5 -4.21 19.81 10.77
CA GLY A 5 -3.17 19.02 11.39
C GLY A 5 -3.52 17.54 11.44
N SER A 6 -4.59 17.17 10.75
CA SER A 6 -5.03 15.78 10.71
C SER A 6 -3.98 14.88 10.05
N ALA A 7 -3.80 13.69 10.61
CA ALA A 7 -2.83 12.75 10.06
C ALA A 7 -3.32 11.31 10.23
N LYS A 8 -2.66 10.39 9.56
CA LYS A 8 -3.02 8.97 9.63
C LYS A 8 -1.80 8.12 9.99
N ALA A 9 -2.03 7.06 10.76
CA ALA A 9 -0.97 6.16 11.17
C ALA A 9 -1.30 4.72 10.81
N GLY A 10 -0.36 4.05 10.15
CA GLY A 10 -0.56 2.66 9.76
C GLY A 10 0.56 1.75 10.24
N GLY A 11 0.18 0.58 10.74
CA GLY A 11 1.17 -0.37 11.22
C GLY A 11 1.05 -1.72 10.55
N TRP A 12 1.95 -1.99 9.60
CA TRP A 12 1.94 -3.25 8.88
C TRP A 12 2.85 -4.27 9.55
N THR A 13 2.32 -5.46 9.79
CA THR A 13 3.08 -6.52 10.43
C THR A 13 3.14 -7.77 9.56
N THR A 14 4.31 -8.02 8.98
CA THR A 14 4.50 -9.18 8.11
C THR A 14 5.14 -10.34 8.87
N TYR A 15 4.37 -11.38 9.11
CA TYR A 15 4.85 -12.55 9.83
C TYR A 15 4.63 -13.83 9.01
N ASN A 16 5.33 -14.89 9.39
CA ASN A 16 5.21 -16.16 8.70
C ASN A 16 4.23 -17.09 9.41
N THR A 17 4.58 -17.50 10.62
CA THR A 17 3.72 -18.38 11.40
C THR A 17 4.04 -18.28 12.89
N ASP A 18 3.23 -17.50 13.61
CA ASP A 18 3.41 -17.32 15.04
C ASP A 18 4.83 -16.85 15.34
N ASN A 19 5.38 -16.02 14.47
CA ASN A 19 6.73 -15.51 14.63
C ASN A 19 6.95 -14.24 13.82
N THR A 20 7.15 -13.12 14.51
CA THR A 20 7.36 -11.84 13.84
C THR A 20 8.68 -11.83 13.08
N PHE A 21 8.59 -11.66 11.76
CA PHE A 21 9.78 -11.62 10.92
C PHE A 21 10.15 -10.19 10.55
N LYS A 22 9.26 -9.54 9.80
CA LYS A 22 9.49 -8.16 9.38
C LYS A 22 8.23 -7.32 9.56
N GLY A 23 8.37 -6.01 9.43
CA GLY A 23 7.24 -5.12 9.59
C GLY A 23 7.67 -3.68 9.86
N GLY A 24 6.68 -2.80 9.99
CA GLY A 24 6.97 -1.40 10.26
C GLY A 24 5.72 -0.55 10.32
N SER A 25 5.91 0.76 10.39
CA SER A 25 4.79 1.70 10.45
C SER A 25 4.97 2.84 9.46
N TYR A 26 3.86 3.48 9.10
CA TYR A 26 3.90 4.59 8.15
C TYR A 26 2.86 5.64 8.51
N ALA A 27 3.26 6.91 8.47
CA ALA A 27 2.37 8.02 8.80
C ALA A 27 2.26 8.99 7.63
N LYS A 28 1.04 9.32 7.24
CA LYS A 28 0.81 10.25 6.14
C LYS A 28 0.19 11.55 6.65
N TYR A 29 0.87 12.66 6.40
CA TYR A 29 0.39 13.96 6.84
C TYR A 29 -0.37 14.66 5.71
N VAL A 30 -1.63 14.97 5.96
CA VAL A 30 -2.47 15.64 4.97
C VAL A 30 -2.80 17.06 5.41
N LEU A 31 -2.10 18.04 4.84
CA LEU A 31 -2.32 19.44 5.19
C LEU A 31 -3.41 20.05 4.29
N SER A 32 -3.42 19.63 3.03
CA SER A 32 -4.41 20.13 2.08
C SER A 32 -4.65 19.12 0.96
N PRO A 33 -5.78 19.27 0.26
CA PRO A 33 -6.16 18.37 -0.84
C PRO A 33 -5.27 18.55 -2.07
N ASN A 34 -4.79 19.78 -2.26
CA ASN A 34 -3.92 20.09 -3.39
C ASN A 34 -2.68 19.21 -3.38
N LEU A 35 -1.93 19.27 -2.29
CA LEU A 35 -0.71 18.48 -2.15
C LEU A 35 -0.59 17.91 -0.74
N ALA A 36 -0.27 16.62 -0.65
CA ALA A 36 -0.13 15.96 0.64
C ALA A 36 1.23 15.27 0.75
N LEU A 37 1.72 15.13 1.98
CA LEU A 37 3.01 14.50 2.22
C LEU A 37 2.85 13.23 3.05
N LYS A 38 3.63 12.21 2.73
CA LYS A 38 3.57 10.94 3.45
C LYS A 38 4.97 10.36 3.65
N GLY A 39 5.14 9.55 4.69
CA GLY A 39 6.42 8.95 4.96
C GLY A 39 6.31 7.63 5.70
N GLU A 40 6.70 6.55 5.06
CA GLU A 40 6.64 5.22 5.67
C GLU A 40 8.01 4.78 6.17
N TYR A 41 8.02 3.86 7.14
CA TYR A 41 9.26 3.36 7.71
C TYR A 41 9.16 1.87 8.02
N GLU A 42 9.79 1.05 7.18
CA GLU A 42 9.76 -0.40 7.37
C GLU A 42 11.13 -0.91 7.80
N TRP A 43 11.14 -2.00 8.55
CA TRP A 43 12.38 -2.60 9.03
C TRP A 43 12.32 -4.12 8.96
N ASN A 44 13.45 -4.74 8.64
CA ASN A 44 13.53 -6.19 8.53
C ASN A 44 14.50 -6.76 9.56
N ASN A 45 15.57 -6.03 9.81
CA ASN A 45 16.59 -6.46 10.78
C ASN A 45 17.09 -5.29 11.61
N SER A 46 17.97 -5.57 12.56
CA SER A 46 18.52 -4.55 13.42
C SER A 46 19.21 -3.45 12.60
N SER A 47 19.95 -3.87 11.58
CA SER A 47 20.66 -2.93 10.72
C SER A 47 19.87 -2.67 9.43
N LEU A 48 19.41 -3.75 8.80
CA LEU A 48 18.64 -3.64 7.57
C LEU A 48 17.36 -2.85 7.80
N ASN A 49 17.25 -1.68 7.17
CA ASN A 49 16.08 -0.84 7.31
C ASN A 49 15.97 0.14 6.14
N SER A 50 14.75 0.55 5.83
CA SER A 50 14.51 1.49 4.74
C SER A 50 13.22 2.27 4.96
N PHE A 51 13.14 3.45 4.36
CA PHE A 51 11.97 4.30 4.50
C PHE A 51 11.59 4.92 3.16
N LYS A 52 10.28 5.08 2.93
CA LYS A 52 9.79 5.65 1.69
C LYS A 52 8.98 6.93 1.96
N ALA A 53 9.58 8.07 1.63
CA ALA A 53 8.91 9.36 1.85
C ALA A 53 8.69 10.08 0.52
N GLY A 54 7.53 10.70 0.38
CA GLY A 54 7.20 11.42 -0.84
C GLY A 54 5.99 12.32 -0.68
N ALA A 55 5.32 12.61 -1.79
CA ALA A 55 4.15 13.47 -1.76
C ALA A 55 3.09 12.98 -2.75
N GLU A 56 1.82 13.15 -2.38
CA GLU A 56 0.72 12.73 -3.24
C GLU A 56 0.10 13.92 -3.97
N TYR A 57 0.01 13.80 -5.29
CA TYR A 57 -0.55 14.87 -6.11
C TYR A 57 -1.81 14.40 -6.83
N VAL A 58 -2.94 15.04 -6.55
CA VAL A 58 -4.20 14.69 -7.17
C VAL A 58 -4.51 15.60 -8.35
N ALA A 59 -4.35 15.07 -9.56
CA ALA A 59 -4.61 15.83 -10.77
C ALA A 59 -6.05 15.65 -11.23
N THR A 60 -6.58 14.45 -11.05
CA THR A 60 -7.96 14.16 -11.44
C THR A 60 -8.63 13.24 -10.43
N PRO A 61 -9.97 13.23 -10.45
CA PRO A 61 -10.78 12.40 -9.53
C PRO A 61 -10.67 10.91 -9.85
N TYR A 62 -10.48 10.60 -11.14
CA TYR A 62 -10.36 9.22 -11.58
C TYR A 62 -8.90 8.79 -11.59
N LEU A 63 -8.02 9.70 -11.97
CA LEU A 63 -6.58 9.41 -12.02
C LEU A 63 -5.82 10.22 -10.98
N LYS A 64 -5.17 9.51 -10.06
CA LYS A 64 -4.40 10.17 -9.00
C LYS A 64 -2.93 9.74 -9.06
N THR A 65 -2.04 10.69 -8.87
CA THR A 65 -0.61 10.42 -8.90
C THR A 65 0.01 10.54 -7.50
N GLU A 66 0.89 9.59 -7.16
CA GLU A 66 1.53 9.60 -5.86
C GLU A 66 3.02 9.26 -6.00
N VAL A 67 3.87 10.26 -5.77
CA VAL A 67 5.32 10.07 -5.86
C VAL A 67 5.89 9.56 -4.55
N MET A 68 6.47 8.36 -4.60
CA MET A 68 7.07 7.76 -3.40
C MET A 68 8.57 7.59 -3.57
N THR A 69 9.33 8.26 -2.73
CA THR A 69 10.80 8.19 -2.79
C THR A 69 11.33 7.24 -1.72
N GLU A 70 11.98 6.16 -2.17
CA GLU A 70 12.54 5.18 -1.25
C GLU A 70 14.03 5.44 -1.02
N TYR A 71 14.41 5.61 0.24
CA TYR A 71 15.80 5.87 0.59
C TYR A 71 16.30 4.87 1.62
N ASN A 72 17.57 4.49 1.51
CA ASN A 72 18.17 3.53 2.43
C ASN A 72 19.55 4.00 2.89
N THR A 73 20.21 3.19 3.71
CA THR A 73 21.53 3.52 4.22
C THR A 73 22.60 2.68 3.53
N ASP A 74 22.47 2.51 2.22
CA ASP A 74 23.43 1.74 1.45
C ASP A 74 23.91 2.52 0.23
N ASN A 75 24.01 3.85 0.39
CA ASN A 75 24.45 4.72 -0.70
C ASN A 75 23.64 4.44 -1.97
N THR A 76 22.33 4.32 -1.81
CA THR A 76 21.44 4.07 -2.94
C THR A 76 20.10 4.77 -2.75
N PHE A 77 19.63 5.42 -3.81
CA PHE A 77 18.36 6.13 -3.75
C PHE A 77 17.52 5.84 -5.01
N ARG A 78 16.25 5.52 -4.80
CA ARG A 78 15.35 5.22 -5.91
C ARG A 78 14.01 5.91 -5.71
N VAL A 79 13.41 6.35 -6.82
CA VAL A 79 12.13 7.03 -6.78
C VAL A 79 11.05 6.25 -7.54
N THR A 80 10.01 5.85 -6.83
CA THR A 80 8.92 5.08 -7.42
C THR A 80 7.60 5.83 -7.31
N VAL A 81 6.91 5.98 -8.43
CA VAL A 81 5.62 6.67 -8.45
C VAL A 81 4.50 5.73 -8.85
N VAL A 82 3.47 5.65 -8.01
CA VAL A 82 2.32 4.79 -8.28
C VAL A 82 1.10 5.60 -8.65
N THR A 83 0.24 5.03 -9.50
CA THR A 83 -0.97 5.71 -9.93
C THR A 83 -2.21 4.93 -9.50
N GLU A 84 -3.08 5.59 -8.75
CA GLU A 84 -4.31 4.96 -8.27
C GLU A 84 -5.53 5.58 -8.94
N GLY A 85 -6.59 4.78 -9.10
CA GLY A 85 -7.80 5.27 -9.73
C GLY A 85 -8.98 4.34 -9.52
N ARG A 86 -10.18 4.84 -9.76
CA ARG A 86 -11.39 4.04 -9.60
C ARG A 86 -12.12 3.88 -10.93
N TYR A 87 -12.27 2.63 -11.36
CA TYR A 87 -12.94 2.33 -12.61
C TYR A 87 -14.11 1.37 -12.39
N PRO A 88 -15.32 1.81 -12.77
CA PRO A 88 -16.54 1.01 -12.63
C PRO A 88 -16.56 -0.18 -13.58
N VAL A 89 -17.10 -1.30 -13.10
CA VAL A 89 -17.19 -2.51 -13.92
C VAL A 89 -18.54 -3.18 -13.75
N ASP A 90 -19.04 -3.19 -12.53
CA ASP A 90 -20.33 -3.81 -12.23
C ASP A 90 -20.75 -3.53 -10.79
N PRO A 91 -22.06 -3.71 -10.51
CA PRO A 91 -22.61 -3.48 -9.18
C PRO A 91 -22.16 -4.52 -8.16
N ASN A 92 -21.57 -5.60 -8.67
CA ASN A 92 -21.08 -6.68 -7.81
C ASN A 92 -19.74 -6.31 -7.18
N LEU A 93 -18.85 -5.74 -8.00
CA LEU A 93 -17.53 -5.33 -7.52
C LEU A 93 -16.97 -4.20 -8.39
N GLU A 94 -15.87 -3.61 -7.91
CA GLU A 94 -15.24 -2.51 -8.64
C GLU A 94 -13.82 -2.89 -9.04
N LEU A 95 -13.32 -2.24 -10.09
CA LEU A 95 -11.96 -2.50 -10.57
C LEU A 95 -11.12 -1.24 -10.55
N PHE A 96 -10.02 -1.27 -9.79
CA PHE A 96 -9.13 -0.13 -9.68
C PHE A 96 -7.80 -0.40 -10.39
N PRO A 97 -7.52 0.38 -11.45
CA PRO A 97 -6.29 0.24 -12.23
C PRO A 97 -5.06 0.69 -11.45
N GLY A 98 -4.17 -0.25 -11.17
CA GLY A 98 -2.96 0.07 -10.42
C GLY A 98 -1.74 0.14 -11.32
N GLY A 99 -1.01 1.25 -11.25
CA GLY A 99 0.18 1.41 -12.06
C GLY A 99 1.40 1.78 -11.23
N TRP A 100 2.40 0.89 -11.25
CA TRP A 100 3.63 1.13 -10.49
C TRP A 100 4.78 1.46 -11.43
N TYR A 101 5.50 2.53 -11.11
CA TYR A 101 6.64 2.95 -11.93
C TYR A 101 7.91 3.03 -11.09
N THR A 102 8.98 2.41 -11.59
CA THR A 102 10.25 2.41 -10.88
C THR A 102 11.32 3.15 -11.68
N TRP A 103 11.71 4.32 -11.18
CA TRP A 103 12.73 5.13 -11.84
C TRP A 103 13.93 5.35 -10.94
N ASN A 104 15.08 5.62 -11.53
CA ASN A 104 16.31 5.85 -10.78
C ASN A 104 16.71 4.60 -10.01
N ASN A 105 16.80 3.47 -10.72
CA ASN A 105 17.18 2.21 -10.11
C ASN A 105 18.48 1.67 -10.71
N SER A 106 19.07 0.69 -10.04
CA SER A 106 20.32 0.09 -10.51
C SER A 106 20.19 -0.37 -11.96
N SER A 107 19.02 -0.87 -12.30
CA SER A 107 18.77 -1.35 -13.66
C SER A 107 17.86 -0.40 -14.42
N LEU A 108 17.56 -0.74 -15.67
CA LEU A 108 16.70 0.09 -16.50
C LEU A 108 15.34 0.32 -15.84
N ASN A 109 14.87 1.56 -15.88
CA ASN A 109 13.58 1.90 -15.29
C ASN A 109 12.43 1.29 -16.06
N LYS A 110 11.29 1.12 -15.40
CA LYS A 110 10.12 0.54 -16.04
C LYS A 110 8.90 0.62 -15.12
N GLY A 111 7.73 0.28 -15.65
CA GLY A 111 6.52 0.32 -14.86
C GLY A 111 5.80 -1.01 -14.83
N ALA A 112 5.70 -1.60 -13.65
CA ALA A 112 5.03 -2.89 -13.49
C ALA A 112 3.52 -2.71 -13.36
N PRO A 113 2.76 -3.58 -14.04
CA PRO A 113 1.30 -3.54 -14.02
C PRO A 113 0.73 -3.96 -12.67
N TYR A 114 -0.43 -3.42 -12.32
CA TYR A 114 -1.08 -3.73 -11.05
C TYR A 114 -2.60 -3.67 -11.19
N THR A 115 -3.28 -4.68 -10.66
CA THR A 115 -4.73 -4.74 -10.71
C THR A 115 -5.33 -4.99 -9.34
N ARG A 116 -6.00 -3.98 -8.78
CA ARG A 116 -6.62 -4.10 -7.47
C ARG A 116 -8.12 -3.88 -7.56
N ALA A 117 -8.89 -4.88 -7.15
CA ALA A 117 -10.34 -4.79 -7.18
C ALA A 117 -10.92 -4.82 -5.76
N GLU A 118 -12.06 -4.16 -5.58
CA GLU A 118 -12.71 -4.10 -4.28
C GLU A 118 -14.02 -4.88 -4.30
N TYR A 119 -14.43 -5.35 -3.12
CA TYR A 119 -15.67 -6.12 -3.00
C TYR A 119 -16.46 -5.70 -1.76
N LYS A 120 -17.37 -4.76 -1.94
CA LYS A 120 -18.19 -4.26 -0.83
C LYS A 120 -19.14 -5.35 -0.34
N LEU A 121 -18.93 -5.79 0.89
CA LEU A 121 -19.77 -6.83 1.48
C LEU A 121 -20.99 -6.22 2.16
N THR A 122 -21.60 -6.97 3.07
CA THR A 122 -22.77 -6.50 3.79
C THR A 122 -22.38 -5.61 4.97
N PRO A 123 -21.62 -6.19 5.92
CA PRO A 123 -21.17 -5.48 7.11
C PRO A 123 -20.12 -4.42 6.79
N ASP A 124 -19.43 -3.93 7.81
CA ASP A 124 -18.40 -2.92 7.64
C ASP A 124 -17.08 -3.55 7.21
N LEU A 125 -17.14 -4.40 6.19
CA LEU A 125 -15.95 -5.08 5.68
C LEU A 125 -15.71 -4.74 4.22
N LYS A 126 -14.44 -4.78 3.80
CA LYS A 126 -14.08 -4.49 2.43
C LYS A 126 -13.06 -5.50 1.90
N LEU A 127 -13.52 -6.37 1.01
CA LEU A 127 -12.65 -7.38 0.42
C LEU A 127 -11.89 -6.83 -0.77
N LEU A 128 -10.64 -6.45 -0.55
CA LEU A 128 -9.80 -5.90 -1.62
C LEU A 128 -8.82 -6.95 -2.14
N SER A 129 -8.92 -7.27 -3.43
CA SER A 129 -8.05 -8.26 -4.04
C SER A 129 -7.02 -7.58 -4.94
N GLN A 130 -5.76 -7.94 -4.73
CA GLN A 130 -4.67 -7.36 -5.52
C GLN A 130 -3.92 -8.45 -6.29
N VAL A 131 -3.96 -8.36 -7.62
CA VAL A 131 -3.29 -9.33 -8.47
C VAL A 131 -2.28 -8.66 -9.38
N VAL A 132 -1.13 -9.31 -9.57
CA VAL A 132 -0.08 -8.78 -10.42
C VAL A 132 0.21 -9.71 -11.59
N TYR A 133 -0.22 -9.31 -12.78
CA TYR A 133 0.00 -10.12 -13.98
C TYR A 133 1.19 -9.60 -14.78
N ASN A 134 2.08 -10.51 -15.15
CA ASN A 134 3.27 -10.16 -15.92
C ASN A 134 3.48 -11.13 -17.08
N THR A 135 4.50 -10.85 -17.90
CA THR A 135 4.81 -11.69 -19.05
C THR A 135 6.09 -12.48 -18.81
N ASP A 136 6.12 -13.25 -17.74
CA ASP A 136 7.29 -14.05 -17.40
C ASP A 136 6.88 -15.42 -16.85
N ASN A 137 5.78 -15.95 -17.37
CA ASN A 137 5.28 -17.25 -16.93
C ASN A 137 5.15 -17.29 -15.41
N THR A 138 4.69 -16.19 -14.83
CA THR A 138 4.52 -16.11 -13.38
C THR A 138 3.41 -15.13 -13.02
N PHE A 139 2.61 -15.51 -12.03
CA PHE A 139 1.50 -14.66 -11.58
C PHE A 139 1.49 -14.53 -10.06
N LYS A 140 1.34 -13.31 -9.57
CA LYS A 140 1.32 -13.05 -8.14
C LYS A 140 -0.12 -12.89 -7.64
N PHE A 141 -0.42 -13.52 -6.51
CA PHE A 141 -1.75 -13.44 -5.92
C PHE A 141 -1.69 -12.93 -4.49
N ASP A 142 -2.38 -11.83 -4.22
CA ASP A 142 -2.40 -11.24 -2.89
C ASP A 142 -3.76 -10.61 -2.59
N THR A 143 -4.46 -11.17 -1.62
CA THR A 143 -5.78 -10.67 -1.25
C THR A 143 -5.76 -10.08 0.17
N GLY A 144 -6.52 -9.01 0.37
CA GLY A 144 -6.58 -8.37 1.66
C GLY A 144 -7.98 -7.99 2.07
N LEU A 145 -8.32 -8.18 3.34
CA LEU A 145 -9.65 -7.86 3.84
C LEU A 145 -9.56 -6.94 5.06
N GLU A 146 -10.18 -5.78 4.97
CA GLU A 146 -10.17 -4.81 6.06
C GLU A 146 -11.46 -4.89 6.87
N TYR A 147 -11.32 -4.94 8.19
CA TYR A 147 -12.46 -5.03 9.08
C TYR A 147 -12.16 -4.37 10.42
N LYS A 148 -13.19 -3.78 11.04
CA LYS A 148 -13.03 -3.13 12.33
C LYS A 148 -12.75 -4.14 13.43
N LEU A 149 -12.71 -3.68 14.67
CA LEU A 149 -12.44 -4.54 15.81
C LEU A 149 -13.01 -3.94 17.09
N SER A 150 -12.80 -4.63 18.20
CA SER A 150 -13.29 -4.17 19.50
C SER A 150 -12.79 -2.77 19.79
N PRO A 151 -11.45 -2.61 19.83
CA PRO A 151 -10.81 -1.32 20.10
C PRO A 151 -10.99 -0.33 18.96
N ASN A 152 -10.54 0.90 19.18
CA ASN A 152 -10.65 1.94 18.16
C ASN A 152 -10.08 1.48 16.83
N LEU A 153 -8.74 1.39 16.76
CA LEU A 153 -8.07 0.96 15.55
C LEU A 153 -8.70 -0.33 15.00
N LYS A 154 -8.33 -0.69 13.78
CA LYS A 154 -8.85 -1.89 13.14
C LYS A 154 -7.71 -2.77 12.62
N VAL A 155 -8.07 -3.88 11.99
CA VAL A 155 -7.08 -4.80 11.44
C VAL A 155 -7.47 -5.26 10.05
N LYS A 156 -6.48 -5.69 9.26
CA LYS A 156 -6.73 -6.17 7.91
C LYS A 156 -5.87 -7.39 7.60
N PHE A 157 -6.52 -8.50 7.27
CA PHE A 157 -5.82 -9.73 6.94
C PHE A 157 -5.42 -9.76 5.46
N GLU A 158 -4.11 -9.77 5.22
CA GLU A 158 -3.61 -9.80 3.84
C GLU A 158 -2.71 -11.02 3.62
N TYR A 159 -3.11 -11.86 2.67
CA TYR A 159 -2.34 -13.07 2.35
C TYR A 159 -1.72 -12.98 0.97
N GLY A 160 -0.39 -13.06 0.91
CA GLY A 160 0.30 -12.98 -0.36
C GLY A 160 1.12 -14.23 -0.64
N TRP A 161 1.11 -14.66 -1.90
CA TRP A 161 1.85 -15.85 -2.30
C TRP A 161 2.16 -15.81 -3.80
N ASN A 162 3.29 -16.39 -4.18
CA ASN A 162 3.69 -16.44 -5.59
C ASN A 162 4.87 -17.39 -5.79
N ASN A 163 5.29 -17.54 -7.04
CA ASN A 163 6.41 -18.42 -7.36
C ASN A 163 7.64 -18.05 -6.55
N SER A 164 7.83 -16.76 -6.32
CA SER A 164 8.97 -16.27 -5.56
C SER A 164 8.76 -16.48 -4.07
N SER A 165 7.81 -15.75 -3.49
CA SER A 165 7.51 -15.86 -2.07
C SER A 165 6.62 -17.06 -1.79
N LEU A 166 7.11 -17.98 -0.97
CA LEU A 166 6.35 -19.18 -0.63
C LEU A 166 5.03 -18.82 0.05
N ASN A 167 5.12 -18.19 1.21
CA ASN A 167 3.93 -17.78 1.96
C ASN A 167 4.26 -16.64 2.92
N GLU A 168 3.59 -15.51 2.72
CA GLU A 168 3.82 -14.35 3.58
C GLU A 168 2.49 -13.80 4.09
N PHE A 169 2.36 -13.73 5.42
CA PHE A 169 1.14 -13.23 6.05
C PHE A 169 1.34 -11.81 6.56
N THR A 170 0.60 -10.87 5.98
CA THR A 170 0.70 -9.47 6.38
C THR A 170 -0.61 -8.98 7.00
N VAL A 171 -0.51 -8.43 8.20
CA VAL A 171 -1.68 -7.93 8.92
C VAL A 171 -1.54 -6.44 9.22
N GLN A 172 -2.34 -5.63 8.54
CA GLN A 172 -2.30 -4.18 8.74
C GLN A 172 -3.25 -3.76 9.85
N PHE A 173 -2.68 -3.19 10.91
CA PHE A 173 -3.48 -2.75 12.05
C PHE A 173 -3.11 -1.32 12.45
N GLU A 174 -4.13 -0.47 12.59
CA GLU A 174 -3.90 0.93 12.96
C GLU A 174 -5.19 1.74 12.81
N TYR A 175 -5.04 3.06 12.73
CA TYR A 175 -6.19 3.94 12.58
C TYR A 175 -5.75 5.31 12.07
N ASP A 176 -6.73 6.18 11.83
CA ASP A 176 -6.45 7.53 11.34
C ASP A 176 -6.47 8.54 12.48
N LEU A 177 -5.33 9.15 12.76
CA LEU A 177 -5.21 10.13 13.83
C LEU A 177 -6.13 11.32 13.57
N SER A 178 -7.30 11.31 14.20
CA SER A 178 -8.27 12.39 14.04
C SER A 178 -7.76 13.67 14.70
N SER A 179 -7.29 13.56 15.93
CA SER A 179 -6.78 14.70 16.67
C SER A 179 -5.26 14.74 16.64
N GLN A 1 -11.95 24.17 17.94
CA GLN A 1 -12.28 23.73 16.59
C GLN A 1 -11.25 22.74 16.07
N ASP A 2 -11.67 21.90 15.12
CA ASP A 2 -10.78 20.91 14.54
C ASP A 2 -9.67 21.57 13.72
N LYS A 3 -8.43 21.28 14.06
CA LYS A 3 -7.28 21.85 13.35
C LYS A 3 -6.64 20.82 12.42
N PRO A 4 -5.87 21.30 11.45
CA PRO A 4 -5.19 20.44 10.48
C PRO A 4 -4.05 19.64 11.12
N GLY A 5 -3.28 18.95 10.28
CA GLY A 5 -2.17 18.16 10.78
C GLY A 5 -2.56 16.71 11.02
N SER A 6 -3.74 16.34 10.56
CA SER A 6 -4.24 14.98 10.74
C SER A 6 -3.40 13.98 9.93
N ALA A 7 -3.07 12.86 10.55
CA ALA A 7 -2.28 11.83 9.88
C ALA A 7 -2.76 10.43 10.26
N LYS A 8 -2.30 9.43 9.52
CA LYS A 8 -2.68 8.04 9.78
C LYS A 8 -1.45 7.13 9.79
N ALA A 9 -1.34 6.30 10.80
CA ALA A 9 -0.22 5.37 10.92
C ALA A 9 -0.68 3.93 10.76
N GLY A 10 0.11 3.12 10.07
CA GLY A 10 -0.23 1.74 9.87
C GLY A 10 0.99 0.83 9.82
N GLY A 11 0.82 -0.40 10.28
CA GLY A 11 1.93 -1.35 10.29
C GLY A 11 1.57 -2.67 9.63
N TRP A 12 2.32 -3.03 8.59
CA TRP A 12 2.08 -4.28 7.88
C TRP A 12 2.94 -5.40 8.44
N THR A 13 2.29 -6.36 9.08
CA THR A 13 3.00 -7.51 9.66
C THR A 13 2.83 -8.75 8.80
N THR A 14 3.92 -9.16 8.16
CA THR A 14 3.90 -10.35 7.30
C THR A 14 4.52 -11.54 8.01
N TYR A 15 3.71 -12.58 8.24
CA TYR A 15 4.19 -13.79 8.90
C TYR A 15 3.92 -15.02 8.04
N ASN A 16 4.79 -16.02 8.17
CA ASN A 16 4.65 -17.26 7.41
C ASN A 16 4.89 -18.47 8.30
N THR A 17 4.77 -19.66 7.71
CA THR A 17 4.98 -20.90 8.45
C THR A 17 6.31 -20.88 9.19
N ASP A 18 7.32 -20.27 8.58
CA ASP A 18 8.63 -20.18 9.18
C ASP A 18 8.63 -19.21 10.36
N ASN A 19 9.77 -19.12 11.05
CA ASN A 19 9.90 -18.24 12.20
C ASN A 19 10.20 -16.81 11.75
N THR A 20 10.99 -16.68 10.69
CA THR A 20 11.35 -15.37 10.17
C THR A 20 10.11 -14.59 9.74
N PHE A 21 10.14 -13.27 9.99
CA PHE A 21 9.02 -12.41 9.64
C PHE A 21 9.51 -11.08 9.09
N LYS A 22 8.60 -10.30 8.52
CA LYS A 22 8.94 -9.01 7.96
C LYS A 22 8.05 -7.91 8.53
N GLY A 23 8.64 -6.76 8.82
CA GLY A 23 7.88 -5.65 9.36
C GLY A 23 8.02 -4.39 8.55
N GLY A 24 6.91 -3.88 8.03
CA GLY A 24 6.93 -2.67 7.23
C GLY A 24 5.94 -1.63 7.72
N SER A 25 6.47 -0.51 8.21
CA SER A 25 5.63 0.57 8.73
C SER A 25 5.33 1.59 7.63
N TYR A 26 4.07 1.96 7.51
CA TYR A 26 3.65 2.92 6.50
C TYR A 26 2.68 3.95 7.09
N ALA A 27 2.92 5.22 6.81
CA ALA A 27 2.07 6.29 7.31
C ALA A 27 1.92 7.40 6.28
N LYS A 28 0.80 8.11 6.34
CA LYS A 28 0.53 9.20 5.40
C LYS A 28 0.08 10.45 6.15
N TYR A 29 0.83 11.53 5.96
CA TYR A 29 0.51 12.80 6.62
C TYR A 29 -0.31 13.70 5.70
N VAL A 30 -1.59 13.86 6.04
CA VAL A 30 -2.49 14.69 5.25
C VAL A 30 -2.26 16.17 5.53
N LEU A 31 -1.48 16.83 4.67
CA LEU A 31 -1.19 18.24 4.83
C LEU A 31 -2.46 19.07 4.78
N SER A 32 -2.32 20.38 5.03
CA SER A 32 -3.47 21.28 5.01
C SER A 32 -4.21 21.20 3.68
N PRO A 33 -3.49 21.53 2.59
CA PRO A 33 -4.06 21.51 1.24
C PRO A 33 -4.34 20.09 0.76
N ASN A 34 -4.66 19.96 -0.53
CA ASN A 34 -4.96 18.66 -1.12
C ASN A 34 -3.74 17.74 -1.04
N LEU A 35 -2.66 18.14 -1.71
CA LEU A 35 -1.43 17.35 -1.73
C LEU A 35 -1.05 16.93 -0.31
N ALA A 36 -0.59 15.69 -0.17
CA ALA A 36 -0.18 15.17 1.12
C ALA A 36 1.15 14.43 1.03
N LEU A 37 1.84 14.30 2.15
CA LEU A 37 3.12 13.62 2.19
C LEU A 37 2.96 12.18 2.70
N LYS A 38 3.75 11.27 2.15
CA LYS A 38 3.70 9.87 2.56
C LYS A 38 5.00 9.46 3.25
N GLY A 39 4.96 8.30 3.91
CA GLY A 39 6.14 7.82 4.61
C GLY A 39 6.24 6.30 4.60
N GLU A 40 7.44 5.79 4.37
CA GLU A 40 7.66 4.35 4.33
C GLU A 40 8.93 3.97 5.11
N TYR A 41 8.88 2.83 5.78
CA TYR A 41 10.02 2.35 6.56
C TYR A 41 10.08 0.82 6.55
N GLU A 42 10.97 0.28 5.74
CA GLU A 42 11.14 -1.16 5.64
C GLU A 42 12.15 -1.67 6.68
N TRP A 43 11.76 -2.69 7.43
CA TRP A 43 12.63 -3.27 8.45
C TRP A 43 12.41 -4.77 8.56
N ASN A 44 13.49 -5.53 8.39
CA ASN A 44 13.42 -6.99 8.48
C ASN A 44 14.79 -7.59 8.77
N ASN A 45 14.98 -8.00 10.03
CA ASN A 45 16.26 -8.58 10.43
C ASN A 45 17.43 -7.68 10.05
N SER A 46 17.39 -6.44 10.51
CA SER A 46 18.45 -5.48 10.21
C SER A 46 18.23 -4.18 10.96
N SER A 47 19.22 -3.29 10.90
CA SER A 47 19.14 -2.00 11.57
C SER A 47 18.32 -1.00 10.75
N LEU A 48 18.46 -1.09 9.43
CA LEU A 48 17.73 -0.19 8.53
C LEU A 48 17.78 -0.72 7.10
N ASN A 49 16.64 -1.16 6.60
CA ASN A 49 16.54 -1.68 5.24
C ASN A 49 16.21 -0.57 4.26
N SER A 50 15.04 0.02 4.41
CA SER A 50 14.60 1.11 3.53
C SER A 50 13.82 2.16 4.30
N PHE A 51 13.86 3.39 3.82
CA PHE A 51 13.15 4.49 4.47
C PHE A 51 13.15 5.73 3.57
N LYS A 52 12.06 6.50 3.66
CA LYS A 52 11.92 7.71 2.86
C LYS A 52 10.50 8.25 2.92
N ALA A 53 10.12 9.07 1.95
CA ALA A 53 8.79 9.65 1.90
C ALA A 53 8.37 9.93 0.46
N GLY A 54 7.10 10.31 0.29
CA GLY A 54 6.59 10.60 -1.03
C GLY A 54 5.59 11.74 -1.03
N ALA A 55 4.86 11.89 -2.14
CA ALA A 55 3.85 12.95 -2.25
C ALA A 55 2.64 12.45 -3.03
N GLU A 56 1.45 12.72 -2.50
CA GLU A 56 0.22 12.31 -3.15
C GLU A 56 -0.48 13.51 -3.80
N TYR A 57 -0.79 13.38 -5.08
CA TYR A 57 -1.46 14.45 -5.81
C TYR A 57 -2.84 14.00 -6.29
N VAL A 58 -3.88 14.51 -5.63
CA VAL A 58 -5.25 14.18 -5.98
C VAL A 58 -5.86 15.24 -6.87
N ALA A 59 -5.82 15.02 -8.18
CA ALA A 59 -6.38 15.96 -9.13
C ALA A 59 -7.89 15.75 -9.30
N THR A 60 -8.25 14.67 -9.99
CA THR A 60 -9.65 14.35 -10.22
C THR A 60 -10.06 13.08 -9.49
N PRO A 61 -11.37 12.90 -9.29
CA PRO A 61 -11.92 11.72 -8.61
C PRO A 61 -11.75 10.44 -9.42
N TYR A 62 -11.73 10.59 -10.74
CA TYR A 62 -11.58 9.44 -11.63
C TYR A 62 -10.23 8.78 -11.45
N LEU A 63 -9.18 9.47 -11.88
CA LEU A 63 -7.82 8.94 -11.75
C LEU A 63 -6.98 9.80 -10.80
N LYS A 64 -6.01 9.18 -10.16
CA LYS A 64 -5.14 9.89 -9.22
C LYS A 64 -3.67 9.77 -9.66
N THR A 65 -2.86 10.74 -9.24
CA THR A 65 -1.44 10.75 -9.59
C THR A 65 -0.58 11.01 -8.35
N GLU A 66 0.30 10.07 -8.05
CA GLU A 66 1.18 10.20 -6.90
C GLU A 66 2.53 9.53 -7.16
N VAL A 67 3.57 10.04 -6.52
CA VAL A 67 4.91 9.50 -6.69
C VAL A 67 5.62 9.36 -5.34
N MET A 68 5.99 8.13 -5.00
CA MET A 68 6.68 7.86 -3.73
C MET A 68 8.18 7.65 -3.97
N THR A 69 8.99 8.41 -3.26
CA THR A 69 10.44 8.31 -3.40
C THR A 69 11.05 7.56 -2.20
N GLU A 70 11.49 6.33 -2.45
CA GLU A 70 12.09 5.51 -1.41
C GLU A 70 13.60 5.50 -1.53
N TYR A 71 14.29 5.37 -0.40
CA TYR A 71 15.74 5.34 -0.37
C TYR A 71 16.26 4.01 0.16
N ASN A 72 17.17 3.40 -0.58
CA ASN A 72 17.75 2.12 -0.18
C ASN A 72 18.76 2.30 0.95
N THR A 73 19.33 1.20 1.41
CA THR A 73 20.32 1.24 2.49
C THR A 73 21.49 2.14 2.13
N ASP A 74 22.35 1.67 1.23
CA ASP A 74 23.51 2.44 0.80
C ASP A 74 23.09 3.58 -0.12
N ASN A 75 24.07 4.29 -0.67
CA ASN A 75 23.82 5.40 -1.56
C ASN A 75 23.03 4.94 -2.78
N THR A 76 21.72 5.14 -2.74
CA THR A 76 20.86 4.74 -3.85
C THR A 76 19.51 5.48 -3.80
N PHE A 77 19.08 5.99 -4.94
CA PHE A 77 17.82 6.72 -5.02
C PHE A 77 16.83 5.98 -5.90
N ARG A 78 15.70 5.61 -5.32
CA ARG A 78 14.66 4.88 -6.05
C ARG A 78 13.35 5.68 -6.06
N VAL A 79 12.89 6.03 -7.26
CA VAL A 79 11.65 6.78 -7.42
C VAL A 79 10.61 5.98 -8.18
N THR A 80 9.51 5.66 -7.51
CA THR A 80 8.44 4.89 -8.11
C THR A 80 7.15 5.71 -8.20
N VAL A 81 6.52 5.69 -9.36
CA VAL A 81 5.27 6.43 -9.58
C VAL A 81 4.07 5.50 -9.57
N VAL A 82 3.02 5.90 -8.88
CA VAL A 82 1.79 5.10 -8.80
C VAL A 82 0.59 5.87 -9.34
N THR A 83 -0.20 5.21 -10.16
CA THR A 83 -1.38 5.83 -10.75
C THR A 83 -2.64 5.04 -10.41
N GLU A 84 -3.66 5.75 -9.92
CA GLU A 84 -4.92 5.12 -9.56
C GLU A 84 -6.03 5.51 -10.53
N GLY A 85 -7.00 4.61 -10.71
CA GLY A 85 -8.10 4.90 -11.62
C GLY A 85 -9.34 4.10 -11.27
N ARG A 86 -10.45 4.40 -11.94
CA ARG A 86 -11.71 3.72 -11.69
C ARG A 86 -12.22 3.06 -12.97
N TYR A 87 -12.38 1.75 -12.93
CA TYR A 87 -12.87 1.00 -14.09
C TYR A 87 -14.13 0.22 -13.74
N PRO A 88 -15.13 0.27 -14.65
CA PRO A 88 -16.41 -0.42 -14.46
C PRO A 88 -16.26 -1.95 -14.56
N VAL A 89 -17.39 -2.64 -14.52
CA VAL A 89 -17.38 -4.10 -14.61
C VAL A 89 -18.80 -4.65 -14.61
N ASP A 90 -18.93 -5.93 -14.93
CA ASP A 90 -20.24 -6.59 -14.96
C ASP A 90 -20.83 -6.67 -13.56
N PRO A 91 -20.11 -7.36 -12.65
CA PRO A 91 -20.55 -7.53 -11.27
C PRO A 91 -20.49 -6.23 -10.47
N ASN A 92 -20.94 -6.28 -9.22
CA ASN A 92 -20.93 -5.11 -8.35
C ASN A 92 -19.51 -4.64 -8.07
N LEU A 93 -18.62 -5.58 -7.79
CA LEU A 93 -17.23 -5.26 -7.51
C LEU A 93 -16.70 -4.23 -8.50
N GLU A 94 -15.63 -3.54 -8.11
CA GLU A 94 -15.02 -2.53 -8.96
C GLU A 94 -13.59 -2.89 -9.29
N LEU A 95 -13.15 -2.51 -10.49
CA LEU A 95 -11.79 -2.80 -10.94
C LEU A 95 -10.97 -1.52 -11.05
N PHE A 96 -9.88 -1.45 -10.29
CA PHE A 96 -9.01 -0.28 -10.31
C PHE A 96 -7.68 -0.61 -10.98
N PRO A 97 -7.42 0.04 -12.12
CA PRO A 97 -6.19 -0.16 -12.88
C PRO A 97 -4.96 0.41 -12.17
N GLY A 98 -4.12 -0.48 -11.65
CA GLY A 98 -2.92 -0.05 -10.95
C GLY A 98 -1.74 0.11 -11.87
N GLY A 99 -1.23 1.33 -12.00
CA GLY A 99 -0.09 1.59 -12.85
C GLY A 99 1.14 2.00 -12.07
N TRP A 100 2.13 1.12 -12.03
CA TRP A 100 3.36 1.39 -11.31
C TRP A 100 4.52 1.60 -12.28
N TYR A 101 5.42 2.52 -11.94
CA TYR A 101 6.57 2.83 -12.78
C TYR A 101 7.85 2.84 -11.96
N THR A 102 8.79 1.98 -12.33
CA THR A 102 10.07 1.89 -11.63
C THR A 102 11.14 2.74 -12.31
N TRP A 103 11.57 3.79 -11.63
CA TRP A 103 12.58 4.69 -12.17
C TRP A 103 13.83 4.70 -11.29
N ASN A 104 14.99 4.57 -11.92
CA ASN A 104 16.26 4.56 -11.19
C ASN A 104 17.16 5.70 -11.65
N ASN A 105 18.39 5.71 -11.16
CA ASN A 105 19.35 6.75 -11.52
C ASN A 105 19.48 6.87 -13.03
N SER A 106 19.45 5.73 -13.71
CA SER A 106 19.57 5.70 -15.17
C SER A 106 18.36 6.34 -15.82
N SER A 107 18.36 6.37 -17.15
CA SER A 107 17.25 6.96 -17.90
C SER A 107 16.17 5.91 -18.19
N LEU A 108 16.60 4.68 -18.42
CA LEU A 108 15.68 3.59 -18.70
C LEU A 108 14.59 3.50 -17.64
N ASN A 109 13.36 3.22 -18.07
CA ASN A 109 12.23 3.10 -17.16
C ASN A 109 11.47 1.80 -17.38
N LYS A 110 10.83 1.31 -16.33
CA LYS A 110 10.06 0.07 -16.41
C LYS A 110 8.65 0.26 -15.86
N GLY A 111 7.67 -0.33 -16.53
CA GLY A 111 6.30 -0.22 -16.09
C GLY A 111 5.79 -1.49 -15.43
N ALA A 112 5.69 -1.46 -14.11
CA ALA A 112 5.21 -2.61 -13.36
C ALA A 112 3.69 -2.66 -13.33
N PRO A 113 3.12 -3.73 -13.91
CA PRO A 113 1.66 -3.92 -13.98
C PRO A 113 1.06 -4.22 -12.60
N TYR A 114 0.07 -3.44 -12.22
CA TYR A 114 -0.59 -3.62 -10.93
C TYR A 114 -2.10 -3.72 -11.11
N THR A 115 -2.70 -4.72 -10.47
CA THR A 115 -4.14 -4.94 -10.55
C THR A 115 -4.79 -4.82 -9.18
N ARG A 116 -5.73 -3.89 -9.05
CA ARG A 116 -6.43 -3.67 -7.79
C ARG A 116 -7.93 -3.90 -7.96
N ALA A 117 -8.49 -4.76 -7.11
CA ALA A 117 -9.91 -5.07 -7.15
C ALA A 117 -10.55 -4.95 -5.77
N GLU A 118 -11.85 -4.65 -5.75
CA GLU A 118 -12.57 -4.51 -4.49
C GLU A 118 -13.95 -5.16 -4.58
N TYR A 119 -14.38 -5.77 -3.49
CA TYR A 119 -15.68 -6.44 -3.44
C TYR A 119 -16.45 -6.04 -2.19
N LYS A 120 -17.61 -5.42 -2.39
CA LYS A 120 -18.44 -5.00 -1.28
C LYS A 120 -19.55 -6.01 -1.00
N LEU A 121 -19.16 -7.27 -0.86
CA LEU A 121 -20.11 -8.34 -0.59
C LEU A 121 -21.04 -7.96 0.55
N THR A 122 -20.52 -7.21 1.52
CA THR A 122 -21.30 -6.78 2.67
C THR A 122 -21.15 -5.28 2.91
N PRO A 123 -22.10 -4.70 3.66
CA PRO A 123 -22.09 -3.27 3.98
C PRO A 123 -20.97 -2.89 4.93
N ASP A 124 -20.57 -3.85 5.77
CA ASP A 124 -19.51 -3.62 6.74
C ASP A 124 -18.21 -4.27 6.29
N LEU A 125 -18.13 -5.59 6.42
CA LEU A 125 -16.93 -6.33 6.01
C LEU A 125 -16.67 -6.17 4.52
N LYS A 126 -15.45 -5.77 4.18
CA LYS A 126 -15.06 -5.58 2.79
C LYS A 126 -13.86 -6.45 2.43
N LEU A 127 -13.88 -7.01 1.23
CA LEU A 127 -12.79 -7.85 0.76
C LEU A 127 -12.31 -7.42 -0.62
N LEU A 128 -11.01 -7.10 -0.71
CA LEU A 128 -10.41 -6.67 -1.97
C LEU A 128 -9.34 -7.65 -2.43
N SER A 129 -9.16 -7.75 -3.75
CA SER A 129 -8.17 -8.65 -4.32
C SER A 129 -7.30 -7.92 -5.33
N GLN A 130 -5.98 -8.06 -5.19
CA GLN A 130 -5.04 -7.42 -6.09
C GLN A 130 -4.06 -8.44 -6.67
N VAL A 131 -3.58 -8.15 -7.88
CA VAL A 131 -2.63 -9.04 -8.55
C VAL A 131 -1.37 -8.30 -8.96
N VAL A 132 -0.29 -8.53 -8.21
CA VAL A 132 0.99 -7.88 -8.51
C VAL A 132 2.07 -8.91 -8.76
N TYR A 133 2.65 -8.86 -9.96
CA TYR A 133 3.71 -9.79 -10.34
C TYR A 133 5.08 -9.25 -9.95
N ASN A 134 5.68 -9.85 -8.93
CA ASN A 134 6.99 -9.42 -8.46
C ASN A 134 7.70 -10.56 -7.73
N THR A 135 8.87 -10.26 -7.18
CA THR A 135 9.65 -11.25 -6.45
C THR A 135 9.82 -10.86 -4.99
N ASP A 136 9.38 -11.73 -4.09
CA ASP A 136 9.50 -11.48 -2.66
C ASP A 136 8.84 -10.15 -2.29
N ASN A 137 7.70 -9.86 -2.92
CA ASN A 137 6.97 -8.63 -2.65
C ASN A 137 5.67 -8.59 -3.45
N THR A 138 4.60 -8.14 -2.81
CA THR A 138 3.30 -8.04 -3.46
C THR A 138 2.95 -9.34 -4.18
N PHE A 139 2.96 -10.45 -3.44
CA PHE A 139 2.65 -11.75 -4.02
C PHE A 139 1.39 -11.68 -4.87
N LYS A 140 1.58 -11.71 -6.18
CA LYS A 140 0.45 -11.65 -7.11
C LYS A 140 -0.88 -11.72 -6.37
N PHE A 141 -1.33 -12.93 -6.07
CA PHE A 141 -2.58 -13.14 -5.36
C PHE A 141 -2.49 -12.60 -3.94
N ASP A 142 -3.16 -11.49 -3.68
CA ASP A 142 -3.16 -10.87 -2.36
C ASP A 142 -4.53 -10.31 -2.02
N THR A 143 -5.32 -11.07 -1.27
CA THR A 143 -6.65 -10.64 -0.87
C THR A 143 -6.78 -10.54 0.65
N GLY A 144 -7.51 -9.53 1.11
CA GLY A 144 -7.70 -9.34 2.53
C GLY A 144 -9.06 -8.79 2.88
N LEU A 145 -9.49 -8.99 4.12
CA LEU A 145 -10.79 -8.51 4.57
C LEU A 145 -10.62 -7.41 5.61
N GLU A 146 -11.29 -6.27 5.39
CA GLU A 146 -11.22 -5.15 6.31
C GLU A 146 -12.44 -5.11 7.22
N TYR A 147 -12.22 -4.89 8.51
CA TYR A 147 -13.29 -4.84 9.48
C TYR A 147 -12.89 -4.02 10.70
N LYS A 148 -13.86 -3.30 11.27
CA LYS A 148 -13.61 -2.47 12.43
C LYS A 148 -14.91 -2.12 13.14
N LEU A 149 -14.81 -1.44 14.28
CA LEU A 149 -15.98 -1.04 15.05
C LEU A 149 -16.01 0.48 15.24
N SER A 150 -14.83 1.08 15.39
CA SER A 150 -14.73 2.52 15.58
C SER A 150 -13.67 3.12 14.66
N PRO A 151 -13.76 4.44 14.43
CA PRO A 151 -12.81 5.16 13.57
C PRO A 151 -11.43 5.26 14.20
N ASN A 152 -11.36 5.14 15.52
CA ASN A 152 -10.09 5.22 16.24
C ASN A 152 -9.05 4.31 15.59
N LEU A 153 -9.41 3.05 15.39
CA LEU A 153 -8.51 2.08 14.78
C LEU A 153 -9.28 1.03 14.00
N LYS A 154 -8.56 0.23 13.22
CA LYS A 154 -9.18 -0.83 12.43
C LYS A 154 -8.24 -2.02 12.29
N VAL A 155 -8.80 -3.17 11.90
CA VAL A 155 -8.01 -4.37 11.73
C VAL A 155 -8.38 -5.09 10.43
N LYS A 156 -7.37 -5.55 9.71
CA LYS A 156 -7.58 -6.25 8.44
C LYS A 156 -6.56 -7.37 8.26
N PHE A 157 -6.98 -8.46 7.61
CA PHE A 157 -6.11 -9.59 7.36
C PHE A 157 -6.08 -9.95 5.89
N GLU A 158 -4.88 -9.99 5.31
CA GLU A 158 -4.72 -10.32 3.90
C GLU A 158 -3.77 -11.50 3.73
N TYR A 159 -4.10 -12.38 2.79
CA TYR A 159 -3.29 -13.57 2.53
C TYR A 159 -2.60 -13.45 1.17
N GLY A 160 -1.33 -13.87 1.12
CA GLY A 160 -0.57 -13.80 -0.11
C GLY A 160 -0.35 -15.17 -0.73
N TRP A 161 -0.29 -15.21 -2.05
CA TRP A 161 -0.09 -16.47 -2.77
C TRP A 161 0.50 -16.22 -4.16
N ASN A 162 1.54 -16.97 -4.49
CA ASN A 162 2.19 -16.83 -5.78
C ASN A 162 3.29 -17.89 -5.96
N ASN A 163 4.08 -17.73 -7.01
CA ASN A 163 5.17 -18.67 -7.29
C ASN A 163 6.24 -18.60 -6.20
N SER A 164 6.16 -19.51 -5.24
CA SER A 164 7.12 -19.55 -4.15
C SER A 164 7.04 -20.88 -3.40
N SER A 165 7.85 -21.02 -2.37
CA SER A 165 7.88 -22.24 -1.57
C SER A 165 6.52 -22.49 -0.90
N LEU A 166 5.90 -21.41 -0.43
CA LEU A 166 4.60 -21.50 0.22
C LEU A 166 3.96 -20.12 0.36
N ASN A 167 2.68 -20.11 0.68
CA ASN A 167 1.94 -18.85 0.84
C ASN A 167 2.30 -18.18 2.17
N GLU A 168 1.67 -17.04 2.43
CA GLU A 168 1.93 -16.30 3.66
C GLU A 168 0.70 -15.49 4.07
N PHE A 169 0.59 -15.23 5.38
CA PHE A 169 -0.54 -14.46 5.90
C PHE A 169 -0.06 -13.18 6.57
N THR A 170 -0.55 -12.05 6.08
CA THR A 170 -0.18 -10.75 6.62
C THR A 170 -1.37 -10.05 7.26
N VAL A 171 -1.11 -9.30 8.32
CA VAL A 171 -2.17 -8.58 9.02
C VAL A 171 -1.91 -7.07 9.00
N GLN A 172 -2.88 -6.32 8.49
CA GLN A 172 -2.77 -4.87 8.41
C GLN A 172 -3.29 -4.21 9.69
N PHE A 173 -2.45 -3.39 10.30
CA PHE A 173 -2.81 -2.69 11.53
C PHE A 173 -3.10 -1.22 11.26
N GLU A 174 -4.37 -0.83 11.36
CA GLU A 174 -4.78 0.55 11.13
C GLU A 174 -4.93 1.30 12.45
N TYR A 175 -4.26 2.45 12.55
CA TYR A 175 -4.33 3.26 13.76
C TYR A 175 -3.97 4.71 13.46
N ASP A 176 -4.95 5.60 13.60
CA ASP A 176 -4.73 7.02 13.34
C ASP A 176 -3.93 7.66 14.47
N LEU A 177 -3.17 8.69 14.14
CA LEU A 177 -2.35 9.39 15.12
C LEU A 177 -3.23 10.10 16.15
N SER A 178 -4.25 10.80 15.66
CA SER A 178 -5.16 11.53 16.54
C SER A 178 -6.55 11.65 15.90
N SER A 179 -7.57 11.73 16.75
CA SER A 179 -8.94 11.84 16.27
C SER A 179 -9.54 13.20 16.64
N GLN A 1 -15.01 21.99 7.55
CA GLN A 1 -13.68 22.28 8.09
C GLN A 1 -12.67 21.23 7.63
N ASP A 2 -11.48 21.69 7.26
CA ASP A 2 -10.42 20.79 6.80
C ASP A 2 -9.68 20.18 7.99
N LYS A 3 -9.47 20.99 9.03
CA LYS A 3 -8.78 20.53 10.23
C LYS A 3 -7.38 20.00 9.88
N PRO A 4 -6.47 20.93 9.51
CA PRO A 4 -5.10 20.59 9.16
C PRO A 4 -4.28 20.12 10.36
N GLY A 5 -3.19 19.40 10.09
CA GLY A 5 -2.35 18.92 11.15
C GLY A 5 -2.64 17.47 11.50
N SER A 6 -3.89 17.05 11.32
CA SER A 6 -4.29 15.69 11.63
C SER A 6 -3.62 14.70 10.69
N ALA A 7 -3.07 13.62 11.26
CA ALA A 7 -2.39 12.61 10.48
C ALA A 7 -2.97 11.23 10.77
N LYS A 8 -2.63 10.25 9.92
CA LYS A 8 -3.11 8.89 10.08
C LYS A 8 -1.94 7.91 10.22
N ALA A 9 -2.00 7.07 11.25
CA ALA A 9 -0.95 6.09 11.50
C ALA A 9 -1.42 4.68 11.15
N GLY A 10 -0.60 3.95 10.40
CA GLY A 10 -0.95 2.60 10.02
C GLY A 10 0.22 1.63 10.14
N GLY A 11 0.14 0.74 11.12
CA GLY A 11 1.21 -0.22 11.32
C GLY A 11 1.19 -1.33 10.29
N TRP A 12 2.38 -1.72 9.83
CA TRP A 12 2.50 -2.78 8.83
C TRP A 12 3.52 -3.83 9.27
N THR A 13 3.02 -4.98 9.69
CA THR A 13 3.89 -6.07 10.13
C THR A 13 3.80 -7.26 9.19
N THR A 14 4.93 -7.61 8.57
CA THR A 14 4.98 -8.73 7.64
C THR A 14 5.88 -9.84 8.17
N TYR A 15 5.27 -10.95 8.56
CA TYR A 15 6.02 -12.09 9.09
C TYR A 15 5.69 -13.37 8.31
N ASN A 16 6.54 -14.38 8.47
CA ASN A 16 6.34 -15.65 7.79
C ASN A 16 6.08 -16.77 8.78
N THR A 17 6.75 -16.70 9.93
CA THR A 17 6.59 -17.71 10.97
C THR A 17 5.66 -17.22 12.08
N ASP A 18 5.46 -18.07 13.08
CA ASP A 18 4.60 -17.72 14.21
C ASP A 18 5.00 -16.38 14.81
N ASN A 19 6.30 -16.12 14.84
CA ASN A 19 6.83 -14.88 15.40
C ASN A 19 7.03 -13.84 14.31
N THR A 20 7.10 -12.57 14.71
CA THR A 20 7.29 -11.48 13.75
C THR A 20 8.63 -11.60 13.05
N PHE A 21 8.66 -11.27 11.77
CA PHE A 21 9.89 -11.33 10.98
C PHE A 21 10.44 -9.94 10.72
N LYS A 22 9.72 -9.15 9.93
CA LYS A 22 10.14 -7.79 9.60
C LYS A 22 8.94 -6.86 9.47
N GLY A 23 9.20 -5.58 9.26
CA GLY A 23 8.13 -4.62 9.13
C GLY A 23 8.22 -3.50 10.15
N GLY A 24 7.19 -2.66 10.20
CA GLY A 24 7.17 -1.56 11.15
C GLY A 24 5.85 -0.81 11.14
N SER A 25 5.87 0.41 10.63
CA SER A 25 4.67 1.23 10.58
C SER A 25 4.82 2.37 9.57
N TYR A 26 3.70 2.91 9.12
CA TYR A 26 3.71 4.00 8.15
C TYR A 26 2.56 4.97 8.40
N ALA A 27 2.87 6.27 8.36
CA ALA A 27 1.87 7.30 8.58
C ALA A 27 1.92 8.36 7.49
N LYS A 28 0.78 8.95 7.19
CA LYS A 28 0.69 9.99 6.17
C LYS A 28 -0.12 11.19 6.68
N TYR A 29 0.40 12.39 6.43
CA TYR A 29 -0.28 13.61 6.86
C TYR A 29 -1.13 14.18 5.72
N VAL A 30 -2.26 14.78 6.08
CA VAL A 30 -3.16 15.38 5.10
C VAL A 30 -3.13 16.90 5.19
N LEU A 31 -2.27 17.50 4.38
CA LEU A 31 -2.15 18.96 4.35
C LEU A 31 -3.46 19.62 3.93
N SER A 32 -3.45 20.94 3.86
CA SER A 32 -4.64 21.68 3.47
C SER A 32 -5.20 21.18 2.15
N PRO A 33 -4.38 21.26 1.09
CA PRO A 33 -4.76 20.81 -0.25
C PRO A 33 -4.88 19.29 -0.34
N ASN A 34 -5.11 18.79 -1.55
CA ASN A 34 -5.24 17.36 -1.77
C ASN A 34 -3.91 16.65 -1.58
N LEU A 35 -2.84 17.29 -2.03
CA LEU A 35 -1.50 16.73 -1.91
C LEU A 35 -1.22 16.30 -0.47
N ALA A 36 -0.88 15.02 -0.31
CA ALA A 36 -0.58 14.48 1.01
C ALA A 36 0.81 13.86 1.04
N LEU A 37 1.37 13.74 2.25
CA LEU A 37 2.70 13.16 2.42
C LEU A 37 2.63 11.87 3.24
N LYS A 38 3.43 10.89 2.85
CA LYS A 38 3.47 9.61 3.55
C LYS A 38 4.88 9.31 4.07
N GLY A 39 4.96 8.46 5.07
CA GLY A 39 6.25 8.10 5.64
C GLY A 39 6.33 6.63 6.02
N GLU A 40 7.22 5.90 5.36
CA GLU A 40 7.40 4.48 5.64
C GLU A 40 8.59 4.25 6.56
N TYR A 41 8.40 3.40 7.57
CA TYR A 41 9.46 3.09 8.52
C TYR A 41 9.39 1.63 8.94
N GLU A 42 9.99 0.77 8.12
CA GLU A 42 10.00 -0.66 8.42
C GLU A 42 11.40 -1.13 8.80
N TRP A 43 11.52 -1.74 9.96
CA TRP A 43 12.82 -2.23 10.45
C TRP A 43 13.03 -3.67 10.03
N ASN A 44 14.27 -4.15 10.20
CA ASN A 44 14.61 -5.52 9.83
C ASN A 44 15.99 -5.90 10.37
N ASN A 45 16.43 -7.12 10.05
CA ASN A 45 17.73 -7.59 10.50
C ASN A 45 18.85 -6.75 9.91
N SER A 46 20.09 -7.23 10.07
CA SER A 46 21.26 -6.52 9.56
C SER A 46 21.06 -6.14 8.10
N SER A 47 20.34 -6.98 7.37
CA SER A 47 20.07 -6.73 5.95
C SER A 47 19.52 -5.33 5.74
N LEU A 48 19.42 -4.92 4.48
CA LEU A 48 18.91 -3.60 4.13
C LEU A 48 17.56 -3.34 4.82
N ASN A 49 17.34 -2.10 5.23
CA ASN A 49 16.10 -1.73 5.91
C ASN A 49 15.22 -0.89 4.98
N SER A 50 14.10 -0.41 5.52
CA SER A 50 13.17 0.40 4.74
C SER A 50 12.81 1.69 5.49
N PHE A 51 13.46 2.78 5.13
CA PHE A 51 13.22 4.07 5.77
C PHE A 51 13.17 5.18 4.74
N LYS A 52 12.09 5.94 4.74
CA LYS A 52 11.91 7.05 3.81
C LYS A 52 10.49 7.59 3.85
N ALA A 53 10.10 8.32 2.81
CA ALA A 53 8.77 8.90 2.74
C ALA A 53 8.33 9.06 1.29
N GLY A 54 7.05 9.39 1.10
CA GLY A 54 6.53 9.58 -0.24
C GLY A 54 5.50 10.69 -0.31
N ALA A 55 5.00 10.97 -1.52
CA ALA A 55 4.01 12.01 -1.71
C ALA A 55 2.96 11.58 -2.72
N GLU A 56 1.70 11.92 -2.45
CA GLU A 56 0.61 11.56 -3.34
C GLU A 56 -0.07 12.81 -3.90
N TYR A 57 -0.06 12.94 -5.21
CA TYR A 57 -0.67 14.09 -5.88
C TYR A 57 -1.80 13.65 -6.80
N VAL A 58 -2.96 14.29 -6.64
CA VAL A 58 -4.13 13.97 -7.46
C VAL A 58 -4.26 14.93 -8.62
N ALA A 59 -3.61 14.61 -9.73
CA ALA A 59 -3.66 15.45 -10.92
C ALA A 59 -5.07 15.53 -11.47
N THR A 60 -5.62 14.40 -11.88
CA THR A 60 -6.96 14.34 -12.44
C THR A 60 -7.89 13.54 -11.53
N PRO A 61 -9.21 13.77 -11.68
CA PRO A 61 -10.23 13.08 -10.89
C PRO A 61 -10.34 11.60 -11.25
N TYR A 62 -9.92 11.26 -12.46
CA TYR A 62 -9.97 9.89 -12.93
C TYR A 62 -8.85 9.05 -12.31
N LEU A 63 -7.62 9.36 -12.69
CA LEU A 63 -6.46 8.64 -12.16
C LEU A 63 -5.58 9.57 -11.32
N LYS A 64 -4.88 8.98 -10.36
CA LYS A 64 -4.00 9.74 -9.49
C LYS A 64 -2.55 9.26 -9.61
N THR A 65 -1.61 10.14 -9.30
CA THR A 65 -0.19 9.81 -9.37
C THR A 65 0.52 10.14 -8.07
N GLU A 66 1.16 9.14 -7.47
CA GLU A 66 1.88 9.33 -6.22
C GLU A 66 3.33 8.89 -6.36
N VAL A 67 4.26 9.80 -6.09
CA VAL A 67 5.68 9.50 -6.19
C VAL A 67 6.30 9.38 -4.80
N MET A 68 6.72 8.17 -4.44
CA MET A 68 7.33 7.92 -3.15
C MET A 68 8.78 7.47 -3.31
N THR A 69 9.68 8.04 -2.50
CA THR A 69 11.09 7.70 -2.56
C THR A 69 11.50 6.88 -1.34
N GLU A 70 12.09 5.71 -1.60
CA GLU A 70 12.54 4.84 -0.52
C GLU A 70 14.06 4.83 -0.41
N TYR A 71 14.57 4.74 0.81
CA TYR A 71 16.01 4.72 1.05
C TYR A 71 16.41 3.50 1.87
N ASN A 72 17.57 2.93 1.54
CA ASN A 72 18.07 1.76 2.24
C ASN A 72 19.31 2.11 3.07
N THR A 73 19.70 1.21 3.96
CA THR A 73 20.86 1.42 4.82
C THR A 73 22.07 1.81 3.99
N ASP A 74 22.60 0.86 3.22
CA ASP A 74 23.76 1.12 2.38
C ASP A 74 23.51 2.28 1.43
N ASN A 75 24.59 2.83 0.88
CA ASN A 75 24.48 3.97 -0.03
C ASN A 75 23.66 3.59 -1.26
N THR A 76 22.37 3.96 -1.24
CA THR A 76 21.48 3.67 -2.34
C THR A 76 20.25 4.58 -2.31
N PHE A 77 19.51 4.58 -3.41
CA PHE A 77 18.31 5.41 -3.51
C PHE A 77 17.40 4.93 -4.65
N ARG A 78 16.14 4.72 -4.34
CA ARG A 78 15.18 4.26 -5.34
C ARG A 78 13.85 5.00 -5.19
N VAL A 79 13.31 5.48 -6.30
CA VAL A 79 12.04 6.20 -6.30
C VAL A 79 10.99 5.47 -7.12
N THR A 80 9.91 5.05 -6.46
CA THR A 80 8.83 4.35 -7.13
C THR A 80 7.55 5.16 -7.13
N VAL A 81 6.86 5.17 -8.27
CA VAL A 81 5.61 5.92 -8.40
C VAL A 81 4.45 4.99 -8.74
N VAL A 82 3.40 5.03 -7.93
CA VAL A 82 2.23 4.19 -8.14
C VAL A 82 1.05 5.03 -8.63
N THR A 83 0.22 4.42 -9.48
CA THR A 83 -0.95 5.10 -10.02
C THR A 83 -2.24 4.40 -9.61
N GLU A 84 -3.26 5.19 -9.30
CA GLU A 84 -4.55 4.65 -8.88
C GLU A 84 -5.68 5.19 -9.77
N GLY A 85 -6.71 4.37 -9.95
CA GLY A 85 -7.84 4.78 -10.78
C GLY A 85 -9.14 4.13 -10.34
N ARG A 86 -10.25 4.65 -10.85
CA ARG A 86 -11.56 4.11 -10.52
C ARG A 86 -12.31 3.66 -11.77
N TYR A 87 -12.66 2.38 -11.83
CA TYR A 87 -13.38 1.84 -12.97
C TYR A 87 -14.68 1.18 -12.54
N PRO A 88 -15.77 1.47 -13.28
CA PRO A 88 -17.10 0.92 -13.00
C PRO A 88 -17.18 -0.57 -13.28
N VAL A 89 -18.23 -1.21 -12.78
CA VAL A 89 -18.43 -2.63 -12.98
C VAL A 89 -19.91 -2.96 -13.15
N ASP A 90 -20.20 -3.86 -14.09
CA ASP A 90 -21.58 -4.27 -14.35
C ASP A 90 -22.34 -4.51 -13.06
N PRO A 91 -21.85 -5.48 -12.25
CA PRO A 91 -22.46 -5.82 -10.97
C PRO A 91 -22.29 -4.73 -9.92
N ASN A 92 -22.47 -5.09 -8.66
CA ASN A 92 -22.33 -4.13 -7.57
C ASN A 92 -20.86 -3.93 -7.21
N LEU A 93 -20.06 -4.96 -7.42
CA LEU A 93 -18.62 -4.90 -7.13
C LEU A 93 -17.98 -3.72 -7.84
N GLU A 94 -16.79 -3.34 -7.39
CA GLU A 94 -16.06 -2.22 -7.99
C GLU A 94 -14.66 -2.65 -8.40
N LEU A 95 -14.17 -2.06 -9.49
CA LEU A 95 -12.83 -2.38 -9.99
C LEU A 95 -12.01 -1.12 -10.17
N PHE A 96 -10.91 -1.03 -9.40
CA PHE A 96 -10.03 0.13 -9.48
C PHE A 96 -8.68 -0.25 -10.07
N PRO A 97 -8.39 0.26 -11.27
CA PRO A 97 -7.13 -0.02 -11.97
C PRO A 97 -5.93 0.65 -11.30
N GLY A 98 -4.79 -0.03 -11.31
CA GLY A 98 -3.60 0.50 -10.70
C GLY A 98 -2.33 0.02 -11.39
N GLY A 99 -1.21 0.66 -11.07
CA GLY A 99 0.06 0.29 -11.67
C GLY A 99 1.24 0.94 -10.99
N TRP A 100 2.14 0.12 -10.46
CA TRP A 100 3.33 0.64 -9.77
C TRP A 100 4.59 0.33 -10.58
N TYR A 101 5.43 1.35 -10.75
CA TYR A 101 6.67 1.20 -11.50
C TYR A 101 7.85 1.75 -10.71
N THR A 102 8.98 1.05 -10.77
CA THR A 102 10.18 1.47 -10.07
C THR A 102 11.10 2.29 -10.97
N TRP A 103 11.54 3.44 -10.48
CA TRP A 103 12.42 4.32 -11.24
C TRP A 103 13.75 4.52 -10.52
N ASN A 104 14.85 4.40 -11.26
CA ASN A 104 16.18 4.58 -10.69
C ASN A 104 16.77 5.92 -11.10
N ASN A 105 17.87 6.30 -10.45
CA ASN A 105 18.54 7.56 -10.75
C ASN A 105 18.82 7.68 -12.24
N SER A 106 19.13 6.56 -12.88
CA SER A 106 19.41 6.55 -14.31
C SER A 106 18.13 6.72 -15.13
N SER A 107 17.32 5.67 -15.16
CA SER A 107 16.07 5.69 -15.91
C SER A 107 15.06 4.70 -15.33
N LEU A 108 13.95 4.53 -16.03
CA LEU A 108 12.90 3.61 -15.59
C LEU A 108 13.49 2.22 -15.30
N ASN A 109 12.90 1.52 -14.34
CA ASN A 109 13.35 0.19 -13.97
C ASN A 109 12.36 -0.87 -14.41
N LYS A 110 11.13 -0.78 -13.90
CA LYS A 110 10.08 -1.72 -14.23
C LYS A 110 8.70 -1.14 -13.94
N GLY A 111 7.66 -1.82 -14.41
CA GLY A 111 6.31 -1.35 -14.18
C GLY A 111 5.32 -2.49 -14.02
N ALA A 112 5.21 -3.01 -12.80
CA ALA A 112 4.29 -4.10 -12.51
C ALA A 112 2.88 -3.59 -12.25
N PRO A 113 1.94 -3.96 -13.12
CA PRO A 113 0.54 -3.54 -13.00
C PRO A 113 -0.16 -4.21 -11.82
N TYR A 114 -1.15 -3.52 -11.26
CA TYR A 114 -1.90 -4.04 -10.12
C TYR A 114 -3.34 -3.54 -10.14
N THR A 115 -4.27 -4.42 -9.79
CA THR A 115 -5.68 -4.07 -9.77
C THR A 115 -6.29 -4.33 -8.39
N ARG A 116 -7.03 -3.35 -7.89
CA ARG A 116 -7.68 -3.46 -6.59
C ARG A 116 -9.20 -3.43 -6.71
N ALA A 117 -9.84 -4.50 -6.28
CA ALA A 117 -11.30 -4.60 -6.34
C ALA A 117 -11.91 -4.69 -4.95
N GLU A 118 -13.14 -4.23 -4.82
CA GLU A 118 -13.84 -4.26 -3.54
C GLU A 118 -15.19 -4.95 -3.66
N TYR A 119 -15.49 -5.84 -2.72
CA TYR A 119 -16.74 -6.59 -2.73
C TYR A 119 -17.22 -6.86 -1.31
N LYS A 120 -18.44 -7.38 -1.20
CA LYS A 120 -19.01 -7.69 0.11
C LYS A 120 -18.78 -6.54 1.10
N LEU A 121 -18.85 -5.32 0.60
CA LEU A 121 -18.64 -4.14 1.44
C LEU A 121 -19.95 -3.72 2.12
N THR A 122 -20.95 -4.59 2.06
CA THR A 122 -22.24 -4.31 2.66
C THR A 122 -22.12 -4.20 4.18
N PRO A 123 -21.61 -5.26 4.81
CA PRO A 123 -21.44 -5.31 6.26
C PRO A 123 -20.34 -4.37 6.74
N ASP A 124 -19.91 -4.56 7.98
CA ASP A 124 -18.86 -3.73 8.57
C ASP A 124 -17.48 -4.24 8.17
N LEU A 125 -17.12 -4.04 6.90
CA LEU A 125 -15.83 -4.48 6.39
C LEU A 125 -15.72 -4.24 4.89
N LYS A 126 -14.60 -4.62 4.31
CA LYS A 126 -14.37 -4.45 2.88
C LYS A 126 -13.41 -5.51 2.35
N LEU A 127 -13.84 -6.25 1.33
CA LEU A 127 -13.02 -7.29 0.73
C LEU A 127 -12.17 -6.73 -0.41
N LEU A 128 -10.89 -6.48 -0.13
CA LEU A 128 -9.98 -5.95 -1.13
C LEU A 128 -9.19 -7.06 -1.80
N SER A 129 -9.35 -7.21 -3.10
CA SER A 129 -8.66 -8.24 -3.86
C SER A 129 -7.55 -7.64 -4.71
N GLN A 130 -6.32 -8.11 -4.49
CA GLN A 130 -5.17 -7.61 -5.24
C GLN A 130 -4.72 -8.63 -6.29
N VAL A 131 -4.82 -8.24 -7.56
CA VAL A 131 -4.42 -9.12 -8.65
C VAL A 131 -3.30 -8.50 -9.48
N VAL A 132 -2.18 -9.20 -9.58
CA VAL A 132 -1.04 -8.72 -10.34
C VAL A 132 -0.71 -9.64 -11.49
N TYR A 133 -1.02 -9.20 -12.71
CA TYR A 133 -0.77 -10.00 -13.91
C TYR A 133 0.49 -9.51 -14.63
N ASN A 134 1.19 -10.44 -15.27
CA ASN A 134 2.41 -10.12 -16.00
C ASN A 134 2.63 -11.08 -17.16
N THR A 135 2.96 -10.53 -18.33
CA THR A 135 3.19 -11.34 -19.51
C THR A 135 4.63 -11.86 -19.54
N ASP A 136 5.56 -11.04 -19.06
CA ASP A 136 6.96 -11.43 -19.03
C ASP A 136 7.36 -11.95 -17.66
N ASN A 137 6.78 -11.37 -16.61
CA ASN A 137 7.08 -11.77 -15.24
C ASN A 137 5.98 -12.68 -14.70
N THR A 138 6.23 -13.27 -13.53
CA THR A 138 5.26 -14.16 -12.91
C THR A 138 4.05 -13.38 -12.40
N PHE A 139 3.05 -14.10 -11.93
CA PHE A 139 1.83 -13.47 -11.40
C PHE A 139 1.84 -13.47 -9.87
N LYS A 140 1.18 -12.47 -9.29
CA LYS A 140 1.11 -12.35 -7.84
C LYS A 140 -0.34 -12.34 -7.36
N PHE A 141 -0.66 -13.25 -6.44
CA PHE A 141 -2.02 -13.35 -5.91
C PHE A 141 -2.06 -12.89 -4.46
N ASP A 142 -2.69 -11.75 -4.22
CA ASP A 142 -2.80 -11.20 -2.88
C ASP A 142 -4.25 -10.81 -2.56
N THR A 143 -4.72 -11.21 -1.39
CA THR A 143 -6.09 -10.91 -0.97
C THR A 143 -6.14 -10.52 0.50
N GLY A 144 -6.90 -9.47 0.81
CA GLY A 144 -7.02 -9.00 2.18
C GLY A 144 -8.39 -8.45 2.48
N LEU A 145 -8.76 -8.46 3.76
CA LEU A 145 -10.07 -7.95 4.18
C LEU A 145 -9.91 -6.86 5.22
N GLU A 146 -10.76 -5.84 5.14
CA GLU A 146 -10.72 -4.72 6.08
C GLU A 146 -11.76 -4.89 7.16
N TYR A 147 -11.30 -5.09 8.40
CA TYR A 147 -12.20 -5.26 9.54
C TYR A 147 -12.42 -3.94 10.27
N LYS A 148 -13.67 -3.48 10.31
CA LYS A 148 -14.00 -2.23 10.98
C LYS A 148 -15.14 -2.45 11.97
N LEU A 149 -15.02 -3.48 12.81
CA LEU A 149 -16.04 -3.79 13.80
C LEU A 149 -15.86 -2.91 15.04
N SER A 150 -14.64 -2.85 15.55
CA SER A 150 -14.35 -2.05 16.73
C SER A 150 -14.28 -0.57 16.40
N PRO A 151 -15.01 0.25 17.18
CA PRO A 151 -15.05 1.70 16.98
C PRO A 151 -13.73 2.38 17.32
N ASN A 152 -13.02 1.82 18.30
CA ASN A 152 -11.75 2.37 18.73
C ASN A 152 -10.81 2.57 17.54
N LEU A 153 -10.34 1.47 16.98
CA LEU A 153 -9.44 1.51 15.83
C LEU A 153 -9.88 0.53 14.75
N LYS A 154 -9.10 0.44 13.67
CA LYS A 154 -9.40 -0.47 12.58
C LYS A 154 -8.26 -1.46 12.35
N VAL A 155 -8.58 -2.59 11.75
CA VAL A 155 -7.58 -3.63 11.47
C VAL A 155 -7.83 -4.26 10.11
N LYS A 156 -6.73 -4.64 9.44
CA LYS A 156 -6.82 -5.27 8.13
C LYS A 156 -5.75 -6.34 7.97
N PHE A 157 -6.10 -7.43 7.30
CA PHE A 157 -5.16 -8.52 7.07
C PHE A 157 -5.06 -8.86 5.58
N GLU A 158 -3.83 -8.95 5.09
CA GLU A 158 -3.59 -9.25 3.68
C GLU A 158 -2.65 -10.45 3.54
N TYR A 159 -3.03 -11.39 2.67
CA TYR A 159 -2.22 -12.58 2.44
C TYR A 159 -1.63 -12.57 1.04
N GLY A 160 -0.30 -12.60 0.96
CA GLY A 160 0.38 -12.59 -0.32
C GLY A 160 0.91 -13.96 -0.70
N TRP A 161 0.41 -14.51 -1.79
CA TRP A 161 0.83 -15.82 -2.26
C TRP A 161 1.51 -15.73 -3.63
N ASN A 162 2.59 -16.46 -3.80
CA ASN A 162 3.33 -16.46 -5.06
C ASN A 162 3.83 -17.86 -5.41
N ASN A 163 4.64 -17.95 -6.46
CA ASN A 163 5.18 -19.22 -6.90
C ASN A 163 6.40 -19.61 -6.06
N SER A 164 7.26 -18.63 -5.79
CA SER A 164 8.47 -18.87 -5.01
C SER A 164 8.16 -18.85 -3.51
N SER A 165 9.20 -19.00 -2.70
CA SER A 165 9.04 -18.99 -1.25
C SER A 165 9.13 -17.58 -0.70
N LEU A 166 8.37 -16.66 -1.28
CA LEU A 166 8.36 -15.28 -0.84
C LEU A 166 7.04 -14.92 -0.16
N ASN A 167 5.99 -15.68 -0.47
CA ASN A 167 4.68 -15.45 0.12
C ASN A 167 4.79 -15.29 1.63
N GLU A 168 3.87 -14.51 2.20
CA GLU A 168 3.87 -14.27 3.64
C GLU A 168 2.54 -13.65 4.07
N PHE A 169 2.44 -13.35 5.37
CA PHE A 169 1.23 -12.75 5.92
C PHE A 169 1.53 -11.39 6.52
N THR A 170 0.73 -10.39 6.14
CA THR A 170 0.90 -9.04 6.64
C THR A 170 -0.29 -8.61 7.50
N VAL A 171 0.01 -7.93 8.61
CA VAL A 171 -1.04 -7.46 9.52
C VAL A 171 -1.05 -5.94 9.61
N GLN A 172 -2.09 -5.33 9.05
CA GLN A 172 -2.21 -3.87 9.08
C GLN A 172 -2.92 -3.40 10.34
N PHE A 173 -2.43 -2.32 10.93
CA PHE A 173 -3.03 -1.77 12.14
C PHE A 173 -3.37 -0.30 11.95
N GLU A 174 -4.65 -0.03 11.66
CA GLU A 174 -5.11 1.34 11.45
C GLU A 174 -5.29 2.05 12.79
N TYR A 175 -4.42 3.02 13.07
CA TYR A 175 -4.49 3.78 14.30
C TYR A 175 -4.40 5.28 14.04
N ASP A 176 -5.43 6.00 14.46
CA ASP A 176 -5.47 7.45 14.26
C ASP A 176 -4.33 8.14 15.01
N LEU A 177 -3.50 8.85 14.26
CA LEU A 177 -2.36 9.56 14.85
C LEU A 177 -2.78 10.92 15.37
N SER A 178 -3.70 11.56 14.67
CA SER A 178 -4.19 12.88 15.07
C SER A 178 -4.64 12.88 16.53
N SER A 179 -3.88 13.58 17.37
CA SER A 179 -4.20 13.66 18.79
C SER A 179 -5.03 14.91 19.09
N GLN A 1 -13.80 22.71 17.04
CA GLN A 1 -12.92 21.70 17.59
C GLN A 1 -12.22 20.92 16.50
N ASP A 2 -13.01 20.39 15.55
CA ASP A 2 -12.46 19.62 14.44
C ASP A 2 -11.77 20.54 13.43
N LYS A 3 -10.68 20.05 12.86
CA LYS A 3 -9.93 20.82 11.88
C LYS A 3 -9.28 19.91 10.84
N PRO A 4 -8.94 20.47 9.67
CA PRO A 4 -8.32 19.72 8.58
C PRO A 4 -6.88 19.31 8.91
N GLY A 5 -6.27 18.53 8.03
CA GLY A 5 -4.91 18.08 8.23
C GLY A 5 -4.85 16.69 8.84
N SER A 6 -5.99 16.01 8.89
CA SER A 6 -6.06 14.67 9.45
C SER A 6 -5.32 13.67 8.57
N ALA A 7 -4.57 12.77 9.19
CA ALA A 7 -3.82 11.76 8.46
C ALA A 7 -4.26 10.36 8.86
N LYS A 8 -3.85 9.37 8.08
CA LYS A 8 -4.19 7.98 8.35
C LYS A 8 -2.95 7.09 8.29
N ALA A 9 -2.84 6.19 9.26
CA ALA A 9 -1.69 5.27 9.32
C ALA A 9 -2.15 3.83 9.18
N GLY A 10 -1.27 2.98 8.68
CA GLY A 10 -1.61 1.57 8.50
C GLY A 10 -0.39 0.68 8.59
N GLY A 11 -0.46 -0.32 9.47
CA GLY A 11 0.66 -1.24 9.63
C GLY A 11 0.48 -2.52 8.84
N TRP A 12 1.47 -2.85 8.02
CA TRP A 12 1.42 -4.05 7.19
C TRP A 12 2.40 -5.11 7.70
N THR A 13 1.89 -6.06 8.46
CA THR A 13 2.72 -7.12 9.01
C THR A 13 2.59 -8.41 8.21
N THR A 14 3.70 -9.09 8.00
CA THR A 14 3.71 -10.34 7.24
C THR A 14 4.14 -11.52 8.11
N TYR A 15 3.20 -12.41 8.39
CA TYR A 15 3.48 -13.58 9.22
C TYR A 15 3.55 -14.85 8.37
N ASN A 16 4.62 -15.62 8.56
CA ASN A 16 4.81 -16.85 7.81
C ASN A 16 4.79 -18.06 8.75
N THR A 17 4.91 -19.25 8.16
CA THR A 17 4.90 -20.49 8.94
C THR A 17 6.32 -20.99 9.18
N ASP A 18 7.23 -20.06 9.47
CA ASP A 18 8.62 -20.40 9.74
C ASP A 18 9.18 -19.55 10.87
N ASN A 19 8.33 -19.20 11.83
CA ASN A 19 8.75 -18.38 12.97
C ASN A 19 9.47 -17.13 12.49
N THR A 20 8.85 -16.41 11.57
CA THR A 20 9.43 -15.18 11.03
C THR A 20 8.36 -14.15 10.71
N PHE A 21 8.67 -12.88 10.94
CA PHE A 21 7.73 -11.80 10.67
C PHE A 21 8.45 -10.57 10.13
N LYS A 22 7.96 -10.05 9.02
CA LYS A 22 8.55 -8.87 8.40
C LYS A 22 7.47 -7.98 7.77
N GLY A 23 7.84 -6.74 7.48
CA GLY A 23 6.90 -5.81 6.88
C GLY A 23 7.20 -4.37 7.23
N GLY A 24 6.19 -3.50 7.11
CA GLY A 24 6.38 -2.10 7.42
C GLY A 24 5.08 -1.40 7.76
N SER A 25 5.00 -0.12 7.41
CA SER A 25 3.80 0.67 7.68
C SER A 25 3.73 1.89 6.77
N TYR A 26 2.54 2.19 6.26
CA TYR A 26 2.34 3.33 5.38
C TYR A 26 1.29 4.28 5.95
N ALA A 27 1.50 5.58 5.72
CA ALA A 27 0.56 6.59 6.21
C ALA A 27 0.40 7.72 5.18
N LYS A 28 -0.82 8.22 5.07
CA LYS A 28 -1.12 9.30 4.14
C LYS A 28 -1.30 10.63 4.87
N TYR A 29 -0.61 11.66 4.39
CA TYR A 29 -0.69 12.99 5.00
C TYR A 29 -1.72 13.85 4.29
N VAL A 30 -2.85 14.08 4.95
CA VAL A 30 -3.92 14.90 4.38
C VAL A 30 -4.01 14.70 2.86
N LEU A 31 -4.75 13.67 2.46
CA LEU A 31 -4.92 13.38 1.04
C LEU A 31 -6.11 14.15 0.45
N SER A 32 -6.20 15.43 0.80
CA SER A 32 -7.29 16.27 0.32
C SER A 32 -7.39 16.20 -1.20
N PRO A 33 -8.42 16.86 -1.76
CA PRO A 33 -8.66 16.89 -3.20
C PRO A 33 -7.61 17.72 -3.95
N ASN A 34 -6.35 17.39 -3.73
CA ASN A 34 -5.25 18.10 -4.37
C ASN A 34 -3.90 17.55 -3.93
N LEU A 35 -2.85 18.34 -4.09
CA LEU A 35 -1.50 17.92 -3.71
C LEU A 35 -1.44 17.54 -2.23
N ALA A 36 -1.05 16.30 -1.97
CA ALA A 36 -0.95 15.81 -0.60
C ALA A 36 0.42 15.20 -0.33
N LEU A 37 0.77 15.07 0.94
CA LEU A 37 2.05 14.50 1.33
C LEU A 37 1.90 13.03 1.70
N LYS A 38 2.91 12.23 1.37
CA LYS A 38 2.89 10.80 1.67
C LYS A 38 4.13 10.40 2.45
N GLY A 39 3.95 9.51 3.42
CA GLY A 39 5.08 9.06 4.22
C GLY A 39 4.92 7.61 4.66
N GLU A 40 5.91 6.78 4.32
CA GLU A 40 5.87 5.37 4.67
C GLU A 40 7.29 4.81 4.79
N TYR A 41 7.39 3.55 5.21
CA TYR A 41 8.68 2.91 5.38
C TYR A 41 8.52 1.38 5.46
N GLU A 42 9.57 0.67 5.09
CA GLU A 42 9.54 -0.79 5.13
C GLU A 42 10.67 -1.34 6.00
N TRP A 43 10.36 -2.37 6.77
CA TRP A 43 11.35 -2.98 7.66
C TRP A 43 11.54 -4.45 7.33
N ASN A 44 12.75 -4.81 6.88
CA ASN A 44 13.05 -6.19 6.53
C ASN A 44 14.01 -6.80 7.54
N ASN A 45 14.94 -5.99 8.05
CA ASN A 45 15.92 -6.46 9.02
C ASN A 45 15.88 -5.60 10.28
N SER A 46 16.63 -6.02 11.30
CA SER A 46 16.67 -5.30 12.56
C SER A 46 17.34 -3.93 12.38
N SER A 47 18.46 -3.92 11.67
CA SER A 47 19.20 -2.68 11.42
C SER A 47 18.84 -2.10 10.07
N LEU A 48 18.85 -2.95 9.05
CA LEU A 48 18.54 -2.53 7.69
C LEU A 48 17.11 -2.01 7.60
N ASN A 49 16.91 -0.96 6.80
CA ASN A 49 15.59 -0.37 6.63
C ASN A 49 15.55 0.51 5.39
N SER A 50 14.34 0.72 4.86
CA SER A 50 14.16 1.54 3.67
C SER A 50 13.15 2.65 3.92
N PHE A 51 13.47 3.86 3.46
CA PHE A 51 12.60 5.01 3.63
C PHE A 51 11.80 5.28 2.36
N LYS A 52 10.54 5.65 2.52
CA LYS A 52 9.67 5.94 1.39
C LYS A 52 8.81 7.18 1.66
N ALA A 53 9.06 8.24 0.90
CA ALA A 53 8.31 9.48 1.07
C ALA A 53 8.13 10.19 -0.27
N GLY A 54 6.98 10.83 -0.45
CA GLY A 54 6.71 11.54 -1.69
C GLY A 54 5.46 12.39 -1.60
N ALA A 55 4.91 12.77 -2.76
CA ALA A 55 3.72 13.59 -2.80
C ALA A 55 2.80 13.16 -3.94
N GLU A 56 1.49 13.27 -3.72
CA GLU A 56 0.51 12.88 -4.72
C GLU A 56 -0.05 14.11 -5.43
N TYR A 57 0.30 14.27 -6.70
CA TYR A 57 -0.16 15.41 -7.49
C TYR A 57 -1.28 14.99 -8.44
N VAL A 58 -2.30 15.83 -8.54
CA VAL A 58 -3.44 15.55 -9.42
C VAL A 58 -3.27 16.23 -10.77
N ALA A 59 -2.68 15.52 -11.72
CA ALA A 59 -2.46 16.06 -13.06
C ALA A 59 -3.78 16.19 -13.82
N THR A 60 -4.65 15.20 -13.65
CA THR A 60 -5.94 15.21 -14.32
C THR A 60 -7.05 14.71 -13.40
N PRO A 61 -8.31 15.03 -13.75
CA PRO A 61 -9.47 14.62 -12.96
C PRO A 61 -9.73 13.12 -13.03
N TYR A 62 -9.25 12.49 -14.10
CA TYR A 62 -9.43 11.06 -14.28
C TYR A 62 -8.29 10.28 -13.62
N LEU A 63 -7.08 10.49 -14.10
CA LEU A 63 -5.91 9.81 -13.56
C LEU A 63 -4.96 10.81 -12.90
N LYS A 64 -4.37 10.40 -11.78
CA LYS A 64 -3.44 11.26 -11.05
C LYS A 64 -2.06 10.60 -10.95
N THR A 65 -1.04 11.42 -10.75
CA THR A 65 0.33 10.92 -10.62
C THR A 65 0.87 11.12 -9.22
N GLU A 66 1.64 10.15 -8.73
CA GLU A 66 2.21 10.22 -7.39
C GLU A 66 3.71 9.94 -7.43
N VAL A 67 4.50 10.95 -7.10
CA VAL A 67 5.96 10.82 -7.09
C VAL A 67 6.47 10.36 -5.73
N MET A 68 6.91 9.11 -5.67
CA MET A 68 7.43 8.55 -4.42
C MET A 68 8.92 8.23 -4.54
N THR A 69 9.72 8.81 -3.67
CA THR A 69 11.15 8.59 -3.67
C THR A 69 11.58 7.64 -2.55
N GLU A 70 12.53 6.76 -2.85
CA GLU A 70 13.01 5.80 -1.87
C GLU A 70 14.50 6.01 -1.59
N TYR A 71 14.85 6.05 -0.31
CA TYR A 71 16.24 6.24 0.10
C TYR A 71 16.70 5.14 1.03
N ASN A 72 17.77 4.46 0.66
CA ASN A 72 18.32 3.38 1.47
C ASN A 72 19.44 3.87 2.38
N THR A 73 19.87 3.01 3.30
CA THR A 73 20.93 3.37 4.22
C THR A 73 22.16 3.92 3.49
N ASP A 74 22.74 3.10 2.63
CA ASP A 74 23.91 3.51 1.86
C ASP A 74 23.58 4.70 0.97
N ASN A 75 24.62 5.48 0.63
CA ASN A 75 24.45 6.65 -0.22
C ASN A 75 23.78 6.28 -1.54
N THR A 76 22.48 6.52 -1.62
CA THR A 76 21.73 6.21 -2.84
C THR A 76 20.38 6.93 -2.85
N PHE A 77 19.76 7.01 -4.03
CA PHE A 77 18.48 7.67 -4.16
C PHE A 77 17.79 7.25 -5.47
N ARG A 78 16.76 6.44 -5.35
CA ARG A 78 16.01 5.96 -6.51
C ARG A 78 14.69 6.70 -6.65
N VAL A 79 14.26 6.90 -7.90
CA VAL A 79 13.01 7.60 -8.17
C VAL A 79 11.93 6.62 -8.64
N THR A 80 10.82 6.58 -7.90
CA THR A 80 9.72 5.69 -8.23
C THR A 80 8.45 6.48 -8.51
N VAL A 81 7.80 6.17 -9.63
CA VAL A 81 6.57 6.85 -10.01
C VAL A 81 5.37 5.93 -9.86
N VAL A 82 4.24 6.50 -9.45
CA VAL A 82 3.01 5.74 -9.27
C VAL A 82 1.90 6.25 -10.17
N THR A 83 1.08 5.32 -10.67
CA THR A 83 -0.03 5.69 -11.56
C THR A 83 -1.37 5.32 -10.93
N GLU A 84 -2.32 6.25 -11.00
CA GLU A 84 -3.65 6.02 -10.44
C GLU A 84 -4.73 6.37 -11.46
N GLY A 85 -5.41 5.35 -11.96
CA GLY A 85 -6.46 5.55 -12.93
C GLY A 85 -7.85 5.38 -12.34
N ARG A 86 -8.01 4.35 -11.51
CA ARG A 86 -9.29 4.07 -10.88
C ARG A 86 -9.42 4.81 -9.55
N TYR A 87 -10.65 4.89 -9.04
CA TYR A 87 -10.90 5.58 -7.78
C TYR A 87 -11.66 4.68 -6.81
N PRO A 88 -11.53 4.97 -5.51
CA PRO A 88 -12.20 4.19 -4.46
C PRO A 88 -13.71 4.40 -4.47
N VAL A 89 -14.40 3.76 -5.41
CA VAL A 89 -15.84 3.88 -5.52
C VAL A 89 -16.52 3.51 -4.21
N ASP A 90 -17.85 3.59 -4.19
CA ASP A 90 -18.62 3.26 -3.01
C ASP A 90 -18.09 2.00 -2.33
N PRO A 91 -18.49 1.78 -1.08
CA PRO A 91 -18.06 0.61 -0.31
C PRO A 91 -18.66 -0.69 -0.84
N ASN A 92 -19.37 -0.60 -1.95
CA ASN A 92 -20.00 -1.76 -2.56
C ASN A 92 -19.09 -2.37 -3.62
N LEU A 93 -18.42 -1.51 -4.39
CA LEU A 93 -17.52 -1.97 -5.43
C LEU A 93 -16.51 -0.88 -5.79
N GLU A 94 -15.48 -0.73 -4.96
CA GLU A 94 -14.46 0.27 -5.19
C GLU A 94 -13.30 -0.31 -6.02
N LEU A 95 -12.65 0.56 -6.79
CA LEU A 95 -11.54 0.13 -7.63
C LEU A 95 -10.33 1.04 -7.42
N PHE A 96 -9.26 0.46 -6.87
CA PHE A 96 -8.04 1.21 -6.61
C PHE A 96 -6.91 0.74 -7.53
N PRO A 97 -6.36 1.67 -8.32
CA PRO A 97 -5.27 1.37 -9.26
C PRO A 97 -3.95 1.06 -8.53
N GLY A 98 -3.06 0.36 -9.22
CA GLY A 98 -1.78 0.02 -8.64
C GLY A 98 -0.65 0.02 -9.65
N GLY A 99 -0.29 1.22 -10.11
CA GLY A 99 0.78 1.33 -11.09
C GLY A 99 2.11 1.69 -10.47
N TRP A 100 3.00 0.70 -10.36
CA TRP A 100 4.31 0.92 -9.78
C TRP A 100 5.40 0.92 -10.85
N TYR A 101 6.26 1.93 -10.81
CA TYR A 101 7.34 2.04 -11.78
C TYR A 101 8.65 2.44 -11.10
N THR A 102 9.69 1.66 -11.31
CA THR A 102 10.99 1.93 -10.73
C THR A 102 11.93 2.60 -11.72
N TRP A 103 12.33 3.83 -11.41
CA TRP A 103 13.23 4.58 -12.28
C TRP A 103 14.52 4.94 -11.56
N ASN A 104 15.62 4.97 -12.31
CA ASN A 104 16.92 5.30 -11.74
C ASN A 104 17.98 5.43 -12.83
N ASN A 105 19.17 5.88 -12.45
CA ASN A 105 20.26 6.04 -13.39
C ASN A 105 21.28 4.91 -13.27
N SER A 106 20.79 3.67 -13.37
CA SER A 106 21.65 2.51 -13.27
C SER A 106 21.28 1.46 -14.32
N SER A 107 20.00 1.09 -14.36
CA SER A 107 19.53 0.10 -15.32
C SER A 107 18.17 0.50 -15.88
N LEU A 108 17.71 -0.23 -16.89
CA LEU A 108 16.42 0.06 -17.52
C LEU A 108 15.29 0.02 -16.49
N ASN A 109 14.45 1.06 -16.51
CA ASN A 109 13.34 1.15 -15.58
C ASN A 109 12.32 0.03 -15.84
N LYS A 110 11.44 -0.20 -14.87
CA LYS A 110 10.42 -1.23 -15.00
C LYS A 110 9.10 -0.76 -14.38
N GLY A 111 8.04 -1.51 -14.65
CA GLY A 111 6.73 -1.17 -14.12
C GLY A 111 5.94 -2.38 -13.69
N ALA A 112 5.82 -2.58 -12.39
CA ALA A 112 5.08 -3.72 -11.85
C ALA A 112 3.58 -3.40 -11.76
N PRO A 113 2.78 -4.10 -12.57
CA PRO A 113 1.33 -3.91 -12.61
C PRO A 113 0.66 -4.43 -11.35
N TYR A 114 -0.29 -3.65 -10.82
CA TYR A 114 -1.00 -4.03 -9.61
C TYR A 114 -2.42 -3.46 -9.63
N THR A 115 -3.40 -4.31 -9.31
CA THR A 115 -4.80 -3.89 -9.29
C THR A 115 -5.45 -4.26 -7.96
N ARG A 116 -6.19 -3.32 -7.38
CA ARG A 116 -6.88 -3.55 -6.12
C ARG A 116 -8.38 -3.37 -6.27
N ALA A 117 -9.14 -4.30 -5.70
CA ALA A 117 -10.59 -4.25 -5.78
C ALA A 117 -11.22 -4.42 -4.40
N GLU A 118 -12.45 -3.93 -4.25
CA GLU A 118 -13.16 -4.03 -2.98
C GLU A 118 -14.62 -4.42 -3.19
N TYR A 119 -14.99 -5.59 -2.70
CA TYR A 119 -16.36 -6.08 -2.84
C TYR A 119 -16.96 -6.43 -1.49
N LYS A 120 -18.28 -6.57 -1.45
CA LYS A 120 -18.98 -6.90 -0.22
C LYS A 120 -19.73 -8.23 -0.35
N LEU A 121 -19.03 -9.32 -0.09
CA LEU A 121 -19.62 -10.66 -0.18
C LEU A 121 -20.06 -11.15 1.19
N THR A 122 -20.49 -10.23 2.04
CA THR A 122 -20.93 -10.57 3.39
C THR A 122 -21.45 -9.34 4.13
N PRO A 123 -22.27 -9.56 5.17
CA PRO A 123 -22.84 -8.48 5.98
C PRO A 123 -21.78 -7.78 6.83
N ASP A 124 -21.59 -6.49 6.57
CA ASP A 124 -20.60 -5.70 7.31
C ASP A 124 -19.20 -6.26 7.12
N LEU A 125 -18.82 -6.48 5.86
CA LEU A 125 -17.50 -7.01 5.54
C LEU A 125 -17.00 -6.45 4.21
N LYS A 126 -15.78 -5.93 4.22
CA LYS A 126 -15.17 -5.37 3.02
C LYS A 126 -14.04 -6.26 2.51
N LEU A 127 -14.33 -7.06 1.50
CA LEU A 127 -13.32 -7.95 0.92
C LEU A 127 -12.33 -7.17 0.07
N LEU A 128 -11.05 -7.27 0.44
CA LEU A 128 -10.00 -6.57 -0.30
C LEU A 128 -9.14 -7.56 -1.09
N SER A 129 -9.19 -7.45 -2.42
CA SER A 129 -8.43 -8.33 -3.29
C SER A 129 -7.30 -7.57 -3.98
N GLN A 130 -6.08 -8.01 -3.76
CA GLN A 130 -4.91 -7.37 -4.35
C GLN A 130 -4.16 -8.34 -5.26
N VAL A 131 -4.22 -8.10 -6.57
CA VAL A 131 -3.54 -8.94 -7.54
C VAL A 131 -2.26 -8.29 -8.04
N VAL A 132 -1.12 -8.85 -7.63
CA VAL A 132 0.18 -8.32 -8.05
C VAL A 132 0.97 -9.36 -8.83
N TYR A 133 1.24 -9.06 -10.10
CA TYR A 133 1.97 -9.98 -10.95
C TYR A 133 3.47 -9.70 -10.87
N ASN A 134 4.27 -10.76 -10.83
CA ASN A 134 5.71 -10.64 -10.75
C ASN A 134 6.29 -10.12 -12.07
N THR A 135 7.41 -9.41 -11.98
CA THR A 135 8.06 -8.86 -13.16
C THR A 135 9.32 -8.10 -12.79
N ASP A 136 9.27 -7.38 -11.68
CA ASP A 136 10.40 -6.60 -11.21
C ASP A 136 11.27 -7.42 -10.26
N ASN A 137 10.66 -7.91 -9.19
CA ASN A 137 11.39 -8.71 -8.20
C ASN A 137 10.62 -9.98 -7.87
N THR A 138 9.37 -9.81 -7.40
CA THR A 138 8.53 -10.95 -7.05
C THR A 138 7.18 -10.48 -6.54
N PHE A 139 6.12 -11.12 -7.01
CA PHE A 139 4.76 -10.78 -6.60
C PHE A 139 3.85 -12.00 -6.67
N LYS A 140 2.57 -11.78 -6.36
CA LYS A 140 1.59 -12.86 -6.39
C LYS A 140 0.19 -12.33 -6.11
N PHE A 141 -0.78 -13.23 -6.00
CA PHE A 141 -2.16 -12.86 -5.72
C PHE A 141 -2.49 -13.04 -4.25
N ASP A 142 -3.23 -12.08 -3.69
CA ASP A 142 -3.62 -12.13 -2.29
C ASP A 142 -5.10 -11.79 -2.13
N THR A 143 -5.74 -12.43 -1.15
CA THR A 143 -7.15 -12.20 -0.88
C THR A 143 -7.44 -12.14 0.61
N GLY A 144 -8.17 -11.11 1.02
CA GLY A 144 -8.49 -10.96 2.44
C GLY A 144 -9.77 -10.17 2.66
N LEU A 145 -10.08 -9.89 3.91
CA LEU A 145 -11.29 -9.14 4.26
C LEU A 145 -10.99 -8.10 5.33
N GLU A 146 -11.82 -7.06 5.37
CA GLU A 146 -11.65 -6.00 6.36
C GLU A 146 -12.83 -5.95 7.32
N TYR A 147 -12.53 -5.80 8.61
CA TYR A 147 -13.57 -5.75 9.64
C TYR A 147 -13.00 -5.27 10.96
N LYS A 148 -13.88 -4.89 11.88
CA LYS A 148 -13.47 -4.42 13.19
C LYS A 148 -14.67 -4.27 14.12
N LEU A 149 -14.43 -4.37 15.42
CA LEU A 149 -15.49 -4.24 16.41
C LEU A 149 -16.01 -2.81 16.46
N SER A 150 -15.11 -1.84 16.30
CA SER A 150 -15.49 -0.44 16.33
C SER A 150 -15.04 0.27 15.05
N PRO A 151 -15.67 1.41 14.76
CA PRO A 151 -15.36 2.21 13.57
C PRO A 151 -13.99 2.88 13.66
N ASN A 152 -13.58 3.20 14.88
CA ASN A 152 -12.29 3.84 15.09
C ASN A 152 -11.17 3.08 14.37
N LEU A 153 -10.78 1.94 14.92
CA LEU A 153 -9.74 1.12 14.33
C LEU A 153 -10.29 0.26 13.19
N LYS A 154 -9.39 -0.41 12.48
CA LYS A 154 -9.79 -1.28 11.37
C LYS A 154 -8.72 -2.33 11.09
N VAL A 155 -9.11 -3.59 11.11
CA VAL A 155 -8.19 -4.68 10.85
C VAL A 155 -8.67 -5.55 9.70
N LYS A 156 -7.73 -6.11 8.95
CA LYS A 156 -8.05 -6.97 7.82
C LYS A 156 -7.04 -8.10 7.67
N PHE A 157 -7.52 -9.28 7.34
CA PHE A 157 -6.65 -10.45 7.17
C PHE A 157 -6.61 -10.89 5.71
N GLU A 158 -5.43 -10.76 5.10
CA GLU A 158 -5.25 -11.13 3.70
C GLU A 158 -4.07 -12.09 3.54
N TYR A 159 -4.26 -13.10 2.69
CA TYR A 159 -3.21 -14.09 2.46
C TYR A 159 -2.71 -14.02 1.02
N GLY A 160 -1.42 -13.76 0.85
CA GLY A 160 -0.85 -13.68 -0.49
C GLY A 160 -0.09 -14.93 -0.87
N TRP A 161 -0.43 -15.50 -2.02
CA TRP A 161 0.24 -16.71 -2.49
C TRP A 161 0.06 -16.87 -4.01
N ASN A 162 0.56 -17.97 -4.55
CA ASN A 162 0.46 -18.24 -5.98
C ASN A 162 1.02 -19.61 -6.31
N ASN A 163 1.11 -19.92 -7.60
CA ASN A 163 1.63 -21.20 -8.05
C ASN A 163 2.96 -21.52 -7.37
N SER A 164 4.02 -20.83 -7.81
CA SER A 164 5.35 -21.04 -7.25
C SER A 164 5.95 -19.72 -6.77
N SER A 165 5.24 -18.63 -7.01
CA SER A 165 5.70 -17.31 -6.60
C SER A 165 6.08 -17.30 -5.13
N LEU A 166 5.08 -17.41 -4.26
CA LEU A 166 5.30 -17.42 -2.83
C LEU A 166 4.02 -17.76 -2.07
N ASN A 167 4.09 -17.72 -0.75
CA ASN A 167 2.94 -18.03 0.09
C ASN A 167 3.15 -17.56 1.52
N GLU A 168 2.28 -16.66 1.99
CA GLU A 168 2.39 -16.13 3.34
C GLU A 168 1.12 -15.38 3.73
N PHE A 169 0.94 -15.17 5.02
CA PHE A 169 -0.24 -14.46 5.52
C PHE A 169 0.12 -13.05 5.96
N THR A 170 -0.67 -12.07 5.52
CA THR A 170 -0.43 -10.68 5.87
C THR A 170 -1.58 -10.12 6.72
N VAL A 171 -1.23 -9.30 7.70
CA VAL A 171 -2.21 -8.70 8.59
C VAL A 171 -2.10 -7.18 8.60
N GLN A 172 -3.08 -6.52 7.97
CA GLN A 172 -3.08 -5.06 7.91
C GLN A 172 -3.80 -4.47 9.11
N PHE A 173 -3.23 -3.40 9.66
CA PHE A 173 -3.81 -2.73 10.82
C PHE A 173 -3.97 -1.24 10.57
N GLU A 174 -5.16 -0.83 10.15
CA GLU A 174 -5.44 0.58 9.87
C GLU A 174 -5.86 1.31 11.15
N TYR A 175 -5.26 2.48 11.37
CA TYR A 175 -5.58 3.27 12.55
C TYR A 175 -5.36 4.76 12.28
N ASP A 176 -6.38 5.56 12.59
CA ASP A 176 -6.29 7.01 12.37
C ASP A 176 -5.25 7.63 13.29
N LEU A 177 -4.40 8.48 12.72
CA LEU A 177 -3.35 9.16 13.49
C LEU A 177 -3.94 9.84 14.71
N SER A 178 -3.56 9.36 15.89
CA SER A 178 -4.04 9.92 17.15
C SER A 178 -3.58 11.37 17.30
N SER A 179 -4.50 12.24 17.68
CA SER A 179 -4.18 13.65 17.87
C SER A 179 -5.04 14.26 18.99
N GLN A 1 -11.58 25.08 9.41
CA GLN A 1 -12.08 24.64 10.71
C GLN A 1 -11.27 23.45 11.23
N ASP A 2 -9.97 23.49 10.99
CA ASP A 2 -9.08 22.41 11.44
C ASP A 2 -9.59 21.05 10.96
N LYS A 3 -10.18 21.04 9.76
CA LYS A 3 -10.71 19.81 9.18
C LYS A 3 -9.58 18.86 8.81
N PRO A 4 -8.70 19.31 7.90
CA PRO A 4 -7.56 18.51 7.43
C PRO A 4 -6.50 18.34 8.52
N GLY A 5 -5.36 17.76 8.14
CA GLY A 5 -4.29 17.54 9.09
C GLY A 5 -4.25 16.12 9.60
N SER A 6 -5.41 15.48 9.67
CA SER A 6 -5.51 14.10 10.15
C SER A 6 -4.73 13.15 9.24
N ALA A 7 -4.52 11.94 9.72
CA ALA A 7 -3.79 10.93 8.95
C ALA A 7 -4.33 9.54 9.23
N LYS A 8 -3.97 8.59 8.38
CA LYS A 8 -4.42 7.20 8.52
C LYS A 8 -3.23 6.25 8.55
N ALA A 9 -3.30 5.26 9.44
CA ALA A 9 -2.23 4.28 9.56
C ALA A 9 -2.71 2.89 9.12
N GLY A 10 -1.86 2.22 8.34
CA GLY A 10 -2.21 0.89 7.87
C GLY A 10 -1.00 0.00 7.70
N GLY A 11 -0.78 -0.89 8.67
CA GLY A 11 0.34 -1.79 8.61
C GLY A 11 0.91 -2.10 9.98
N TRP A 12 1.84 -3.04 10.04
CA TRP A 12 2.47 -3.43 11.30
C TRP A 12 3.57 -4.46 11.08
N THR A 13 3.18 -5.70 10.82
CA THR A 13 4.14 -6.77 10.59
C THR A 13 3.89 -7.44 9.24
N THR A 14 4.96 -7.69 8.50
CA THR A 14 4.85 -8.33 7.19
C THR A 14 5.67 -9.62 7.14
N TYR A 15 4.99 -10.74 6.95
CA TYR A 15 5.65 -12.04 6.88
C TYR A 15 5.49 -12.66 5.50
N ASN A 16 6.61 -12.98 4.86
CA ASN A 16 6.59 -13.58 3.54
C ASN A 16 6.80 -15.09 3.62
N THR A 17 7.68 -15.51 4.52
CA THR A 17 7.98 -16.93 4.70
C THR A 17 8.45 -17.22 6.12
N ASP A 18 8.40 -18.48 6.51
CA ASP A 18 8.83 -18.89 7.84
C ASP A 18 10.26 -18.43 8.12
N ASN A 19 10.64 -18.40 9.39
CA ASN A 19 11.98 -17.98 9.78
C ASN A 19 12.30 -16.60 9.23
N THR A 20 11.34 -15.70 9.32
CA THR A 20 11.52 -14.34 8.83
C THR A 20 10.53 -13.38 9.49
N PHE A 21 10.90 -12.11 9.56
CA PHE A 21 10.05 -11.08 10.16
C PHE A 21 10.46 -9.69 9.72
N LYS A 22 9.57 -9.03 8.98
CA LYS A 22 9.83 -7.68 8.49
C LYS A 22 8.74 -6.71 8.92
N GLY A 23 9.08 -5.43 9.01
CA GLY A 23 8.11 -4.43 9.41
C GLY A 23 7.49 -3.72 8.22
N GLY A 24 6.17 -3.55 8.27
CA GLY A 24 5.48 -2.88 7.18
C GLY A 24 4.37 -1.97 7.68
N SER A 25 4.71 -0.72 7.97
CA SER A 25 3.74 0.25 8.45
C SER A 25 3.64 1.44 7.51
N TYR A 26 2.45 1.63 6.93
CA TYR A 26 2.23 2.73 6.01
C TYR A 26 1.29 3.77 6.61
N ALA A 27 1.68 5.04 6.51
CA ALA A 27 0.87 6.13 7.05
C ALA A 27 0.91 7.35 6.12
N LYS A 28 -0.26 7.86 5.77
CA LYS A 28 -0.37 9.02 4.90
C LYS A 28 -1.09 10.17 5.60
N TYR A 29 -0.40 11.31 5.70
CA TYR A 29 -0.98 12.48 6.35
C TYR A 29 -1.60 13.42 5.33
N VAL A 30 -2.93 13.50 5.33
CA VAL A 30 -3.65 14.36 4.41
C VAL A 30 -3.81 15.76 4.97
N LEU A 31 -3.49 16.77 4.16
CA LEU A 31 -3.59 18.16 4.59
C LEU A 31 -4.47 18.95 3.62
N SER A 32 -4.37 18.63 2.33
CA SER A 32 -5.15 19.31 1.32
C SER A 32 -5.26 18.45 0.05
N PRO A 33 -6.25 18.77 -0.79
CA PRO A 33 -6.50 18.04 -2.03
C PRO A 33 -5.41 18.30 -3.07
N ASN A 34 -4.83 19.50 -3.05
CA ASN A 34 -3.78 19.87 -3.98
C ASN A 34 -2.60 18.91 -3.87
N LEU A 35 -2.09 18.76 -2.65
CA LEU A 35 -0.95 17.87 -2.40
C LEU A 35 -0.97 17.35 -0.97
N ALA A 36 -0.85 16.03 -0.82
CA ALA A 36 -0.85 15.41 0.50
C ALA A 36 0.50 14.74 0.78
N LEU A 37 0.79 14.54 2.07
CA LEU A 37 2.04 13.91 2.48
C LEU A 37 1.83 12.42 2.75
N LYS A 38 2.84 11.62 2.40
CA LYS A 38 2.77 10.18 2.62
C LYS A 38 4.08 9.65 3.18
N GLY A 39 3.98 8.77 4.18
CA GLY A 39 5.16 8.20 4.79
C GLY A 39 5.03 6.71 5.03
N GLU A 40 5.65 5.91 4.18
CA GLU A 40 5.60 4.46 4.31
C GLU A 40 6.87 3.93 4.98
N TYR A 41 6.74 2.80 5.66
CA TYR A 41 7.86 2.18 6.35
C TYR A 41 8.01 0.71 5.97
N GLU A 42 9.17 0.34 5.46
CA GLU A 42 9.43 -1.03 5.05
C GLU A 42 10.85 -1.45 5.42
N TRP A 43 10.97 -2.17 6.53
CA TRP A 43 12.28 -2.63 7.00
C TRP A 43 12.43 -4.14 6.78
N ASN A 44 13.26 -4.51 5.82
CA ASN A 44 13.49 -5.92 5.51
C ASN A 44 14.99 -6.20 5.38
N ASN A 45 15.35 -7.47 5.49
CA ASN A 45 16.75 -7.89 5.39
C ASN A 45 17.17 -8.00 3.92
N SER A 46 16.29 -8.55 3.11
CA SER A 46 16.57 -8.71 1.68
C SER A 46 17.01 -7.39 1.06
N SER A 47 16.04 -6.51 0.82
CA SER A 47 16.33 -5.21 0.23
C SER A 47 15.09 -4.31 0.27
N LEU A 48 15.25 -3.12 0.84
CA LEU A 48 14.16 -2.16 0.95
C LEU A 48 14.62 -0.87 1.61
N ASN A 49 13.68 0.03 1.86
CA ASN A 49 14.00 1.31 2.49
C ASN A 49 13.03 1.62 3.62
N SER A 50 13.33 1.11 4.82
CA SER A 50 12.48 1.33 5.98
C SER A 50 11.98 2.77 6.03
N PHE A 51 12.83 3.70 5.61
CA PHE A 51 12.48 5.11 5.60
C PHE A 51 12.13 5.58 4.19
N LYS A 52 10.84 5.59 3.88
CA LYS A 52 10.38 6.02 2.57
C LYS A 52 9.16 6.92 2.69
N ALA A 53 9.26 8.13 2.12
CA ALA A 53 8.17 9.09 2.16
C ALA A 53 8.03 9.83 0.83
N GLY A 54 6.89 10.45 0.63
CA GLY A 54 6.65 11.19 -0.60
C GLY A 54 5.45 12.10 -0.51
N ALA A 55 4.86 12.42 -1.67
CA ALA A 55 3.70 13.30 -1.70
C ALA A 55 2.70 12.84 -2.77
N GLU A 56 1.43 13.12 -2.55
CA GLU A 56 0.38 12.74 -3.50
C GLU A 56 -0.06 13.93 -4.33
N TYR A 57 0.18 13.85 -5.63
CA TYR A 57 -0.19 14.92 -6.55
C TYR A 57 -1.21 14.44 -7.57
N VAL A 58 -2.23 15.26 -7.82
CA VAL A 58 -3.27 14.91 -8.77
C VAL A 58 -3.02 15.56 -10.13
N ALA A 59 -2.45 14.79 -11.05
CA ALA A 59 -2.15 15.30 -12.39
C ALA A 59 -3.41 15.33 -13.25
N THR A 60 -4.26 14.32 -13.09
CA THR A 60 -5.49 14.24 -13.85
C THR A 60 -6.63 13.70 -13.00
N PRO A 61 -7.88 13.92 -13.46
CA PRO A 61 -9.07 13.47 -12.76
C PRO A 61 -9.24 11.96 -12.79
N TYR A 62 -8.70 11.34 -13.84
CA TYR A 62 -8.79 9.89 -13.99
C TYR A 62 -7.70 9.19 -13.17
N LEU A 63 -6.45 9.47 -13.52
CA LEU A 63 -5.33 8.87 -12.81
C LEU A 63 -4.53 9.92 -12.06
N LYS A 64 -3.91 9.51 -10.95
CA LYS A 64 -3.10 10.42 -10.14
C LYS A 64 -1.65 9.97 -10.09
N THR A 65 -0.75 10.93 -9.91
CA THR A 65 0.68 10.62 -9.84
C THR A 65 1.22 10.82 -8.42
N GLU A 66 1.88 9.78 -7.90
CA GLU A 66 2.44 9.84 -6.55
C GLU A 66 3.95 9.68 -6.60
N VAL A 67 4.67 10.63 -5.99
CA VAL A 67 6.12 10.59 -5.95
C VAL A 67 6.62 10.15 -4.58
N MET A 68 7.05 8.90 -4.49
CA MET A 68 7.57 8.36 -3.24
C MET A 68 9.07 8.14 -3.31
N THR A 69 9.78 8.51 -2.24
CA THR A 69 11.23 8.36 -2.19
C THR A 69 11.62 7.29 -1.18
N GLU A 70 12.52 6.39 -1.60
CA GLU A 70 12.98 5.32 -0.73
C GLU A 70 14.36 5.65 -0.15
N TYR A 71 14.45 5.68 1.17
CA TYR A 71 15.70 5.98 1.84
C TYR A 71 16.05 4.90 2.86
N ASN A 72 17.29 4.42 2.82
CA ASN A 72 17.74 3.38 3.75
C ASN A 72 18.48 4.00 4.93
N THR A 73 19.16 3.15 5.69
CA THR A 73 19.91 3.60 6.85
C THR A 73 21.40 3.33 6.68
N ASP A 74 21.91 3.52 5.47
CA ASP A 74 23.31 3.29 5.18
C ASP A 74 23.82 4.28 4.14
N ASN A 75 23.33 5.50 4.19
CA ASN A 75 23.72 6.54 3.25
C ASN A 75 23.40 6.12 1.81
N THR A 76 22.11 6.07 1.49
CA THR A 76 21.66 5.68 0.17
C THR A 76 20.15 5.82 0.03
N PHE A 77 19.69 6.03 -1.20
CA PHE A 77 18.26 6.18 -1.46
C PHE A 77 17.96 6.04 -2.94
N ARG A 78 16.67 5.95 -3.28
CA ARG A 78 16.26 5.82 -4.67
C ARG A 78 14.95 6.55 -4.93
N VAL A 79 14.49 6.52 -6.17
CA VAL A 79 13.25 7.20 -6.54
C VAL A 79 12.21 6.20 -7.03
N THR A 80 11.05 6.18 -6.38
CA THR A 80 9.98 5.27 -6.75
C THR A 80 8.73 6.03 -7.18
N VAL A 81 8.09 5.56 -8.24
CA VAL A 81 6.88 6.20 -8.75
C VAL A 81 5.70 5.23 -8.72
N VAL A 82 4.60 5.68 -8.12
CA VAL A 82 3.39 4.86 -8.02
C VAL A 82 2.21 5.54 -8.68
N THR A 83 1.49 4.79 -9.52
CA THR A 83 0.32 5.33 -10.23
C THR A 83 -0.97 4.84 -9.59
N GLU A 84 -1.86 5.78 -9.27
CA GLU A 84 -3.13 5.45 -8.65
C GLU A 84 -4.29 5.86 -9.57
N GLY A 85 -5.40 5.13 -9.47
CA GLY A 85 -6.56 5.43 -10.28
C GLY A 85 -7.78 4.64 -9.88
N ARG A 86 -8.96 5.17 -10.17
CA ARG A 86 -10.21 4.50 -9.83
C ARG A 86 -11.07 4.27 -11.07
N TYR A 87 -11.51 3.03 -11.26
CA TYR A 87 -12.33 2.69 -12.41
C TYR A 87 -13.65 2.08 -11.97
N PRO A 88 -14.76 2.62 -12.49
CA PRO A 88 -16.11 2.14 -12.16
C PRO A 88 -16.40 0.76 -12.76
N VAL A 89 -17.21 -0.01 -12.05
CA VAL A 89 -17.56 -1.36 -12.51
C VAL A 89 -18.96 -1.75 -12.06
N ASP A 90 -19.48 -2.84 -12.61
CA ASP A 90 -20.82 -3.31 -12.26
C ASP A 90 -21.04 -3.23 -10.75
N PRO A 91 -22.33 -3.19 -10.35
CA PRO A 91 -22.71 -3.10 -8.94
C PRO A 91 -22.40 -4.40 -8.18
N ASN A 92 -21.12 -4.66 -7.96
CA ASN A 92 -20.70 -5.86 -7.25
C ASN A 92 -19.27 -5.70 -6.72
N LEU A 93 -18.36 -5.31 -7.59
CA LEU A 93 -16.96 -5.13 -7.21
C LEU A 93 -16.32 -4.03 -8.07
N GLU A 94 -15.72 -3.06 -7.40
CA GLU A 94 -15.05 -1.96 -8.10
C GLU A 94 -13.65 -2.36 -8.54
N LEU A 95 -13.11 -1.66 -9.53
CA LEU A 95 -11.78 -1.95 -10.05
C LEU A 95 -10.94 -0.68 -10.11
N PHE A 96 -9.86 -0.65 -9.34
CA PHE A 96 -8.97 0.51 -9.31
C PHE A 96 -7.62 0.17 -9.92
N PRO A 97 -7.32 0.78 -11.07
CA PRO A 97 -6.05 0.56 -11.79
C PRO A 97 -4.86 1.16 -11.04
N GLY A 98 -3.75 0.42 -11.04
CA GLY A 98 -2.56 0.89 -10.36
C GLY A 98 -1.28 0.40 -11.03
N GLY A 99 -0.15 0.97 -10.62
CA GLY A 99 1.12 0.58 -11.20
C GLY A 99 2.31 1.04 -10.37
N TRP A 100 3.27 0.15 -10.17
CA TRP A 100 4.46 0.47 -9.38
C TRP A 100 5.72 0.33 -10.22
N TYR A 101 6.56 1.36 -10.19
CA TYR A 101 7.81 1.35 -10.96
C TYR A 101 8.97 1.85 -10.11
N THR A 102 10.13 1.21 -10.25
CA THR A 102 11.32 1.58 -9.51
C THR A 102 12.29 2.36 -10.38
N TRP A 103 12.82 3.46 -9.83
CA TRP A 103 13.77 4.29 -10.57
C TRP A 103 15.10 4.36 -9.84
N ASN A 104 16.17 3.97 -10.54
CA ASN A 104 17.51 3.99 -9.95
C ASN A 104 18.20 5.33 -10.22
N ASN A 105 18.50 5.58 -11.49
CA ASN A 105 19.17 6.82 -11.88
C ASN A 105 19.00 7.07 -13.38
N SER A 106 18.05 7.94 -13.73
CA SER A 106 17.79 8.27 -15.12
C SER A 106 17.54 7.01 -15.94
N SER A 107 16.87 6.03 -15.34
CA SER A 107 16.58 4.78 -16.01
C SER A 107 15.44 4.04 -15.30
N LEU A 108 14.73 3.21 -16.06
CA LEU A 108 13.61 2.44 -15.51
C LEU A 108 14.11 1.13 -14.91
N ASN A 109 14.13 1.06 -13.58
CA ASN A 109 14.58 -0.14 -12.88
C ASN A 109 13.57 -1.28 -13.06
N LYS A 110 12.32 -1.01 -12.70
CA LYS A 110 11.27 -2.00 -12.81
C LYS A 110 9.90 -1.33 -12.92
N GLY A 111 8.89 -2.12 -13.27
CA GLY A 111 7.55 -1.58 -13.42
C GLY A 111 6.48 -2.66 -13.32
N ALA A 112 6.26 -3.18 -12.11
CA ALA A 112 5.26 -4.21 -11.90
C ALA A 112 3.87 -3.61 -11.71
N PRO A 113 2.97 -3.90 -12.66
CA PRO A 113 1.59 -3.39 -12.60
C PRO A 113 0.77 -4.04 -11.49
N TYR A 114 -0.19 -3.29 -10.97
CA TYR A 114 -1.04 -3.78 -9.90
C TYR A 114 -2.44 -3.17 -9.98
N THR A 115 -3.45 -4.01 -9.77
CA THR A 115 -4.84 -3.57 -9.84
C THR A 115 -5.61 -4.00 -8.60
N ARG A 116 -6.54 -3.15 -8.16
CA ARG A 116 -7.35 -3.45 -6.98
C ARG A 116 -8.77 -3.83 -7.37
N ALA A 117 -9.18 -5.04 -7.04
CA ALA A 117 -10.52 -5.52 -7.35
C ALA A 117 -11.22 -6.04 -6.10
N GLU A 118 -12.30 -5.38 -5.73
CA GLU A 118 -13.07 -5.78 -4.55
C GLU A 118 -13.97 -4.63 -4.07
N TYR A 119 -14.44 -4.73 -2.84
CA TYR A 119 -15.31 -3.72 -2.27
C TYR A 119 -15.66 -4.04 -0.82
N LYS A 120 -16.63 -3.32 -0.27
CA LYS A 120 -17.07 -3.54 1.10
C LYS A 120 -18.50 -4.05 1.16
N LEU A 121 -18.68 -5.35 0.92
CA LEU A 121 -20.00 -5.96 0.95
C LEU A 121 -20.78 -5.52 2.18
N THR A 122 -20.07 -5.31 3.29
CA THR A 122 -20.68 -4.89 4.54
C THR A 122 -20.17 -3.53 4.98
N PRO A 123 -21.03 -2.74 5.62
CA PRO A 123 -20.68 -1.40 6.11
C PRO A 123 -19.72 -1.46 7.29
N ASP A 124 -19.50 -2.66 7.82
CA ASP A 124 -18.60 -2.85 8.95
C ASP A 124 -17.23 -3.33 8.48
N LEU A 125 -17.19 -4.52 7.88
CA LEU A 125 -15.94 -5.08 7.38
C LEU A 125 -15.78 -4.82 5.89
N LYS A 126 -14.66 -5.29 5.33
CA LYS A 126 -14.38 -5.10 3.91
C LYS A 126 -13.29 -6.06 3.44
N LEU A 127 -13.29 -6.37 2.15
CA LEU A 127 -12.31 -7.27 1.58
C LEU A 127 -11.75 -6.72 0.27
N LEU A 128 -10.43 -6.68 0.15
CA LEU A 128 -9.77 -6.18 -1.05
C LEU A 128 -8.93 -7.26 -1.70
N SER A 129 -8.91 -7.26 -3.04
CA SER A 129 -8.14 -8.25 -3.79
C SER A 129 -7.17 -7.56 -4.74
N GLN A 130 -5.87 -7.84 -4.54
CA GLN A 130 -4.84 -7.25 -5.38
C GLN A 130 -4.23 -8.29 -6.31
N VAL A 131 -4.10 -7.95 -7.58
CA VAL A 131 -3.52 -8.85 -8.56
C VAL A 131 -2.35 -8.20 -9.29
N VAL A 132 -1.21 -8.89 -9.27
CA VAL A 132 -0.01 -8.38 -9.93
C VAL A 132 0.46 -9.34 -11.03
N TYR A 133 0.44 -8.86 -12.27
CA TYR A 133 0.86 -9.66 -13.41
C TYR A 133 2.13 -9.10 -14.03
N ASN A 134 3.18 -9.91 -14.04
CA ASN A 134 4.46 -9.50 -14.60
C ASN A 134 5.44 -10.68 -14.65
N THR A 135 6.66 -10.40 -15.11
CA THR A 135 7.69 -11.43 -15.21
C THR A 135 7.74 -12.28 -13.94
N ASP A 136 7.89 -11.62 -12.80
CA ASP A 136 7.95 -12.31 -11.52
C ASP A 136 6.58 -12.42 -10.89
N ASN A 137 6.15 -13.65 -10.62
CA ASN A 137 4.84 -13.89 -10.02
C ASN A 137 3.72 -13.46 -10.97
N THR A 138 3.70 -14.03 -12.15
CA THR A 138 2.69 -13.72 -13.15
C THR A 138 1.29 -13.72 -12.53
N PHE A 139 1.08 -14.60 -11.56
CA PHE A 139 -0.20 -14.71 -10.89
C PHE A 139 -0.06 -14.41 -9.39
N LYS A 140 0.21 -13.16 -9.06
CA LYS A 140 0.37 -12.73 -7.68
C LYS A 140 -0.98 -12.43 -7.04
N PHE A 141 -1.42 -13.32 -6.15
CA PHE A 141 -2.71 -13.14 -5.47
C PHE A 141 -2.50 -12.61 -4.05
N ASP A 142 -3.18 -11.52 -3.72
CA ASP A 142 -3.07 -10.92 -2.40
C ASP A 142 -4.41 -10.32 -1.98
N THR A 143 -5.10 -11.01 -1.08
CA THR A 143 -6.40 -10.54 -0.58
C THR A 143 -6.40 -10.45 0.94
N GLY A 144 -7.18 -9.51 1.46
CA GLY A 144 -7.26 -9.33 2.90
C GLY A 144 -8.63 -8.85 3.34
N LEU A 145 -8.89 -8.97 4.65
CA LEU A 145 -10.18 -8.54 5.21
C LEU A 145 -9.98 -7.58 6.37
N GLU A 146 -10.74 -6.50 6.37
CA GLU A 146 -10.64 -5.50 7.44
C GLU A 146 -11.86 -5.56 8.36
N TYR A 147 -11.61 -5.61 9.66
CA TYR A 147 -12.68 -5.67 10.65
C TYR A 147 -12.48 -4.63 11.74
N LYS A 148 -13.57 -4.18 12.33
CA LYS A 148 -13.52 -3.20 13.41
C LYS A 148 -13.25 -3.86 14.75
N LEU A 149 -13.05 -3.05 15.78
CA LEU A 149 -12.78 -3.55 17.13
C LEU A 149 -13.59 -2.78 18.17
N SER A 150 -13.40 -3.15 19.43
CA SER A 150 -14.11 -2.50 20.53
C SER A 150 -13.51 -1.12 20.81
N PRO A 151 -12.22 -1.11 21.21
CA PRO A 151 -11.50 0.12 21.52
C PRO A 151 -11.23 0.96 20.28
N ASN A 152 -12.29 1.33 19.58
CA ASN A 152 -12.18 2.14 18.37
C ASN A 152 -10.91 1.78 17.58
N LEU A 153 -10.70 0.48 17.41
CA LEU A 153 -9.53 -0.01 16.68
C LEU A 153 -9.94 -0.76 15.42
N LYS A 154 -9.02 -0.87 14.47
CA LYS A 154 -9.28 -1.56 13.22
C LYS A 154 -8.08 -2.39 12.79
N VAL A 155 -8.35 -3.57 12.23
CA VAL A 155 -7.29 -4.45 11.77
C VAL A 155 -7.54 -4.93 10.35
N LYS A 156 -6.49 -5.37 9.67
CA LYS A 156 -6.61 -5.86 8.31
C LYS A 156 -5.60 -6.98 8.04
N PHE A 157 -6.12 -8.19 7.84
CA PHE A 157 -5.28 -9.35 7.58
C PHE A 157 -5.20 -9.65 6.08
N GLU A 158 -4.05 -9.40 5.48
CA GLU A 158 -3.85 -9.65 4.06
C GLU A 158 -3.00 -10.90 3.83
N TYR A 159 -3.62 -11.91 3.23
CA TYR A 159 -2.93 -13.17 2.95
C TYR A 159 -2.98 -13.50 1.47
N GLY A 160 -1.90 -14.07 0.95
CA GLY A 160 -1.85 -14.44 -0.46
C GLY A 160 -0.48 -14.91 -0.88
N TRP A 161 -0.34 -15.28 -2.15
CA TRP A 161 0.93 -15.75 -2.69
C TRP A 161 0.81 -16.04 -4.18
N ASN A 162 1.95 -16.36 -4.80
CA ASN A 162 1.98 -16.67 -6.22
C ASN A 162 1.99 -18.17 -6.46
N ASN A 163 2.75 -18.89 -5.64
CA ASN A 163 2.84 -20.33 -5.75
C ASN A 163 1.88 -21.03 -4.80
N SER A 164 1.94 -22.36 -4.78
CA SER A 164 1.06 -23.15 -3.91
C SER A 164 1.82 -23.60 -2.66
N SER A 165 2.74 -22.77 -2.20
CA SER A 165 3.53 -23.09 -1.02
C SER A 165 4.16 -21.82 -0.43
N LEU A 166 4.45 -21.86 0.86
CA LEU A 166 5.06 -20.73 1.55
C LEU A 166 4.21 -19.47 1.38
N ASN A 167 2.96 -19.55 1.82
CA ASN A 167 2.04 -18.42 1.72
C ASN A 167 2.58 -17.21 2.48
N GLU A 168 2.03 -16.03 2.19
CA GLU A 168 2.45 -14.81 2.86
C GLU A 168 1.36 -14.27 3.77
N PHE A 169 1.71 -14.03 5.03
CA PHE A 169 0.75 -13.53 6.00
C PHE A 169 1.18 -12.16 6.52
N THR A 170 0.43 -11.13 6.15
CA THR A 170 0.73 -9.77 6.57
C THR A 170 -0.39 -9.21 7.45
N VAL A 171 -0.01 -8.71 8.62
CA VAL A 171 -0.97 -8.13 9.55
C VAL A 171 -0.92 -6.61 9.54
N GLN A 172 -1.93 -6.00 8.91
CA GLN A 172 -1.99 -4.55 8.83
C GLN A 172 -2.78 -3.97 10.00
N PHE A 173 -2.25 -2.92 10.62
CA PHE A 173 -2.91 -2.27 11.75
C PHE A 173 -3.61 -1.00 11.32
N GLU A 174 -4.94 -0.99 11.39
CA GLU A 174 -5.72 0.17 11.00
C GLU A 174 -6.02 1.05 12.21
N TYR A 175 -5.51 2.27 12.19
CA TYR A 175 -5.73 3.21 13.28
C TYR A 175 -5.66 4.65 12.79
N ASP A 176 -6.64 5.46 13.19
CA ASP A 176 -6.69 6.86 12.78
C ASP A 176 -5.81 7.72 13.69
N LEU A 177 -4.88 8.44 13.09
CA LEU A 177 -3.98 9.31 13.84
C LEU A 177 -4.74 10.41 14.55
N SER A 178 -5.74 10.97 13.88
CA SER A 178 -6.56 12.03 14.46
C SER A 178 -8.00 11.94 13.96
N SER A 179 -8.92 12.53 14.73
CA SER A 179 -10.33 12.51 14.38
C SER A 179 -10.75 13.83 13.77
N GLN A 1 -18.24 21.24 10.90
CA GLN A 1 -16.79 21.14 11.01
C GLN A 1 -16.30 19.77 10.53
N ASP A 2 -15.46 19.78 9.52
CA ASP A 2 -14.91 18.53 8.98
C ASP A 2 -13.60 18.17 9.66
N LYS A 3 -12.83 19.19 10.04
CA LYS A 3 -11.55 18.98 10.70
C LYS A 3 -10.57 18.27 9.78
N PRO A 4 -10.07 19.00 8.76
CA PRO A 4 -9.12 18.45 7.79
C PRO A 4 -7.75 18.19 8.41
N GLY A 5 -6.86 17.56 7.63
CA GLY A 5 -5.53 17.27 8.12
C GLY A 5 -5.46 15.95 8.86
N SER A 6 -6.53 15.16 8.78
CA SER A 6 -6.58 13.87 9.44
C SER A 6 -5.65 12.87 8.77
N ALA A 7 -4.79 12.26 9.56
CA ALA A 7 -3.84 11.27 9.04
C ALA A 7 -3.92 9.96 9.82
N LYS A 8 -3.30 8.92 9.29
CA LYS A 8 -3.30 7.61 9.93
C LYS A 8 -1.88 7.06 10.06
N ALA A 9 -1.59 6.43 11.18
CA ALA A 9 -0.28 5.85 11.41
C ALA A 9 -0.37 4.57 12.24
N GLY A 10 0.51 3.61 11.94
CA GLY A 10 0.50 2.35 12.65
C GLY A 10 1.71 1.50 12.35
N GLY A 11 1.65 0.23 12.72
CA GLY A 11 2.77 -0.67 12.47
C GLY A 11 2.43 -1.74 11.46
N TRP A 12 3.46 -2.33 10.86
CA TRP A 12 3.27 -3.38 9.86
C TRP A 12 4.04 -4.64 10.24
N THR A 13 3.30 -5.71 10.52
CA THR A 13 3.90 -6.98 10.90
C THR A 13 3.85 -7.97 9.75
N THR A 14 5.00 -8.20 9.11
CA THR A 14 5.09 -9.13 8.00
C THR A 14 5.84 -10.40 8.40
N TYR A 15 5.15 -11.53 8.30
CA TYR A 15 5.76 -12.81 8.65
C TYR A 15 5.92 -13.71 7.42
N ASN A 16 7.14 -14.15 7.17
CA ASN A 16 7.44 -15.00 6.03
C ASN A 16 7.49 -16.47 6.45
N THR A 17 8.37 -16.77 7.39
CA THR A 17 8.53 -18.14 7.88
C THR A 17 9.20 -18.16 9.25
N ASP A 18 9.15 -19.32 9.91
CA ASP A 18 9.75 -19.48 11.22
C ASP A 18 11.21 -18.99 11.23
N ASN A 19 11.87 -19.16 10.09
CA ASN A 19 13.27 -18.75 9.95
C ASN A 19 13.46 -17.31 10.43
N THR A 20 12.80 -16.37 9.73
CA THR A 20 12.89 -14.96 10.09
C THR A 20 11.62 -14.22 9.71
N PHE A 21 11.51 -12.97 10.15
CA PHE A 21 10.34 -12.16 9.87
C PHE A 21 10.73 -10.71 9.59
N LYS A 22 9.75 -9.89 9.23
CA LYS A 22 10.00 -8.49 8.94
C LYS A 22 8.91 -7.60 9.55
N GLY A 23 9.26 -6.35 9.85
CA GLY A 23 8.30 -5.44 10.43
C GLY A 23 8.64 -3.99 10.14
N GLY A 24 7.63 -3.13 10.15
CA GLY A 24 7.85 -1.71 9.88
C GLY A 24 6.69 -0.85 10.35
N SER A 25 6.18 -0.02 9.45
CA SER A 25 5.08 0.88 9.78
C SER A 25 4.45 1.45 8.51
N TYR A 26 3.28 2.06 8.66
CA TYR A 26 2.57 2.66 7.53
C TYR A 26 1.82 3.91 7.97
N ALA A 27 1.99 4.99 7.20
CA ALA A 27 1.32 6.25 7.49
C ALA A 27 0.92 6.97 6.21
N LYS A 28 -0.33 7.40 6.15
CA LYS A 28 -0.84 8.12 4.98
C LYS A 28 -1.63 9.35 5.38
N TYR A 29 -1.27 10.50 4.82
CA TYR A 29 -1.95 11.75 5.13
C TYR A 29 -3.03 12.05 4.10
N VAL A 30 -4.12 12.65 4.56
CA VAL A 30 -5.24 12.99 3.69
C VAL A 30 -4.89 14.18 2.80
N LEU A 31 -5.70 14.40 1.78
CA LEU A 31 -5.48 15.51 0.85
C LEU A 31 -6.61 16.53 0.94
N SER A 32 -7.54 16.29 1.86
CA SER A 32 -8.68 17.19 2.04
C SER A 32 -8.23 18.65 2.01
N PRO A 33 -7.30 19.00 2.92
CA PRO A 33 -6.77 20.36 3.03
C PRO A 33 -5.89 20.73 1.85
N ASN A 34 -4.60 20.42 1.94
CA ASN A 34 -3.65 20.71 0.88
C ASN A 34 -3.41 19.49 0.00
N LEU A 35 -2.49 18.63 0.43
CA LEU A 35 -2.17 17.42 -0.31
C LEU A 35 -2.10 16.21 0.62
N ALA A 36 -1.89 15.04 0.04
CA ALA A 36 -1.79 13.80 0.82
C ALA A 36 -0.34 13.33 0.91
N LEU A 37 -0.02 12.64 1.99
CA LEU A 37 1.33 12.13 2.21
C LEU A 37 1.33 10.60 2.26
N LYS A 38 2.41 10.01 1.78
CA LYS A 38 2.54 8.55 1.76
C LYS A 38 3.89 8.13 2.34
N GLY A 39 3.87 7.11 3.20
CA GLY A 39 5.10 6.62 3.80
C GLY A 39 4.90 5.32 4.53
N GLU A 40 5.71 4.32 4.18
CA GLU A 40 5.61 3.00 4.81
C GLU A 40 6.73 2.08 4.32
N TYR A 41 7.01 1.05 5.10
CA TYR A 41 8.06 0.09 4.75
C TYR A 41 8.30 -0.89 5.89
N GLU A 42 9.53 -1.38 5.98
CA GLU A 42 9.90 -2.34 7.03
C GLU A 42 11.30 -2.90 6.79
N TRP A 43 11.64 -3.96 7.52
CA TRP A 43 12.94 -4.60 7.38
C TRP A 43 13.02 -5.85 8.24
N ASN A 44 14.04 -6.67 7.99
CA ASN A 44 14.23 -7.91 8.73
C ASN A 44 14.72 -7.61 10.15
N ASN A 45 15.61 -6.63 10.27
CA ASN A 45 16.16 -6.26 11.57
C ASN A 45 15.11 -5.53 12.42
N SER A 46 15.43 -5.31 13.68
CA SER A 46 14.51 -4.63 14.59
C SER A 46 14.90 -3.17 14.76
N SER A 47 16.13 -2.94 15.23
CA SER A 47 16.62 -1.58 15.45
C SER A 47 16.46 -0.73 14.19
N LEU A 48 17.30 -0.99 13.20
CA LEU A 48 17.25 -0.25 11.94
C LEU A 48 16.25 -0.88 10.98
N ASN A 49 15.97 -0.17 9.90
CA ASN A 49 15.02 -0.66 8.89
C ASN A 49 14.87 0.34 7.75
N SER A 50 14.29 -0.12 6.65
CA SER A 50 14.08 0.74 5.49
C SER A 50 12.75 1.47 5.58
N PHE A 51 12.70 2.66 4.99
CA PHE A 51 11.48 3.46 5.00
C PHE A 51 11.35 4.29 3.72
N LYS A 52 10.19 4.19 3.08
CA LYS A 52 9.94 4.92 1.84
C LYS A 52 8.69 5.80 1.97
N ALA A 53 8.79 7.03 1.48
CA ALA A 53 7.68 7.97 1.54
C ALA A 53 7.74 8.96 0.38
N GLY A 54 6.60 9.58 0.08
CA GLY A 54 6.55 10.55 -1.01
C GLY A 54 5.38 11.50 -0.87
N ALA A 55 5.10 12.24 -1.94
CA ALA A 55 4.00 13.20 -1.93
C ALA A 55 2.89 12.76 -2.87
N GLU A 56 1.65 12.83 -2.38
CA GLU A 56 0.48 12.43 -3.16
C GLU A 56 -0.24 13.64 -3.72
N TYR A 57 -0.14 13.85 -5.02
CA TYR A 57 -0.78 15.00 -5.67
C TYR A 57 -1.86 14.52 -6.63
N VAL A 58 -3.01 15.19 -6.60
CA VAL A 58 -4.13 14.85 -7.48
C VAL A 58 -4.13 15.72 -8.73
N ALA A 59 -3.42 15.26 -9.76
CA ALA A 59 -3.35 15.99 -11.02
C ALA A 59 -4.71 16.03 -11.71
N THR A 60 -5.46 14.94 -11.59
CA THR A 60 -6.78 14.86 -12.21
C THR A 60 -7.78 14.16 -11.28
N PRO A 61 -9.06 14.49 -11.46
CA PRO A 61 -10.14 13.91 -10.65
C PRO A 61 -10.36 12.43 -10.95
N TYR A 62 -9.64 11.92 -11.94
CA TYR A 62 -9.76 10.52 -12.33
C TYR A 62 -8.52 9.73 -11.92
N LEU A 63 -7.37 10.15 -12.42
CA LEU A 63 -6.11 9.49 -12.11
C LEU A 63 -5.20 10.41 -11.31
N LYS A 64 -4.65 9.89 -10.21
CA LYS A 64 -3.76 10.67 -9.35
C LYS A 64 -2.32 10.18 -9.49
N THR A 65 -1.37 11.08 -9.26
CA THR A 65 0.04 10.74 -9.35
C THR A 65 0.75 10.93 -8.02
N GLU A 66 1.77 10.13 -7.77
CA GLU A 66 2.53 10.22 -6.52
C GLU A 66 4.00 9.88 -6.75
N VAL A 67 4.88 10.63 -6.12
CA VAL A 67 6.31 10.41 -6.24
C VAL A 67 6.96 10.14 -4.89
N MET A 68 7.22 8.87 -4.60
CA MET A 68 7.84 8.48 -3.34
C MET A 68 9.18 7.80 -3.58
N THR A 69 10.13 8.01 -2.66
CA THR A 69 11.45 7.42 -2.78
C THR A 69 11.73 6.47 -1.61
N GLU A 70 12.52 5.44 -1.87
CA GLU A 70 12.86 4.45 -0.85
C GLU A 70 14.26 4.69 -0.33
N TYR A 71 14.36 5.13 0.93
CA TYR A 71 15.65 5.40 1.55
C TYR A 71 15.79 4.64 2.87
N ASN A 72 16.98 4.12 3.14
CA ASN A 72 17.24 3.38 4.36
C ASN A 72 18.59 3.76 4.94
N THR A 73 19.06 4.97 4.63
CA THR A 73 20.34 5.45 5.12
C THR A 73 21.42 4.37 5.01
N ASP A 74 21.35 3.58 3.94
CA ASP A 74 22.31 2.52 3.71
C ASP A 74 23.03 2.71 2.38
N ASN A 75 22.26 2.98 1.34
CA ASN A 75 22.81 3.17 0.00
C ASN A 75 21.99 4.19 -0.79
N THR A 76 22.44 4.49 -2.01
CA THR A 76 21.75 5.45 -2.85
C THR A 76 20.28 5.10 -3.00
N PHE A 77 19.43 5.83 -2.29
CA PHE A 77 17.99 5.59 -2.34
C PHE A 77 17.48 5.57 -3.79
N ARG A 78 16.24 5.14 -3.97
CA ARG A 78 15.65 5.08 -5.30
C ARG A 78 14.36 5.89 -5.36
N VAL A 79 14.01 6.34 -6.56
CA VAL A 79 12.80 7.13 -6.75
C VAL A 79 11.76 6.37 -7.58
N THR A 80 10.61 6.12 -6.98
CA THR A 80 9.54 5.39 -7.65
C THR A 80 8.28 6.25 -7.76
N VAL A 81 7.56 6.09 -8.87
CA VAL A 81 6.34 6.85 -9.11
C VAL A 81 5.13 5.92 -9.25
N VAL A 82 4.16 6.11 -8.36
CA VAL A 82 2.95 5.30 -8.38
C VAL A 82 1.70 6.15 -8.58
N THR A 83 0.75 5.63 -9.34
CA THR A 83 -0.49 6.36 -9.62
C THR A 83 -1.70 5.58 -9.11
N GLU A 84 -2.66 6.31 -8.54
CA GLU A 84 -3.87 5.69 -8.01
C GLU A 84 -5.11 6.48 -8.42
N GLY A 85 -6.23 5.78 -8.56
CA GLY A 85 -7.47 6.43 -8.95
C GLY A 85 -8.68 5.53 -8.75
N ARG A 86 -9.79 5.91 -9.35
CA ARG A 86 -11.03 5.14 -9.24
C ARG A 86 -11.54 4.72 -10.61
N TYR A 87 -11.88 3.44 -10.74
CA TYR A 87 -12.38 2.90 -12.00
C TYR A 87 -13.72 2.21 -11.81
N PRO A 88 -14.76 2.72 -12.48
CA PRO A 88 -16.11 2.16 -12.40
C PRO A 88 -16.21 0.79 -13.07
N VAL A 89 -17.36 0.15 -12.91
CA VAL A 89 -17.59 -1.17 -13.48
C VAL A 89 -19.07 -1.40 -13.79
N ASP A 90 -19.38 -2.52 -14.42
CA ASP A 90 -20.76 -2.85 -14.76
C ASP A 90 -21.57 -3.15 -13.51
N PRO A 91 -21.12 -4.13 -12.72
CA PRO A 91 -21.79 -4.54 -11.49
C PRO A 91 -21.68 -3.48 -10.39
N ASN A 92 -22.07 -3.84 -9.18
CA ASN A 92 -22.02 -2.93 -8.05
C ASN A 92 -20.60 -2.81 -7.52
N LEU A 93 -19.83 -3.88 -7.66
CA LEU A 93 -18.44 -3.90 -7.19
C LEU A 93 -17.68 -2.70 -7.71
N GLU A 94 -16.44 -2.53 -7.24
CA GLU A 94 -15.60 -1.41 -7.66
C GLU A 94 -14.20 -1.90 -8.01
N LEU A 95 -13.56 -1.20 -8.94
CA LEU A 95 -12.21 -1.55 -9.37
C LEU A 95 -11.26 -0.38 -9.21
N PHE A 96 -10.25 -0.54 -8.36
CA PHE A 96 -9.27 0.51 -8.12
C PHE A 96 -7.95 0.20 -8.82
N PRO A 97 -7.61 1.01 -9.83
CA PRO A 97 -6.38 0.84 -10.61
C PRO A 97 -5.13 1.18 -9.79
N GLY A 98 -4.03 0.48 -10.07
CA GLY A 98 -2.79 0.72 -9.37
C GLY A 98 -1.57 0.47 -10.22
N GLY A 99 -0.81 1.53 -10.47
CA GLY A 99 0.39 1.41 -11.29
C GLY A 99 1.64 1.83 -10.55
N TRP A 100 2.56 0.89 -10.36
CA TRP A 100 3.81 1.18 -9.65
C TRP A 100 4.99 1.19 -10.63
N TYR A 101 5.82 2.22 -10.53
CA TYR A 101 6.98 2.35 -11.41
C TYR A 101 8.23 2.66 -10.59
N THR A 102 9.19 1.73 -10.62
CA THR A 102 10.44 1.90 -9.89
C THR A 102 11.52 2.50 -10.78
N TRP A 103 12.09 3.62 -10.35
CA TRP A 103 13.14 4.28 -11.11
C TRP A 103 14.43 4.37 -10.30
N ASN A 104 15.51 3.83 -10.86
CA ASN A 104 16.81 3.86 -10.19
C ASN A 104 17.72 4.90 -10.81
N ASN A 105 18.57 5.51 -9.98
CA ASN A 105 19.50 6.52 -10.44
C ASN A 105 20.50 5.94 -11.44
N SER A 106 20.60 6.57 -12.61
CA SER A 106 21.52 6.10 -13.65
C SER A 106 21.25 4.64 -13.99
N SER A 107 19.97 4.30 -14.17
CA SER A 107 19.59 2.94 -14.50
C SER A 107 18.17 2.89 -15.05
N LEU A 108 17.89 1.86 -15.84
CA LEU A 108 16.57 1.70 -16.44
C LEU A 108 15.48 1.69 -15.38
N ASN A 109 14.22 1.68 -15.81
CA ASN A 109 13.09 1.66 -14.88
C ASN A 109 12.06 0.63 -15.32
N LYS A 110 11.27 0.15 -14.34
CA LYS A 110 10.24 -0.85 -14.62
C LYS A 110 8.91 -0.41 -14.04
N GLY A 111 7.83 -0.99 -14.56
CA GLY A 111 6.50 -0.65 -14.07
C GLY A 111 5.66 -1.88 -13.79
N ALA A 112 5.51 -2.21 -12.50
CA ALA A 112 4.73 -3.37 -12.10
C ALA A 112 3.24 -3.04 -12.04
N PRO A 113 2.45 -3.69 -12.90
CA PRO A 113 1.00 -3.47 -12.98
C PRO A 113 0.28 -4.02 -11.75
N TYR A 114 -0.78 -3.33 -11.34
CA TYR A 114 -1.56 -3.74 -10.18
C TYR A 114 -3.03 -3.37 -10.34
N THR A 115 -3.91 -4.33 -10.07
CA THR A 115 -5.35 -4.09 -10.19
C THR A 115 -6.07 -4.51 -8.91
N ARG A 116 -7.03 -3.69 -8.49
CA ARG A 116 -7.81 -3.98 -7.29
C ARG A 116 -9.27 -4.28 -7.64
N ALA A 117 -9.74 -5.44 -7.18
CA ALA A 117 -11.12 -5.84 -7.44
C ALA A 117 -11.82 -6.30 -6.17
N GLU A 118 -12.84 -5.56 -5.77
CA GLU A 118 -13.59 -5.89 -4.56
C GLU A 118 -14.48 -4.72 -4.14
N TYR A 119 -14.93 -4.74 -2.89
CA TYR A 119 -15.79 -3.68 -2.37
C TYR A 119 -15.85 -3.74 -0.85
N LYS A 120 -16.70 -2.89 -0.26
CA LYS A 120 -16.85 -2.84 1.19
C LYS A 120 -18.31 -3.07 1.59
N LEU A 121 -18.65 -4.33 1.85
CA LEU A 121 -20.01 -4.69 2.23
C LEU A 121 -20.50 -3.80 3.38
N THR A 122 -19.62 -3.53 4.33
CA THR A 122 -19.96 -2.70 5.48
C THR A 122 -18.77 -1.84 5.91
N PRO A 123 -19.05 -0.78 6.67
CA PRO A 123 -18.01 0.13 7.16
C PRO A 123 -17.12 -0.51 8.22
N ASP A 124 -17.56 -1.65 8.74
CA ASP A 124 -16.81 -2.37 9.75
C ASP A 124 -16.09 -3.57 9.15
N LEU A 125 -16.71 -4.19 8.15
CA LEU A 125 -16.12 -5.35 7.49
C LEU A 125 -16.09 -5.16 5.97
N LYS A 126 -14.95 -5.43 5.37
CA LYS A 126 -14.79 -5.29 3.93
C LYS A 126 -13.83 -6.34 3.38
N LEU A 127 -13.77 -6.45 2.06
CA LEU A 127 -12.89 -7.41 1.41
C LEU A 127 -12.22 -6.80 0.18
N LEU A 128 -10.90 -6.92 0.10
CA LEU A 128 -10.15 -6.39 -1.02
C LEU A 128 -9.35 -7.48 -1.73
N SER A 129 -9.49 -7.55 -3.05
CA SER A 129 -8.79 -8.56 -3.84
C SER A 129 -7.80 -7.90 -4.80
N GLN A 130 -6.52 -8.23 -4.64
CA GLN A 130 -5.47 -7.69 -5.49
C GLN A 130 -4.97 -8.73 -6.48
N VAL A 131 -4.93 -8.35 -7.76
CA VAL A 131 -4.47 -9.25 -8.81
C VAL A 131 -3.34 -8.61 -9.61
N VAL A 132 -2.26 -9.38 -9.80
CA VAL A 132 -1.11 -8.89 -10.55
C VAL A 132 -0.86 -9.75 -11.79
N TYR A 133 -1.11 -9.17 -12.96
CA TYR A 133 -0.91 -9.89 -14.22
C TYR A 133 0.28 -9.31 -14.98
N ASN A 134 1.25 -10.17 -15.28
CA ASN A 134 2.44 -9.74 -16.01
C ASN A 134 2.55 -10.50 -17.34
N THR A 135 3.47 -10.05 -18.19
CA THR A 135 3.68 -10.68 -19.49
C THR A 135 3.87 -12.18 -19.35
N ASP A 136 4.61 -12.59 -18.33
CA ASP A 136 4.86 -14.00 -18.08
C ASP A 136 3.65 -14.67 -17.44
N ASN A 137 3.43 -15.94 -17.76
CA ASN A 137 2.30 -16.69 -17.22
C ASN A 137 2.28 -16.60 -15.70
N THR A 138 3.46 -16.59 -15.09
CA THR A 138 3.58 -16.51 -13.64
C THR A 138 2.97 -15.22 -13.11
N PHE A 139 1.84 -15.34 -12.42
CA PHE A 139 1.16 -14.18 -11.87
C PHE A 139 1.24 -14.19 -10.34
N LYS A 140 0.81 -13.10 -9.73
CA LYS A 140 0.82 -12.97 -8.27
C LYS A 140 -0.59 -12.74 -7.73
N PHE A 141 -0.95 -13.50 -6.71
CA PHE A 141 -2.28 -13.37 -6.10
C PHE A 141 -2.17 -12.85 -4.66
N ASP A 142 -2.87 -11.76 -4.38
CA ASP A 142 -2.85 -11.17 -3.05
C ASP A 142 -4.26 -10.75 -2.61
N THR A 143 -4.79 -11.45 -1.62
CA THR A 143 -6.13 -11.16 -1.12
C THR A 143 -6.09 -10.82 0.37
N GLY A 144 -6.99 -9.92 0.79
CA GLY A 144 -7.04 -9.53 2.19
C GLY A 144 -8.37 -8.91 2.55
N LEU A 145 -8.62 -8.81 3.86
CA LEU A 145 -9.87 -8.22 4.35
C LEU A 145 -9.60 -7.06 5.29
N GLU A 146 -10.54 -6.12 5.35
CA GLU A 146 -10.40 -4.96 6.21
C GLU A 146 -11.32 -5.05 7.43
N TYR A 147 -10.80 -4.69 8.59
CA TYR A 147 -11.59 -4.73 9.82
C TYR A 147 -11.58 -3.39 10.53
N LYS A 148 -12.68 -2.65 10.38
CA LYS A 148 -12.80 -1.34 11.01
C LYS A 148 -13.92 -1.34 12.05
N LEU A 149 -13.98 -2.39 12.86
CA LEU A 149 -14.99 -2.51 13.89
C LEU A 149 -14.69 -1.57 15.06
N SER A 150 -13.40 -1.40 15.36
CA SER A 150 -12.98 -0.53 16.46
C SER A 150 -13.47 0.89 16.24
N PRO A 151 -13.50 1.68 17.32
CA PRO A 151 -13.94 3.08 17.28
C PRO A 151 -12.95 3.97 16.54
N ASN A 152 -11.66 3.77 16.80
CA ASN A 152 -10.61 4.56 16.15
C ASN A 152 -9.58 3.65 15.49
N LEU A 153 -9.26 2.54 16.16
CA LEU A 153 -8.29 1.59 15.64
C LEU A 153 -8.79 0.95 14.35
N LYS A 154 -7.85 0.46 13.53
CA LYS A 154 -8.20 -0.18 12.27
C LYS A 154 -7.14 -1.20 11.87
N VAL A 155 -7.57 -2.44 11.66
CA VAL A 155 -6.66 -3.51 11.27
C VAL A 155 -6.91 -3.94 9.83
N LYS A 156 -5.90 -4.56 9.22
CA LYS A 156 -6.00 -5.03 7.85
C LYS A 156 -5.14 -6.27 7.63
N PHE A 157 -5.80 -7.36 7.24
CA PHE A 157 -5.10 -8.62 7.00
C PHE A 157 -4.85 -8.82 5.51
N GLU A 158 -3.58 -8.94 5.13
CA GLU A 158 -3.21 -9.13 3.74
C GLU A 158 -2.47 -10.46 3.55
N TYR A 159 -2.93 -11.25 2.59
CA TYR A 159 -2.31 -12.54 2.30
C TYR A 159 -1.70 -12.56 0.91
N GLY A 160 -0.40 -12.82 0.85
CA GLY A 160 0.30 -12.86 -0.42
C GLY A 160 0.63 -14.28 -0.85
N TRP A 161 0.52 -14.53 -2.15
CA TRP A 161 0.81 -15.86 -2.69
C TRP A 161 1.57 -15.75 -4.00
N ASN A 162 2.84 -16.15 -3.98
CA ASN A 162 3.68 -16.10 -5.18
C ASN A 162 4.33 -17.46 -5.44
N ASN A 163 5.03 -17.56 -6.57
CA ASN A 163 5.70 -18.79 -6.94
C ASN A 163 7.05 -18.92 -6.23
N SER A 164 7.74 -17.80 -6.07
CA SER A 164 9.03 -17.78 -5.41
C SER A 164 8.95 -18.41 -4.03
N SER A 165 8.18 -17.79 -3.14
CA SER A 165 8.02 -18.30 -1.78
C SER A 165 6.71 -19.07 -1.64
N LEU A 166 6.52 -19.70 -0.49
CA LEU A 166 5.31 -20.47 -0.23
C LEU A 166 4.11 -19.56 0.01
N ASN A 167 4.21 -18.73 1.05
CA ASN A 167 3.14 -17.81 1.39
C ASN A 167 3.61 -16.78 2.42
N GLU A 168 2.99 -15.60 2.39
CA GLU A 168 3.34 -14.53 3.32
C GLU A 168 2.10 -13.96 3.98
N PHE A 169 2.15 -13.83 5.31
CA PHE A 169 1.02 -13.29 6.07
C PHE A 169 1.42 -12.01 6.80
N THR A 170 0.84 -10.89 6.37
CA THR A 170 1.14 -9.60 6.99
C THR A 170 -0.09 -9.03 7.68
N VAL A 171 0.12 -8.48 8.87
CA VAL A 171 -0.98 -7.89 9.64
C VAL A 171 -0.75 -6.40 9.88
N GLN A 172 -1.52 -5.57 9.19
CA GLN A 172 -1.40 -4.12 9.32
C GLN A 172 -2.30 -3.60 10.44
N PHE A 173 -1.76 -2.72 11.27
CA PHE A 173 -2.51 -2.14 12.38
C PHE A 173 -2.19 -0.66 12.55
N GLU A 174 -3.17 0.19 12.28
CA GLU A 174 -2.99 1.63 12.40
C GLU A 174 -4.28 2.30 12.87
N TYR A 175 -4.22 3.62 13.03
CA TYR A 175 -5.38 4.38 13.48
C TYR A 175 -5.21 5.86 13.18
N ASP A 176 -6.33 6.55 12.97
CA ASP A 176 -6.30 7.98 12.68
C ASP A 176 -5.87 8.78 13.89
N LEU A 177 -4.95 9.72 13.68
CA LEU A 177 -4.44 10.56 14.76
C LEU A 177 -4.73 12.03 14.49
N SER A 178 -5.90 12.30 13.91
CA SER A 178 -6.29 13.67 13.59
C SER A 178 -6.54 14.48 14.87
N SER A 179 -5.57 15.32 15.22
CA SER A 179 -5.67 16.15 16.42
C SER A 179 -6.78 17.18 16.27
N GLN A 1 -13.41 15.77 7.60
CA GLN A 1 -12.36 15.74 8.60
C GLN A 1 -12.60 16.78 9.68
N ASP A 2 -12.09 16.51 10.88
CA ASP A 2 -12.26 17.42 12.00
C ASP A 2 -11.35 18.63 11.85
N LYS A 3 -10.07 18.39 11.55
CA LYS A 3 -9.10 19.46 11.38
C LYS A 3 -7.91 18.97 10.56
N PRO A 4 -7.47 19.82 9.60
CA PRO A 4 -6.33 19.50 8.74
C PRO A 4 -5.00 19.51 9.49
N GLY A 5 -3.99 18.91 8.88
CA GLY A 5 -2.67 18.86 9.51
C GLY A 5 -2.45 17.58 10.28
N SER A 6 -3.54 16.99 10.78
CA SER A 6 -3.45 15.75 11.54
C SER A 6 -2.92 14.61 10.67
N ALA A 7 -2.14 13.72 11.28
CA ALA A 7 -1.57 12.59 10.56
C ALA A 7 -2.10 11.26 11.12
N LYS A 8 -1.86 10.19 10.38
CA LYS A 8 -2.31 8.86 10.80
C LYS A 8 -1.17 7.85 10.72
N ALA A 9 -1.09 6.98 11.71
CA ALA A 9 -0.05 5.95 11.75
C ALA A 9 -0.61 4.58 11.41
N GLY A 10 0.10 3.84 10.58
CA GLY A 10 -0.35 2.51 10.19
C GLY A 10 0.69 1.44 10.48
N GLY A 11 0.23 0.25 10.85
CA GLY A 11 1.14 -0.84 11.15
C GLY A 11 0.99 -2.00 10.17
N TRP A 12 2.12 -2.44 9.62
CA TRP A 12 2.11 -3.54 8.67
C TRP A 12 2.93 -4.71 9.18
N THR A 13 2.26 -5.68 9.78
CA THR A 13 2.94 -6.86 10.33
C THR A 13 3.10 -7.94 9.26
N THR A 14 4.34 -8.33 9.01
CA THR A 14 4.65 -9.35 8.02
C THR A 14 4.95 -10.69 8.68
N TYR A 15 4.02 -11.63 8.54
CA TYR A 15 4.19 -12.96 9.12
C TYR A 15 4.36 -14.01 8.03
N ASN A 16 5.31 -14.92 8.25
CA ASN A 16 5.58 -15.98 7.29
C ASN A 16 5.47 -17.36 7.96
N THR A 17 5.69 -18.41 7.17
CA THR A 17 5.62 -19.77 7.67
C THR A 17 6.49 -19.94 8.91
N ASP A 18 7.64 -19.26 8.93
CA ASP A 18 8.56 -19.33 10.05
C ASP A 18 8.15 -18.35 11.15
N ASN A 19 8.96 -18.29 12.21
CA ASN A 19 8.68 -17.40 13.33
C ASN A 19 9.08 -15.97 13.00
N THR A 20 10.17 -15.83 12.23
CA THR A 20 10.67 -14.51 11.84
C THR A 20 9.55 -13.66 11.25
N PHE A 21 9.72 -12.35 11.32
CA PHE A 21 8.72 -11.42 10.79
C PHE A 21 9.37 -10.09 10.40
N LYS A 22 8.60 -9.25 9.71
CA LYS A 22 9.11 -7.95 9.27
C LYS A 22 8.23 -6.83 9.82
N GLY A 23 8.85 -5.68 10.08
CA GLY A 23 8.12 -4.54 10.61
C GLY A 23 8.00 -3.41 9.60
N GLY A 24 6.82 -3.29 9.00
CA GLY A 24 6.61 -2.23 8.02
C GLY A 24 5.84 -1.05 8.59
N SER A 25 6.56 0.03 8.86
CA SER A 25 5.94 1.23 9.42
C SER A 25 5.50 2.18 8.31
N TYR A 26 4.23 2.57 8.34
CA TYR A 26 3.68 3.48 7.33
C TYR A 26 2.91 4.62 7.99
N ALA A 27 3.03 5.81 7.41
CA ALA A 27 2.35 6.98 7.95
C ALA A 27 1.87 7.89 6.82
N LYS A 28 0.70 8.49 7.01
CA LYS A 28 0.12 9.39 6.00
C LYS A 28 -0.14 10.77 6.60
N TYR A 29 0.48 11.79 6.00
CA TYR A 29 0.32 13.16 6.45
C TYR A 29 -0.78 13.88 5.67
N VAL A 30 -1.43 14.82 6.33
CA VAL A 30 -2.52 15.59 5.71
C VAL A 30 -3.35 14.70 4.79
N LEU A 31 -4.26 13.93 5.40
CA LEU A 31 -5.13 13.04 4.64
C LEU A 31 -6.00 13.83 3.66
N SER A 32 -6.05 15.14 3.84
CA SER A 32 -6.84 15.99 2.98
C SER A 32 -6.58 15.69 1.50
N PRO A 33 -7.62 15.78 0.68
CA PRO A 33 -7.52 15.51 -0.76
C PRO A 33 -6.72 16.58 -1.50
N ASN A 34 -6.72 17.80 -0.94
CA ASN A 34 -5.99 18.91 -1.55
C ASN A 34 -4.50 18.60 -1.61
N LEU A 35 -3.99 17.90 -0.60
CA LEU A 35 -2.58 17.55 -0.55
C LEU A 35 -2.30 16.59 0.61
N ALA A 36 -1.52 15.56 0.35
CA ALA A 36 -1.18 14.58 1.37
C ALA A 36 0.29 14.16 1.26
N LEU A 37 0.86 13.72 2.38
CA LEU A 37 2.26 13.29 2.40
C LEU A 37 2.36 11.82 2.79
N LYS A 38 3.41 11.16 2.30
CA LYS A 38 3.63 9.75 2.61
C LYS A 38 4.87 9.57 3.48
N GLY A 39 4.89 8.49 4.25
CA GLY A 39 6.02 8.21 5.11
C GLY A 39 6.38 6.74 5.16
N GLU A 40 7.52 6.39 4.58
CA GLU A 40 7.98 5.00 4.56
C GLU A 40 9.02 4.76 5.64
N TYR A 41 8.86 3.65 6.37
CA TYR A 41 9.78 3.31 7.44
C TYR A 41 9.95 1.79 7.53
N GLU A 42 10.67 1.22 6.57
CA GLU A 42 10.91 -0.22 6.54
C GLU A 42 11.95 -0.62 7.58
N TRP A 43 11.51 -1.36 8.60
CA TRP A 43 12.39 -1.81 9.66
C TRP A 43 12.32 -3.32 9.84
N ASN A 44 13.44 -3.93 10.18
CA ASN A 44 13.51 -5.37 10.38
C ASN A 44 14.79 -5.77 11.09
N ASN A 45 14.81 -6.98 11.63
CA ASN A 45 15.98 -7.48 12.35
C ASN A 45 17.24 -7.33 11.50
N SER A 46 17.10 -7.53 10.20
CA SER A 46 18.23 -7.42 9.28
C SER A 46 18.76 -5.99 9.24
N SER A 47 19.83 -5.79 8.48
CA SER A 47 20.44 -4.47 8.36
C SER A 47 20.03 -3.79 7.06
N LEU A 48 20.53 -2.58 6.84
CA LEU A 48 20.21 -1.82 5.64
C LEU A 48 18.72 -1.52 5.56
N ASN A 49 18.20 -0.90 6.61
CA ASN A 49 16.78 -0.54 6.66
C ASN A 49 16.47 0.58 5.67
N SER A 50 15.19 0.74 5.37
CA SER A 50 14.75 1.77 4.42
C SER A 50 13.85 2.79 5.12
N PHE A 51 13.87 4.03 4.63
CA PHE A 51 13.05 5.09 5.20
C PHE A 51 13.03 6.30 4.28
N LYS A 52 11.93 7.05 4.31
CA LYS A 52 11.77 8.24 3.48
C LYS A 52 10.36 8.78 3.58
N ALA A 53 9.90 9.44 2.52
CA ALA A 53 8.57 10.02 2.48
C ALA A 53 8.04 10.07 1.05
N GLY A 54 6.76 10.39 0.91
CA GLY A 54 6.15 10.48 -0.41
C GLY A 54 5.32 11.74 -0.58
N ALA A 55 4.69 11.87 -1.74
CA ALA A 55 3.86 13.04 -2.04
C ALA A 55 2.60 12.64 -2.79
N GLU A 56 1.46 13.11 -2.30
CA GLU A 56 0.18 12.81 -2.92
C GLU A 56 -0.47 14.06 -3.48
N TYR A 57 -0.52 14.16 -4.81
CA TYR A 57 -1.10 15.30 -5.48
C TYR A 57 -2.31 14.90 -6.32
N VAL A 58 -3.36 15.70 -6.27
CA VAL A 58 -4.58 15.42 -7.03
C VAL A 58 -4.58 16.19 -8.34
N ALA A 59 -4.01 15.59 -9.38
CA ALA A 59 -3.96 16.22 -10.69
C ALA A 59 -5.34 16.27 -11.33
N THR A 60 -6.11 15.19 -11.16
CA THR A 60 -7.45 15.11 -11.73
C THR A 60 -8.41 14.43 -10.76
N PRO A 61 -9.71 14.64 -10.97
CA PRO A 61 -10.76 14.06 -10.13
C PRO A 61 -10.88 12.55 -10.31
N TYR A 62 -10.60 12.08 -11.52
CA TYR A 62 -10.67 10.65 -11.82
C TYR A 62 -9.29 9.99 -11.70
N LEU A 63 -8.26 10.74 -12.06
CA LEU A 63 -6.89 10.23 -12.00
C LEU A 63 -6.08 11.00 -10.95
N LYS A 64 -5.42 10.26 -10.06
CA LYS A 64 -4.61 10.86 -9.02
C LYS A 64 -3.16 10.40 -9.13
N THR A 65 -2.23 11.28 -8.74
CA THR A 65 -0.81 10.96 -8.79
C THR A 65 -0.21 10.90 -7.38
N GLU A 66 0.57 9.86 -7.13
CA GLU A 66 1.21 9.69 -5.83
C GLU A 66 2.67 9.30 -5.99
N VAL A 67 3.56 10.30 -5.94
CA VAL A 67 4.98 10.07 -6.07
C VAL A 67 5.63 9.76 -4.72
N MET A 68 5.93 8.50 -4.48
CA MET A 68 6.55 8.08 -3.23
C MET A 68 8.04 7.82 -3.42
N THR A 69 8.86 8.58 -2.71
CA THR A 69 10.31 8.43 -2.79
C THR A 69 10.87 7.73 -1.56
N GLU A 70 11.49 6.58 -1.76
CA GLU A 70 12.07 5.81 -0.66
C GLU A 70 13.57 5.67 -0.83
N TYR A 71 14.30 5.65 0.28
CA TYR A 71 15.75 5.52 0.25
C TYR A 71 16.20 4.27 0.99
N ASN A 72 17.25 3.63 0.49
CA ASN A 72 17.78 2.42 1.10
C ASN A 72 19.28 2.32 0.86
N THR A 73 19.92 1.37 1.56
CA THR A 73 21.36 1.17 1.44
C THR A 73 21.72 0.60 0.07
N ASP A 74 21.26 -0.62 -0.20
CA ASP A 74 21.53 -1.28 -1.48
C ASP A 74 21.13 -0.37 -2.64
N ASN A 75 19.92 0.18 -2.58
CA ASN A 75 19.43 1.06 -3.62
C ASN A 75 19.76 2.52 -3.33
N THR A 76 20.71 3.08 -4.07
CA THR A 76 21.12 4.46 -3.88
C THR A 76 19.93 5.40 -3.87
N PHE A 77 18.93 5.09 -4.69
CA PHE A 77 17.73 5.91 -4.78
C PHE A 77 16.58 5.12 -5.41
N ARG A 78 15.52 4.92 -4.64
CA ARG A 78 14.35 4.18 -5.12
C ARG A 78 13.13 5.08 -5.21
N VAL A 79 12.60 5.25 -6.41
CA VAL A 79 11.44 6.09 -6.63
C VAL A 79 10.22 5.25 -7.03
N THR A 80 9.21 5.24 -6.15
CA THR A 80 8.00 4.48 -6.40
C THR A 80 6.78 5.39 -6.46
N VAL A 81 6.19 5.52 -7.65
CA VAL A 81 5.02 6.36 -7.83
C VAL A 81 3.79 5.53 -8.20
N VAL A 82 2.70 5.72 -7.46
CA VAL A 82 1.47 4.99 -7.72
C VAL A 82 0.42 5.87 -8.38
N THR A 83 -0.37 5.30 -9.27
CA THR A 83 -1.40 6.04 -9.97
C THR A 83 -2.78 5.40 -9.76
N GLU A 84 -3.76 6.23 -9.43
CA GLU A 84 -5.12 5.76 -9.19
C GLU A 84 -6.05 6.19 -10.32
N GLY A 85 -7.07 5.38 -10.58
CA GLY A 85 -8.02 5.69 -11.64
C GLY A 85 -9.35 4.99 -11.45
N ARG A 86 -10.24 5.14 -12.43
CA ARG A 86 -11.56 4.52 -12.36
C ARG A 86 -11.80 3.64 -13.59
N TYR A 87 -12.12 2.37 -13.33
CA TYR A 87 -12.38 1.43 -14.41
C TYR A 87 -13.76 0.79 -14.26
N PRO A 88 -14.55 0.86 -15.34
CA PRO A 88 -15.91 0.30 -15.36
C PRO A 88 -15.90 -1.22 -15.34
N VAL A 89 -17.03 -1.81 -14.94
CA VAL A 89 -17.16 -3.27 -14.88
C VAL A 89 -18.57 -3.70 -15.22
N ASP A 90 -18.69 -4.79 -15.98
CA ASP A 90 -19.99 -5.33 -16.37
C ASP A 90 -20.91 -5.45 -15.16
N PRO A 91 -20.52 -6.30 -14.21
CA PRO A 91 -21.30 -6.52 -12.98
C PRO A 91 -21.29 -5.32 -12.05
N ASN A 92 -21.68 -5.54 -10.80
CA ASN A 92 -21.72 -4.47 -9.81
C ASN A 92 -20.31 -4.14 -9.32
N LEU A 93 -19.44 -5.14 -9.30
CA LEU A 93 -18.06 -4.94 -8.85
C LEU A 93 -17.41 -3.78 -9.58
N GLU A 94 -16.29 -3.31 -9.04
CA GLU A 94 -15.56 -2.19 -9.64
C GLU A 94 -14.10 -2.55 -9.87
N LEU A 95 -13.52 -2.03 -10.95
CA LEU A 95 -12.13 -2.29 -11.28
C LEU A 95 -11.28 -1.04 -11.09
N PHE A 96 -10.17 -1.18 -10.37
CA PHE A 96 -9.27 -0.06 -10.13
C PHE A 96 -7.94 -0.26 -10.85
N PRO A 97 -7.60 0.68 -11.74
CA PRO A 97 -6.36 0.63 -12.52
C PRO A 97 -5.13 0.87 -11.66
N GLY A 98 -4.49 -0.21 -11.23
CA GLY A 98 -3.30 -0.11 -10.40
C GLY A 98 -2.06 0.22 -11.21
N GLY A 99 -1.60 1.46 -11.11
CA GLY A 99 -0.42 1.87 -11.84
C GLY A 99 0.77 2.09 -10.93
N TRP A 100 1.73 1.18 -11.01
CA TRP A 100 2.94 1.26 -10.19
C TRP A 100 4.14 1.66 -11.04
N TYR A 101 4.89 2.66 -10.57
CA TYR A 101 6.06 3.14 -11.28
C TYR A 101 7.34 2.84 -10.49
N THR A 102 8.17 1.98 -11.04
CA THR A 102 9.43 1.61 -10.39
C THR A 102 10.63 2.06 -11.20
N TRP A 103 11.29 3.11 -10.73
CA TRP A 103 12.46 3.65 -11.41
C TRP A 103 13.68 3.64 -10.50
N ASN A 104 14.84 3.35 -11.07
CA ASN A 104 16.08 3.30 -10.31
C ASN A 104 16.07 2.15 -9.31
N ASN A 105 15.94 0.93 -9.82
CA ASN A 105 15.91 -0.25 -8.96
C ASN A 105 16.04 -1.52 -9.80
N SER A 106 15.95 -2.68 -9.13
CA SER A 106 16.06 -3.95 -9.81
C SER A 106 14.87 -4.86 -9.46
N SER A 107 14.69 -5.91 -10.26
CA SER A 107 13.59 -6.84 -10.05
C SER A 107 12.24 -6.16 -10.31
N LEU A 108 12.29 -4.97 -10.88
CA LEU A 108 11.08 -4.22 -11.18
C LEU A 108 11.18 -3.55 -12.55
N ASN A 109 10.13 -2.82 -12.92
CA ASN A 109 10.10 -2.12 -14.20
C ASN A 109 9.13 -0.94 -14.16
N LYS A 110 9.66 0.26 -14.34
CA LYS A 110 8.84 1.47 -14.32
C LYS A 110 7.38 1.14 -14.58
N GLY A 111 7.07 0.76 -15.81
CA GLY A 111 5.69 0.42 -16.16
C GLY A 111 5.24 -0.89 -15.53
N ALA A 112 5.11 -0.88 -14.21
CA ALA A 112 4.69 -2.08 -13.49
C ALA A 112 3.16 -2.20 -13.47
N PRO A 113 2.65 -3.24 -14.13
CA PRO A 113 1.20 -3.49 -14.21
C PRO A 113 0.62 -3.92 -12.87
N TYR A 114 -0.49 -3.31 -12.49
CA TYR A 114 -1.15 -3.63 -11.23
C TYR A 114 -2.67 -3.54 -11.36
N THR A 115 -3.37 -4.57 -10.88
CA THR A 115 -4.82 -4.61 -10.94
C THR A 115 -5.43 -4.84 -9.57
N ARG A 116 -6.16 -3.85 -9.07
CA ARG A 116 -6.81 -3.95 -7.77
C ARG A 116 -8.32 -3.82 -7.89
N ALA A 117 -9.03 -4.90 -7.61
CA ALA A 117 -10.48 -4.90 -7.67
C ALA A 117 -11.11 -4.70 -6.29
N GLU A 118 -12.32 -4.16 -6.27
CA GLU A 118 -13.02 -3.93 -5.01
C GLU A 118 -14.49 -4.33 -5.12
N TYR A 119 -15.03 -4.91 -4.05
CA TYR A 119 -16.42 -5.33 -4.03
C TYR A 119 -17.00 -5.22 -2.63
N LYS A 120 -18.27 -4.84 -2.55
CA LYS A 120 -18.95 -4.70 -1.26
C LYS A 120 -19.84 -5.91 -0.98
N LEU A 121 -19.33 -6.84 -0.19
CA LEU A 121 -20.09 -8.03 0.17
C LEU A 121 -20.54 -8.00 1.62
N THR A 122 -19.80 -7.26 2.44
CA THR A 122 -20.12 -7.14 3.86
C THR A 122 -20.03 -5.68 4.32
N PRO A 123 -21.07 -5.23 5.05
CA PRO A 123 -21.13 -3.86 5.56
C PRO A 123 -20.11 -3.62 6.67
N ASP A 124 -19.61 -4.69 7.27
CA ASP A 124 -18.63 -4.59 8.34
C ASP A 124 -17.21 -4.60 7.78
N LEU A 125 -16.99 -5.42 6.76
CA LEU A 125 -15.68 -5.53 6.13
C LEU A 125 -15.79 -5.48 4.62
N LYS A 126 -14.83 -4.82 3.97
CA LYS A 126 -14.82 -4.70 2.52
C LYS A 126 -13.88 -5.72 1.90
N LEU A 127 -14.15 -6.09 0.66
CA LEU A 127 -13.31 -7.06 -0.05
C LEU A 127 -12.35 -6.36 -1.01
N LEU A 128 -11.06 -6.43 -0.70
CA LEU A 128 -10.04 -5.79 -1.52
C LEU A 128 -9.11 -6.84 -2.13
N SER A 129 -9.16 -6.96 -3.46
CA SER A 129 -8.32 -7.92 -4.17
C SER A 129 -7.26 -7.21 -5.01
N GLN A 130 -6.01 -7.64 -4.85
CA GLN A 130 -4.91 -7.04 -5.59
C GLN A 130 -4.10 -8.12 -6.32
N VAL A 131 -4.17 -8.10 -7.65
CA VAL A 131 -3.45 -9.06 -8.47
C VAL A 131 -2.53 -8.36 -9.47
N VAL A 132 -1.32 -8.90 -9.61
CA VAL A 132 -0.34 -8.32 -10.53
C VAL A 132 0.06 -9.32 -11.61
N TYR A 133 -0.40 -9.06 -12.84
CA TYR A 133 -0.09 -9.95 -13.96
C TYR A 133 0.98 -9.33 -14.85
N ASN A 134 2.05 -10.08 -15.07
CA ASN A 134 3.15 -9.62 -15.92
C ASN A 134 3.19 -10.39 -17.24
N THR A 135 2.02 -10.84 -17.68
CA THR A 135 1.92 -11.58 -18.93
C THR A 135 2.93 -12.71 -18.98
N ASP A 136 3.16 -13.35 -17.83
CA ASP A 136 4.11 -14.45 -17.74
C ASP A 136 3.67 -15.45 -16.68
N ASN A 137 4.34 -16.60 -16.63
CA ASN A 137 4.03 -17.64 -15.66
C ASN A 137 4.06 -17.08 -14.25
N THR A 138 5.13 -16.36 -13.92
CA THR A 138 5.28 -15.78 -12.59
C THR A 138 4.40 -14.54 -12.43
N PHE A 139 3.78 -14.41 -11.27
CA PHE A 139 2.92 -13.27 -10.99
C PHE A 139 2.77 -13.05 -9.48
N LYS A 140 2.27 -11.88 -9.12
CA LYS A 140 2.08 -11.54 -7.71
C LYS A 140 0.61 -11.71 -7.30
N PHE A 141 0.40 -12.29 -6.13
CA PHE A 141 -0.95 -12.52 -5.63
C PHE A 141 -1.09 -12.02 -4.19
N ASP A 142 -1.93 -11.01 -4.00
CA ASP A 142 -2.15 -10.44 -2.68
C ASP A 142 -3.59 -9.96 -2.52
N THR A 143 -4.35 -10.64 -1.67
CA THR A 143 -5.74 -10.30 -1.43
C THR A 143 -6.03 -10.19 0.06
N GLY A 144 -6.81 -9.17 0.43
CA GLY A 144 -7.15 -8.97 1.83
C GLY A 144 -8.47 -8.24 2.00
N LEU A 145 -8.87 -8.05 3.26
CA LEU A 145 -10.13 -7.37 3.56
C LEU A 145 -9.93 -6.32 4.66
N GLU A 146 -10.69 -5.24 4.58
CA GLU A 146 -10.60 -4.17 5.57
C GLU A 146 -11.64 -4.35 6.67
N TYR A 147 -11.19 -4.31 7.91
CA TYR A 147 -12.08 -4.47 9.06
C TYR A 147 -12.12 -3.20 9.91
N LYS A 148 -13.32 -2.77 10.26
CA LYS A 148 -13.50 -1.57 11.08
C LYS A 148 -14.04 -1.93 12.46
N LEU A 149 -14.95 -2.90 12.51
CA LEU A 149 -15.54 -3.34 13.76
C LEU A 149 -14.49 -3.98 14.68
N SER A 150 -13.95 -3.18 15.60
CA SER A 150 -12.93 -3.67 16.52
C SER A 150 -12.65 -2.64 17.60
N PRO A 151 -11.98 -3.08 18.68
CA PRO A 151 -11.63 -2.21 19.81
C PRO A 151 -10.56 -1.19 19.44
N ASN A 152 -9.95 -1.37 18.28
CA ASN A 152 -8.90 -0.47 17.81
C ASN A 152 -9.45 0.51 16.79
N LEU A 153 -8.56 1.27 16.16
CA LEU A 153 -8.96 2.25 15.16
C LEU A 153 -9.20 1.59 13.81
N LYS A 154 -8.14 1.04 13.23
CA LYS A 154 -8.22 0.37 11.94
C LYS A 154 -7.52 -0.98 11.98
N VAL A 155 -8.13 -1.98 11.36
CA VAL A 155 -7.56 -3.32 11.31
C VAL A 155 -7.88 -4.02 9.99
N LYS A 156 -6.84 -4.54 9.34
CA LYS A 156 -7.01 -5.23 8.07
C LYS A 156 -6.15 -6.50 8.02
N PHE A 157 -6.38 -7.32 7.02
CA PHE A 157 -5.63 -8.56 6.85
C PHE A 157 -5.48 -8.91 5.37
N GLU A 158 -4.23 -9.07 4.93
CA GLU A 158 -3.94 -9.41 3.55
C GLU A 158 -2.99 -10.60 3.46
N TYR A 159 -3.40 -11.62 2.71
CA TYR A 159 -2.59 -12.82 2.55
C TYR A 159 -2.30 -13.08 1.08
N GLY A 160 -1.21 -13.81 0.82
CA GLY A 160 -0.85 -14.13 -0.56
C GLY A 160 0.65 -14.30 -0.71
N TRP A 161 1.11 -14.37 -1.96
CA TRP A 161 2.53 -14.55 -2.25
C TRP A 161 3.12 -13.29 -2.87
N ASN A 162 4.23 -12.82 -2.32
CA ASN A 162 4.90 -11.63 -2.82
C ASN A 162 6.24 -11.97 -3.45
N ASN A 163 6.97 -10.95 -3.86
CA ASN A 163 8.28 -11.15 -4.48
C ASN A 163 9.18 -12.01 -3.60
N SER A 164 9.29 -11.64 -2.33
CA SER A 164 10.12 -12.37 -1.39
C SER A 164 9.25 -13.14 -0.39
N SER A 165 8.09 -13.58 -0.85
CA SER A 165 7.17 -14.33 0.00
C SER A 165 6.95 -13.61 1.33
N LEU A 166 6.82 -12.29 1.26
CA LEU A 166 6.60 -11.49 2.46
C LEU A 166 5.16 -11.01 2.55
N ASN A 167 4.23 -11.85 2.10
CA ASN A 167 2.81 -11.53 2.12
C ASN A 167 2.01 -12.63 2.81
N GLU A 168 2.43 -13.87 2.61
CA GLU A 168 1.75 -15.01 3.21
C GLU A 168 0.65 -14.55 4.16
N PHE A 169 1.04 -14.23 5.39
CA PHE A 169 0.09 -13.78 6.40
C PHE A 169 0.43 -12.37 6.88
N THR A 170 -0.40 -11.40 6.48
CA THR A 170 -0.18 -10.02 6.87
C THR A 170 -1.32 -9.50 7.74
N VAL A 171 -0.97 -8.86 8.85
CA VAL A 171 -1.96 -8.32 9.77
C VAL A 171 -1.79 -6.83 9.96
N GLN A 172 -2.70 -6.05 9.40
CA GLN A 172 -2.64 -4.60 9.50
C GLN A 172 -3.41 -4.11 10.73
N PHE A 173 -2.86 -3.11 11.41
CA PHE A 173 -3.50 -2.55 12.59
C PHE A 173 -2.77 -1.29 13.07
N GLU A 174 -3.53 -0.31 13.53
CA GLU A 174 -2.96 0.94 14.00
C GLU A 174 -4.05 1.95 14.34
N TYR A 175 -3.70 3.24 14.32
CA TYR A 175 -4.65 4.29 14.62
C TYR A 175 -4.14 5.64 14.11
N ASP A 176 -4.90 6.70 14.40
CA ASP A 176 -4.52 8.04 13.97
C ASP A 176 -3.74 8.77 15.07
N LEU A 177 -2.80 9.61 14.66
CA LEU A 177 -1.98 10.36 15.60
C LEU A 177 -2.82 11.39 16.35
N SER A 178 -2.47 11.64 17.61
CA SER A 178 -3.18 12.60 18.42
C SER A 178 -2.30 13.12 19.56
N SER A 179 -2.81 14.11 20.29
CA SER A 179 -2.06 14.70 21.39
C SER A 179 -2.37 13.98 22.70
N GLN A 1 -13.92 23.35 16.87
CA GLN A 1 -13.78 22.90 15.48
C GLN A 1 -12.50 22.07 15.31
N ASP A 2 -12.41 21.39 14.17
CA ASP A 2 -11.25 20.55 13.88
C ASP A 2 -10.08 21.40 13.39
N LYS A 3 -8.87 21.02 13.76
CA LYS A 3 -7.67 21.75 13.35
C LYS A 3 -6.62 20.79 12.80
N PRO A 4 -5.70 21.33 11.98
CA PRO A 4 -4.63 20.54 11.37
C PRO A 4 -3.59 20.08 12.40
N GLY A 5 -2.54 19.44 11.93
CA GLY A 5 -1.49 18.96 12.82
C GLY A 5 -1.71 17.52 13.23
N SER A 6 -2.97 17.09 13.29
CA SER A 6 -3.29 15.73 13.68
C SER A 6 -2.73 14.73 12.69
N ALA A 7 -2.02 13.73 13.20
CA ALA A 7 -1.42 12.69 12.37
C ALA A 7 -1.93 11.32 12.76
N LYS A 8 -1.66 10.33 11.91
CA LYS A 8 -2.09 8.96 12.15
C LYS A 8 -0.90 8.01 12.23
N ALA A 9 -1.10 6.86 12.86
CA ALA A 9 -0.04 5.87 13.00
C ALA A 9 -0.26 4.69 12.05
N GLY A 10 0.81 4.24 11.42
CA GLY A 10 0.71 3.12 10.49
C GLY A 10 1.66 1.99 10.85
N GLY A 11 1.15 0.96 11.49
CA GLY A 11 1.98 -0.17 11.88
C GLY A 11 1.79 -1.36 10.97
N TRP A 12 2.45 -1.35 9.83
CA TRP A 12 2.35 -2.45 8.88
C TRP A 12 3.00 -3.72 9.42
N THR A 13 2.20 -4.57 10.05
CA THR A 13 2.71 -5.81 10.62
C THR A 13 2.63 -6.94 9.60
N THR A 14 3.76 -7.61 9.38
CA THR A 14 3.83 -8.72 8.44
C THR A 14 4.24 -10.01 9.13
N TYR A 15 3.32 -10.97 9.18
CA TYR A 15 3.59 -12.25 9.82
C TYR A 15 3.79 -13.34 8.78
N ASN A 16 4.73 -14.23 9.04
CA ASN A 16 5.03 -15.33 8.13
C ASN A 16 5.47 -16.57 8.89
N THR A 17 5.59 -17.69 8.18
CA THR A 17 6.02 -18.95 8.79
C THR A 17 7.53 -18.99 8.99
N ASP A 18 8.25 -18.38 8.05
CA ASP A 18 9.71 -18.35 8.13
C ASP A 18 10.18 -17.27 9.11
N ASN A 19 10.00 -16.01 8.73
CA ASN A 19 10.41 -14.90 9.57
C ASN A 19 9.52 -14.80 10.81
N THR A 20 9.83 -13.83 11.66
CA THR A 20 9.06 -13.64 12.89
C THR A 20 8.07 -12.48 12.74
N PHE A 21 8.60 -11.27 12.60
CA PHE A 21 7.77 -10.08 12.44
C PHE A 21 8.53 -8.97 11.72
N LYS A 22 7.99 -8.54 10.57
CA LYS A 22 8.62 -7.49 9.78
C LYS A 22 7.57 -6.60 9.13
N GLY A 23 8.02 -5.53 8.49
CA GLY A 23 7.10 -4.63 7.83
C GLY A 23 7.44 -3.17 8.08
N GLY A 24 6.42 -2.32 8.10
CA GLY A 24 6.64 -0.90 8.33
C GLY A 24 6.13 -0.45 9.68
N SER A 25 6.73 0.60 10.23
CA SER A 25 6.33 1.13 11.53
C SER A 25 6.63 2.63 11.62
N TYR A 26 5.67 3.44 11.19
CA TYR A 26 5.82 4.89 11.22
C TYR A 26 4.46 5.59 11.24
N ALA A 27 4.48 6.90 11.06
CA ALA A 27 3.25 7.69 11.06
C ALA A 27 3.03 8.36 9.70
N LYS A 28 1.81 8.81 9.47
CA LYS A 28 1.46 9.47 8.21
C LYS A 28 0.89 10.86 8.47
N TYR A 29 1.51 11.86 7.88
CA TYR A 29 1.06 13.25 8.04
C TYR A 29 0.13 13.65 6.90
N VAL A 30 -1.14 13.89 7.24
CA VAL A 30 -2.13 14.30 6.24
C VAL A 30 -2.37 15.80 6.29
N LEU A 31 -1.40 16.58 5.83
CA LEU A 31 -1.51 18.03 5.83
C LEU A 31 -2.76 18.47 5.08
N SER A 32 -2.76 18.27 3.76
CA SER A 32 -3.89 18.65 2.94
C SER A 32 -4.44 17.44 2.16
N PRO A 33 -5.69 17.55 1.71
CA PRO A 33 -6.35 16.48 0.95
C PRO A 33 -5.76 16.30 -0.45
N ASN A 34 -5.25 17.40 -1.01
CA ASN A 34 -4.65 17.37 -2.34
C ASN A 34 -3.35 16.56 -2.33
N LEU A 35 -2.47 16.90 -1.39
CA LEU A 35 -1.18 16.21 -1.27
C LEU A 35 -0.85 15.93 0.18
N ALA A 36 -0.53 14.68 0.49
CA ALA A 36 -0.18 14.29 1.85
C ALA A 36 1.08 13.43 1.87
N LEU A 37 1.83 13.50 2.97
CA LEU A 37 3.05 12.75 3.11
C LEU A 37 2.95 11.76 4.27
N LYS A 38 3.35 10.52 4.03
CA LYS A 38 3.31 9.48 5.05
C LYS A 38 4.67 8.80 5.18
N GLY A 39 5.00 8.40 6.41
CA GLY A 39 6.27 7.74 6.65
C GLY A 39 6.09 6.29 7.08
N GLU A 40 7.02 5.43 6.66
CA GLU A 40 6.96 4.02 7.01
C GLU A 40 8.35 3.48 7.33
N TYR A 41 8.52 3.00 8.56
CA TYR A 41 9.81 2.46 9.00
C TYR A 41 9.92 0.98 8.65
N GLU A 42 10.52 0.69 7.50
CA GLU A 42 10.70 -0.68 7.05
C GLU A 42 11.71 -1.42 7.92
N TRP A 43 11.30 -2.55 8.47
CA TRP A 43 12.18 -3.35 9.33
C TRP A 43 12.05 -4.84 9.00
N ASN A 44 13.07 -5.39 8.36
CA ASN A 44 13.08 -6.79 7.99
C ASN A 44 14.39 -7.47 8.42
N ASN A 45 14.56 -8.71 8.01
CA ASN A 45 15.77 -9.46 8.33
C ASN A 45 17.01 -8.82 7.73
N SER A 46 17.13 -8.91 6.41
CA SER A 46 18.27 -8.34 5.70
C SER A 46 18.48 -6.88 6.11
N SER A 47 17.47 -6.05 5.84
CA SER A 47 17.54 -4.64 6.17
C SER A 47 16.49 -4.27 7.22
N LEU A 48 16.94 -3.68 8.32
CA LEU A 48 16.04 -3.28 9.40
C LEU A 48 15.93 -1.75 9.46
N ASN A 49 17.00 -1.06 9.10
CA ASN A 49 17.02 0.40 9.12
C ASN A 49 16.62 0.96 7.76
N SER A 50 15.44 0.59 7.29
CA SER A 50 14.94 1.05 6.00
C SER A 50 13.92 2.17 6.18
N PHE A 51 14.20 3.32 5.59
CA PHE A 51 13.30 4.47 5.69
C PHE A 51 12.47 4.63 4.42
N LYS A 52 11.16 4.50 4.55
CA LYS A 52 10.26 4.62 3.41
C LYS A 52 9.35 5.84 3.57
N ALA A 53 9.28 6.66 2.53
CA ALA A 53 8.45 7.86 2.55
C ALA A 53 7.79 8.10 1.18
N GLY A 54 6.49 8.32 1.18
CA GLY A 54 5.78 8.57 -0.05
C GLY A 54 4.75 9.67 0.08
N ALA A 55 4.20 10.10 -1.06
CA ALA A 55 3.20 11.16 -1.07
C ALA A 55 1.93 10.71 -1.78
N GLU A 56 0.78 11.00 -1.18
CA GLU A 56 -0.50 10.62 -1.76
C GLU A 56 -1.17 11.82 -2.43
N TYR A 57 -1.31 11.76 -3.74
CA TYR A 57 -1.93 12.85 -4.50
C TYR A 57 -3.22 12.38 -5.17
N VAL A 58 -4.35 12.85 -4.64
CA VAL A 58 -5.65 12.49 -5.17
C VAL A 58 -6.18 13.56 -6.12
N ALA A 59 -6.12 13.28 -7.42
CA ALA A 59 -6.59 14.22 -8.43
C ALA A 59 -8.07 14.04 -8.69
N THR A 60 -8.53 12.79 -8.64
CA THR A 60 -9.94 12.49 -8.88
C THR A 60 -10.43 11.37 -7.95
N PRO A 61 -11.75 11.28 -7.77
CA PRO A 61 -12.37 10.26 -6.92
C PRO A 61 -12.25 8.86 -7.50
N TYR A 62 -12.23 8.77 -8.83
CA TYR A 62 -12.12 7.49 -9.51
C TYR A 62 -10.66 7.17 -9.83
N LEU A 63 -9.89 8.20 -10.14
CA LEU A 63 -8.47 8.03 -10.47
C LEU A 63 -7.59 8.67 -9.41
N LYS A 64 -6.73 7.86 -8.78
CA LYS A 64 -5.83 8.35 -7.75
C LYS A 64 -4.37 8.10 -8.14
N THR A 65 -3.49 9.01 -7.73
CA THR A 65 -2.07 8.88 -8.03
C THR A 65 -1.24 8.88 -6.76
N GLU A 66 -0.43 7.84 -6.58
CA GLU A 66 0.42 7.73 -5.40
C GLU A 66 1.87 7.43 -5.80
N VAL A 67 2.81 7.92 -5.00
CA VAL A 67 4.23 7.70 -5.27
C VAL A 67 5.01 7.52 -3.97
N MET A 68 5.60 6.35 -3.80
CA MET A 68 6.38 6.05 -2.61
C MET A 68 7.84 5.82 -2.96
N THR A 69 8.74 6.46 -2.22
CA THR A 69 10.17 6.33 -2.45
C THR A 69 10.83 5.50 -1.36
N GLU A 70 11.74 4.61 -1.75
CA GLU A 70 12.44 3.77 -0.80
C GLU A 70 13.87 4.26 -0.58
N TYR A 71 14.27 4.37 0.68
CA TYR A 71 15.61 4.84 1.02
C TYR A 71 16.31 3.84 1.93
N ASN A 72 17.49 3.39 1.52
CA ASN A 72 18.27 2.43 2.30
C ASN A 72 19.59 3.04 2.74
N THR A 73 20.23 3.77 1.83
CA THR A 73 21.51 4.40 2.11
C THR A 73 21.55 5.83 1.58
N ASP A 74 22.59 6.57 1.95
CA ASP A 74 22.74 7.94 1.51
C ASP A 74 23.59 8.02 0.24
N ASN A 75 23.26 7.17 -0.73
CA ASN A 75 23.97 7.13 -2.00
C ASN A 75 23.01 7.18 -3.18
N THR A 76 21.97 6.35 -3.12
CA THR A 76 20.98 6.29 -4.18
C THR A 76 19.63 5.84 -3.64
N PHE A 77 18.55 6.39 -4.21
CA PHE A 77 17.20 6.04 -3.78
C PHE A 77 16.39 5.52 -4.95
N ARG A 78 15.24 4.93 -4.64
CA ARG A 78 14.35 4.38 -5.67
C ARG A 78 12.98 5.03 -5.62
N VAL A 79 12.40 5.28 -6.79
CA VAL A 79 11.08 5.89 -6.88
C VAL A 79 10.07 4.95 -7.52
N THR A 80 8.97 4.71 -6.82
CA THR A 80 7.92 3.83 -7.31
C THR A 80 6.61 4.58 -7.50
N VAL A 81 6.08 4.53 -8.72
CA VAL A 81 4.83 5.21 -9.03
C VAL A 81 3.68 4.21 -9.16
N VAL A 82 2.56 4.51 -8.51
CA VAL A 82 1.39 3.64 -8.55
C VAL A 82 0.19 4.37 -9.13
N THR A 83 -0.43 3.77 -10.14
CA THR A 83 -1.60 4.37 -10.78
C THR A 83 -2.88 3.62 -10.41
N GLU A 84 -3.92 4.36 -10.07
CA GLU A 84 -5.20 3.77 -9.69
C GLU A 84 -6.34 4.41 -10.46
N GLY A 85 -7.37 3.62 -10.77
CA GLY A 85 -8.51 4.13 -11.50
C GLY A 85 -9.77 3.34 -11.22
N ARG A 86 -10.89 3.79 -11.78
CA ARG A 86 -12.17 3.13 -11.58
C ARG A 86 -12.78 2.70 -12.92
N TYR A 87 -12.98 1.40 -13.07
CA TYR A 87 -13.54 0.86 -14.31
C TYR A 87 -14.79 0.02 -14.01
N PRO A 88 -15.85 0.25 -14.80
CA PRO A 88 -17.12 -0.48 -14.65
C PRO A 88 -17.01 -1.94 -15.05
N VAL A 89 -17.91 -2.77 -14.53
CA VAL A 89 -17.91 -4.19 -14.83
C VAL A 89 -19.33 -4.76 -14.78
N ASP A 90 -19.43 -6.07 -15.00
CA ASP A 90 -20.73 -6.75 -14.97
C ASP A 90 -21.30 -6.77 -13.55
N PRO A 91 -20.54 -7.39 -12.63
CA PRO A 91 -20.95 -7.50 -11.23
C PRO A 91 -20.92 -6.16 -10.50
N ASN A 92 -21.46 -6.14 -9.29
CA ASN A 92 -21.49 -4.91 -8.50
C ASN A 92 -20.08 -4.41 -8.22
N LEU A 93 -19.17 -5.34 -7.94
CA LEU A 93 -17.78 -4.99 -7.66
C LEU A 93 -17.23 -4.06 -8.73
N GLU A 94 -16.06 -3.48 -8.46
CA GLU A 94 -15.42 -2.56 -9.39
C GLU A 94 -14.01 -3.04 -9.75
N LEU A 95 -13.60 -2.78 -10.98
CA LEU A 95 -12.27 -3.17 -11.44
C LEU A 95 -11.31 -1.99 -11.43
N PHE A 96 -10.20 -2.13 -10.70
CA PHE A 96 -9.20 -1.08 -10.61
C PHE A 96 -7.93 -1.46 -11.35
N PRO A 97 -7.59 -0.70 -12.40
CA PRO A 97 -6.41 -0.94 -13.22
C PRO A 97 -5.11 -0.64 -12.46
N GLY A 98 -4.60 -1.64 -11.76
CA GLY A 98 -3.37 -1.45 -11.00
C GLY A 98 -2.17 -1.23 -11.89
N GLY A 99 -1.48 -0.11 -11.69
CA GLY A 99 -0.31 0.20 -12.50
C GLY A 99 0.92 0.48 -11.66
N TRP A 100 1.91 -0.40 -11.75
CA TRP A 100 3.14 -0.25 -10.98
C TRP A 100 4.30 0.17 -11.89
N TYR A 101 5.03 1.20 -11.48
CA TYR A 101 6.16 1.69 -12.26
C TYR A 101 7.43 1.73 -11.41
N THR A 102 8.46 1.02 -11.86
CA THR A 102 9.73 0.98 -11.14
C THR A 102 10.77 1.86 -11.82
N TRP A 103 11.21 2.89 -11.10
CA TRP A 103 12.21 3.82 -11.63
C TRP A 103 13.46 3.82 -10.75
N ASN A 104 14.59 3.46 -11.34
CA ASN A 104 15.86 3.42 -10.62
C ASN A 104 16.61 4.74 -10.78
N ASN A 105 17.79 4.83 -10.16
CA ASN A 105 18.60 6.04 -10.24
C ASN A 105 18.81 6.47 -11.68
N SER A 106 18.97 5.49 -12.57
CA SER A 106 19.18 5.76 -13.98
C SER A 106 17.90 6.22 -14.64
N SER A 107 17.98 6.57 -15.93
CA SER A 107 16.82 7.03 -16.68
C SER A 107 15.90 5.87 -17.02
N LEU A 108 16.50 4.71 -17.31
CA LEU A 108 15.72 3.52 -17.66
C LEU A 108 14.66 3.23 -16.61
N ASN A 109 13.54 2.66 -17.04
CA ASN A 109 12.45 2.34 -16.14
C ASN A 109 11.49 1.33 -16.78
N LYS A 110 10.61 0.75 -15.97
CA LYS A 110 9.65 -0.22 -16.46
C LYS A 110 8.36 -0.17 -15.64
N GLY A 111 7.26 -0.63 -16.24
CA GLY A 111 5.99 -0.62 -15.56
C GLY A 111 5.30 -1.97 -15.59
N ALA A 112 5.22 -2.63 -14.45
CA ALA A 112 4.59 -3.94 -14.35
C ALA A 112 3.08 -3.81 -14.20
N PRO A 113 2.33 -4.62 -14.97
CA PRO A 113 0.87 -4.61 -14.94
C PRO A 113 0.31 -5.17 -13.64
N TYR A 114 -0.84 -4.65 -13.23
CA TYR A 114 -1.48 -5.09 -11.99
C TYR A 114 -3.00 -5.01 -12.11
N THR A 115 -3.68 -6.08 -11.71
CA THR A 115 -5.13 -6.14 -11.76
C THR A 115 -5.73 -6.31 -10.37
N ARG A 116 -6.40 -5.26 -9.88
CA ARG A 116 -7.02 -5.30 -8.56
C ARG A 116 -8.53 -5.07 -8.67
N ALA A 117 -9.28 -5.89 -7.95
CA ALA A 117 -10.74 -5.77 -7.96
C ALA A 117 -11.28 -5.56 -6.55
N GLU A 118 -11.99 -4.45 -6.36
CA GLU A 118 -12.56 -4.13 -5.05
C GLU A 118 -13.95 -4.73 -4.90
N TYR A 119 -14.27 -5.20 -3.70
CA TYR A 119 -15.56 -5.80 -3.43
C TYR A 119 -16.07 -5.41 -2.04
N LYS A 120 -17.18 -4.69 -2.01
CA LYS A 120 -17.76 -4.25 -0.74
C LYS A 120 -18.82 -5.25 -0.25
N LEU A 121 -18.40 -6.15 0.63
CA LEU A 121 -19.31 -7.15 1.16
C LEU A 121 -20.13 -6.59 2.31
N THR A 122 -19.45 -6.26 3.41
CA THR A 122 -20.13 -5.70 4.59
C THR A 122 -19.78 -4.23 4.76
N PRO A 123 -20.60 -3.52 5.55
CA PRO A 123 -20.40 -2.09 5.82
C PRO A 123 -19.18 -1.83 6.69
N ASP A 124 -18.45 -0.76 6.39
CA ASP A 124 -17.26 -0.40 7.15
C ASP A 124 -16.17 -1.47 6.98
N LEU A 125 -16.13 -2.08 5.81
CA LEU A 125 -15.14 -3.11 5.52
C LEU A 125 -15.19 -3.52 4.05
N LYS A 126 -14.02 -3.64 3.43
CA LYS A 126 -13.93 -4.03 2.02
C LYS A 126 -12.71 -4.90 1.78
N LEU A 127 -12.73 -5.65 0.68
CA LEU A 127 -11.62 -6.51 0.33
C LEU A 127 -11.28 -6.40 -1.15
N LEU A 128 -10.00 -6.19 -1.45
CA LEU A 128 -9.55 -6.06 -2.83
C LEU A 128 -8.57 -7.17 -3.19
N SER A 129 -8.86 -7.88 -4.28
CA SER A 129 -8.01 -8.98 -4.73
C SER A 129 -7.07 -8.52 -5.84
N GLN A 130 -5.77 -8.62 -5.60
CA GLN A 130 -4.77 -8.23 -6.58
C GLN A 130 -4.16 -9.43 -7.26
N VAL A 131 -4.23 -9.46 -8.59
CA VAL A 131 -3.69 -10.56 -9.36
C VAL A 131 -2.68 -10.06 -10.39
N VAL A 132 -1.52 -10.72 -10.46
CA VAL A 132 -0.47 -10.35 -11.41
C VAL A 132 -0.17 -11.49 -12.37
N TYR A 133 -0.61 -11.34 -13.62
CA TYR A 133 -0.39 -12.36 -14.63
C TYR A 133 0.61 -11.87 -15.68
N ASN A 134 1.37 -12.80 -16.24
CA ASN A 134 2.36 -12.47 -17.26
C ASN A 134 2.86 -13.73 -17.96
N THR A 135 3.60 -13.54 -19.06
CA THR A 135 4.14 -14.65 -19.82
C THR A 135 5.49 -15.09 -19.27
N ASP A 136 5.46 -15.92 -18.22
CA ASP A 136 6.68 -16.41 -17.60
C ASP A 136 7.62 -15.26 -17.26
N ASN A 137 7.09 -14.26 -16.54
CA ASN A 137 7.88 -13.11 -16.15
C ASN A 137 7.79 -12.87 -14.64
N THR A 138 6.58 -12.59 -14.17
CA THR A 138 6.35 -12.34 -12.75
C THR A 138 4.90 -12.57 -12.37
N PHE A 139 4.60 -13.79 -11.91
CA PHE A 139 3.23 -14.13 -11.52
C PHE A 139 3.10 -14.18 -10.00
N LYS A 140 2.00 -13.64 -9.49
CA LYS A 140 1.74 -13.61 -8.06
C LYS A 140 0.27 -13.32 -7.76
N PHE A 141 -0.08 -13.35 -6.49
CA PHE A 141 -1.46 -13.09 -6.07
C PHE A 141 -1.52 -12.71 -4.60
N ASP A 142 -1.90 -11.46 -4.33
CA ASP A 142 -2.01 -10.97 -2.97
C ASP A 142 -3.27 -10.14 -2.77
N THR A 143 -3.96 -10.36 -1.66
CA THR A 143 -5.19 -9.65 -1.35
C THR A 143 -5.01 -8.71 -0.16
N GLY A 144 -5.65 -7.55 -0.23
CA GLY A 144 -5.54 -6.59 0.84
C GLY A 144 -6.60 -5.51 0.76
N LEU A 145 -6.86 -4.85 1.88
CA LEU A 145 -7.86 -3.78 1.93
C LEU A 145 -8.05 -3.29 3.37
N GLU A 146 -9.28 -2.88 3.69
CA GLU A 146 -9.59 -2.39 5.02
C GLU A 146 -10.43 -3.40 5.80
N TYR A 147 -10.13 -3.55 7.09
CA TYR A 147 -10.86 -4.49 7.94
C TYR A 147 -11.29 -3.82 9.23
N LYS A 148 -12.57 -3.97 9.57
CA LYS A 148 -13.11 -3.39 10.79
C LYS A 148 -12.96 -1.87 10.78
N LEU A 149 -13.36 -1.26 9.67
CA LEU A 149 -13.26 0.20 9.53
C LEU A 149 -14.11 0.90 10.59
N SER A 150 -13.78 2.17 10.85
CA SER A 150 -14.51 2.95 11.85
C SER A 150 -13.93 4.36 11.95
N PRO A 151 -14.73 5.28 12.52
CA PRO A 151 -14.32 6.68 12.68
C PRO A 151 -13.23 6.84 13.73
N ASN A 152 -13.27 5.99 14.76
CA ASN A 152 -12.29 6.05 15.83
C ASN A 152 -10.96 5.48 15.37
N LEU A 153 -11.02 4.38 14.62
CA LEU A 153 -9.81 3.73 14.11
C LEU A 153 -10.16 2.53 13.23
N LYS A 154 -9.18 2.03 12.50
CA LYS A 154 -9.38 0.89 11.62
C LYS A 154 -8.09 0.08 11.46
N VAL A 155 -8.22 -1.10 10.86
CA VAL A 155 -7.06 -1.96 10.65
C VAL A 155 -7.13 -2.65 9.29
N LYS A 156 -6.09 -2.47 8.48
CA LYS A 156 -6.03 -3.07 7.15
C LYS A 156 -5.60 -4.52 7.24
N PHE A 157 -6.19 -5.36 6.39
CA PHE A 157 -5.87 -6.79 6.37
C PHE A 157 -5.40 -7.22 4.98
N GLU A 158 -4.30 -7.96 4.93
CA GLU A 158 -3.77 -8.44 3.67
C GLU A 158 -3.47 -9.94 3.72
N TYR A 159 -4.19 -10.71 2.92
CA TYR A 159 -4.01 -12.15 2.88
C TYR A 159 -3.65 -12.62 1.47
N GLY A 160 -2.49 -13.25 1.34
CA GLY A 160 -2.05 -13.74 0.04
C GLY A 160 -0.57 -14.04 0.01
N TRP A 161 -0.02 -14.17 -1.20
CA TRP A 161 1.40 -14.46 -1.37
C TRP A 161 1.96 -13.72 -2.58
N ASN A 162 3.12 -13.11 -2.40
CA ASN A 162 3.77 -12.36 -3.48
C ASN A 162 5.12 -12.96 -3.81
N ASN A 163 5.81 -13.46 -2.79
CA ASN A 163 7.13 -14.06 -2.97
C ASN A 163 7.03 -15.58 -3.02
N SER A 164 8.18 -16.24 -2.97
CA SER A 164 8.23 -17.71 -3.00
C SER A 164 7.44 -18.30 -1.85
N SER A 165 7.41 -17.58 -0.73
CA SER A 165 6.70 -18.04 0.46
C SER A 165 5.28 -18.48 0.10
N LEU A 166 4.84 -19.58 0.72
CA LEU A 166 3.50 -20.10 0.47
C LEU A 166 2.45 -19.01 0.63
N ASN A 167 2.29 -18.53 1.85
CA ASN A 167 1.30 -17.48 2.13
C ASN A 167 1.83 -16.50 3.18
N GLU A 168 1.28 -15.30 3.22
CA GLU A 168 1.69 -14.29 4.17
C GLU A 168 0.51 -13.45 4.63
N PHE A 169 0.51 -13.04 5.89
CA PHE A 169 -0.56 -12.24 6.45
C PHE A 169 -0.03 -10.89 6.94
N THR A 170 -0.50 -9.82 6.30
CA THR A 170 -0.07 -8.47 6.66
C THR A 170 -1.23 -7.67 7.24
N VAL A 171 -1.10 -7.24 8.49
CA VAL A 171 -2.13 -6.46 9.16
C VAL A 171 -1.60 -5.11 9.60
N GLN A 172 -2.02 -4.05 8.93
CA GLN A 172 -1.58 -2.71 9.26
C GLN A 172 -2.51 -2.07 10.29
N PHE A 173 -1.92 -1.48 11.34
CA PHE A 173 -2.70 -0.84 12.39
C PHE A 173 -2.85 0.66 12.11
N GLU A 174 -4.05 1.07 11.76
CA GLU A 174 -4.34 2.47 11.47
C GLU A 174 -4.96 3.17 12.67
N TYR A 175 -4.14 3.88 13.42
CA TYR A 175 -4.61 4.59 14.61
C TYR A 175 -4.54 6.11 14.41
N ASP A 176 -4.99 6.85 15.42
CA ASP A 176 -4.96 8.31 15.35
C ASP A 176 -4.24 8.90 16.56
N LEU A 177 -3.18 9.65 16.31
CA LEU A 177 -2.41 10.26 17.38
C LEU A 177 -3.28 11.16 18.25
N SER A 178 -4.24 11.82 17.61
CA SER A 178 -5.15 12.72 18.33
C SER A 178 -6.37 11.95 18.85
N SER A 179 -7.12 12.59 19.72
CA SER A 179 -8.31 11.96 20.30
C SER A 179 -9.33 13.02 20.72
N GLN A 1 -10.76 15.11 12.83
CA GLN A 1 -11.05 14.00 11.93
C GLN A 1 -10.91 14.42 10.47
N ASP A 2 -11.78 15.34 10.05
CA ASP A 2 -11.75 15.83 8.68
C ASP A 2 -10.83 17.04 8.55
N LYS A 3 -10.92 17.94 9.52
CA LYS A 3 -10.09 19.14 9.53
C LYS A 3 -8.61 18.79 9.37
N PRO A 4 -7.83 19.75 8.86
CA PRO A 4 -6.39 19.56 8.65
C PRO A 4 -5.62 19.50 9.97
N GLY A 5 -4.39 19.01 9.90
CA GLY A 5 -3.56 18.90 11.09
C GLY A 5 -3.55 17.50 11.67
N SER A 6 -4.64 16.78 11.49
CA SER A 6 -4.76 15.42 11.99
C SER A 6 -3.84 14.47 11.24
N ALA A 7 -3.49 13.36 11.87
CA ALA A 7 -2.61 12.37 11.26
C ALA A 7 -2.99 10.96 11.69
N LYS A 8 -2.43 9.97 11.00
CA LYS A 8 -2.70 8.57 11.32
C LYS A 8 -1.41 7.78 11.47
N ALA A 9 -1.31 7.01 12.55
CA ALA A 9 -0.13 6.21 12.81
C ALA A 9 -0.39 4.73 12.54
N GLY A 10 0.61 4.03 12.03
CA GLY A 10 0.46 2.62 11.74
C GLY A 10 1.49 2.13 10.73
N GLY A 11 1.00 1.46 9.68
CA GLY A 11 1.89 0.94 8.67
C GLY A 11 1.45 -0.41 8.14
N TRP A 12 2.37 -1.37 8.15
CA TRP A 12 2.06 -2.72 7.67
C TRP A 12 3.18 -3.68 8.02
N THR A 13 2.82 -4.89 8.45
CA THR A 13 3.80 -5.90 8.81
C THR A 13 3.58 -7.18 8.00
N THR A 14 4.62 -7.58 7.28
CA THR A 14 4.55 -8.80 6.46
C THR A 14 5.17 -9.99 7.18
N TYR A 15 4.38 -11.05 7.34
CA TYR A 15 4.86 -12.25 8.02
C TYR A 15 5.11 -13.38 7.02
N ASN A 16 6.25 -14.04 7.17
CA ASN A 16 6.61 -15.13 6.27
C ASN A 16 7.49 -16.15 7.00
N THR A 17 7.72 -17.29 6.35
CA THR A 17 8.54 -18.35 6.94
C THR A 17 10.03 -18.02 6.81
N ASP A 18 10.39 -17.36 5.72
CA ASP A 18 11.77 -16.97 5.49
C ASP A 18 12.35 -16.24 6.70
N ASN A 19 11.83 -15.05 6.96
CA ASN A 19 12.29 -14.24 8.09
C ASN A 19 11.16 -14.01 9.09
N THR A 20 11.45 -13.24 10.13
CA THR A 20 10.47 -12.93 11.16
C THR A 20 9.34 -12.09 10.59
N PHE A 21 9.62 -10.80 10.37
CA PHE A 21 8.61 -9.89 9.84
C PHE A 21 9.27 -8.61 9.33
N LYS A 22 8.71 -8.04 8.26
CA LYS A 22 9.23 -6.81 7.68
C LYS A 22 8.11 -5.93 7.15
N GLY A 23 8.32 -4.62 7.20
CA GLY A 23 7.31 -3.69 6.72
C GLY A 23 7.57 -2.27 7.18
N GLY A 24 6.52 -1.45 7.16
CA GLY A 24 6.66 -0.06 7.58
C GLY A 24 6.05 0.19 8.94
N SER A 25 6.54 1.24 9.61
CA SER A 25 6.04 1.59 10.95
C SER A 25 6.16 3.09 11.19
N TYR A 26 5.21 3.84 10.65
CA TYR A 26 5.20 5.29 10.80
C TYR A 26 3.79 5.86 10.70
N ALA A 27 3.68 7.17 10.64
CA ALA A 27 2.39 7.83 10.53
C ALA A 27 2.34 8.76 9.32
N LYS A 28 1.14 9.17 8.94
CA LYS A 28 0.96 10.05 7.79
C LYS A 28 0.49 11.43 8.23
N TYR A 29 1.20 12.46 7.83
CA TYR A 29 0.85 13.83 8.18
C TYR A 29 -0.04 14.46 7.12
N VAL A 30 -1.11 15.12 7.56
CA VAL A 30 -2.04 15.77 6.65
C VAL A 30 -1.87 17.28 6.66
N LEU A 31 -1.81 17.87 5.47
CA LEU A 31 -1.64 19.32 5.35
C LEU A 31 -2.97 20.00 5.04
N SER A 32 -2.93 21.31 4.86
CA SER A 32 -4.13 22.08 4.57
C SER A 32 -4.85 21.51 3.35
N PRO A 33 -4.15 21.50 2.20
CA PRO A 33 -4.70 20.98 0.94
C PRO A 33 -4.89 19.47 0.96
N ASN A 34 -5.30 18.93 -0.18
CA ASN A 34 -5.52 17.49 -0.28
C ASN A 34 -4.20 16.73 -0.22
N LEU A 35 -3.19 17.25 -0.91
CA LEU A 35 -1.87 16.62 -0.93
C LEU A 35 -1.38 16.34 0.48
N ALA A 36 -1.16 15.07 0.78
CA ALA A 36 -0.68 14.66 2.11
C ALA A 36 0.54 13.77 2.00
N LEU A 37 1.33 13.72 3.07
CA LEU A 37 2.53 12.90 3.09
C LEU A 37 2.40 11.77 4.12
N LYS A 38 2.65 10.54 3.66
CA LYS A 38 2.57 9.38 4.53
C LYS A 38 3.96 8.87 4.90
N GLY A 39 4.14 8.54 6.17
CA GLY A 39 5.44 8.04 6.62
C GLY A 39 5.40 6.57 6.98
N GLU A 40 6.40 5.82 6.53
CA GLU A 40 6.47 4.39 6.81
C GLU A 40 7.90 3.97 7.15
N TYR A 41 8.13 3.65 8.43
CA TYR A 41 9.45 3.24 8.88
C TYR A 41 9.74 1.79 8.49
N GLU A 42 10.54 1.62 7.44
CA GLU A 42 10.89 0.28 6.97
C GLU A 42 11.68 -0.48 8.03
N TRP A 43 10.96 -1.22 8.86
CA TRP A 43 11.59 -2.00 9.92
C TRP A 43 11.85 -3.44 9.47
N ASN A 44 12.94 -4.01 9.93
CA ASN A 44 13.30 -5.38 9.57
C ASN A 44 14.09 -6.05 10.69
N ASN A 45 14.45 -7.31 10.48
CA ASN A 45 15.21 -8.07 11.47
C ASN A 45 16.60 -8.42 10.94
N SER A 46 16.65 -8.84 9.68
CA SER A 46 17.92 -9.21 9.05
C SER A 46 18.62 -7.98 8.49
N SER A 47 18.03 -7.39 7.46
CA SER A 47 18.59 -6.20 6.83
C SER A 47 18.31 -4.95 7.64
N LEU A 48 19.09 -3.90 7.41
CA LEU A 48 18.92 -2.64 8.13
C LEU A 48 17.61 -1.97 7.74
N ASN A 49 17.06 -1.20 8.67
CA ASN A 49 15.80 -0.50 8.42
C ASN A 49 15.96 0.57 7.35
N SER A 50 14.88 1.28 7.04
CA SER A 50 14.90 2.31 6.02
C SER A 50 13.81 3.35 6.27
N PHE A 51 13.97 4.52 5.67
CA PHE A 51 12.99 5.59 5.83
C PHE A 51 12.19 5.78 4.55
N LYS A 52 10.95 5.29 4.56
CA LYS A 52 10.07 5.40 3.41
C LYS A 52 9.03 6.50 3.61
N ALA A 53 9.02 7.47 2.71
CA ALA A 53 8.08 8.58 2.79
C ALA A 53 7.58 8.99 1.40
N GLY A 54 6.26 9.16 1.28
CA GLY A 54 5.68 9.54 0.01
C GLY A 54 4.58 10.57 0.16
N ALA A 55 4.03 11.01 -0.96
CA ALA A 55 2.96 12.00 -0.95
C ALA A 55 1.82 11.59 -1.88
N GLU A 56 0.58 11.73 -1.40
CA GLU A 56 -0.58 11.37 -2.20
C GLU A 56 -1.31 12.63 -2.68
N TYR A 57 -1.44 12.77 -3.99
CA TYR A 57 -2.11 13.92 -4.58
C TYR A 57 -3.33 13.49 -5.38
N VAL A 58 -4.49 14.04 -5.04
CA VAL A 58 -5.73 13.71 -5.73
C VAL A 58 -6.06 14.75 -6.80
N ALA A 59 -5.56 14.52 -8.02
CA ALA A 59 -5.81 15.43 -9.12
C ALA A 59 -7.24 15.32 -9.62
N THR A 60 -7.78 14.11 -9.60
CA THR A 60 -9.14 13.87 -10.05
C THR A 60 -9.84 12.82 -9.18
N PRO A 61 -11.17 12.83 -9.21
CA PRO A 61 -11.98 11.89 -8.43
C PRO A 61 -11.87 10.45 -8.95
N TYR A 62 -11.68 10.31 -10.25
CA TYR A 62 -11.56 9.00 -10.87
C TYR A 62 -10.10 8.57 -10.96
N LEU A 63 -9.22 9.54 -11.19
CA LEU A 63 -7.78 9.26 -11.30
C LEU A 63 -7.03 9.90 -10.14
N LYS A 64 -6.18 9.10 -9.49
CA LYS A 64 -5.39 9.58 -8.37
C LYS A 64 -3.89 9.43 -8.65
N THR A 65 -3.14 10.48 -8.36
CA THR A 65 -1.70 10.46 -8.57
C THR A 65 -0.94 10.35 -7.26
N GLU A 66 -0.13 9.31 -7.14
CA GLU A 66 0.66 9.09 -5.92
C GLU A 66 2.13 8.85 -6.25
N VAL A 67 3.01 9.26 -5.34
CA VAL A 67 4.44 9.09 -5.53
C VAL A 67 5.17 8.92 -4.20
N MET A 68 5.85 7.80 -4.05
CA MET A 68 6.58 7.51 -2.83
C MET A 68 8.08 7.43 -3.10
N THR A 69 8.88 7.91 -2.15
CA THR A 69 10.33 7.89 -2.29
C THR A 69 10.98 7.06 -1.18
N GLU A 70 11.84 6.13 -1.58
CA GLU A 70 12.53 5.28 -0.62
C GLU A 70 13.93 5.81 -0.32
N TYR A 71 14.20 6.05 0.96
CA TYR A 71 15.50 6.56 1.37
C TYR A 71 16.27 5.51 2.18
N ASN A 72 17.48 5.19 1.75
CA ASN A 72 18.31 4.21 2.42
C ASN A 72 19.66 4.81 2.80
N THR A 73 19.64 6.06 3.24
CA THR A 73 20.86 6.75 3.63
C THR A 73 22.03 6.36 2.73
N ASP A 74 21.78 6.31 1.44
CA ASP A 74 22.81 5.95 0.47
C ASP A 74 23.18 7.15 -0.40
N ASN A 75 24.15 6.95 -1.29
CA ASN A 75 24.60 8.01 -2.18
C ASN A 75 23.43 8.56 -3.00
N THR A 76 22.53 7.68 -3.41
CA THR A 76 21.36 8.07 -4.19
C THR A 76 20.09 7.44 -3.64
N PHE A 77 18.96 8.11 -3.87
CA PHE A 77 17.67 7.63 -3.40
C PHE A 77 16.87 7.02 -4.54
N ARG A 78 15.72 6.45 -4.21
CA ARG A 78 14.85 5.83 -5.21
C ARG A 78 13.45 6.45 -5.17
N VAL A 79 12.94 6.81 -6.35
CA VAL A 79 11.61 7.40 -6.46
C VAL A 79 10.68 6.52 -7.28
N THR A 80 9.55 6.15 -6.68
CA THR A 80 8.57 5.31 -7.36
C THR A 80 7.24 6.02 -7.49
N VAL A 81 6.54 5.76 -8.59
CA VAL A 81 5.23 6.38 -8.83
C VAL A 81 4.12 5.35 -8.76
N VAL A 82 3.00 5.74 -8.16
CA VAL A 82 1.85 4.85 -8.02
C VAL A 82 0.62 5.42 -8.71
N THR A 83 -0.10 4.57 -9.42
CA THR A 83 -1.30 4.99 -10.14
C THR A 83 -2.56 4.37 -9.52
N GLU A 84 -3.49 5.21 -9.10
CA GLU A 84 -4.73 4.75 -8.50
C GLU A 84 -5.94 5.29 -9.25
N GLY A 85 -7.03 4.53 -9.24
CA GLY A 85 -8.23 4.96 -9.93
C GLY A 85 -9.38 3.97 -9.75
N ARG A 86 -10.53 4.30 -10.31
CA ARG A 86 -11.71 3.44 -10.21
C ARG A 86 -12.23 3.08 -11.61
N TYR A 87 -12.28 1.78 -11.88
CA TYR A 87 -12.76 1.29 -13.18
C TYR A 87 -14.07 0.52 -13.02
N PRO A 88 -15.12 1.00 -13.68
CA PRO A 88 -16.44 0.38 -13.64
C PRO A 88 -16.48 -0.96 -14.37
N VAL A 89 -17.30 -1.88 -13.88
CA VAL A 89 -17.42 -3.20 -14.49
C VAL A 89 -18.63 -3.94 -13.95
N ASP A 90 -19.54 -4.32 -14.84
CA ASP A 90 -20.75 -5.04 -14.45
C ASP A 90 -20.43 -6.51 -14.15
N PRO A 91 -19.97 -7.23 -15.18
CA PRO A 91 -19.61 -8.65 -15.06
C PRO A 91 -18.37 -8.86 -14.21
N ASN A 92 -18.17 -8.01 -13.21
CA ASN A 92 -17.02 -8.10 -12.33
C ASN A 92 -17.08 -7.04 -11.23
N LEU A 93 -16.21 -7.19 -10.24
CA LEU A 93 -16.17 -6.24 -9.12
C LEU A 93 -15.33 -5.03 -9.47
N GLU A 94 -15.30 -4.05 -8.57
CA GLU A 94 -14.54 -2.83 -8.79
C GLU A 94 -13.10 -3.15 -9.20
N LEU A 95 -12.68 -2.60 -10.33
CA LEU A 95 -11.34 -2.83 -10.84
C LEU A 95 -10.43 -1.64 -10.53
N PHE A 96 -9.29 -1.92 -9.93
CA PHE A 96 -8.33 -0.87 -9.59
C PHE A 96 -7.07 -0.98 -10.44
N PRO A 97 -6.84 0.03 -11.28
CA PRO A 97 -5.67 0.08 -12.18
C PRO A 97 -4.37 0.29 -11.41
N GLY A 98 -3.90 -0.77 -10.75
CA GLY A 98 -2.66 -0.69 -9.99
C GLY A 98 -1.46 -0.41 -10.87
N GLY A 99 -0.97 0.83 -10.85
CA GLY A 99 0.18 1.20 -11.66
C GLY A 99 1.42 1.41 -10.83
N TRP A 100 2.39 0.51 -10.97
CA TRP A 100 3.64 0.61 -10.21
C TRP A 100 4.79 1.03 -11.13
N TYR A 101 5.56 2.03 -10.69
CA TYR A 101 6.69 2.51 -11.47
C TYR A 101 7.90 2.74 -10.58
N THR A 102 8.98 2.01 -10.86
CA THR A 102 10.20 2.14 -10.08
C THR A 102 11.28 2.89 -10.87
N TRP A 103 11.74 4.00 -10.33
CA TRP A 103 12.77 4.81 -10.98
C TRP A 103 14.00 4.93 -10.10
N ASN A 104 15.14 4.44 -10.59
CA ASN A 104 16.39 4.50 -9.84
C ASN A 104 17.59 4.28 -10.77
N ASN A 105 18.78 4.29 -10.19
CA ASN A 105 20.01 4.09 -10.96
C ASN A 105 19.95 2.77 -11.72
N SER A 106 19.45 1.73 -11.07
CA SER A 106 19.35 0.42 -11.69
C SER A 106 18.29 0.41 -12.78
N SER A 107 17.03 0.52 -12.37
CA SER A 107 15.92 0.53 -13.32
C SER A 107 15.47 1.95 -13.64
N LEU A 108 15.83 2.41 -14.83
CA LEU A 108 15.48 3.77 -15.27
C LEU A 108 13.97 3.99 -15.17
N ASN A 109 13.21 2.94 -15.45
CA ASN A 109 11.75 3.02 -15.40
C ASN A 109 11.12 1.65 -15.62
N LYS A 110 10.62 1.06 -14.54
CA LYS A 110 9.99 -0.25 -14.61
C LYS A 110 8.50 -0.16 -14.27
N GLY A 111 7.66 -0.27 -15.29
CA GLY A 111 6.22 -0.20 -15.08
C GLY A 111 5.62 -1.54 -14.77
N ALA A 112 5.55 -1.88 -13.49
CA ALA A 112 4.98 -3.15 -13.06
C ALA A 112 3.46 -3.09 -12.98
N PRO A 113 2.78 -3.90 -13.81
CA PRO A 113 1.32 -3.94 -13.86
C PRO A 113 0.73 -4.57 -12.61
N TYR A 114 -0.34 -3.96 -12.10
CA TYR A 114 -1.01 -4.46 -10.90
C TYR A 114 -2.52 -4.32 -11.02
N THR A 115 -3.24 -5.39 -10.69
CA THR A 115 -4.69 -5.39 -10.76
C THR A 115 -5.31 -5.72 -9.41
N ARG A 116 -5.95 -4.73 -8.80
CA ARG A 116 -6.58 -4.92 -7.50
C ARG A 116 -8.10 -4.79 -7.61
N ALA A 117 -8.81 -5.82 -7.14
CA ALA A 117 -10.27 -5.83 -7.19
C ALA A 117 -10.86 -5.38 -5.86
N GLU A 118 -11.98 -4.67 -5.93
CA GLU A 118 -12.65 -4.18 -4.73
C GLU A 118 -14.10 -4.64 -4.68
N TYR A 119 -14.55 -5.03 -3.50
CA TYR A 119 -15.92 -5.51 -3.32
C TYR A 119 -16.33 -5.42 -1.84
N LYS A 120 -17.59 -5.76 -1.58
CA LYS A 120 -18.12 -5.72 -0.22
C LYS A 120 -17.82 -4.37 0.44
N LEU A 121 -17.70 -3.33 -0.38
CA LEU A 121 -17.42 -2.00 0.12
C LEU A 121 -18.70 -1.31 0.60
N THR A 122 -19.83 -1.96 0.36
CA THR A 122 -21.12 -1.41 0.76
C THR A 122 -21.10 -0.97 2.22
N PRO A 123 -20.79 -1.91 3.12
CA PRO A 123 -20.72 -1.63 4.56
C PRO A 123 -19.54 -0.75 4.93
N ASP A 124 -19.23 -0.68 6.22
CA ASP A 124 -18.12 0.12 6.71
C ASP A 124 -16.79 -0.52 6.33
N LEU A 125 -16.75 -1.85 6.35
CA LEU A 125 -15.53 -2.58 6.02
C LEU A 125 -15.18 -2.40 4.55
N LYS A 126 -14.17 -3.14 4.10
CA LYS A 126 -13.74 -3.06 2.71
C LYS A 126 -12.95 -4.31 2.32
N LEU A 127 -13.41 -5.00 1.27
CA LEU A 127 -12.75 -6.21 0.81
C LEU A 127 -11.91 -5.92 -0.43
N LEU A 128 -10.59 -6.04 -0.28
CA LEU A 128 -9.66 -5.79 -1.38
C LEU A 128 -8.93 -7.07 -1.77
N SER A 129 -8.67 -7.23 -3.07
CA SER A 129 -7.98 -8.41 -3.57
C SER A 129 -6.81 -8.00 -4.47
N GLN A 130 -5.67 -8.66 -4.28
CA GLN A 130 -4.48 -8.38 -5.07
C GLN A 130 -4.29 -9.42 -6.16
N VAL A 131 -4.38 -8.96 -7.42
CA VAL A 131 -4.21 -9.86 -8.56
C VAL A 131 -3.12 -9.36 -9.49
N VAL A 132 -1.99 -10.06 -9.50
CA VAL A 132 -0.86 -9.70 -10.35
C VAL A 132 -0.54 -10.81 -11.34
N TYR A 133 -0.53 -10.47 -12.62
CA TYR A 133 -0.23 -11.44 -13.68
C TYR A 133 1.11 -11.13 -14.33
N ASN A 134 1.87 -12.18 -14.62
CA ASN A 134 3.18 -12.03 -15.26
C ASN A 134 3.27 -12.86 -16.52
N THR A 135 4.31 -12.62 -17.32
CA THR A 135 4.52 -13.36 -18.56
C THR A 135 5.59 -14.43 -18.39
N ASP A 136 5.46 -15.23 -17.33
CA ASP A 136 6.43 -16.28 -17.05
C ASP A 136 5.71 -17.54 -16.55
N ASN A 137 4.52 -17.77 -17.05
CA ASN A 137 3.73 -18.94 -16.65
C ASN A 137 3.62 -19.02 -15.14
N THR A 138 3.34 -17.89 -14.50
CA THR A 138 3.21 -17.83 -13.05
C THR A 138 2.42 -16.60 -12.62
N PHE A 139 1.31 -16.83 -11.92
CA PHE A 139 0.46 -15.74 -11.43
C PHE A 139 0.35 -15.77 -9.92
N LYS A 140 -0.03 -14.63 -9.34
CA LYS A 140 -0.19 -14.52 -7.89
C LYS A 140 -1.52 -13.90 -7.54
N PHE A 141 -2.19 -14.47 -6.53
CA PHE A 141 -3.48 -13.96 -6.10
C PHE A 141 -3.54 -13.86 -4.57
N ASP A 142 -4.15 -12.78 -4.08
CA ASP A 142 -4.27 -12.57 -2.64
C ASP A 142 -5.61 -11.94 -2.30
N THR A 143 -6.09 -12.19 -1.08
CA THR A 143 -7.36 -11.64 -0.63
C THR A 143 -7.27 -11.16 0.81
N GLY A 144 -7.97 -10.07 1.11
CA GLY A 144 -7.96 -9.52 2.45
C GLY A 144 -9.12 -8.59 2.71
N LEU A 145 -9.46 -8.40 3.98
CA LEU A 145 -10.56 -7.52 4.36
C LEU A 145 -10.17 -6.63 5.54
N GLU A 146 -10.57 -5.37 5.48
CA GLU A 146 -10.26 -4.41 6.54
C GLU A 146 -11.53 -3.99 7.28
N TYR A 147 -11.40 -3.71 8.57
CA TYR A 147 -12.53 -3.30 9.39
C TYR A 147 -12.38 -1.84 9.84
N LYS A 148 -13.49 -1.13 9.90
CA LYS A 148 -13.49 0.27 10.31
C LYS A 148 -13.07 0.39 11.78
N LEU A 149 -13.30 1.56 12.36
CA LEU A 149 -12.95 1.82 13.75
C LEU A 149 -14.13 1.53 14.68
N SER A 150 -15.07 0.72 14.19
CA SER A 150 -16.25 0.37 14.97
C SER A 150 -15.87 -0.09 16.38
N PRO A 151 -15.06 -1.16 16.43
CA PRO A 151 -14.60 -1.72 17.71
C PRO A 151 -13.61 -0.80 18.42
N ASN A 152 -12.63 -0.30 17.67
CA ASN A 152 -11.62 0.58 18.22
C ASN A 152 -10.90 1.35 17.12
N LEU A 153 -10.01 0.66 16.41
CA LEU A 153 -9.26 1.28 15.33
C LEU A 153 -9.50 0.54 14.02
N LYS A 154 -8.82 0.99 12.96
CA LYS A 154 -8.95 0.37 11.64
C LYS A 154 -7.84 -0.65 11.41
N VAL A 155 -8.23 -1.83 10.95
CA VAL A 155 -7.28 -2.90 10.68
C VAL A 155 -7.53 -3.55 9.32
N LYS A 156 -6.49 -4.11 8.73
CA LYS A 156 -6.60 -4.76 7.44
C LYS A 156 -5.78 -6.04 7.39
N PHE A 157 -6.44 -7.17 7.20
CA PHE A 157 -5.77 -8.47 7.15
C PHE A 157 -5.77 -9.02 5.72
N GLU A 158 -4.59 -9.18 5.16
CA GLU A 158 -4.44 -9.70 3.80
C GLU A 158 -3.68 -11.02 3.80
N TYR A 159 -4.09 -11.94 2.92
CA TYR A 159 -3.46 -13.24 2.82
C TYR A 159 -2.91 -13.48 1.41
N GLY A 160 -1.60 -13.68 1.32
CA GLY A 160 -0.97 -13.90 0.04
C GLY A 160 -0.97 -15.37 -0.36
N TRP A 161 -1.37 -15.65 -1.59
CA TRP A 161 -1.42 -17.02 -2.09
C TRP A 161 -0.80 -17.11 -3.48
N ASN A 162 0.36 -17.76 -3.56
CA ASN A 162 1.07 -17.91 -4.83
C ASN A 162 1.05 -19.37 -5.27
N ASN A 163 1.18 -20.28 -4.32
CA ASN A 163 1.17 -21.71 -4.61
C ASN A 163 0.51 -22.51 -3.49
N SER A 164 0.43 -23.82 -3.67
CA SER A 164 -0.18 -24.68 -2.67
C SER A 164 0.49 -24.50 -1.31
N SER A 165 1.81 -24.34 -1.34
CA SER A 165 2.58 -24.15 -0.10
C SER A 165 2.89 -22.68 0.13
N LEU A 166 3.39 -22.01 -0.90
CA LEU A 166 3.72 -20.59 -0.80
C LEU A 166 2.55 -19.79 -0.25
N ASN A 167 2.82 -18.97 0.75
CA ASN A 167 1.79 -18.14 1.38
C ASN A 167 2.40 -17.14 2.34
N GLU A 168 1.75 -15.99 2.49
CA GLU A 168 2.23 -14.95 3.39
C GLU A 168 1.06 -14.24 4.07
N PHE A 169 1.31 -13.71 5.26
CA PHE A 169 0.29 -13.01 6.03
C PHE A 169 0.69 -11.56 6.27
N THR A 170 -0.02 -10.64 5.62
CA THR A 170 0.27 -9.22 5.76
C THR A 170 -0.90 -8.50 6.42
N VAL A 171 -0.62 -7.82 7.53
CA VAL A 171 -1.65 -7.07 8.25
C VAL A 171 -1.28 -5.61 8.37
N GLN A 172 -2.09 -4.74 7.75
CA GLN A 172 -1.85 -3.31 7.78
C GLN A 172 -2.52 -2.68 8.99
N PHE A 173 -1.83 -1.75 9.64
CA PHE A 173 -2.36 -1.06 10.81
C PHE A 173 -2.75 0.37 10.48
N GLU A 174 -3.95 0.77 10.89
CA GLU A 174 -4.44 2.12 10.64
C GLU A 174 -5.18 2.67 11.85
N TYR A 175 -4.51 3.54 12.59
CA TYR A 175 -5.10 4.15 13.78
C TYR A 175 -4.83 5.64 13.83
N ASP A 176 -5.89 6.43 13.74
CA ASP A 176 -5.77 7.89 13.78
C ASP A 176 -5.29 8.36 15.14
N LEU A 177 -4.47 9.41 15.14
CA LEU A 177 -3.94 9.96 16.38
C LEU A 177 -3.60 11.44 16.22
N SER A 178 -3.31 12.10 17.34
CA SER A 178 -2.97 13.52 17.31
C SER A 178 -1.53 13.74 17.75
N SER A 179 -0.89 14.75 17.16
CA SER A 179 0.50 15.06 17.48
C SER A 179 0.63 15.52 18.93
N GLN A 1 -15.05 16.50 3.36
CA GLN A 1 -13.81 17.27 3.36
C GLN A 1 -13.04 17.05 4.67
N ASP A 2 -11.72 17.09 4.58
CA ASP A 2 -10.87 16.90 5.75
C ASP A 2 -10.17 18.19 6.14
N LYS A 3 -10.17 18.51 7.43
CA LYS A 3 -9.54 19.72 7.92
C LYS A 3 -8.09 19.46 8.31
N PRO A 4 -7.29 20.53 8.39
CA PRO A 4 -5.87 20.44 8.74
C PRO A 4 -5.67 20.05 10.21
N GLY A 5 -4.49 19.53 10.51
CA GLY A 5 -4.19 19.12 11.87
C GLY A 5 -4.35 17.63 12.09
N SER A 6 -5.27 17.03 11.34
CA SER A 6 -5.52 15.60 11.46
C SER A 6 -4.48 14.80 10.69
N ALA A 7 -4.01 13.70 11.31
CA ALA A 7 -3.00 12.85 10.69
C ALA A 7 -3.23 11.39 11.05
N LYS A 8 -2.55 10.50 10.34
CA LYS A 8 -2.67 9.06 10.59
C LYS A 8 -1.33 8.47 11.00
N ALA A 9 -1.38 7.46 11.87
CA ALA A 9 -0.17 6.80 12.34
C ALA A 9 -0.28 5.28 12.21
N GLY A 10 0.85 4.63 11.97
CA GLY A 10 0.85 3.18 11.83
C GLY A 10 1.90 2.70 10.85
N GLY A 11 1.46 2.01 9.80
CA GLY A 11 2.38 1.51 8.80
C GLY A 11 1.95 0.16 8.25
N TRP A 12 2.84 -0.82 8.31
CA TRP A 12 2.55 -2.16 7.81
C TRP A 12 3.70 -3.11 8.10
N THR A 13 3.36 -4.34 8.47
CA THR A 13 4.37 -5.35 8.78
C THR A 13 4.40 -6.44 7.71
N THR A 14 5.57 -6.68 7.14
CA THR A 14 5.74 -7.70 6.11
C THR A 14 6.46 -8.92 6.66
N TYR A 15 5.73 -10.02 6.81
CA TYR A 15 6.30 -11.26 7.32
C TYR A 15 6.35 -12.32 6.24
N ASN A 16 7.52 -12.90 6.03
CA ASN A 16 7.70 -13.94 5.03
C ASN A 16 8.01 -15.28 5.67
N THR A 17 8.16 -16.31 4.85
CA THR A 17 8.45 -17.66 5.35
C THR A 17 9.66 -17.65 6.28
N ASP A 18 10.62 -16.79 5.97
CA ASP A 18 11.83 -16.68 6.78
C ASP A 18 11.51 -16.14 8.17
N ASN A 19 12.47 -16.23 9.09
CA ASN A 19 12.28 -15.76 10.45
C ASN A 19 12.34 -14.24 10.51
N THR A 20 13.17 -13.64 9.66
CA THR A 20 13.31 -12.19 9.62
C THR A 20 12.16 -11.55 8.87
N PHE A 21 11.92 -10.27 9.15
CA PHE A 21 10.84 -9.54 8.50
C PHE A 21 11.10 -8.03 8.54
N LYS A 22 10.28 -7.28 7.83
CA LYS A 22 10.43 -5.82 7.78
C LYS A 22 9.06 -5.15 7.69
N GLY A 23 8.88 -4.07 8.46
CA GLY A 23 7.62 -3.36 8.44
C GLY A 23 7.79 -1.88 8.77
N GLY A 24 7.01 -1.03 8.10
CA GLY A 24 7.10 0.40 8.34
C GLY A 24 6.39 0.82 9.61
N SER A 25 6.91 1.84 10.28
CA SER A 25 6.33 2.34 11.51
C SER A 25 6.44 3.85 11.60
N TYR A 26 5.50 4.55 10.97
CA TYR A 26 5.51 6.02 10.98
C TYR A 26 4.09 6.56 10.77
N ALA A 27 4.00 7.87 10.57
CA ALA A 27 2.71 8.51 10.35
C ALA A 27 2.68 9.26 9.02
N LYS A 28 1.49 9.63 8.57
CA LYS A 28 1.33 10.35 7.32
C LYS A 28 0.55 11.64 7.53
N TYR A 29 1.08 12.74 7.02
CA TYR A 29 0.43 14.04 7.15
C TYR A 29 -0.46 14.33 5.95
N VAL A 30 -1.74 14.53 6.20
CA VAL A 30 -2.70 14.82 5.14
C VAL A 30 -3.50 16.08 5.45
N LEU A 31 -2.82 17.09 5.96
CA LEU A 31 -3.47 18.36 6.31
C LEU A 31 -3.92 19.10 5.05
N SER A 32 -3.15 18.94 3.97
CA SER A 32 -3.47 19.60 2.71
C SER A 32 -4.66 18.93 2.04
N PRO A 33 -5.30 19.66 1.11
CA PRO A 33 -6.47 19.16 0.37
C PRO A 33 -6.11 18.05 -0.60
N ASN A 34 -5.02 18.23 -1.33
CA ASN A 34 -4.57 17.23 -2.30
C ASN A 34 -3.19 16.71 -1.93
N LEU A 35 -2.17 17.51 -2.21
CA LEU A 35 -0.79 17.13 -1.92
C LEU A 35 -0.65 16.67 -0.47
N ALA A 36 -0.41 15.38 -0.28
CA ALA A 36 -0.25 14.80 1.05
C ALA A 36 1.03 13.98 1.15
N LEU A 37 1.64 13.98 2.32
CA LEU A 37 2.87 13.24 2.56
C LEU A 37 2.65 12.10 3.55
N LYS A 38 3.43 11.04 3.41
CA LYS A 38 3.32 9.89 4.30
C LYS A 38 4.70 9.37 4.68
N GLY A 39 4.87 9.06 5.97
CA GLY A 39 6.14 8.56 6.46
C GLY A 39 6.06 7.12 6.94
N GLU A 40 7.10 6.34 6.67
CA GLU A 40 7.13 4.94 7.08
C GLU A 40 8.51 4.56 7.60
N TYR A 41 8.57 4.14 8.85
CA TYR A 41 9.84 3.74 9.47
C TYR A 41 10.02 2.23 9.41
N GLU A 42 10.63 1.75 8.34
CA GLU A 42 10.87 0.33 8.16
C GLU A 42 11.77 -0.22 9.27
N TRP A 43 11.14 -0.73 10.33
CA TRP A 43 11.87 -1.28 11.47
C TRP A 43 11.66 -2.79 11.58
N ASN A 44 12.03 -3.34 12.72
CA ASN A 44 11.88 -4.78 12.95
C ASN A 44 12.82 -5.58 12.05
N ASN A 45 13.99 -5.03 11.78
CA ASN A 45 14.97 -5.68 10.93
C ASN A 45 16.25 -6.01 11.71
N SER A 46 17.02 -6.96 11.21
CA SER A 46 18.25 -7.37 11.87
C SER A 46 19.26 -6.22 11.87
N SER A 47 19.30 -5.46 10.78
CA SER A 47 20.22 -4.34 10.66
C SER A 47 19.88 -3.48 9.45
N LEU A 48 20.77 -2.57 9.10
CA LEU A 48 20.57 -1.68 7.96
C LEU A 48 19.09 -1.39 7.76
N ASN A 49 18.44 -0.91 8.81
CA ASN A 49 17.01 -0.58 8.75
C ASN A 49 16.72 0.36 7.59
N SER A 50 15.44 0.64 7.37
CA SER A 50 15.02 1.52 6.28
C SER A 50 13.96 2.50 6.76
N PHE A 51 13.78 3.59 6.01
CA PHE A 51 12.80 4.61 6.36
C PHE A 51 12.79 5.73 5.33
N LYS A 52 11.67 6.44 5.24
CA LYS A 52 11.54 7.55 4.30
C LYS A 52 10.11 8.08 4.29
N ALA A 53 9.72 8.68 3.17
CA ALA A 53 8.38 9.23 3.03
C ALA A 53 7.93 9.22 1.57
N GLY A 54 6.65 9.52 1.35
CA GLY A 54 6.12 9.53 0.00
C GLY A 54 5.18 10.70 -0.24
N ALA A 55 5.09 11.12 -1.50
CA ALA A 55 4.22 12.24 -1.85
C ALA A 55 3.05 11.78 -2.72
N GLU A 56 1.85 12.22 -2.35
CA GLU A 56 0.64 11.84 -3.08
C GLU A 56 0.01 13.06 -3.75
N TYR A 57 0.11 13.13 -5.07
CA TYR A 57 -0.45 14.24 -5.82
C TYR A 57 -1.49 13.74 -6.82
N VAL A 58 -2.60 14.47 -6.91
CA VAL A 58 -3.68 14.12 -7.82
C VAL A 58 -3.57 14.88 -9.14
N ALA A 59 -2.84 14.31 -10.09
CA ALA A 59 -2.65 14.93 -11.39
C ALA A 59 -4.00 15.18 -12.09
N THR A 60 -4.71 14.09 -12.37
CA THR A 60 -6.01 14.20 -13.03
C THR A 60 -7.14 13.75 -12.10
N PRO A 61 -8.37 14.18 -12.40
CA PRO A 61 -9.54 13.84 -11.62
C PRO A 61 -9.93 12.37 -11.75
N TYR A 62 -9.53 11.76 -12.85
CA TYR A 62 -9.83 10.35 -13.10
C TYR A 62 -8.98 9.45 -12.21
N LEU A 63 -7.67 9.47 -12.43
CA LEU A 63 -6.76 8.65 -11.64
C LEU A 63 -5.81 9.52 -10.82
N LYS A 64 -5.36 9.00 -9.69
CA LYS A 64 -4.46 9.73 -8.82
C LYS A 64 -3.06 9.10 -8.84
N THR A 65 -2.04 9.93 -8.57
CA THR A 65 -0.67 9.45 -8.56
C THR A 65 -0.05 9.61 -7.17
N GLU A 66 0.81 8.67 -6.80
CA GLU A 66 1.48 8.70 -5.50
C GLU A 66 2.91 8.20 -5.61
N VAL A 67 3.87 9.12 -5.49
CA VAL A 67 5.27 8.76 -5.57
C VAL A 67 5.87 8.54 -4.18
N MET A 68 6.07 7.29 -3.82
CA MET A 68 6.64 6.94 -2.52
C MET A 68 8.13 6.65 -2.63
N THR A 69 8.94 7.51 -2.00
CA THR A 69 10.39 7.35 -2.04
C THR A 69 10.90 6.72 -0.74
N GLU A 70 11.62 5.61 -0.88
CA GLU A 70 12.17 4.91 0.28
C GLU A 70 13.69 4.98 0.29
N TYR A 71 14.28 4.99 1.49
CA TYR A 71 15.72 5.05 1.62
C TYR A 71 16.24 3.89 2.48
N ASN A 72 17.45 3.43 2.17
CA ASN A 72 18.06 2.33 2.90
C ASN A 72 17.17 1.08 2.84
N THR A 73 16.51 0.90 1.70
CA THR A 73 15.64 -0.25 1.51
C THR A 73 16.36 -1.55 1.83
N ASP A 74 15.62 -2.65 1.87
CA ASP A 74 16.20 -3.96 2.17
C ASP A 74 17.40 -4.24 1.29
N ASN A 75 17.33 -3.79 0.03
CA ASN A 75 18.42 -3.99 -0.92
C ASN A 75 19.16 -2.69 -1.18
N THR A 76 18.43 -1.66 -1.57
CA THR A 76 19.01 -0.36 -1.84
C THR A 76 17.95 0.71 -2.06
N PHE A 77 18.23 1.92 -1.63
CA PHE A 77 17.29 3.03 -1.78
C PHE A 77 16.78 3.13 -3.22
N ARG A 78 15.59 3.69 -3.38
CA ARG A 78 14.99 3.84 -4.70
C ARG A 78 13.67 4.59 -4.62
N VAL A 79 13.12 4.96 -5.78
CA VAL A 79 11.86 5.68 -5.83
C VAL A 79 10.79 4.87 -6.56
N THR A 80 9.66 4.68 -5.90
CA THR A 80 8.56 3.92 -6.49
C THR A 80 7.32 4.79 -6.65
N VAL A 81 6.63 4.63 -7.78
CA VAL A 81 5.43 5.39 -8.06
C VAL A 81 4.22 4.48 -8.20
N VAL A 82 3.22 4.68 -7.34
CA VAL A 82 2.01 3.88 -7.38
C VAL A 82 0.78 4.75 -7.64
N THR A 83 -0.07 4.29 -8.56
CA THR A 83 -1.28 5.03 -8.90
C THR A 83 -2.52 4.37 -8.31
N GLU A 84 -3.44 5.19 -7.83
CA GLU A 84 -4.67 4.68 -7.22
C GLU A 84 -5.89 5.46 -7.73
N GLY A 85 -7.03 4.79 -7.77
CA GLY A 85 -8.25 5.43 -8.25
C GLY A 85 -9.48 4.59 -7.99
N ARG A 86 -10.65 5.18 -8.22
CA ARG A 86 -11.92 4.47 -8.01
C ARG A 86 -12.73 4.42 -9.30
N TYR A 87 -13.01 3.21 -9.77
CA TYR A 87 -13.79 3.03 -10.99
C TYR A 87 -15.01 2.15 -10.73
N PRO A 88 -16.20 2.72 -11.00
CA PRO A 88 -17.47 2.00 -10.81
C PRO A 88 -17.67 0.88 -11.82
N VAL A 89 -18.71 0.08 -11.62
CA VAL A 89 -19.00 -1.03 -12.51
C VAL A 89 -20.50 -1.30 -12.57
N ASP A 90 -20.87 -2.35 -13.30
CA ASP A 90 -22.28 -2.73 -13.44
C ASP A 90 -22.83 -3.27 -12.12
N PRO A 91 -22.23 -4.37 -11.64
CA PRO A 91 -22.64 -5.02 -10.39
C PRO A 91 -22.29 -4.18 -9.16
N ASN A 92 -22.61 -4.70 -7.99
CA ASN A 92 -22.34 -3.99 -6.74
C ASN A 92 -20.83 -3.88 -6.50
N LEU A 93 -20.09 -4.88 -6.97
CA LEU A 93 -18.64 -4.90 -6.82
C LEU A 93 -18.03 -3.58 -7.27
N GLU A 94 -16.75 -3.38 -6.95
CA GLU A 94 -16.05 -2.16 -7.32
C GLU A 94 -14.66 -2.47 -7.88
N LEU A 95 -14.25 -1.72 -8.89
CA LEU A 95 -12.95 -1.92 -9.51
C LEU A 95 -12.08 -0.67 -9.38
N PHE A 96 -10.95 -0.81 -8.70
CA PHE A 96 -10.04 0.30 -8.50
C PHE A 96 -8.80 0.16 -9.38
N PRO A 97 -8.64 1.07 -10.34
CA PRO A 97 -7.51 1.07 -11.27
C PRO A 97 -6.19 1.43 -10.57
N GLY A 98 -5.38 0.41 -10.29
CA GLY A 98 -4.11 0.65 -9.63
C GLY A 98 -2.93 0.32 -10.52
N GLY A 99 -1.76 0.85 -10.17
CA GLY A 99 -0.56 0.60 -10.95
C GLY A 99 0.71 0.72 -10.13
N TRP A 100 1.62 -0.23 -10.32
CA TRP A 100 2.88 -0.24 -9.58
C TRP A 100 4.04 0.13 -10.51
N TYR A 101 4.87 1.06 -10.06
CA TYR A 101 6.02 1.50 -10.84
C TYR A 101 7.30 1.46 -10.01
N THR A 102 8.35 0.88 -10.56
CA THR A 102 9.63 0.78 -9.86
C THR A 102 10.71 1.55 -10.60
N TRP A 103 11.28 2.54 -9.93
CA TRP A 103 12.33 3.37 -10.51
C TRP A 103 13.61 3.28 -9.69
N ASN A 104 14.69 2.83 -10.33
CA ASN A 104 15.98 2.70 -9.66
C ASN A 104 17.11 3.21 -10.55
N ASN A 105 18.28 3.40 -9.95
CA ASN A 105 19.45 3.88 -10.69
C ASN A 105 20.03 2.77 -11.57
N SER A 106 20.31 1.63 -10.96
CA SER A 106 20.88 0.50 -11.67
C SER A 106 19.79 -0.24 -12.47
N SER A 107 18.67 -0.52 -11.81
CA SER A 107 17.57 -1.23 -12.45
C SER A 107 16.88 -0.33 -13.48
N LEU A 108 15.96 -0.92 -14.24
CA LEU A 108 15.23 -0.18 -15.25
C LEU A 108 13.87 0.27 -14.73
N ASN A 109 13.36 1.38 -15.25
CA ASN A 109 12.07 1.92 -14.84
C ASN A 109 10.93 1.16 -15.52
N LYS A 110 10.04 0.60 -14.72
CA LYS A 110 8.90 -0.14 -15.23
C LYS A 110 7.63 0.22 -14.48
N GLY A 111 6.48 -0.02 -15.11
CA GLY A 111 5.20 0.28 -14.48
C GLY A 111 4.15 -0.78 -14.77
N ALA A 112 4.14 -1.84 -13.97
CA ALA A 112 3.18 -2.91 -14.14
C ALA A 112 1.85 -2.58 -13.46
N PRO A 113 0.79 -2.45 -14.28
CA PRO A 113 -0.55 -2.14 -13.78
C PRO A 113 -1.17 -3.28 -12.99
N TYR A 114 -2.09 -2.96 -12.09
CA TYR A 114 -2.75 -3.96 -11.28
C TYR A 114 -4.18 -3.53 -10.94
N THR A 115 -5.11 -4.48 -11.04
CA THR A 115 -6.51 -4.20 -10.75
C THR A 115 -6.89 -4.67 -9.35
N ARG A 116 -7.57 -3.81 -8.61
CA ARG A 116 -7.99 -4.14 -7.24
C ARG A 116 -9.51 -4.10 -7.11
N ALA A 117 -10.11 -5.27 -6.95
CA ALA A 117 -11.56 -5.38 -6.81
C ALA A 117 -11.97 -5.47 -5.34
N GLU A 118 -13.16 -4.97 -5.03
CA GLU A 118 -13.66 -4.99 -3.67
C GLU A 118 -15.13 -5.43 -3.63
N TYR A 119 -15.43 -6.38 -2.75
CA TYR A 119 -16.79 -6.89 -2.62
C TYR A 119 -16.99 -7.57 -1.27
N LYS A 120 -18.23 -7.60 -0.80
CA LYS A 120 -18.55 -8.23 0.47
C LYS A 120 -19.16 -9.61 0.26
N LEU A 121 -18.39 -10.65 0.57
CA LEU A 121 -18.86 -12.02 0.42
C LEU A 121 -20.24 -12.20 1.03
N THR A 122 -20.53 -11.44 2.08
CA THR A 122 -21.81 -11.51 2.76
C THR A 122 -21.86 -10.54 3.94
N PRO A 123 -20.95 -10.74 4.91
CA PRO A 123 -20.86 -9.91 6.10
C PRO A 123 -20.38 -8.49 5.79
N ASP A 124 -20.27 -7.67 6.83
CA ASP A 124 -19.81 -6.29 6.67
C ASP A 124 -18.30 -6.24 6.51
N LEU A 125 -17.79 -6.89 5.48
CA LEU A 125 -16.36 -6.91 5.22
C LEU A 125 -16.05 -6.45 3.79
N LYS A 126 -14.87 -5.89 3.60
CA LYS A 126 -14.45 -5.43 2.28
C LYS A 126 -13.31 -6.28 1.73
N LEU A 127 -13.66 -7.37 1.07
CA LEU A 127 -12.66 -8.27 0.49
C LEU A 127 -11.98 -7.63 -0.71
N LEU A 128 -10.72 -7.25 -0.53
CA LEU A 128 -9.95 -6.62 -1.60
C LEU A 128 -9.10 -7.65 -2.34
N SER A 129 -9.35 -7.81 -3.64
CA SER A 129 -8.60 -8.76 -4.45
C SER A 129 -7.70 -8.04 -5.44
N GLN A 130 -6.40 -8.31 -5.37
CA GLN A 130 -5.43 -7.68 -6.25
C GLN A 130 -4.94 -8.67 -7.30
N VAL A 131 -5.12 -8.32 -8.57
CA VAL A 131 -4.69 -9.18 -9.67
C VAL A 131 -3.68 -8.47 -10.57
N VAL A 132 -2.51 -9.08 -10.73
CA VAL A 132 -1.46 -8.50 -11.56
C VAL A 132 -1.13 -9.41 -12.73
N TYR A 133 -1.56 -9.01 -13.93
CA TYR A 133 -1.32 -9.80 -15.13
C TYR A 133 -0.36 -9.07 -16.07
N ASN A 134 0.44 -9.84 -16.81
CA ASN A 134 1.40 -9.27 -17.74
C ASN A 134 2.44 -8.44 -17.00
N THR A 135 2.83 -8.91 -15.82
CA THR A 135 3.82 -8.21 -15.01
C THR A 135 5.20 -8.27 -15.67
N ASP A 136 6.07 -7.34 -15.28
CA ASP A 136 7.42 -7.29 -15.82
C ASP A 136 8.17 -8.58 -15.54
N ASN A 137 7.93 -9.16 -14.37
CA ASN A 137 8.58 -10.41 -13.99
C ASN A 137 7.68 -11.60 -14.26
N THR A 138 6.61 -11.72 -13.48
CA THR A 138 5.67 -12.83 -13.64
C THR A 138 4.30 -12.47 -13.05
N PHE A 139 3.30 -13.29 -13.36
CA PHE A 139 1.95 -13.06 -12.86
C PHE A 139 1.88 -13.30 -11.35
N LYS A 140 1.05 -12.50 -10.67
CA LYS A 140 0.90 -12.62 -9.22
C LYS A 140 -0.49 -12.20 -8.78
N PHE A 141 -0.97 -12.77 -7.69
CA PHE A 141 -2.30 -12.45 -7.18
C PHE A 141 -2.27 -12.33 -5.65
N ASP A 142 -2.68 -11.17 -5.14
CA ASP A 142 -2.71 -10.93 -3.70
C ASP A 142 -4.14 -10.75 -3.21
N THR A 143 -4.49 -11.49 -2.17
CA THR A 143 -5.83 -11.42 -1.60
C THR A 143 -5.79 -10.93 -0.15
N GLY A 144 -6.63 -9.95 0.17
CA GLY A 144 -6.66 -9.42 1.52
C GLY A 144 -8.04 -8.91 1.90
N LEU A 145 -8.36 -8.98 3.19
CA LEU A 145 -9.65 -8.52 3.67
C LEU A 145 -9.51 -7.22 4.47
N GLU A 146 -10.50 -6.34 4.34
CA GLU A 146 -10.48 -5.06 5.05
C GLU A 146 -11.59 -5.00 6.09
N TYR A 147 -11.22 -4.69 7.33
CA TYR A 147 -12.19 -4.59 8.41
C TYR A 147 -11.82 -3.47 9.38
N LYS A 148 -12.77 -3.11 10.24
CA LYS A 148 -12.54 -2.05 11.22
C LYS A 148 -13.29 -2.34 12.51
N LEU A 149 -12.61 -2.18 13.64
CA LEU A 149 -13.22 -2.42 14.95
C LEU A 149 -14.27 -1.36 15.26
N SER A 150 -14.90 -1.49 16.43
CA SER A 150 -15.93 -0.55 16.85
C SER A 150 -15.42 0.89 16.76
N PRO A 151 -14.35 1.18 17.52
CA PRO A 151 -13.74 2.52 17.55
C PRO A 151 -13.03 2.86 16.25
N ASN A 152 -12.72 4.14 16.06
CA ASN A 152 -12.04 4.59 14.86
C ASN A 152 -10.75 3.81 14.63
N LEU A 153 -10.80 2.86 13.71
CA LEU A 153 -9.63 2.04 13.41
C LEU A 153 -9.74 1.44 12.00
N LYS A 154 -8.59 1.20 11.38
CA LYS A 154 -8.55 0.63 10.03
C LYS A 154 -7.47 -0.44 9.93
N VAL A 155 -7.89 -1.69 9.87
CA VAL A 155 -6.95 -2.82 9.76
C VAL A 155 -7.24 -3.65 8.53
N LYS A 156 -6.18 -4.05 7.83
CA LYS A 156 -6.32 -4.86 6.63
C LYS A 156 -5.22 -5.92 6.55
N PHE A 157 -5.61 -7.14 6.23
CA PHE A 157 -4.66 -8.25 6.12
C PHE A 157 -4.58 -8.77 4.69
N GLU A 158 -3.44 -8.55 4.06
CA GLU A 158 -3.23 -8.99 2.68
C GLU A 158 -2.23 -10.14 2.62
N TYR A 159 -2.51 -11.13 1.79
CA TYR A 159 -1.64 -12.29 1.65
C TYR A 159 -1.16 -12.42 0.21
N GLY A 160 0.16 -12.43 0.02
CA GLY A 160 0.71 -12.55 -1.32
C GLY A 160 0.70 -13.98 -1.82
N TRP A 161 -0.10 -14.23 -2.85
CA TRP A 161 -0.22 -15.56 -3.42
C TRP A 161 0.41 -15.61 -4.82
N ASN A 162 1.50 -16.36 -4.94
CA ASN A 162 2.19 -16.49 -6.22
C ASN A 162 2.26 -17.96 -6.66
N ASN A 163 2.86 -18.18 -7.82
CA ASN A 163 2.99 -19.54 -8.35
C ASN A 163 3.60 -20.47 -7.31
N SER A 164 4.55 -19.94 -6.53
CA SER A 164 5.21 -20.73 -5.50
C SER A 164 4.22 -21.20 -4.43
N SER A 165 4.58 -22.25 -3.72
CA SER A 165 3.73 -22.81 -2.68
C SER A 165 3.58 -21.82 -1.52
N LEU A 166 4.71 -21.45 -0.93
CA LEU A 166 4.71 -20.51 0.18
C LEU A 166 4.07 -19.19 -0.20
N ASN A 167 3.63 -18.42 0.79
CA ASN A 167 3.01 -17.13 0.54
C ASN A 167 3.58 -16.06 1.48
N GLU A 168 3.12 -14.82 1.31
CA GLU A 168 3.58 -13.73 2.13
C GLU A 168 2.46 -13.19 3.01
N PHE A 169 2.83 -12.69 4.19
CA PHE A 169 1.84 -12.16 5.13
C PHE A 169 2.04 -10.65 5.32
N THR A 170 1.08 -9.88 4.82
CA THR A 170 1.15 -8.42 4.93
C THR A 170 0.03 -7.89 5.81
N VAL A 171 0.39 -7.15 6.84
CA VAL A 171 -0.59 -6.58 7.76
C VAL A 171 -0.55 -5.05 7.73
N GLN A 172 -1.57 -4.45 7.15
CA GLN A 172 -1.65 -3.00 7.05
C GLN A 172 -2.31 -2.41 8.29
N PHE A 173 -1.65 -1.42 8.89
CA PHE A 173 -2.17 -0.77 10.08
C PHE A 173 -2.43 0.72 9.83
N GLU A 174 -3.64 1.17 10.15
CA GLU A 174 -4.02 2.56 9.95
C GLU A 174 -4.87 3.06 11.11
N TYR A 175 -4.32 3.99 11.89
CA TYR A 175 -5.03 4.56 13.03
C TYR A 175 -4.72 6.05 13.19
N ASP A 176 -5.76 6.84 13.28
CA ASP A 176 -5.61 8.29 13.43
C ASP A 176 -4.89 8.63 14.74
N LEU A 177 -3.96 9.58 14.66
CA LEU A 177 -3.19 9.99 15.83
C LEU A 177 -4.12 10.30 17.01
N SER A 178 -4.99 11.27 16.84
CA SER A 178 -5.92 11.66 17.88
C SER A 178 -6.83 10.50 18.26
N SER A 179 -7.50 10.61 19.41
CA SER A 179 -8.40 9.57 19.88
C SER A 179 -9.84 10.07 19.92
N GLN A 1 -8.66 29.02 9.69
CA GLN A 1 -7.50 28.35 9.12
C GLN A 1 -7.88 26.97 8.59
N ASP A 2 -6.98 26.37 7.80
CA ASP A 2 -7.22 25.06 7.23
C ASP A 2 -6.56 23.97 8.07
N LYS A 3 -7.37 23.26 8.85
CA LYS A 3 -6.88 22.19 9.70
C LYS A 3 -7.91 21.09 9.87
N PRO A 4 -7.97 20.17 8.91
CA PRO A 4 -8.91 19.04 8.94
C PRO A 4 -8.59 18.04 10.02
N GLY A 5 -7.32 17.64 10.09
CA GLY A 5 -6.89 16.68 11.09
C GLY A 5 -6.94 15.26 10.58
N SER A 6 -7.60 15.06 9.43
CA SER A 6 -7.71 13.73 8.84
C SER A 6 -6.33 13.19 8.45
N ALA A 7 -6.07 11.95 8.83
CA ALA A 7 -4.79 11.32 8.52
C ALA A 7 -4.99 10.03 7.73
N LYS A 8 -3.91 9.51 7.17
CA LYS A 8 -3.97 8.28 6.37
C LYS A 8 -2.76 7.41 6.64
N ALA A 9 -3.00 6.16 7.07
CA ALA A 9 -1.92 5.23 7.36
C ALA A 9 -1.75 4.22 6.23
N GLY A 10 -0.61 3.55 6.21
CA GLY A 10 -0.35 2.56 5.18
C GLY A 10 0.63 1.49 5.62
N GLY A 11 0.10 0.41 6.19
CA GLY A 11 0.95 -0.67 6.66
C GLY A 11 0.88 -1.90 5.76
N TRP A 12 1.88 -2.77 5.87
CA TRP A 12 1.92 -3.98 5.06
C TRP A 12 2.93 -4.97 5.63
N THR A 13 2.47 -5.80 6.56
CA THR A 13 3.34 -6.80 7.19
C THR A 13 3.13 -8.17 6.56
N THR A 14 4.20 -8.70 5.96
CA THR A 14 4.13 -10.02 5.33
C THR A 14 4.77 -11.08 6.20
N TYR A 15 3.97 -12.09 6.57
CA TYR A 15 4.45 -13.17 7.42
C TYR A 15 4.62 -14.46 6.61
N ASN A 16 5.83 -15.02 6.65
CA ASN A 16 6.12 -16.25 5.93
C ASN A 16 6.18 -17.44 6.87
N THR A 17 6.54 -18.60 6.33
CA THR A 17 6.64 -19.82 7.13
C THR A 17 7.43 -19.58 8.40
N ASP A 18 8.44 -18.72 8.32
CA ASP A 18 9.27 -18.40 9.48
C ASP A 18 8.61 -17.35 10.35
N ASN A 19 9.33 -16.89 11.37
CA ASN A 19 8.80 -15.89 12.29
C ASN A 19 8.25 -14.69 11.52
N THR A 20 9.15 -13.90 10.94
CA THR A 20 8.75 -12.73 10.18
C THR A 20 9.53 -12.62 8.87
N PHE A 21 8.87 -12.12 7.83
CA PHE A 21 9.51 -11.97 6.52
C PHE A 21 9.85 -10.51 6.25
N LYS A 22 8.81 -9.70 6.02
CA LYS A 22 9.00 -8.28 5.75
C LYS A 22 7.87 -7.45 6.36
N GLY A 23 8.15 -6.18 6.62
CA GLY A 23 7.14 -5.31 7.20
C GLY A 23 7.42 -3.84 6.90
N GLY A 24 6.41 -3.14 6.39
CA GLY A 24 6.57 -1.74 6.09
C GLY A 24 5.36 -0.91 6.48
N SER A 25 5.60 0.34 6.86
CA SER A 25 4.51 1.23 7.26
C SER A 25 4.81 2.66 6.86
N TYR A 26 3.78 3.36 6.39
CA TYR A 26 3.93 4.75 5.95
C TYR A 26 2.67 5.55 6.26
N ALA A 27 2.85 6.74 6.81
CA ALA A 27 1.73 7.61 7.16
C ALA A 27 1.74 8.88 6.30
N LYS A 28 0.55 9.41 6.05
CA LYS A 28 0.41 10.62 5.25
C LYS A 28 -0.35 11.70 6.01
N TYR A 29 0.30 12.84 6.21
CA TYR A 29 -0.30 13.96 6.92
C TYR A 29 -0.92 14.96 5.95
N VAL A 30 -2.21 15.22 6.11
CA VAL A 30 -2.92 16.16 5.25
C VAL A 30 -2.75 17.59 5.75
N LEU A 31 -1.85 18.34 5.11
CA LEU A 31 -1.60 19.72 5.48
C LEU A 31 -2.75 20.63 5.05
N SER A 32 -2.59 21.92 5.28
CA SER A 32 -3.61 22.89 4.90
C SER A 32 -3.97 22.77 3.42
N PRO A 33 -2.97 22.98 2.56
CA PRO A 33 -3.16 22.90 1.10
C PRO A 33 -3.40 21.47 0.64
N ASN A 34 -3.40 21.27 -0.68
CA ASN A 34 -3.63 19.96 -1.26
C ASN A 34 -2.41 19.07 -1.06
N LEU A 35 -1.24 19.60 -1.38
CA LEU A 35 0.01 18.85 -1.24
C LEU A 35 0.17 18.33 0.19
N ALA A 36 0.26 17.01 0.32
CA ALA A 36 0.42 16.40 1.63
C ALA A 36 1.79 15.74 1.77
N LEU A 37 2.23 15.55 3.01
CA LEU A 37 3.54 14.94 3.28
C LEU A 37 3.37 13.59 3.97
N LYS A 38 4.05 12.58 3.44
CA LYS A 38 3.99 11.24 4.02
C LYS A 38 5.38 10.64 4.14
N GLY A 39 5.54 9.72 5.09
CA GLY A 39 6.83 9.08 5.29
C GLY A 39 6.70 7.58 5.51
N GLU A 40 7.47 6.80 4.76
CA GLU A 40 7.43 5.35 4.88
C GLU A 40 8.68 4.83 5.61
N TYR A 41 8.54 3.68 6.26
CA TYR A 41 9.64 3.09 6.99
C TYR A 41 9.76 1.60 6.69
N GLU A 42 10.94 1.19 6.25
CA GLU A 42 11.19 -0.21 5.92
C GLU A 42 11.66 -0.99 7.15
N TRP A 43 10.91 -2.02 7.50
CA TRP A 43 11.24 -2.85 8.65
C TRP A 43 11.52 -4.30 8.24
N ASN A 44 12.71 -4.78 8.53
CA ASN A 44 13.10 -6.14 8.19
C ASN A 44 13.83 -6.81 9.35
N ASN A 45 13.13 -7.69 10.05
CA ASN A 45 13.71 -8.40 11.18
C ASN A 45 14.24 -7.42 12.22
N SER A 46 13.56 -6.30 12.38
CA SER A 46 13.95 -5.28 13.34
C SER A 46 15.43 -4.91 13.15
N SER A 47 15.84 -4.78 11.89
CA SER A 47 17.22 -4.43 11.57
C SER A 47 17.35 -4.04 10.11
N LEU A 48 18.42 -3.32 9.79
CA LEU A 48 18.67 -2.88 8.41
C LEU A 48 17.46 -2.15 7.85
N ASN A 49 16.81 -1.35 8.70
CA ASN A 49 15.63 -0.60 8.28
C ASN A 49 16.02 0.54 7.34
N SER A 50 15.04 1.09 6.64
CA SER A 50 15.28 2.19 5.71
C SER A 50 14.35 3.36 5.99
N PHE A 51 14.70 4.53 5.47
CA PHE A 51 13.89 5.73 5.67
C PHE A 51 13.44 6.31 4.33
N LYS A 52 12.14 6.52 4.20
CA LYS A 52 11.57 7.07 2.97
C LYS A 52 10.59 8.19 3.28
N ALA A 53 10.61 9.23 2.46
CA ALA A 53 9.70 10.36 2.65
C ALA A 53 9.37 11.02 1.31
N GLY A 54 8.21 11.67 1.25
CA GLY A 54 7.80 12.33 0.03
C GLY A 54 6.52 13.13 0.20
N ALA A 55 5.80 13.35 -0.89
CA ALA A 55 4.56 14.11 -0.86
C ALA A 55 3.54 13.53 -1.83
N GLU A 56 2.26 13.79 -1.56
CA GLU A 56 1.19 13.29 -2.41
C GLU A 56 0.46 14.44 -3.09
N TYR A 57 0.32 14.36 -4.40
CA TYR A 57 -0.37 15.40 -5.17
C TYR A 57 -1.63 14.86 -5.82
N VAL A 58 -2.72 15.60 -5.72
CA VAL A 58 -4.00 15.20 -6.30
C VAL A 58 -4.22 15.87 -7.66
N ALA A 59 -3.73 15.23 -8.71
CA ALA A 59 -3.87 15.77 -10.06
C ALA A 59 -5.34 15.82 -10.47
N THR A 60 -6.08 14.77 -10.13
CA THR A 60 -7.50 14.70 -10.47
C THR A 60 -8.30 14.04 -9.35
N PRO A 61 -9.62 14.27 -9.36
CA PRO A 61 -10.52 13.71 -8.34
C PRO A 61 -10.69 12.20 -8.48
N TYR A 62 -10.50 11.70 -9.70
CA TYR A 62 -10.63 10.28 -9.96
C TYR A 62 -9.43 9.51 -9.42
N LEU A 63 -8.26 9.76 -10.01
CA LEU A 63 -7.03 9.09 -9.58
C LEU A 63 -6.06 10.10 -8.97
N LYS A 64 -5.24 9.62 -8.04
CA LYS A 64 -4.26 10.47 -7.38
C LYS A 64 -2.84 9.94 -7.60
N THR A 65 -1.85 10.81 -7.47
CA THR A 65 -0.46 10.43 -7.64
C THR A 65 0.40 10.90 -6.47
N GLU A 66 1.38 10.08 -6.10
CA GLU A 66 2.28 10.42 -4.99
C GLU A 66 3.71 10.03 -5.32
N VAL A 67 4.64 10.95 -5.07
CA VAL A 67 6.05 10.70 -5.33
C VAL A 67 6.84 10.62 -4.03
N MET A 68 7.36 9.44 -3.73
CA MET A 68 8.13 9.23 -2.52
C MET A 68 9.57 8.81 -2.85
N THR A 69 10.51 9.26 -2.03
CA THR A 69 11.92 8.94 -2.25
C THR A 69 12.47 8.10 -1.09
N GLU A 70 13.09 6.98 -1.44
CA GLU A 70 13.66 6.09 -0.43
C GLU A 70 15.16 6.34 -0.26
N TYR A 71 15.58 6.50 0.98
CA TYR A 71 16.98 6.76 1.28
C TYR A 71 17.53 5.75 2.29
N ASN A 72 18.76 5.31 2.08
CA ASN A 72 19.39 4.34 2.97
C ASN A 72 20.65 4.93 3.59
N THR A 73 21.30 4.13 4.43
CA THR A 73 22.53 4.56 5.10
C THR A 73 23.53 5.12 4.09
N ASP A 74 23.57 4.52 2.90
CA ASP A 74 24.48 4.95 1.86
C ASP A 74 24.00 6.24 1.22
N ASN A 75 24.80 6.80 0.31
CA ASN A 75 24.47 8.03 -0.37
C ASN A 75 23.43 7.78 -1.47
N THR A 76 23.54 6.63 -2.12
CA THR A 76 22.62 6.26 -3.19
C THR A 76 21.17 6.42 -2.74
N PHE A 77 20.28 6.70 -3.69
CA PHE A 77 18.87 6.88 -3.39
C PHE A 77 18.00 6.42 -4.57
N ARG A 78 16.71 6.29 -4.33
CA ARG A 78 15.78 5.86 -5.36
C ARG A 78 14.41 6.51 -5.16
N VAL A 79 13.83 7.00 -6.26
CA VAL A 79 12.52 7.64 -6.20
C VAL A 79 11.44 6.74 -6.81
N THR A 80 10.40 6.46 -6.02
CA THR A 80 9.31 5.62 -6.48
C THR A 80 7.99 6.38 -6.47
N VAL A 81 7.21 6.23 -7.54
CA VAL A 81 5.92 6.90 -7.65
C VAL A 81 4.79 5.89 -7.80
N VAL A 82 3.76 6.04 -6.96
CA VAL A 82 2.61 5.14 -7.00
C VAL A 82 1.32 5.91 -7.27
N THR A 83 0.40 5.28 -7.99
CA THR A 83 -0.87 5.90 -8.31
C THR A 83 -2.04 5.05 -7.83
N GLU A 84 -3.05 5.70 -7.25
CA GLU A 84 -4.22 5.01 -6.74
C GLU A 84 -5.50 5.74 -7.15
N GLY A 85 -6.57 4.97 -7.32
CA GLY A 85 -7.84 5.56 -7.71
C GLY A 85 -9.01 4.60 -7.51
N ARG A 86 -10.21 5.07 -7.80
CA ARG A 86 -11.41 4.26 -7.66
C ARG A 86 -12.15 4.13 -8.99
N TYR A 87 -12.37 2.89 -9.42
CA TYR A 87 -13.07 2.63 -10.67
C TYR A 87 -14.28 1.75 -10.45
N PRO A 88 -15.46 2.25 -10.82
CA PRO A 88 -16.73 1.52 -10.67
C PRO A 88 -16.83 0.35 -11.63
N VAL A 89 -17.93 -0.41 -11.53
CA VAL A 89 -18.14 -1.56 -12.40
C VAL A 89 -19.63 -1.80 -12.61
N ASP A 90 -19.95 -2.87 -13.32
CA ASP A 90 -21.34 -3.23 -13.61
C ASP A 90 -22.06 -3.64 -12.32
N PRO A 91 -21.54 -4.69 -11.67
CA PRO A 91 -22.12 -5.22 -10.44
C PRO A 91 -21.92 -4.28 -9.26
N ASN A 92 -22.24 -4.75 -8.06
CA ASN A 92 -22.10 -3.95 -6.85
C ASN A 92 -20.63 -3.83 -6.44
N LEU A 93 -19.86 -4.87 -6.72
CA LEU A 93 -18.44 -4.89 -6.39
C LEU A 93 -17.75 -3.63 -6.90
N GLU A 94 -16.49 -3.46 -6.52
CA GLU A 94 -15.70 -2.31 -6.94
C GLU A 94 -14.29 -2.72 -7.32
N LEU A 95 -13.70 -1.96 -8.24
CA LEU A 95 -12.33 -2.25 -8.70
C LEU A 95 -11.46 -0.99 -8.64
N PHE A 96 -10.43 -1.05 -7.81
CA PHE A 96 -9.52 0.08 -7.67
C PHE A 96 -8.19 -0.19 -8.36
N PRO A 97 -7.88 0.60 -9.40
CA PRO A 97 -6.65 0.46 -10.17
C PRO A 97 -5.42 0.88 -9.38
N GLY A 98 -4.32 0.18 -9.59
CA GLY A 98 -3.09 0.48 -8.88
C GLY A 98 -1.87 0.45 -9.78
N GLY A 99 -0.93 1.36 -9.55
CA GLY A 99 0.27 1.42 -10.36
C GLY A 99 1.49 1.86 -9.57
N TRP A 100 2.40 0.93 -9.34
CA TRP A 100 3.62 1.24 -8.58
C TRP A 100 4.84 1.19 -9.49
N TYR A 101 5.67 2.22 -9.41
CA TYR A 101 6.88 2.29 -10.24
C TYR A 101 8.08 2.71 -9.39
N THR A 102 9.21 2.05 -9.62
CA THR A 102 10.44 2.35 -8.88
C THR A 102 11.52 2.88 -9.81
N TRP A 103 11.85 4.17 -9.65
CA TRP A 103 12.86 4.80 -10.47
C TRP A 103 14.16 4.99 -9.68
N ASN A 104 15.25 4.45 -10.21
CA ASN A 104 16.55 4.55 -9.55
C ASN A 104 17.40 5.64 -10.22
N ASN A 105 18.61 5.82 -9.69
CA ASN A 105 19.53 6.82 -10.24
C ASN A 105 19.69 6.65 -11.74
N SER A 106 19.70 5.40 -12.19
CA SER A 106 19.85 5.11 -13.61
C SER A 106 18.55 5.36 -14.37
N SER A 107 18.59 5.20 -15.69
CA SER A 107 17.42 5.42 -16.52
C SER A 107 16.43 4.27 -16.38
N LEU A 108 16.95 3.05 -16.23
CA LEU A 108 16.12 1.86 -16.09
C LEU A 108 15.18 2.00 -14.89
N ASN A 109 13.96 1.50 -15.04
CA ASN A 109 12.98 1.56 -13.95
C ASN A 109 11.99 0.41 -14.06
N LYS A 110 11.24 0.19 -12.99
CA LYS A 110 10.25 -0.89 -12.95
C LYS A 110 8.86 -0.33 -12.73
N GLY A 111 7.84 -1.14 -13.05
CA GLY A 111 6.47 -0.72 -12.88
C GLY A 111 5.53 -1.88 -12.61
N ALA A 112 5.43 -2.26 -11.33
CA ALA A 112 4.56 -3.37 -10.95
C ALA A 112 3.12 -2.89 -10.77
N PRO A 113 2.22 -3.43 -11.62
CA PRO A 113 0.80 -3.08 -11.58
C PRO A 113 0.09 -3.62 -10.33
N TYR A 114 -0.93 -2.91 -9.89
CA TYR A 114 -1.69 -3.32 -8.71
C TYR A 114 -3.18 -3.41 -9.01
N THR A 115 -3.80 -4.50 -8.59
CA THR A 115 -5.23 -4.71 -8.82
C THR A 115 -5.97 -4.93 -7.50
N ARG A 116 -6.89 -4.02 -7.19
CA ARG A 116 -7.67 -4.11 -5.96
C ARG A 116 -9.15 -4.35 -6.27
N ALA A 117 -9.72 -5.38 -5.66
CA ALA A 117 -11.12 -5.71 -5.86
C ALA A 117 -11.85 -5.87 -4.54
N GLU A 118 -12.97 -5.19 -4.39
CA GLU A 118 -13.76 -5.26 -3.17
C GLU A 118 -15.11 -5.94 -3.42
N TYR A 119 -15.57 -6.71 -2.45
CA TYR A 119 -16.84 -7.41 -2.57
C TYR A 119 -17.58 -7.43 -1.24
N LYS A 120 -18.91 -7.33 -1.31
CA LYS A 120 -19.74 -7.34 -0.11
C LYS A 120 -20.35 -8.71 0.12
N LEU A 121 -19.75 -9.47 1.02
CA LEU A 121 -20.25 -10.81 1.33
C LEU A 121 -21.00 -10.82 2.66
N THR A 122 -20.55 -9.97 3.59
CA THR A 122 -21.18 -9.88 4.91
C THR A 122 -21.00 -8.49 5.49
N PRO A 123 -21.88 -8.13 6.45
CA PRO A 123 -21.84 -6.83 7.12
C PRO A 123 -20.63 -6.68 8.03
N ASP A 124 -20.40 -7.67 8.86
CA ASP A 124 -19.26 -7.64 9.78
C ASP A 124 -17.97 -7.34 9.04
N LEU A 125 -17.48 -8.32 8.28
CA LEU A 125 -16.25 -8.16 7.53
C LEU A 125 -16.53 -8.18 6.02
N LYS A 126 -15.67 -7.50 5.26
CA LYS A 126 -15.82 -7.45 3.81
C LYS A 126 -14.78 -8.34 3.12
N LEU A 127 -15.04 -8.68 1.87
CA LEU A 127 -14.13 -9.52 1.10
C LEU A 127 -13.30 -8.67 0.13
N LEU A 128 -12.01 -8.53 0.42
CA LEU A 128 -11.11 -7.76 -0.41
C LEU A 128 -10.04 -8.65 -1.03
N SER A 129 -10.04 -8.74 -2.36
CA SER A 129 -9.08 -9.57 -3.08
C SER A 129 -8.28 -8.73 -4.07
N GLN A 130 -6.96 -8.69 -3.88
CA GLN A 130 -6.08 -7.92 -4.75
C GLN A 130 -4.94 -8.79 -5.26
N VAL A 131 -4.46 -8.49 -6.46
CA VAL A 131 -3.36 -9.23 -7.07
C VAL A 131 -2.24 -8.30 -7.52
N VAL A 132 -1.01 -8.66 -7.20
CA VAL A 132 0.15 -7.86 -7.58
C VAL A 132 1.08 -8.63 -8.50
N TYR A 133 1.26 -8.13 -9.71
CA TYR A 133 2.12 -8.77 -10.69
C TYR A 133 3.55 -8.23 -10.62
N ASN A 134 4.46 -9.06 -10.13
CA ASN A 134 5.86 -8.66 -10.00
C ASN A 134 6.60 -8.80 -11.33
N THR A 135 7.90 -8.57 -11.30
CA THR A 135 8.71 -8.67 -12.50
C THR A 135 8.52 -10.02 -13.19
N ASP A 136 8.30 -11.06 -12.39
CA ASP A 136 8.09 -12.39 -12.93
C ASP A 136 6.68 -12.55 -13.47
N ASN A 137 6.48 -13.55 -14.32
CA ASN A 137 5.18 -13.81 -14.91
C ASN A 137 4.12 -13.97 -13.83
N THR A 138 4.25 -15.02 -13.02
CA THR A 138 3.30 -15.29 -11.95
C THR A 138 3.17 -14.09 -11.01
N PHE A 139 1.96 -13.84 -10.54
CA PHE A 139 1.69 -12.73 -9.64
C PHE A 139 1.92 -13.14 -8.19
N LYS A 140 1.64 -12.22 -7.27
CA LYS A 140 1.82 -12.49 -5.85
C LYS A 140 0.74 -11.78 -5.02
N PHE A 141 -0.17 -12.57 -4.48
CA PHE A 141 -1.26 -12.03 -3.68
C PHE A 141 -2.37 -13.06 -3.48
N ASP A 142 -3.57 -12.58 -3.13
CA ASP A 142 -4.71 -13.46 -2.93
C ASP A 142 -5.92 -12.67 -2.44
N THR A 143 -6.63 -13.22 -1.47
CA THR A 143 -7.81 -12.57 -0.92
C THR A 143 -7.70 -12.43 0.60
N GLY A 144 -8.56 -11.59 1.18
CA GLY A 144 -8.54 -11.39 2.61
C GLY A 144 -9.84 -10.79 3.12
N LEU A 145 -9.86 -10.43 4.40
CA LEU A 145 -11.05 -9.84 5.01
C LEU A 145 -10.73 -8.48 5.64
N GLU A 146 -11.71 -7.60 5.65
CA GLU A 146 -11.53 -6.26 6.22
C GLU A 146 -12.43 -6.06 7.43
N TYR A 147 -11.84 -5.57 8.52
CA TYR A 147 -12.58 -5.34 9.75
C TYR A 147 -11.70 -4.65 10.80
N LYS A 148 -12.24 -4.49 11.99
CA LYS A 148 -11.51 -3.85 13.09
C LYS A 148 -12.41 -3.64 14.30
N LEU A 149 -11.80 -3.54 15.47
CA LEU A 149 -12.54 -3.33 16.71
C LEU A 149 -12.68 -1.84 17.01
N SER A 150 -12.58 -1.01 15.98
CA SER A 150 -12.70 0.43 16.14
C SER A 150 -11.53 0.98 16.95
N PRO A 151 -10.33 0.42 16.71
CA PRO A 151 -9.11 0.84 17.40
C PRO A 151 -8.65 2.24 16.98
N ASN A 152 -7.88 2.30 15.90
CA ASN A 152 -7.38 3.57 15.40
C ASN A 152 -7.49 3.64 13.88
N LEU A 153 -7.27 2.50 13.22
CA LEU A 153 -7.35 2.43 11.77
C LEU A 153 -8.02 1.13 11.33
N LYS A 154 -8.04 0.90 10.02
CA LYS A 154 -8.65 -0.31 9.46
C LYS A 154 -7.60 -1.38 9.22
N VAL A 155 -7.91 -2.61 9.60
CA VAL A 155 -7.00 -3.73 9.42
C VAL A 155 -7.57 -4.76 8.45
N LYS A 156 -6.75 -5.20 7.50
CA LYS A 156 -7.17 -6.18 6.51
C LYS A 156 -6.21 -7.37 6.48
N PHE A 157 -6.73 -8.55 6.78
CA PHE A 157 -5.92 -9.76 6.79
C PHE A 157 -6.01 -10.49 5.45
N GLU A 158 -4.89 -10.59 4.76
CA GLU A 158 -4.85 -11.26 3.46
C GLU A 158 -4.21 -12.64 3.58
N TYR A 159 -4.87 -13.64 2.99
CA TYR A 159 -4.37 -15.01 3.03
C TYR A 159 -4.02 -15.51 1.63
N GLY A 160 -2.79 -15.99 1.48
CA GLY A 160 -2.35 -16.50 0.18
C GLY A 160 -0.97 -15.99 -0.20
N TRP A 161 -0.94 -14.88 -0.93
CA TRP A 161 0.34 -14.30 -1.37
C TRP A 161 0.82 -14.95 -2.65
N ASN A 162 0.36 -16.17 -2.91
CA ASN A 162 0.75 -16.90 -4.11
C ASN A 162 -0.48 -17.45 -4.83
N ASN A 163 -0.24 -18.23 -5.88
CA ASN A 163 -1.32 -18.82 -6.66
C ASN A 163 -1.70 -20.20 -6.11
N SER A 164 -0.72 -21.09 -6.05
CA SER A 164 -0.94 -22.44 -5.54
C SER A 164 -0.34 -22.60 -4.15
N SER A 165 0.77 -21.91 -3.90
CA SER A 165 1.45 -21.98 -2.61
C SER A 165 0.57 -21.42 -1.50
N LEU A 166 0.07 -20.21 -1.71
CA LEU A 166 -0.79 -19.55 -0.73
C LEU A 166 -0.37 -19.95 0.69
N ASN A 167 0.92 -19.86 0.97
CA ASN A 167 1.45 -20.20 2.28
C ASN A 167 2.01 -18.97 2.98
N GLU A 168 1.45 -17.80 2.67
CA GLU A 168 1.90 -16.55 3.27
C GLU A 168 0.72 -15.70 3.71
N PHE A 169 0.78 -15.20 4.93
CA PHE A 169 -0.28 -14.37 5.49
C PHE A 169 0.22 -12.95 5.76
N THR A 170 -0.33 -11.99 5.03
CA THR A 170 0.06 -10.60 5.20
C THR A 170 -1.11 -9.76 5.72
N VAL A 171 -0.81 -8.86 6.65
CA VAL A 171 -1.83 -7.99 7.22
C VAL A 171 -1.63 -6.54 6.78
N GLN A 172 -2.55 -6.05 5.95
CA GLN A 172 -2.48 -4.69 5.46
C GLN A 172 -3.23 -3.74 6.39
N PHE A 173 -2.69 -2.53 6.54
CA PHE A 173 -3.30 -1.52 7.41
C PHE A 173 -3.93 -0.41 6.58
N GLU A 174 -5.25 -0.46 6.42
CA GLU A 174 -5.97 0.55 5.65
C GLU A 174 -5.91 1.91 6.34
N TYR A 175 -5.29 2.87 5.67
CA TYR A 175 -5.15 4.22 6.21
C TYR A 175 -6.21 4.48 7.28
N ASP A 176 -7.45 4.70 6.83
CA ASP A 176 -8.55 4.97 7.76
C ASP A 176 -8.05 5.69 9.00
N LEU A 177 -7.31 6.76 8.81
CA LEU A 177 -6.78 7.55 9.92
C LEU A 177 -7.46 8.91 10.01
N SER A 178 -8.73 8.95 9.61
CA SER A 178 -9.50 10.19 9.63
C SER A 178 -9.84 10.57 11.07
N SER A 179 -10.68 9.75 11.71
CA SER A 179 -11.09 10.01 13.08
C SER A 179 -9.93 9.81 14.05
N GLN A 1 -5.48 24.12 2.38
CA GLN A 1 -5.07 25.50 2.57
C GLN A 1 -4.61 25.75 4.00
N ASP A 2 -5.23 25.04 4.95
CA ASP A 2 -4.88 25.18 6.35
C ASP A 2 -3.93 24.06 6.79
N LYS A 3 -3.44 24.15 8.01
CA LYS A 3 -2.53 23.15 8.56
C LYS A 3 -3.00 22.65 9.92
N PRO A 4 -3.91 21.67 9.91
CA PRO A 4 -4.45 21.10 11.15
C PRO A 4 -3.42 20.28 11.91
N GLY A 5 -2.71 19.41 11.20
CA GLY A 5 -1.70 18.57 11.84
C GLY A 5 -2.21 17.18 12.14
N SER A 6 -3.38 16.85 11.61
CA SER A 6 -3.98 15.53 11.83
C SER A 6 -3.11 14.43 11.22
N ALA A 7 -2.83 13.41 12.02
CA ALA A 7 -2.00 12.30 11.57
C ALA A 7 -2.58 10.96 12.03
N LYS A 8 -2.10 9.87 11.44
CA LYS A 8 -2.57 8.55 11.78
C LYS A 8 -1.41 7.55 11.86
N ALA A 9 -1.65 6.41 12.50
CA ALA A 9 -0.62 5.39 12.64
C ALA A 9 -1.10 4.05 12.07
N GLY A 10 -0.15 3.20 11.71
CA GLY A 10 -0.49 1.90 11.15
C GLY A 10 0.64 0.90 11.28
N GLY A 11 0.37 -0.22 11.94
CA GLY A 11 1.37 -1.24 12.12
C GLY A 11 1.35 -2.28 11.01
N TRP A 12 2.35 -2.22 10.13
CA TRP A 12 2.43 -3.15 9.01
C TRP A 12 3.16 -4.42 9.43
N THR A 13 2.42 -5.51 9.57
CA THR A 13 2.99 -6.78 9.97
C THR A 13 2.93 -7.80 8.83
N THR A 14 4.10 -8.12 8.27
CA THR A 14 4.17 -9.06 7.16
C THR A 14 4.88 -10.35 7.59
N TYR A 15 4.19 -11.47 7.43
CA TYR A 15 4.76 -12.76 7.80
C TYR A 15 4.94 -13.65 6.58
N ASN A 16 6.17 -14.12 6.37
CA ASN A 16 6.48 -14.98 5.23
C ASN A 16 6.51 -16.45 5.66
N THR A 17 7.01 -16.70 6.86
CA THR A 17 7.10 -18.07 7.38
C THR A 17 6.78 -18.11 8.86
N ASP A 18 6.82 -19.30 9.44
CA ASP A 18 6.53 -19.47 10.86
C ASP A 18 7.36 -18.51 11.71
N ASN A 19 8.59 -18.26 11.28
CA ASN A 19 9.48 -17.37 12.01
C ASN A 19 10.32 -16.53 11.03
N THR A 20 11.11 -15.62 11.58
CA THR A 20 11.96 -14.76 10.76
C THR A 20 11.12 -13.83 9.88
N PHE A 21 10.09 -13.23 10.47
CA PHE A 21 9.22 -12.33 9.74
C PHE A 21 9.73 -10.90 9.82
N LYS A 22 8.99 -9.97 9.22
CA LYS A 22 9.37 -8.57 9.22
C LYS A 22 8.14 -7.67 9.31
N GLY A 23 8.36 -6.38 9.53
CA GLY A 23 7.27 -5.44 9.65
C GLY A 23 7.60 -4.08 9.06
N GLY A 24 6.76 -3.09 9.35
CA GLY A 24 6.99 -1.75 8.83
C GLY A 24 6.16 -0.71 9.55
N SER A 25 6.68 0.51 9.62
CA SER A 25 5.99 1.61 10.29
C SER A 25 5.26 2.48 9.28
N TYR A 26 3.93 2.50 9.37
CA TYR A 26 3.12 3.30 8.45
C TYR A 26 2.46 4.47 9.19
N ALA A 27 2.56 5.66 8.61
CA ALA A 27 1.97 6.85 9.21
C ALA A 27 1.40 7.77 8.14
N LYS A 28 0.28 8.43 8.47
CA LYS A 28 -0.36 9.35 7.53
C LYS A 28 -0.13 10.79 7.95
N TYR A 29 0.50 11.57 7.07
CA TYR A 29 0.77 12.97 7.35
C TYR A 29 -0.31 13.87 6.74
N VAL A 30 -0.91 14.71 7.59
CA VAL A 30 -1.95 15.62 7.14
C VAL A 30 -2.80 14.98 6.04
N LEU A 31 -3.82 14.23 6.46
CA LEU A 31 -4.71 13.56 5.51
C LEU A 31 -6.05 14.27 5.45
N SER A 32 -6.12 15.46 6.04
CA SER A 32 -7.35 16.25 6.04
C SER A 32 -7.65 16.81 4.65
N PRO A 33 -6.69 17.56 4.11
CA PRO A 33 -6.83 18.17 2.78
C PRO A 33 -6.77 17.15 1.66
N ASN A 34 -6.93 17.60 0.42
CA ASN A 34 -6.91 16.72 -0.74
C ASN A 34 -5.66 15.84 -0.72
N LEU A 35 -4.54 16.39 -1.16
CA LEU A 35 -3.29 15.65 -1.19
C LEU A 35 -2.72 15.49 0.21
N ALA A 36 -2.14 14.32 0.49
CA ALA A 36 -1.55 14.05 1.78
C ALA A 36 -0.23 13.30 1.65
N LEU A 37 0.59 13.35 2.68
CA LEU A 37 1.89 12.69 2.68
C LEU A 37 1.78 11.30 3.30
N LYS A 38 2.42 10.33 2.66
CA LYS A 38 2.42 8.95 3.16
C LYS A 38 3.83 8.48 3.49
N GLY A 39 3.98 7.81 4.63
CA GLY A 39 5.28 7.32 5.03
C GLY A 39 5.25 5.85 5.41
N GLU A 40 5.61 4.98 4.46
CA GLU A 40 5.63 3.55 4.70
C GLU A 40 7.06 3.01 4.71
N TYR A 41 7.60 2.83 5.92
CA TYR A 41 8.96 2.32 6.07
C TYR A 41 8.95 0.86 6.51
N GLU A 42 10.04 0.15 6.24
CA GLU A 42 10.15 -1.25 6.61
C GLU A 42 11.23 -1.44 7.67
N TRP A 43 10.84 -2.04 8.80
CA TRP A 43 11.78 -2.28 9.89
C TRP A 43 11.66 -3.72 10.39
N ASN A 44 12.54 -4.08 11.32
CA ASN A 44 12.54 -5.43 11.88
C ASN A 44 12.89 -6.46 10.80
N ASN A 45 13.83 -6.10 9.94
CA ASN A 45 14.25 -7.00 8.86
C ASN A 45 15.78 -7.13 8.83
N SER A 46 16.27 -7.98 7.93
CA SER A 46 17.71 -8.19 7.80
C SER A 46 18.45 -6.87 7.61
N SER A 47 17.82 -5.95 6.87
CA SER A 47 18.42 -4.65 6.59
C SER A 47 17.81 -3.58 7.50
N LEU A 48 18.41 -2.40 7.49
CA LEU A 48 17.93 -1.29 8.31
C LEU A 48 16.64 -0.71 7.74
N ASN A 49 16.16 0.36 8.36
CA ASN A 49 14.93 1.01 7.91
C ASN A 49 15.04 1.41 6.44
N SER A 50 14.11 0.91 5.63
CA SER A 50 14.10 1.20 4.20
C SER A 50 12.78 0.78 3.57
N PHE A 51 12.28 1.59 2.65
CA PHE A 51 11.02 1.30 1.97
C PHE A 51 10.63 2.43 1.02
N LYS A 52 9.34 2.71 0.94
CA LYS A 52 8.84 3.77 0.08
C LYS A 52 8.11 4.83 0.88
N ALA A 53 8.35 6.10 0.56
CA ALA A 53 7.72 7.20 1.25
C ALA A 53 7.57 8.42 0.34
N GLY A 54 6.41 9.06 0.39
CA GLY A 54 6.17 10.23 -0.44
C GLY A 54 4.84 10.89 -0.14
N ALA A 55 4.13 11.30 -1.19
CA ALA A 55 2.84 11.94 -1.03
C ALA A 55 1.88 11.53 -2.14
N GLU A 56 0.58 11.75 -1.91
CA GLU A 56 -0.43 11.40 -2.89
C GLU A 56 -1.26 12.61 -3.27
N TYR A 57 -1.38 12.86 -4.58
CA TYR A 57 -2.14 13.99 -5.08
C TYR A 57 -3.34 13.52 -5.90
N VAL A 58 -4.51 14.08 -5.61
CA VAL A 58 -5.73 13.72 -6.32
C VAL A 58 -6.04 14.73 -7.41
N ALA A 59 -5.48 14.50 -8.59
CA ALA A 59 -5.70 15.39 -9.72
C ALA A 59 -7.13 15.29 -10.24
N THR A 60 -7.66 14.07 -10.28
CA THR A 60 -9.02 13.83 -10.76
C THR A 60 -9.69 12.74 -9.94
N PRO A 61 -11.03 12.72 -9.97
CA PRO A 61 -11.83 11.73 -9.23
C PRO A 61 -11.70 10.33 -9.82
N TYR A 62 -11.47 10.26 -11.13
CA TYR A 62 -11.32 8.98 -11.81
C TYR A 62 -9.85 8.57 -11.88
N LEU A 63 -8.98 9.53 -12.11
CA LEU A 63 -7.55 9.27 -12.20
C LEU A 63 -6.80 9.92 -11.04
N LYS A 64 -5.95 9.14 -10.37
CA LYS A 64 -5.17 9.63 -9.25
C LYS A 64 -3.68 9.47 -9.51
N THR A 65 -2.89 10.42 -8.98
CA THR A 65 -1.44 10.38 -9.16
C THR A 65 -0.72 10.58 -7.83
N GLU A 66 0.10 9.61 -7.46
CA GLU A 66 0.84 9.69 -6.20
C GLU A 66 2.33 9.50 -6.45
N VAL A 67 3.14 10.38 -5.86
CA VAL A 67 4.59 10.32 -6.02
C VAL A 67 5.24 9.60 -4.84
N MET A 68 5.89 8.47 -5.12
CA MET A 68 6.55 7.70 -4.08
C MET A 68 8.07 7.70 -4.27
N THR A 69 8.80 7.89 -3.18
CA THR A 69 10.26 7.92 -3.24
C THR A 69 10.86 6.74 -2.49
N GLU A 70 11.96 6.20 -3.01
CA GLU A 70 12.62 5.07 -2.40
C GLU A 70 13.79 5.53 -1.52
N TYR A 71 13.75 5.17 -0.25
CA TYR A 71 14.79 5.55 0.69
C TYR A 71 15.37 4.32 1.40
N ASN A 72 16.69 4.19 1.37
CA ASN A 72 17.36 3.06 2.00
C ASN A 72 18.46 3.54 2.94
N THR A 73 19.19 4.57 2.50
CA THR A 73 20.28 5.13 3.29
C THR A 73 20.35 6.64 3.15
N ASP A 74 21.35 7.25 3.77
CA ASP A 74 21.54 8.69 3.70
C ASP A 74 22.60 9.05 2.67
N ASN A 75 22.44 8.56 1.45
CA ASN A 75 23.38 8.83 0.38
C ASN A 75 22.65 9.16 -0.92
N THR A 76 21.78 8.26 -1.35
CA THR A 76 21.01 8.46 -2.57
C THR A 76 19.58 7.94 -2.42
N PHE A 77 18.75 8.23 -3.42
CA PHE A 77 17.35 7.79 -3.40
C PHE A 77 16.85 7.53 -4.80
N ARG A 78 15.61 7.05 -4.90
CA ARG A 78 15.00 6.77 -6.20
C ARG A 78 13.65 7.45 -6.33
N VAL A 79 13.26 7.75 -7.56
CA VAL A 79 11.98 8.40 -7.83
C VAL A 79 11.02 7.47 -8.56
N THR A 80 9.94 7.12 -7.90
CA THR A 80 8.94 6.22 -8.48
C THR A 80 7.58 6.91 -8.58
N VAL A 81 6.86 6.64 -9.66
CA VAL A 81 5.54 7.23 -9.86
C VAL A 81 4.46 6.15 -9.99
N VAL A 82 3.36 6.34 -9.27
CA VAL A 82 2.26 5.38 -9.30
C VAL A 82 0.98 6.03 -9.82
N THR A 83 0.30 5.34 -10.73
CA THR A 83 -0.94 5.85 -11.30
C THR A 83 -2.09 4.88 -11.07
N GLU A 84 -3.27 5.43 -10.80
CA GLU A 84 -4.46 4.61 -10.56
C GLU A 84 -5.66 5.17 -11.30
N GLY A 85 -6.59 4.28 -11.67
CA GLY A 85 -7.77 4.70 -12.39
C GLY A 85 -8.99 3.90 -12.01
N ARG A 86 -10.11 4.13 -12.70
CA ARG A 86 -11.35 3.43 -12.42
C ARG A 86 -11.81 2.62 -13.64
N TYR A 87 -11.88 1.31 -13.47
CA TYR A 87 -12.29 0.43 -14.55
C TYR A 87 -13.46 -0.46 -14.13
N PRO A 88 -14.45 -0.62 -15.02
CA PRO A 88 -15.63 -1.44 -14.75
C PRO A 88 -15.30 -2.93 -14.71
N VAL A 89 -16.34 -3.76 -14.66
CA VAL A 89 -16.17 -5.20 -14.62
C VAL A 89 -17.33 -5.92 -15.28
N ASP A 90 -17.16 -7.21 -15.52
CA ASP A 90 -18.21 -8.02 -16.16
C ASP A 90 -19.31 -8.36 -15.16
N PRO A 91 -18.93 -9.09 -14.10
CA PRO A 91 -19.88 -9.50 -13.05
C PRO A 91 -20.36 -8.33 -12.21
N ASN A 92 -19.60 -8.00 -11.17
CA ASN A 92 -19.96 -6.90 -10.28
C ASN A 92 -18.84 -6.64 -9.28
N LEU A 93 -18.13 -5.53 -9.47
CA LEU A 93 -17.03 -5.15 -8.58
C LEU A 93 -16.36 -3.87 -9.06
N GLU A 94 -15.25 -3.51 -8.42
CA GLU A 94 -14.50 -2.31 -8.78
C GLU A 94 -13.06 -2.66 -9.12
N LEU A 95 -12.74 -2.64 -10.41
CA LEU A 95 -11.39 -2.93 -10.87
C LEU A 95 -10.63 -1.66 -11.20
N PHE A 96 -9.55 -1.41 -10.46
CA PHE A 96 -8.74 -0.22 -10.67
C PHE A 96 -7.37 -0.59 -11.21
N PRO A 97 -7.08 -0.17 -12.46
CA PRO A 97 -5.80 -0.45 -13.12
C PRO A 97 -4.65 0.32 -12.50
N GLY A 98 -3.87 -0.37 -11.67
CA GLY A 98 -2.74 0.27 -11.02
C GLY A 98 -1.44 0.05 -11.77
N GLY A 99 -0.51 0.99 -11.62
CA GLY A 99 0.77 0.87 -12.30
C GLY A 99 1.89 1.56 -11.55
N TRP A 100 2.93 0.81 -11.21
CA TRP A 100 4.07 1.36 -10.48
C TRP A 100 5.28 1.49 -11.39
N TYR A 101 5.90 2.66 -11.38
CA TYR A 101 7.07 2.92 -12.21
C TYR A 101 8.25 3.37 -11.35
N THR A 102 9.40 2.72 -11.54
CA THR A 102 10.60 3.05 -10.80
C THR A 102 11.67 3.66 -11.70
N TRP A 103 12.12 4.86 -11.36
CA TRP A 103 13.15 5.53 -12.15
C TRP A 103 14.38 5.82 -11.30
N ASN A 104 15.55 5.49 -11.85
CA ASN A 104 16.82 5.71 -11.15
C ASN A 104 17.79 6.51 -12.00
N ASN A 105 18.99 6.70 -11.48
CA ASN A 105 20.02 7.44 -12.21
C ASN A 105 21.16 6.53 -12.65
N SER A 106 21.47 5.54 -11.82
CA SER A 106 22.53 4.59 -12.11
C SER A 106 21.97 3.31 -12.72
N SER A 107 20.80 2.90 -12.25
CA SER A 107 20.15 1.70 -12.75
C SER A 107 19.13 2.03 -13.83
N LEU A 108 18.64 1.01 -14.52
CA LEU A 108 17.66 1.19 -15.58
C LEU A 108 16.31 1.60 -15.01
N ASN A 109 15.35 1.82 -15.89
CA ASN A 109 14.00 2.23 -15.48
C ASN A 109 12.96 1.23 -15.99
N LYS A 110 11.88 1.08 -15.23
CA LYS A 110 10.80 0.17 -15.61
C LYS A 110 9.57 0.39 -14.74
N GLY A 111 8.48 -0.27 -15.10
CA GLY A 111 7.25 -0.13 -14.34
C GLY A 111 6.49 -1.44 -14.23
N ALA A 112 6.36 -1.95 -13.01
CA ALA A 112 5.65 -3.20 -12.77
C ALA A 112 4.15 -2.97 -12.64
N PRO A 113 3.37 -3.48 -13.61
CA PRO A 113 1.92 -3.34 -13.62
C PRO A 113 1.24 -4.15 -12.52
N TYR A 114 0.28 -3.54 -11.84
CA TYR A 114 -0.44 -4.20 -10.76
C TYR A 114 -1.92 -3.84 -10.79
N THR A 115 -2.77 -4.85 -10.70
CA THR A 115 -4.22 -4.65 -10.72
C THR A 115 -4.79 -4.68 -9.31
N ARG A 116 -5.55 -3.63 -8.96
CA ARG A 116 -6.15 -3.54 -7.64
C ARG A 116 -7.67 -3.46 -7.74
N ALA A 117 -8.35 -4.40 -7.11
CA ALA A 117 -9.80 -4.44 -7.12
C ALA A 117 -10.38 -4.49 -5.71
N GLU A 118 -11.61 -4.04 -5.55
CA GLU A 118 -12.27 -4.02 -4.25
C GLU A 118 -13.78 -4.21 -4.40
N TYR A 119 -14.42 -4.65 -3.32
CA TYR A 119 -15.86 -4.87 -3.34
C TYR A 119 -16.44 -4.77 -1.92
N LYS A 120 -17.61 -4.15 -1.82
CA LYS A 120 -18.27 -4.00 -0.52
C LYS A 120 -19.38 -5.03 -0.35
N LEU A 121 -19.06 -6.11 0.36
CA LEU A 121 -20.04 -7.17 0.60
C LEU A 121 -21.02 -6.77 1.70
N THR A 122 -20.49 -6.40 2.86
CA THR A 122 -21.32 -5.99 3.98
C THR A 122 -20.69 -4.83 4.74
N PRO A 123 -21.50 -4.12 5.53
CA PRO A 123 -21.05 -2.97 6.32
C PRO A 123 -20.15 -3.39 7.48
N ASP A 124 -20.09 -4.69 7.73
CA ASP A 124 -19.26 -5.22 8.81
C ASP A 124 -17.79 -5.24 8.40
N LEU A 125 -17.52 -5.70 7.18
CA LEU A 125 -16.16 -5.77 6.68
C LEU A 125 -16.13 -5.58 5.16
N LYS A 126 -14.94 -5.35 4.62
CA LYS A 126 -14.77 -5.16 3.19
C LYS A 126 -13.90 -6.25 2.59
N LEU A 127 -13.95 -6.38 1.26
CA LEU A 127 -13.17 -7.39 0.56
C LEU A 127 -12.29 -6.75 -0.52
N LEU A 128 -10.98 -6.98 -0.40
CA LEU A 128 -10.03 -6.43 -1.37
C LEU A 128 -9.32 -7.55 -2.13
N SER A 129 -9.32 -7.43 -3.45
CA SER A 129 -8.69 -8.43 -4.30
C SER A 129 -7.75 -7.77 -5.31
N GLN A 130 -6.48 -8.17 -5.28
CA GLN A 130 -5.49 -7.61 -6.19
C GLN A 130 -4.80 -8.72 -6.99
N VAL A 131 -4.61 -8.48 -8.28
CA VAL A 131 -3.97 -9.46 -9.16
C VAL A 131 -2.59 -8.99 -9.57
N VAL A 132 -1.55 -9.65 -9.06
CA VAL A 132 -0.18 -9.30 -9.38
C VAL A 132 0.55 -10.47 -10.02
N TYR A 133 0.89 -10.33 -11.30
CA TYR A 133 1.60 -11.39 -12.02
C TYR A 133 3.02 -10.95 -12.37
N ASN A 134 4.00 -11.61 -11.77
CA ASN A 134 5.40 -11.29 -12.02
C ASN A 134 5.65 -9.80 -11.90
N THR A 135 5.32 -9.23 -10.75
CA THR A 135 5.50 -7.80 -10.51
C THR A 135 5.87 -7.53 -9.06
N ASP A 136 5.04 -8.03 -8.14
CA ASP A 136 5.29 -7.84 -6.72
C ASP A 136 5.69 -9.16 -6.05
N ASN A 137 5.72 -9.16 -4.72
CA ASN A 137 6.09 -10.35 -3.98
C ASN A 137 5.30 -11.56 -4.45
N THR A 138 3.97 -11.43 -4.44
CA THR A 138 3.09 -12.50 -4.87
C THR A 138 3.35 -12.88 -6.32
N PHE A 139 2.71 -13.96 -6.77
CA PHE A 139 2.87 -14.42 -8.15
C PHE A 139 1.53 -14.85 -8.73
N LYS A 140 0.49 -14.07 -8.45
CA LYS A 140 -0.85 -14.36 -8.95
C LYS A 140 -1.85 -13.31 -8.49
N PHE A 141 -2.24 -13.38 -7.23
CA PHE A 141 -3.19 -12.43 -6.67
C PHE A 141 -3.23 -12.52 -5.15
N ASP A 142 -3.51 -11.40 -4.49
CA ASP A 142 -3.57 -11.37 -3.04
C ASP A 142 -4.97 -10.97 -2.56
N THR A 143 -5.46 -11.68 -1.54
CA THR A 143 -6.79 -11.41 -1.01
C THR A 143 -6.70 -10.73 0.35
N GLY A 144 -7.53 -9.71 0.55
CA GLY A 144 -7.54 -8.99 1.81
C GLY A 144 -8.93 -8.73 2.33
N LEU A 145 -9.02 -8.12 3.51
CA LEU A 145 -10.31 -7.82 4.12
C LEU A 145 -10.20 -6.64 5.07
N GLU A 146 -11.32 -5.95 5.28
CA GLU A 146 -11.34 -4.80 6.18
C GLU A 146 -12.12 -5.11 7.46
N TYR A 147 -11.39 -5.21 8.57
CA TYR A 147 -12.01 -5.51 9.85
C TYR A 147 -11.97 -4.30 10.77
N LYS A 148 -13.14 -3.69 10.98
CA LYS A 148 -13.23 -2.51 11.85
C LYS A 148 -13.43 -2.93 13.30
N LEU A 149 -12.52 -2.48 14.17
CA LEU A 149 -12.59 -2.80 15.58
C LEU A 149 -13.44 -1.77 16.34
N SER A 150 -14.09 -2.22 17.40
CA SER A 150 -14.93 -1.34 18.21
C SER A 150 -14.19 -0.06 18.56
N PRO A 151 -13.04 -0.20 19.23
CA PRO A 151 -12.22 0.94 19.64
C PRO A 151 -11.55 1.64 18.45
N ASN A 152 -10.65 2.56 18.75
CA ASN A 152 -9.95 3.30 17.71
C ASN A 152 -9.15 2.35 16.81
N LEU A 153 -8.05 1.83 17.33
CA LEU A 153 -7.21 0.91 16.57
C LEU A 153 -8.06 -0.14 15.85
N LYS A 154 -7.58 -0.59 14.70
CA LYS A 154 -8.29 -1.60 13.92
C LYS A 154 -7.31 -2.48 13.15
N VAL A 155 -7.85 -3.35 12.30
CA VAL A 155 -7.02 -4.24 11.50
C VAL A 155 -7.59 -4.41 10.09
N LYS A 156 -6.70 -4.50 9.11
CA LYS A 156 -7.11 -4.67 7.72
C LYS A 156 -5.89 -4.68 6.80
N PHE A 157 -5.94 -5.55 5.79
CA PHE A 157 -4.85 -5.67 4.82
C PHE A 157 -5.12 -6.78 3.82
N GLU A 158 -4.06 -7.30 3.22
CA GLU A 158 -4.18 -8.37 2.25
C GLU A 158 -3.07 -9.40 2.41
N TYR A 159 -3.31 -10.61 1.92
CA TYR A 159 -2.33 -11.69 2.02
C TYR A 159 -1.97 -12.24 0.64
N GLY A 160 -0.70 -12.13 0.28
CA GLY A 160 -0.25 -12.61 -1.01
C GLY A 160 -0.44 -14.12 -1.17
N TRP A 161 -1.08 -14.52 -2.25
CA TRP A 161 -1.33 -15.93 -2.51
C TRP A 161 -1.12 -16.27 -3.98
N ASN A 162 -0.73 -17.50 -4.25
CA ASN A 162 -0.48 -17.95 -5.62
C ASN A 162 -0.33 -19.46 -5.67
N ASN A 163 -0.29 -20.00 -6.89
CA ASN A 163 -0.15 -21.44 -7.09
C ASN A 163 1.24 -21.91 -6.67
N SER A 164 2.26 -21.18 -7.13
CA SER A 164 3.64 -21.52 -6.82
C SER A 164 3.82 -21.71 -5.31
N SER A 165 4.94 -22.33 -4.92
CA SER A 165 5.23 -22.58 -3.52
C SER A 165 5.51 -21.27 -2.79
N LEU A 166 4.46 -20.60 -2.35
CA LEU A 166 4.60 -19.33 -1.63
C LEU A 166 3.41 -19.10 -0.70
N ASN A 167 3.58 -18.18 0.24
CA ASN A 167 2.53 -17.86 1.19
C ASN A 167 2.94 -16.71 2.10
N GLU A 168 2.34 -15.54 1.87
CA GLU A 168 2.65 -14.36 2.67
C GLU A 168 1.37 -13.64 3.09
N PHE A 169 1.23 -13.42 4.40
CA PHE A 169 0.05 -12.74 4.93
C PHE A 169 0.45 -11.47 5.66
N THR A 170 -0.07 -10.33 5.18
CA THR A 170 0.23 -9.04 5.80
C THR A 170 -1.02 -8.41 6.39
N VAL A 171 -0.94 -8.05 7.67
CA VAL A 171 -2.06 -7.44 8.36
C VAL A 171 -1.67 -6.10 8.99
N GLN A 172 -2.47 -5.07 8.72
CA GLN A 172 -2.20 -3.74 9.27
C GLN A 172 -2.89 -3.55 10.61
N PHE A 173 -2.28 -2.74 11.47
CA PHE A 173 -2.85 -2.46 12.78
C PHE A 173 -3.08 -0.97 12.99
N GLU A 174 -4.20 -0.48 12.46
CA GLU A 174 -4.54 0.93 12.56
C GLU A 174 -4.42 1.41 14.01
N TYR A 175 -3.94 2.63 14.18
CA TYR A 175 -3.78 3.21 15.51
C TYR A 175 -3.62 4.73 15.43
N ASP A 176 -3.98 5.41 16.52
CA ASP A 176 -3.88 6.86 16.58
C ASP A 176 -2.43 7.29 16.78
N LEU A 177 -1.91 8.07 15.83
CA LEU A 177 -0.53 8.55 15.91
C LEU A 177 -0.33 9.43 17.14
N SER A 178 -1.30 10.30 17.40
CA SER A 178 -1.22 11.20 18.56
C SER A 178 -1.83 10.54 19.79
N SER A 179 -1.51 11.09 20.96
CA SER A 179 -2.02 10.56 22.21
C SER A 179 -3.26 11.32 22.66
#